data_4KVM
#
_entry.id   4KVM
#
_cell.length_a   81.439
_cell.length_b   119.381
_cell.length_c   134.063
_cell.angle_alpha   80.20
_cell.angle_beta   76.60
_cell.angle_gamma   70.42
#
_symmetry.space_group_name_H-M   'P 1'
#
loop_
_entity.id
_entity.type
_entity.pdbx_description
1 polymer 'N-terminal acetyltransferase A complex subunit nat1'
2 polymer 'N-terminal acetyltransferase A complex catalytic subunit ard1'
3 polymer 'bisubstrate analog inhibitor'
4 non-polymer 'CHLORIDE ION'
5 non-polymer 'SULFATE ION'
6 non-polymer '[5-(6-amino-9H-purin-9-yl)-4-hydroxy-3-(phosphonooxy)furan-2-yl]methyl (3R)-4-{[3-({(E)-2-[(2,2-dihydroxyethyl)sulfanyl]ethenyl}amino)-3-oxopropyl]amino}-3-hydroxy-2,2-dimethyl-4-oxobutyl dihydrogen diphosphate'
7 water water
#
loop_
_entity_poly.entity_id
_entity_poly.type
_entity_poly.pdbx_seq_one_letter_code
_entity_poly.pdbx_strand_id
1 'polypeptide(L)'
;MAKVQLSPKEITLFRTALKCYETKQYKKGLKAIEPLLERHPEHGESLAIKGILLHSLGNTKEGYDNVRLGLRNDVGSGVC
WHIFGLISRADKDYVQAAKCYINAHKLEKNNSSLLRDLALLQSQLRQYKALADTRNALLQDNPGVRANWSALAVAQFLRG
EYASAYKIVDAFESTINQGVPVDTQEESEAMLFMNLVILKKDGVEDAYKHLLSIEKKVLDRVAFLETRAEYELYLSKMEE
AKSTIYLLLDRNPDNHQYYYNLQRAYGYEDASGKVLDSAEWLNLYSQLAKRYPKSECPTRLPLEKLEGDEFLTHVDLYLR
KKLKRGIPSVFVDVKSLYKDTKKCKVVEDLVSKYASSLSTTNKFSEDDDNSQIEIPTTLLWTYYFLAQHFDHVGELEKAE
KYVDLAIDHTPTLVELFMTKARISKHKGELQTAMEIMDHARKLDLQDRFINGKCAKYMLRNDENELAAKTVSLFTRNEAV
GGAVGDLADMQCLWYMLEDGKSFARQKKFALALKRFSTVFKIFDTWADDQFDFHFFAFRKGSLRTYLDLMSWEDSVYDDP
SFREAAQGSIEIYFALFDLPFAKYSPKLPDFEKLSSGEINEEEEKKIYKKLKKDLSKRLERAEKLKEADKSRAKSEDGMP
VKYDEDPLGENLVATSEPLKEAQKCLEKLLPYGDKNPSAYILAAQLYTRLKNFDTASKYLEQAKVILGQNDPTVISTEKF
YNSIKTQSNAAAAA
;
A,B,C,D
2 'polypeptide(L)'
;MDIRPARISDLTGMQNCNLHNLPENYQLKYYLYHAISWPMLSYVATDPKGRVVGYVLAKMEEEPKDGIPHGHITSVSVMR
SYRHLGLAKRLMVQSQRAMVEVYGAKYMSLHVRKSNRAAIHLYRDTLQFDVQGIESKYYADGEDAYAMHKDFSTLK
;
E,F,G,H
3 'polypeptide(L)' SASE I,J,K,L
#
# COMPACT_ATOMS: atom_id res chain seq x y z
N GLN A 5 46.75 5.31 9.70
CA GLN A 5 45.57 5.69 10.47
C GLN A 5 45.70 7.07 11.12
N LEU A 6 44.63 7.86 11.07
CA LEU A 6 44.53 9.21 11.68
C LEU A 6 45.43 10.30 11.09
N SER A 7 45.05 10.87 9.94
CA SER A 7 45.72 12.09 9.45
C SER A 7 44.69 13.18 9.13
N PRO A 8 45.03 14.46 9.42
CA PRO A 8 44.10 15.60 9.39
C PRO A 8 44.11 16.41 8.10
N LYS A 9 45.07 16.14 7.21
CA LYS A 9 45.11 16.79 5.91
C LYS A 9 44.34 15.96 4.89
N GLU A 10 44.40 14.64 5.08
CA GLU A 10 43.74 13.69 4.21
C GLU A 10 42.24 13.61 4.48
N ILE A 11 41.83 13.98 5.70
CA ILE A 11 40.42 13.95 6.08
C ILE A 11 39.57 14.82 5.19
N THR A 12 40.07 16.02 4.91
CA THR A 12 39.35 16.93 4.02
C THR A 12 39.44 16.44 2.58
N LEU A 13 40.37 15.53 2.31
CA LEU A 13 40.54 14.95 0.99
C LEU A 13 39.80 13.62 0.87
N PHE A 14 39.77 12.88 1.98
CA PHE A 14 39.03 11.63 2.04
C PHE A 14 37.56 11.93 1.81
N ARG A 15 37.06 13.00 2.44
CA ARG A 15 35.67 13.43 2.29
C ARG A 15 35.33 13.81 0.85
N THR A 16 36.22 14.58 0.20
CA THR A 16 35.95 15.03 -1.16
C THR A 16 35.87 13.86 -2.14
N ALA A 17 36.52 12.76 -1.78
CA ALA A 17 36.42 11.53 -2.56
C ALA A 17 34.97 11.06 -2.57
N LEU A 18 34.45 10.81 -1.37
CA LEU A 18 33.07 10.37 -1.18
C LEU A 18 32.07 11.33 -1.82
N LYS A 19 32.24 12.63 -1.57
CA LYS A 19 31.32 13.64 -2.09
C LYS A 19 31.29 13.61 -3.61
N CYS A 20 32.42 13.30 -4.23
CA CYS A 20 32.47 13.22 -5.68
C CYS A 20 31.72 12.01 -6.21
N TYR A 21 31.78 10.91 -5.48
CA TYR A 21 30.93 9.76 -5.78
C TYR A 21 29.46 10.15 -5.68
N GLU A 22 29.09 10.78 -4.56
CA GLU A 22 27.70 11.18 -4.33
C GLU A 22 27.18 11.99 -5.51
N THR A 23 28.04 12.86 -6.04
CA THR A 23 27.68 13.81 -7.08
C THR A 23 27.93 13.33 -8.50
N LYS A 24 28.23 12.03 -8.66
CA LYS A 24 28.62 11.48 -9.95
C LYS A 24 29.81 12.24 -10.52
N GLN A 25 30.13 12.04 -11.80
CA GLN A 25 31.39 12.49 -12.37
C GLN A 25 32.54 12.17 -11.42
N TYR A 26 32.93 10.91 -11.50
CA TYR A 26 33.85 10.28 -10.58
C TYR A 26 35.27 10.73 -10.85
N LYS A 27 35.41 11.51 -11.93
CA LYS A 27 36.71 11.95 -12.40
C LYS A 27 37.43 12.78 -11.35
N LYS A 28 36.78 13.86 -10.90
CA LYS A 28 37.34 14.72 -9.85
C LYS A 28 37.73 13.93 -8.61
N GLY A 29 36.87 12.99 -8.23
CA GLY A 29 37.05 12.21 -7.02
C GLY A 29 38.39 11.51 -6.96
N LEU A 30 38.67 10.69 -7.96
CA LEU A 30 39.93 9.96 -8.05
C LEU A 30 41.16 10.84 -7.80
N LYS A 31 41.13 12.05 -8.35
CA LYS A 31 42.23 12.99 -8.17
C LYS A 31 42.39 13.43 -6.71
N ALA A 32 41.34 13.26 -5.91
CA ALA A 32 41.39 13.61 -4.50
C ALA A 32 41.71 12.40 -3.60
N ILE A 33 41.89 11.24 -4.23
CA ILE A 33 42.19 10.02 -3.49
C ILE A 33 43.60 9.58 -3.80
N GLU A 34 43.86 9.38 -5.09
CA GLU A 34 45.16 8.94 -5.61
C GLU A 34 46.38 9.48 -4.86
N PRO A 35 46.39 10.78 -4.53
CA PRO A 35 47.50 11.33 -3.73
C PRO A 35 47.79 10.58 -2.44
N LEU A 36 46.75 10.09 -1.78
CA LEU A 36 46.89 9.58 -0.43
C LEU A 36 47.01 8.07 -0.44
N LEU A 37 47.09 7.49 -1.63
CA LEU A 37 46.97 6.04 -1.80
C LEU A 37 48.29 5.40 -2.23
N GLU A 38 48.90 5.95 -3.28
CA GLU A 38 50.20 5.48 -3.77
C GLU A 38 51.32 5.82 -2.79
N ARG A 39 50.94 6.33 -1.63
CA ARG A 39 51.87 6.59 -0.53
C ARG A 39 51.31 6.07 0.80
N HIS A 40 50.05 5.63 0.77
CA HIS A 40 49.45 4.88 1.87
C HIS A 40 48.51 3.84 1.27
N PRO A 41 49.03 2.65 0.94
CA PRO A 41 48.26 1.67 0.18
C PRO A 41 47.54 0.70 1.08
N GLU A 42 47.73 0.86 2.39
CA GLU A 42 47.24 -0.13 3.34
C GLU A 42 46.00 0.33 4.08
N HIS A 43 45.40 1.42 3.59
CA HIS A 43 44.19 1.94 4.19
C HIS A 43 42.96 1.44 3.43
N GLY A 44 42.28 0.46 4.01
CA GLY A 44 41.16 -0.22 3.35
C GLY A 44 40.10 0.69 2.74
N GLU A 45 39.63 1.64 3.53
CA GLU A 45 38.59 2.57 3.10
C GLU A 45 39.06 3.40 1.91
N SER A 46 40.33 3.77 1.93
CA SER A 46 40.92 4.48 0.82
C SER A 46 40.88 3.60 -0.42
N LEU A 47 41.36 2.37 -0.29
CA LEU A 47 41.34 1.40 -1.38
C LEU A 47 39.92 1.16 -1.85
N ALA A 48 38.99 1.21 -0.90
CA ALA A 48 37.58 0.96 -1.18
C ALA A 48 36.96 2.10 -1.99
N ILE A 49 37.16 3.32 -1.52
CA ILE A 49 36.64 4.49 -2.23
C ILE A 49 37.20 4.56 -3.64
N LYS A 50 38.48 4.24 -3.77
CA LYS A 50 39.15 4.12 -5.07
C LYS A 50 38.32 3.24 -6.00
N GLY A 51 38.18 1.98 -5.58
CA GLY A 51 37.43 1.00 -6.32
C GLY A 51 36.06 1.41 -6.85
N ILE A 52 35.17 1.89 -5.98
CA ILE A 52 33.81 2.19 -6.44
C ILE A 52 33.83 3.28 -7.50
N LEU A 53 34.79 4.20 -7.40
CA LEU A 53 34.99 5.23 -8.42
C LEU A 53 35.40 4.61 -9.77
N LEU A 54 36.41 3.76 -9.74
CA LEU A 54 36.82 3.00 -10.91
C LEU A 54 35.73 2.04 -11.41
N HIS A 55 34.83 1.66 -10.51
CA HIS A 55 33.71 0.80 -10.88
C HIS A 55 32.70 1.66 -11.59
N SER A 56 32.54 2.87 -11.09
CA SER A 56 31.40 3.72 -11.44
C SER A 56 31.46 4.27 -12.86
N LEU A 57 32.52 5.02 -13.18
CA LEU A 57 32.73 5.41 -14.58
C LEU A 57 33.17 4.16 -15.34
N GLY A 58 33.39 3.09 -14.58
CA GLY A 58 33.69 1.80 -15.15
C GLY A 58 35.14 1.76 -15.54
N ASN A 59 35.71 0.57 -15.69
CA ASN A 59 35.05 -0.69 -15.40
C ASN A 59 36.22 -1.55 -14.94
N THR A 60 36.00 -2.66 -14.25
CA THR A 60 34.83 -3.01 -13.46
C THR A 60 35.53 -3.87 -12.44
N LYS A 61 36.31 -4.82 -12.97
CA LYS A 61 37.15 -5.69 -12.14
C LYS A 61 38.32 -4.88 -11.63
N GLU A 62 38.55 -3.72 -12.24
CA GLU A 62 39.55 -2.81 -11.72
C GLU A 62 39.10 -2.37 -10.33
N GLY A 63 37.82 -2.05 -10.21
CA GLY A 63 37.24 -1.64 -8.95
C GLY A 63 37.13 -2.76 -7.93
N TYR A 64 36.47 -3.85 -8.32
CA TYR A 64 36.28 -5.03 -7.47
C TYR A 64 37.56 -5.47 -6.78
N ASP A 65 38.71 -5.15 -7.37
CA ASP A 65 40.00 -5.52 -6.79
C ASP A 65 40.38 -4.57 -5.66
N ASN A 66 40.29 -3.27 -5.93
CA ASN A 66 40.60 -2.27 -4.92
C ASN A 66 39.61 -2.36 -3.73
N VAL A 67 38.35 -2.64 -4.03
CA VAL A 67 37.36 -2.81 -3.00
C VAL A 67 37.81 -3.99 -2.16
N ARG A 68 37.95 -5.15 -2.81
CA ARG A 68 38.33 -6.35 -2.09
C ARG A 68 39.63 -6.15 -1.30
N LEU A 69 40.67 -5.65 -1.96
CA LEU A 69 41.95 -5.44 -1.30
C LEU A 69 41.81 -4.46 -0.13
N GLY A 70 40.81 -3.59 -0.20
CA GLY A 70 40.53 -2.66 0.87
C GLY A 70 39.73 -3.33 1.98
N LEU A 71 38.68 -4.02 1.57
CA LEU A 71 37.79 -4.68 2.52
C LEU A 71 38.50 -5.77 3.30
N ARG A 72 39.46 -6.45 2.68
CA ARG A 72 40.21 -7.49 3.39
C ARG A 72 41.19 -6.84 4.38
N ASN A 73 41.54 -5.59 4.13
CA ASN A 73 42.42 -4.85 5.03
C ASN A 73 41.72 -4.32 6.29
N ASP A 74 40.49 -3.83 6.11
CA ASP A 74 39.70 -3.32 7.24
C ASP A 74 38.54 -4.28 7.53
N VAL A 75 38.54 -4.85 8.72
CA VAL A 75 37.77 -6.07 8.99
C VAL A 75 36.24 -6.05 8.76
N GLY A 76 35.46 -5.21 9.46
CA GLY A 76 35.91 -4.05 10.21
C GLY A 76 35.58 -2.91 9.29
N SER A 77 35.03 -1.82 9.81
CA SER A 77 34.57 -0.68 8.99
C SER A 77 33.31 -0.97 8.16
N GLY A 78 32.25 -0.20 8.44
CA GLY A 78 31.03 -0.29 7.67
C GLY A 78 31.17 0.31 6.29
N VAL A 79 32.10 1.26 6.14
CA VAL A 79 32.28 1.97 4.88
C VAL A 79 32.67 0.99 3.78
N CYS A 80 33.59 0.07 4.10
CA CYS A 80 34.02 -0.91 3.11
C CYS A 80 32.88 -1.82 2.69
N TRP A 81 32.19 -2.39 3.66
CA TRP A 81 31.09 -3.30 3.38
C TRP A 81 30.01 -2.61 2.58
N HIS A 82 29.72 -1.37 2.97
CA HIS A 82 28.76 -0.56 2.23
C HIS A 82 29.14 -0.42 0.74
N ILE A 83 30.38 -0.08 0.40
CA ILE A 83 30.63 0.10 -1.03
C ILE A 83 30.70 -1.24 -1.82
N PHE A 84 31.13 -2.31 -1.15
CA PHE A 84 30.98 -3.66 -1.72
C PHE A 84 29.50 -3.97 -1.93
N GLY A 85 28.64 -3.48 -1.05
CA GLY A 85 27.22 -3.66 -1.25
C GLY A 85 26.73 -2.92 -2.46
N LEU A 86 27.23 -1.70 -2.65
CA LEU A 86 26.78 -0.89 -3.76
C LEU A 86 27.13 -1.52 -5.10
N ILE A 87 28.36 -2.03 -5.24
CA ILE A 87 28.77 -2.50 -6.55
C ILE A 87 28.11 -3.83 -6.88
N SER A 88 27.91 -4.66 -5.85
CA SER A 88 27.23 -5.93 -6.04
C SER A 88 25.80 -5.67 -6.45
N ARG A 89 25.20 -4.69 -5.80
CA ARG A 89 23.86 -4.31 -6.19
C ARG A 89 23.82 -3.79 -7.64
N ALA A 90 24.70 -2.86 -7.99
CA ALA A 90 24.70 -2.31 -9.35
C ALA A 90 24.87 -3.42 -10.37
N ASP A 91 25.73 -4.38 -10.04
CA ASP A 91 25.98 -5.51 -10.93
C ASP A 91 24.92 -6.59 -10.79
N LYS A 92 23.82 -6.30 -10.09
CA LYS A 92 22.71 -7.23 -9.92
C LYS A 92 23.03 -8.50 -9.12
N ASP A 93 24.15 -8.50 -8.39
CA ASP A 93 24.50 -9.59 -7.47
C ASP A 93 23.76 -9.43 -6.13
N TYR A 94 22.45 -9.66 -6.15
CA TYR A 94 21.64 -9.31 -4.99
C TYR A 94 21.89 -10.17 -3.73
N VAL A 95 22.13 -11.48 -3.88
CA VAL A 95 22.38 -12.31 -2.70
C VAL A 95 23.64 -11.84 -1.96
N GLN A 96 24.54 -11.19 -2.67
CA GLN A 96 25.78 -10.80 -2.03
C GLN A 96 25.71 -9.39 -1.48
N ALA A 97 24.82 -8.58 -2.05
CA ALA A 97 24.66 -7.22 -1.56
C ALA A 97 23.98 -7.27 -0.18
N ALA A 98 22.89 -8.01 -0.07
CA ALA A 98 22.32 -8.34 1.24
C ALA A 98 23.39 -8.69 2.27
N LYS A 99 24.18 -9.73 1.99
CA LYS A 99 25.22 -10.18 2.92
C LYS A 99 26.18 -9.05 3.27
N CYS A 100 26.42 -8.18 2.32
CA CYS A 100 27.30 -7.06 2.60
C CYS A 100 26.61 -6.05 3.50
N TYR A 101 25.35 -5.77 3.19
CA TYR A 101 24.58 -4.85 4.01
C TYR A 101 24.31 -5.32 5.46
N ILE A 102 24.06 -6.63 5.68
CA ILE A 102 23.89 -7.12 7.05
C ILE A 102 25.18 -6.88 7.82
N ASN A 103 26.32 -7.25 7.23
CA ASN A 103 27.59 -7.05 7.89
C ASN A 103 27.89 -5.57 8.10
N ALA A 104 27.43 -4.75 7.17
CA ALA A 104 27.66 -3.32 7.27
C ALA A 104 26.90 -2.75 8.44
N HIS A 105 25.67 -3.23 8.61
CA HIS A 105 24.80 -2.76 9.68
C HIS A 105 25.22 -3.31 11.06
N LYS A 106 25.64 -4.57 11.11
CA LYS A 106 26.14 -5.17 12.34
C LYS A 106 27.40 -4.47 12.87
N LEU A 107 27.99 -3.62 12.02
CA LEU A 107 29.16 -2.84 12.40
C LEU A 107 28.83 -1.35 12.53
N GLU A 108 27.65 -0.96 12.08
CA GLU A 108 27.19 0.41 12.22
C GLU A 108 25.71 0.38 12.54
N LYS A 109 25.37 0.03 13.77
CA LYS A 109 23.98 -0.26 14.11
C LYS A 109 23.05 0.96 14.10
N ASN A 110 23.64 2.15 14.03
CA ASN A 110 22.84 3.38 14.06
C ASN A 110 22.62 4.01 12.69
N ASN A 111 23.19 3.40 11.66
CA ASN A 111 22.97 3.84 10.29
C ASN A 111 21.74 3.18 9.67
N SER A 112 20.65 3.94 9.62
CA SER A 112 19.36 3.34 9.32
C SER A 112 19.17 3.13 7.84
N SER A 113 19.93 3.87 7.03
CA SER A 113 19.77 3.75 5.58
C SER A 113 20.26 2.41 5.06
N LEU A 114 21.27 1.84 5.72
CA LEU A 114 21.69 0.47 5.45
C LEU A 114 20.50 -0.50 5.51
N LEU A 115 19.60 -0.28 6.46
CA LEU A 115 18.44 -1.17 6.62
C LEU A 115 17.43 -0.85 5.54
N ARG A 116 17.35 0.41 5.17
CA ARG A 116 16.35 0.81 4.20
C ARG A 116 16.71 0.17 2.86
N ASP A 117 18.03 0.04 2.64
CA ASP A 117 18.56 -0.66 1.47
C ASP A 117 18.40 -2.17 1.60
N LEU A 118 18.82 -2.74 2.73
CA LEU A 118 18.76 -4.18 2.91
C LEU A 118 17.35 -4.72 2.62
N ALA A 119 16.35 -3.95 3.03
CA ALA A 119 14.97 -4.35 2.82
C ALA A 119 14.64 -4.59 1.36
N LEU A 120 15.20 -3.78 0.49
CA LEU A 120 14.98 -3.94 -0.95
C LEU A 120 15.61 -5.25 -1.40
N LEU A 121 16.89 -5.41 -1.10
CA LEU A 121 17.61 -6.65 -1.41
C LEU A 121 16.88 -7.89 -0.93
N GLN A 122 16.37 -7.83 0.31
CA GLN A 122 15.76 -9.03 0.88
C GLN A 122 14.38 -9.30 0.27
N SER A 123 13.65 -8.24 -0.05
CA SER A 123 12.40 -8.41 -0.78
C SER A 123 12.63 -9.07 -2.14
N GLN A 124 13.73 -8.72 -2.82
CA GLN A 124 14.03 -9.27 -4.14
C GLN A 124 14.33 -10.73 -4.06
N LEU A 125 15.12 -11.08 -3.06
CA LEU A 125 15.52 -12.46 -2.86
C LEU A 125 14.44 -13.32 -2.21
N ARG A 126 13.31 -12.70 -1.89
CA ARG A 126 12.21 -13.43 -1.26
C ARG A 126 12.63 -14.05 0.07
N GLN A 127 13.57 -13.39 0.74
CA GLN A 127 13.95 -13.78 2.09
C GLN A 127 12.93 -13.21 3.10
N TYR A 128 11.71 -13.72 3.07
CA TYR A 128 10.57 -13.10 3.75
C TYR A 128 10.80 -12.96 5.25
N LYS A 129 11.38 -14.00 5.81
N LYS A 129 11.40 -14.00 5.84
CA LYS A 129 11.72 -14.07 7.22
CA LYS A 129 11.67 -14.01 7.27
C LYS A 129 12.61 -12.91 7.63
C LYS A 129 12.62 -12.90 7.68
N ALA A 130 13.76 -12.81 7.00
CA ALA A 130 14.75 -11.78 7.31
C ALA A 130 14.23 -10.38 6.96
N LEU A 131 13.37 -10.33 5.95
CA LEU A 131 12.74 -9.08 5.54
C LEU A 131 11.94 -8.55 6.71
N ALA A 132 11.16 -9.44 7.32
CA ALA A 132 10.29 -9.06 8.40
C ALA A 132 11.09 -8.47 9.56
N ASP A 133 12.27 -9.03 9.82
CA ASP A 133 13.11 -8.53 10.89
C ASP A 133 13.64 -7.15 10.55
N THR A 134 14.00 -6.96 9.29
CA THR A 134 14.48 -5.67 8.84
C THR A 134 13.37 -4.63 8.89
N ARG A 135 12.20 -5.00 8.37
CA ARG A 135 11.08 -4.06 8.36
C ARG A 135 10.69 -3.65 9.78
N ASN A 136 10.65 -4.63 10.69
CA ASN A 136 10.42 -4.39 12.10
C ASN A 136 11.43 -3.39 12.69
N ALA A 137 12.71 -3.56 12.37
CA ALA A 137 13.76 -2.71 12.89
C ALA A 137 13.64 -1.30 12.33
N LEU A 138 13.22 -1.19 11.08
CA LEU A 138 12.92 0.11 10.54
C LEU A 138 11.68 0.76 11.16
N LEU A 139 10.66 -0.03 11.54
CA LEU A 139 9.44 0.52 12.12
C LEU A 139 9.72 1.07 13.51
N GLN A 140 10.67 0.45 14.19
CA GLN A 140 11.06 0.89 15.51
C GLN A 140 11.85 2.18 15.39
N ASP A 141 12.70 2.26 14.37
CA ASP A 141 13.56 3.42 14.14
C ASP A 141 12.72 4.66 13.85
N ASN A 142 11.60 4.46 13.17
CA ASN A 142 10.74 5.58 12.80
C ASN A 142 9.29 5.16 12.62
N PRO A 143 8.55 5.07 13.73
CA PRO A 143 7.12 4.75 13.72
C PRO A 143 6.27 5.92 13.26
N GLY A 144 6.92 7.04 12.96
CA GLY A 144 6.22 8.23 12.53
C GLY A 144 5.48 8.05 11.22
N VAL A 145 6.13 7.33 10.29
CA VAL A 145 5.61 7.23 8.94
C VAL A 145 4.80 5.97 8.67
N ARG A 146 3.61 6.19 8.13
N ARG A 146 3.66 6.21 8.03
CA ARG A 146 2.71 5.10 7.88
CA ARG A 146 2.63 5.23 7.76
C ARG A 146 3.35 3.98 7.08
C ARG A 146 3.02 4.21 6.70
N ALA A 147 4.21 4.35 6.14
CA ALA A 147 4.77 3.40 5.17
C ALA A 147 5.53 2.28 5.85
N ASN A 148 6.20 2.60 6.94
CA ASN A 148 6.97 1.61 7.64
C ASN A 148 6.06 0.56 8.27
N TRP A 149 4.87 1.00 8.69
CA TRP A 149 3.85 0.10 9.25
C TRP A 149 3.29 -0.80 8.16
N SER A 150 3.07 -0.21 6.99
CA SER A 150 2.54 -0.96 5.87
C SER A 150 3.53 -2.01 5.40
N ALA A 151 4.80 -1.65 5.44
CA ALA A 151 5.82 -2.56 4.94
C ALA A 151 6.02 -3.76 5.87
N LEU A 152 5.87 -3.55 7.18
CA LEU A 152 5.96 -4.65 8.15
C LEU A 152 4.77 -5.59 8.06
N ALA A 153 3.56 -5.02 7.99
CA ALA A 153 2.35 -5.78 7.69
C ALA A 153 2.45 -6.64 6.46
N VAL A 154 2.80 -6.02 5.33
CA VAL A 154 2.91 -6.75 4.05
C VAL A 154 3.94 -7.87 4.16
N ALA A 155 5.12 -7.54 4.69
CA ALA A 155 6.16 -8.56 4.91
C ALA A 155 5.61 -9.71 5.71
N GLN A 156 4.91 -9.41 6.79
CA GLN A 156 4.35 -10.45 7.65
C GLN A 156 3.25 -11.24 6.94
N PHE A 157 2.41 -10.54 6.17
CA PHE A 157 1.39 -11.19 5.36
C PHE A 157 2.04 -12.16 4.39
N LEU A 158 3.19 -11.76 3.84
CA LEU A 158 3.92 -12.58 2.87
C LEU A 158 4.48 -13.86 3.50
N ARG A 159 4.59 -13.86 4.82
N ARG A 159 4.61 -13.87 4.83
CA ARG A 159 5.04 -15.05 5.55
CA ARG A 159 5.04 -15.07 5.55
C ARG A 159 3.88 -15.93 6.00
C ARG A 159 3.88 -15.96 5.97
N GLY A 160 2.65 -15.50 5.73
CA GLY A 160 1.46 -16.23 6.13
C GLY A 160 1.11 -15.96 7.58
N GLU A 161 1.94 -15.15 8.22
CA GLU A 161 1.70 -14.70 9.59
C GLU A 161 0.59 -13.66 9.61
N TYR A 162 -0.63 -14.10 9.29
CA TYR A 162 -1.76 -13.18 9.14
C TYR A 162 -2.12 -12.48 10.45
N ALA A 163 -2.04 -13.20 11.56
CA ALA A 163 -2.45 -12.59 12.81
C ALA A 163 -1.51 -11.43 13.11
N SER A 164 -0.22 -11.65 12.92
CA SER A 164 0.76 -10.61 13.22
C SER A 164 0.53 -9.43 12.30
N ALA A 165 0.07 -9.72 11.09
CA ALA A 165 -0.27 -8.66 10.15
C ALA A 165 -1.43 -7.82 10.68
N TYR A 166 -2.50 -8.52 11.07
CA TYR A 166 -3.69 -7.89 11.63
C TYR A 166 -3.35 -6.94 12.78
N LYS A 167 -2.51 -7.38 13.70
CA LYS A 167 -2.24 -6.59 14.90
C LYS A 167 -1.49 -5.33 14.55
N ILE A 168 -0.67 -5.41 13.51
CA ILE A 168 0.13 -4.27 13.06
C ILE A 168 -0.76 -3.19 12.46
N VAL A 169 -1.68 -3.60 11.59
CA VAL A 169 -2.56 -2.67 10.88
C VAL A 169 -3.52 -2.08 11.86
N ASP A 170 -4.08 -2.95 12.69
CA ASP A 170 -4.99 -2.53 13.75
C ASP A 170 -4.37 -1.51 14.68
N ALA A 171 -3.15 -1.80 15.16
CA ALA A 171 -2.44 -0.89 16.03
C ALA A 171 -2.28 0.47 15.35
N PHE A 172 -1.80 0.49 14.11
CA PHE A 172 -1.61 1.77 13.43
C PHE A 172 -2.91 2.56 13.24
N GLU A 173 -3.96 1.88 12.83
CA GLU A 173 -5.21 2.55 12.51
C GLU A 173 -5.81 3.26 13.73
N SER A 174 -5.58 2.72 14.92
CA SER A 174 -6.12 3.31 16.14
C SER A 174 -5.41 4.61 16.56
N THR A 175 -4.12 4.72 16.26
CA THR A 175 -3.38 5.95 16.56
C THR A 175 -3.80 7.15 15.71
N ILE A 176 -4.83 6.98 14.90
CA ILE A 176 -5.49 8.14 14.30
C ILE A 176 -6.99 8.17 14.60
N ASN A 177 -7.32 8.76 15.77
CA ASN A 177 -8.69 8.95 16.28
C ASN A 177 -9.40 10.16 15.68
N GLN A 178 -8.61 11.04 15.08
CA GLN A 178 -9.13 12.32 14.58
C GLN A 178 -9.29 12.27 13.06
N GLY A 179 -8.26 12.68 12.33
CA GLY A 179 -8.28 12.59 10.88
C GLY A 179 -9.31 13.50 10.21
N VAL A 180 -9.98 12.98 9.18
CA VAL A 180 -9.76 11.61 8.70
C VAL A 180 -8.59 11.45 7.72
N PRO A 181 -8.45 12.36 6.73
CA PRO A 181 -7.19 12.38 5.96
C PRO A 181 -6.07 12.99 6.79
N VAL A 182 -4.84 12.44 6.87
CA VAL A 182 -4.28 11.34 6.05
C VAL A 182 -4.36 11.52 4.53
N ASP A 183 -3.91 10.51 3.78
CA ASP A 183 -3.93 10.64 2.34
C ASP A 183 -5.35 10.51 1.81
N THR A 184 -6.10 9.55 2.37
CA THR A 184 -7.44 9.14 1.91
C THR A 184 -7.35 7.95 1.03
N GLN A 185 -6.65 8.07 -0.10
CA GLN A 185 -6.40 6.92 -0.96
C GLN A 185 -5.42 5.96 -0.29
N GLU A 186 -4.46 6.45 0.50
CA GLU A 186 -3.62 5.55 1.28
C GLU A 186 -4.52 4.72 2.19
N GLU A 187 -5.45 5.42 2.86
CA GLU A 187 -6.39 4.81 3.80
C GLU A 187 -7.31 3.82 3.13
N SER A 188 -7.79 4.18 1.94
CA SER A 188 -8.67 3.30 1.19
C SER A 188 -7.98 1.97 0.91
N GLU A 189 -6.74 2.03 0.43
CA GLU A 189 -5.98 0.82 0.13
C GLU A 189 -5.62 0.10 1.41
N ALA A 190 -5.40 0.85 2.50
CA ALA A 190 -4.98 0.23 3.74
C ALA A 190 -6.11 -0.67 4.22
N MET A 191 -7.34 -0.21 4.00
CA MET A 191 -8.51 -0.94 4.39
C MET A 191 -8.69 -2.19 3.53
N LEU A 192 -8.63 -2.03 2.22
CA LEU A 192 -8.79 -3.18 1.35
C LEU A 192 -7.71 -4.23 1.61
N PHE A 193 -6.51 -3.79 1.98
CA PHE A 193 -5.46 -4.72 2.36
C PHE A 193 -5.83 -5.42 3.66
N MET A 194 -6.41 -4.65 4.58
CA MET A 194 -6.81 -5.15 5.90
C MET A 194 -7.90 -6.18 5.76
N ASN A 195 -8.79 -5.95 4.79
CA ASN A 195 -9.89 -6.86 4.53
C ASN A 195 -9.36 -8.14 3.89
N LEU A 196 -8.17 -8.07 3.32
CA LEU A 196 -7.53 -9.23 2.74
C LEU A 196 -6.94 -10.06 3.88
N VAL A 197 -6.35 -9.36 4.84
CA VAL A 197 -5.73 -10.00 5.98
C VAL A 197 -6.76 -10.77 6.80
N ILE A 198 -7.94 -10.17 6.95
CA ILE A 198 -9.00 -10.76 7.71
C ILE A 198 -9.53 -12.01 7.00
N LEU A 199 -9.83 -11.88 5.72
CA LEU A 199 -10.26 -13.02 4.90
C LEU A 199 -9.26 -14.16 4.99
N LYS A 200 -7.99 -13.81 5.07
CA LYS A 200 -6.93 -14.81 5.08
C LYS A 200 -6.82 -15.46 6.44
N LYS A 201 -7.22 -14.74 7.49
CA LYS A 201 -7.11 -15.28 8.84
C LYS A 201 -8.44 -15.75 9.46
N ASP A 202 -9.46 -14.92 9.44
CA ASP A 202 -10.73 -15.25 10.08
C ASP A 202 -11.77 -15.79 9.08
N GLY A 203 -11.39 -15.91 7.82
CA GLY A 203 -12.26 -16.49 6.80
C GLY A 203 -13.28 -15.51 6.23
N VAL A 204 -14.14 -16.01 5.35
CA VAL A 204 -15.08 -15.17 4.62
C VAL A 204 -16.11 -14.46 5.49
N GLU A 205 -16.73 -15.18 6.42
CA GLU A 205 -17.78 -14.62 7.26
C GLU A 205 -17.34 -13.31 7.91
N ASP A 206 -16.19 -13.32 8.55
CA ASP A 206 -15.70 -12.11 9.19
C ASP A 206 -15.33 -11.02 8.19
N ALA A 207 -14.63 -11.40 7.12
CA ALA A 207 -14.21 -10.48 6.10
C ALA A 207 -15.40 -9.71 5.49
N TYR A 208 -16.52 -10.40 5.30
CA TYR A 208 -17.71 -9.74 4.78
C TYR A 208 -18.14 -8.63 5.72
N LYS A 209 -18.23 -8.95 7.00
CA LYS A 209 -18.64 -7.96 7.99
C LYS A 209 -17.72 -6.75 7.98
N HIS A 210 -16.41 -7.00 7.98
CA HIS A 210 -15.46 -5.91 7.98
C HIS A 210 -15.56 -5.05 6.71
N LEU A 211 -15.78 -5.72 5.58
CA LEU A 211 -15.90 -5.01 4.31
C LEU A 211 -17.10 -4.08 4.34
N LEU A 212 -18.20 -4.53 4.94
CA LEU A 212 -19.42 -3.74 4.99
C LEU A 212 -19.22 -2.53 5.88
N SER A 213 -18.29 -2.63 6.84
CA SER A 213 -18.06 -1.55 7.76
C SER A 213 -17.08 -0.50 7.19
N ILE A 214 -16.28 -0.87 6.21
CA ILE A 214 -15.35 0.10 5.63
C ILE A 214 -15.85 0.76 4.35
N GLU A 215 -17.07 0.44 3.91
CA GLU A 215 -17.64 1.04 2.70
C GLU A 215 -17.39 2.56 2.51
N LYS A 216 -17.57 3.34 3.57
CA LYS A 216 -17.35 4.78 3.45
C LYS A 216 -15.88 5.13 3.15
N LYS A 217 -14.94 4.28 3.60
CA LYS A 217 -13.52 4.60 3.47
C LYS A 217 -12.91 4.11 2.14
N VAL A 218 -13.67 3.39 1.34
CA VAL A 218 -13.10 2.77 0.14
C VAL A 218 -13.45 3.54 -1.13
N LEU A 219 -12.41 4.09 -1.77
CA LEU A 219 -12.59 4.86 -3.00
C LEU A 219 -12.76 4.01 -4.25
N ASP A 220 -11.99 2.91 -4.33
CA ASP A 220 -12.08 1.98 -5.45
C ASP A 220 -13.39 1.19 -5.42
N ARG A 221 -14.45 1.81 -5.91
CA ARG A 221 -15.78 1.25 -5.92
C ARG A 221 -15.88 -0.11 -6.65
N VAL A 222 -15.02 -0.37 -7.61
CA VAL A 222 -15.08 -1.62 -8.35
C VAL A 222 -14.50 -2.72 -7.50
N ALA A 223 -13.40 -2.43 -6.81
CA ALA A 223 -12.84 -3.39 -5.88
C ALA A 223 -13.85 -3.71 -4.75
N PHE A 224 -14.45 -2.67 -4.18
CA PHE A 224 -15.45 -2.90 -3.15
C PHE A 224 -16.55 -3.83 -3.65
N LEU A 225 -17.16 -3.51 -4.78
CA LEU A 225 -18.31 -4.26 -5.24
C LEU A 225 -17.91 -5.66 -5.70
N GLU A 226 -16.77 -5.76 -6.37
CA GLU A 226 -16.36 -7.08 -6.81
C GLU A 226 -16.07 -7.95 -5.59
N THR A 227 -15.33 -7.42 -4.64
CA THR A 227 -15.01 -8.15 -3.42
C THR A 227 -16.26 -8.53 -2.66
N ARG A 228 -17.24 -7.64 -2.67
CA ARG A 228 -18.48 -7.89 -1.96
C ARG A 228 -19.26 -9.06 -2.57
N ALA A 229 -19.38 -9.06 -3.89
CA ALA A 229 -20.11 -10.10 -4.59
C ALA A 229 -19.50 -11.49 -4.38
N GLU A 230 -18.17 -11.55 -4.39
CA GLU A 230 -17.50 -12.82 -4.15
C GLU A 230 -17.92 -13.39 -2.80
N TYR A 231 -17.94 -12.53 -1.78
CA TYR A 231 -18.29 -12.93 -0.43
C TYR A 231 -19.74 -13.38 -0.37
N GLU A 232 -20.62 -12.52 -0.87
CA GLU A 232 -22.05 -12.80 -0.85
C GLU A 232 -22.45 -14.07 -1.60
N LEU A 233 -21.74 -14.37 -2.68
CA LEU A 233 -21.94 -15.64 -3.39
C LEU A 233 -21.43 -16.81 -2.56
N TYR A 234 -20.34 -16.59 -1.85
CA TYR A 234 -19.71 -17.63 -1.06
C TYR A 234 -20.59 -18.01 0.14
N LEU A 235 -21.31 -17.04 0.68
CA LEU A 235 -22.15 -17.26 1.86
C LEU A 235 -23.57 -17.67 1.47
N SER A 236 -23.83 -17.76 0.17
CA SER A 236 -25.18 -18.06 -0.32
C SER A 236 -26.18 -16.98 0.10
N LYS A 237 -25.70 -15.75 0.25
CA LYS A 237 -26.60 -14.62 0.42
C LYS A 237 -27.05 -14.18 -0.99
N MET A 238 -27.78 -15.03 -1.66
CA MET A 238 -28.09 -14.85 -3.07
C MET A 238 -28.79 -13.53 -3.43
N GLU A 239 -29.76 -13.13 -2.61
CA GLU A 239 -30.57 -11.96 -2.92
C GLU A 239 -29.71 -10.70 -2.92
N GLU A 240 -28.77 -10.64 -1.98
CA GLU A 240 -27.89 -9.49 -1.84
C GLU A 240 -26.90 -9.44 -3.00
N ALA A 241 -26.38 -10.61 -3.38
CA ALA A 241 -25.50 -10.75 -4.53
C ALA A 241 -26.19 -10.24 -5.79
N LYS A 242 -27.42 -10.66 -5.99
CA LYS A 242 -28.26 -10.19 -7.08
C LYS A 242 -28.17 -8.68 -7.22
N SER A 243 -28.49 -7.94 -6.16
CA SER A 243 -28.49 -6.50 -6.24
C SER A 243 -27.08 -5.92 -6.42
N THR A 244 -26.08 -6.52 -5.78
CA THR A 244 -24.71 -6.04 -5.88
C THR A 244 -24.20 -6.20 -7.33
N ILE A 245 -24.41 -7.37 -7.90
CA ILE A 245 -23.97 -7.65 -9.24
C ILE A 245 -24.68 -6.74 -10.24
N TYR A 246 -25.90 -6.32 -9.94
CA TYR A 246 -26.58 -5.37 -10.82
C TYR A 246 -25.88 -4.02 -10.77
N LEU A 247 -25.35 -3.67 -9.60
CA LEU A 247 -24.57 -2.45 -9.48
C LEU A 247 -23.30 -2.55 -10.38
N LEU A 248 -22.78 -3.75 -10.55
CA LEU A 248 -21.56 -3.95 -11.35
C LEU A 248 -21.85 -3.89 -12.86
N LEU A 249 -22.89 -4.59 -13.31
CA LEU A 249 -23.35 -4.50 -14.68
C LEU A 249 -23.73 -3.08 -15.09
N ASP A 250 -24.33 -2.33 -14.17
CA ASP A 250 -24.64 -0.93 -14.38
C ASP A 250 -23.37 -0.17 -14.71
N ARG A 251 -22.35 -0.35 -13.86
CA ARG A 251 -21.04 0.24 -14.09
C ARG A 251 -20.38 -0.25 -15.39
N ASN A 252 -20.41 -1.56 -15.62
CA ASN A 252 -19.76 -2.18 -16.76
C ASN A 252 -20.44 -3.51 -17.16
N PRO A 253 -21.34 -3.46 -18.15
CA PRO A 253 -22.10 -4.64 -18.57
C PRO A 253 -21.31 -5.49 -19.59
N ASP A 254 -20.00 -5.34 -19.62
CA ASP A 254 -19.19 -6.05 -20.60
C ASP A 254 -18.17 -6.94 -19.90
N ASN A 255 -18.47 -7.36 -18.67
CA ASN A 255 -17.50 -8.12 -17.89
C ASN A 255 -17.96 -9.56 -17.65
N HIS A 256 -17.97 -10.38 -18.69
CA HIS A 256 -18.34 -11.80 -18.67
C HIS A 256 -18.58 -12.46 -17.29
N GLN A 257 -17.61 -12.32 -16.40
CA GLN A 257 -17.69 -12.95 -15.07
C GLN A 257 -18.86 -12.45 -14.23
N TYR A 258 -19.23 -11.19 -14.44
CA TYR A 258 -20.40 -10.62 -13.80
C TYR A 258 -21.65 -11.41 -14.17
N TYR A 259 -21.75 -11.75 -15.44
CA TYR A 259 -22.87 -12.54 -15.93
C TYR A 259 -22.91 -13.94 -15.33
N TYR A 260 -21.77 -14.61 -15.24
CA TYR A 260 -21.75 -15.98 -14.73
C TYR A 260 -22.08 -15.94 -13.23
N ASN A 261 -21.77 -14.80 -12.62
CA ASN A 261 -22.02 -14.56 -11.21
C ASN A 261 -23.50 -14.25 -10.93
N LEU A 262 -24.11 -13.46 -11.80
CA LEU A 262 -25.51 -13.11 -11.65
C LEU A 262 -26.34 -14.36 -11.83
N GLN A 263 -25.90 -15.22 -12.73
CA GLN A 263 -26.58 -16.48 -13.02
C GLN A 263 -26.48 -17.40 -11.80
N ARG A 264 -25.29 -17.43 -11.22
CA ARG A 264 -25.03 -18.22 -10.03
C ARG A 264 -25.88 -17.75 -8.84
N ALA A 265 -25.99 -16.42 -8.72
CA ALA A 265 -26.77 -15.81 -7.67
C ALA A 265 -28.26 -16.09 -7.81
N TYR A 266 -28.76 -16.22 -9.03
CA TYR A 266 -30.15 -16.59 -9.23
C TYR A 266 -30.34 -18.09 -8.95
N GLY A 267 -29.23 -18.79 -8.75
CA GLY A 267 -29.25 -20.24 -8.63
C GLY A 267 -29.51 -20.96 -9.95
N TYR A 268 -29.42 -20.23 -11.06
CA TYR A 268 -29.68 -20.84 -12.35
C TYR A 268 -28.43 -21.56 -12.85
N GLU A 269 -27.31 -21.37 -12.14
CA GLU A 269 -26.04 -21.91 -12.59
C GLU A 269 -25.19 -22.31 -11.38
N ASP A 270 -24.59 -23.49 -11.42
CA ASP A 270 -23.68 -23.88 -10.35
C ASP A 270 -22.36 -23.14 -10.50
N ALA A 271 -21.51 -23.22 -9.48
CA ALA A 271 -20.19 -22.57 -9.53
C ALA A 271 -19.30 -23.13 -10.65
N SER A 272 -19.65 -24.30 -11.14
CA SER A 272 -18.94 -24.89 -12.27
C SER A 272 -19.80 -24.80 -13.54
N GLY A 273 -20.81 -25.66 -13.61
CA GLY A 273 -21.65 -25.78 -14.80
C GLY A 273 -23.07 -25.24 -14.63
N LYS A 274 -23.67 -24.88 -15.75
CA LYS A 274 -24.92 -24.13 -15.75
C LYS A 274 -26.17 -24.96 -15.63
N VAL A 275 -26.55 -25.27 -14.40
CA VAL A 275 -27.71 -26.12 -14.14
C VAL A 275 -28.40 -25.87 -12.76
N LEU A 276 -29.73 -25.87 -12.77
CA LEU A 276 -30.50 -26.19 -13.98
C LEU A 276 -31.26 -25.00 -14.55
N ASP A 277 -32.59 -25.07 -14.49
CA ASP A 277 -33.49 -24.09 -15.09
C ASP A 277 -33.02 -23.56 -16.47
N SER A 278 -32.79 -24.48 -17.40
CA SER A 278 -32.41 -24.13 -18.76
C SER A 278 -33.32 -23.06 -19.32
N ALA A 279 -34.61 -23.14 -19.01
CA ALA A 279 -35.59 -22.16 -19.51
C ALA A 279 -35.42 -20.76 -18.90
N GLU A 280 -35.20 -20.71 -17.59
CA GLU A 280 -35.15 -19.44 -16.87
C GLU A 280 -33.76 -18.81 -17.00
N TRP A 281 -32.76 -19.67 -17.21
CA TRP A 281 -31.41 -19.26 -17.57
C TRP A 281 -31.40 -18.40 -18.85
N LEU A 282 -32.09 -18.88 -19.88
CA LEU A 282 -32.29 -18.10 -21.08
C LEU A 282 -33.01 -16.80 -20.75
N ASN A 283 -34.14 -16.94 -20.07
CA ASN A 283 -34.99 -15.80 -19.79
C ASN A 283 -34.25 -14.63 -19.16
N LEU A 284 -33.37 -14.93 -18.20
CA LEU A 284 -32.55 -13.93 -17.54
C LEU A 284 -31.72 -13.16 -18.57
N TYR A 285 -31.07 -13.90 -19.45
CA TYR A 285 -30.29 -13.29 -20.51
C TYR A 285 -31.16 -12.40 -21.40
N SER A 286 -32.38 -12.84 -21.68
CA SER A 286 -33.33 -12.06 -22.46
C SER A 286 -33.70 -10.78 -21.74
N GLN A 287 -33.89 -10.88 -20.43
CA GLN A 287 -34.14 -9.70 -19.62
C GLN A 287 -32.90 -8.82 -19.68
N LEU A 288 -31.74 -9.44 -19.53
CA LEU A 288 -30.49 -8.73 -19.63
C LEU A 288 -30.29 -7.99 -20.97
N ALA A 289 -31.13 -8.27 -21.96
CA ALA A 289 -31.13 -7.47 -23.16
C ALA A 289 -31.75 -6.10 -22.88
N LYS A 290 -32.50 -5.98 -21.78
CA LYS A 290 -32.95 -4.68 -21.31
C LYS A 290 -31.84 -3.89 -20.63
N ARG A 291 -30.80 -4.59 -20.14
CA ARG A 291 -29.53 -3.93 -19.79
C ARG A 291 -28.98 -3.34 -21.06
N TYR A 292 -29.12 -2.01 -21.18
CA TYR A 292 -29.04 -1.31 -22.47
C TYR A 292 -28.33 -2.07 -23.59
N PRO A 293 -29.07 -2.35 -24.68
CA PRO A 293 -28.58 -3.05 -25.87
C PRO A 293 -27.18 -2.63 -26.32
N LYS A 294 -26.56 -1.70 -25.62
CA LYS A 294 -25.18 -1.30 -25.83
C LYS A 294 -24.20 -2.40 -25.37
N SER A 295 -24.72 -3.60 -25.17
CA SER A 295 -23.87 -4.73 -24.79
C SER A 295 -24.21 -6.01 -25.55
N GLU A 296 -23.19 -6.63 -26.13
CA GLU A 296 -23.42 -7.83 -26.90
C GLU A 296 -23.51 -9.06 -26.02
N CYS A 297 -22.95 -8.98 -24.82
CA CYS A 297 -22.91 -10.10 -23.90
C CYS A 297 -24.23 -10.89 -23.68
N PRO A 298 -25.38 -10.20 -23.58
CA PRO A 298 -26.58 -11.02 -23.30
C PRO A 298 -26.95 -11.98 -24.42
N THR A 299 -26.59 -11.69 -25.68
CA THR A 299 -26.92 -12.61 -26.77
C THR A 299 -25.75 -13.49 -27.14
N ARG A 300 -24.53 -13.01 -26.90
CA ARG A 300 -23.35 -13.76 -27.28
C ARG A 300 -23.04 -14.89 -26.30
N LEU A 301 -23.09 -14.60 -25.01
CA LEU A 301 -22.77 -15.58 -23.96
C LEU A 301 -23.61 -16.87 -23.99
N PRO A 302 -24.94 -16.75 -24.12
CA PRO A 302 -25.71 -17.99 -24.12
C PRO A 302 -25.35 -18.94 -25.26
N LEU A 303 -24.81 -18.39 -26.34
CA LEU A 303 -24.35 -19.22 -27.46
C LEU A 303 -23.35 -20.28 -27.00
N GLU A 304 -22.55 -19.97 -25.98
CA GLU A 304 -21.58 -20.90 -25.46
C GLU A 304 -22.25 -22.16 -24.93
N LYS A 305 -23.38 -22.00 -24.25
CA LYS A 305 -24.01 -23.14 -23.56
C LYS A 305 -25.24 -23.75 -24.26
N LEU A 306 -25.90 -22.98 -25.13
CA LEU A 306 -27.03 -23.49 -25.91
C LEU A 306 -26.63 -24.65 -26.82
N GLU A 307 -27.62 -25.43 -27.24
CA GLU A 307 -27.39 -26.51 -28.20
C GLU A 307 -28.68 -26.88 -28.94
N GLY A 308 -28.57 -27.75 -29.94
CA GLY A 308 -29.74 -28.16 -30.69
C GLY A 308 -30.43 -27.04 -31.44
N ASP A 309 -31.76 -27.04 -31.43
CA ASP A 309 -32.53 -26.08 -32.20
C ASP A 309 -32.47 -24.66 -31.65
N GLU A 310 -32.46 -24.55 -30.32
CA GLU A 310 -32.38 -23.24 -29.69
C GLU A 310 -31.04 -22.56 -30.01
N PHE A 311 -30.01 -23.35 -30.30
CA PHE A 311 -28.74 -22.80 -30.77
C PHE A 311 -28.88 -22.28 -32.17
N LEU A 312 -29.50 -23.07 -33.03
CA LEU A 312 -29.62 -22.73 -34.43
C LEU A 312 -30.36 -21.41 -34.61
N THR A 313 -31.42 -21.22 -33.84
CA THR A 313 -32.26 -20.04 -33.98
C THR A 313 -31.49 -18.80 -33.58
N HIS A 314 -30.73 -18.93 -32.50
CA HIS A 314 -29.99 -17.80 -31.94
C HIS A 314 -28.68 -17.51 -32.68
N VAL A 315 -27.96 -18.55 -33.07
CA VAL A 315 -26.75 -18.33 -33.85
C VAL A 315 -27.12 -17.70 -35.19
N ASP A 316 -28.27 -18.07 -35.75
CA ASP A 316 -28.75 -17.47 -36.98
C ASP A 316 -29.01 -15.98 -36.80
N LEU A 317 -29.74 -15.64 -35.72
CA LEU A 317 -30.01 -14.25 -35.40
C LEU A 317 -28.74 -13.46 -35.12
N TYR A 318 -27.78 -14.11 -34.49
CA TYR A 318 -26.50 -13.46 -34.18
C TYR A 318 -25.66 -13.22 -35.45
N LEU A 319 -25.58 -14.22 -36.33
CA LEU A 319 -24.75 -14.10 -37.50
C LEU A 319 -25.28 -13.03 -38.44
N ARG A 320 -26.59 -13.04 -38.68
CA ARG A 320 -27.19 -12.05 -39.57
C ARG A 320 -26.94 -10.65 -39.03
N LYS A 321 -27.09 -10.51 -37.71
CA LYS A 321 -26.86 -9.26 -37.02
C LYS A 321 -25.51 -8.69 -37.43
N LYS A 322 -24.47 -9.48 -37.21
CA LYS A 322 -23.10 -9.03 -37.45
C LYS A 322 -22.72 -8.96 -38.95
N LEU A 323 -23.42 -9.71 -39.78
CA LEU A 323 -23.21 -9.65 -41.22
C LEU A 323 -23.76 -8.35 -41.83
N LYS A 324 -24.99 -7.99 -41.49
CA LYS A 324 -25.63 -6.79 -42.03
C LYS A 324 -24.87 -5.52 -41.66
N ARG A 325 -24.08 -5.59 -40.59
CA ARG A 325 -23.34 -4.43 -40.13
C ARG A 325 -21.99 -4.36 -40.79
N GLY A 326 -21.58 -5.46 -41.41
CA GLY A 326 -20.31 -5.48 -42.11
C GLY A 326 -19.16 -5.50 -41.13
N ILE A 327 -19.38 -6.16 -40.00
CA ILE A 327 -18.35 -6.32 -38.98
C ILE A 327 -17.30 -7.35 -39.43
N PRO A 328 -16.05 -6.90 -39.60
CA PRO A 328 -14.96 -7.81 -40.00
C PRO A 328 -14.51 -8.74 -38.87
N SER A 329 -15.06 -8.56 -37.68
CA SER A 329 -14.62 -9.30 -36.50
C SER A 329 -15.54 -10.48 -36.21
N VAL A 330 -16.56 -10.65 -37.05
CA VAL A 330 -17.62 -11.62 -36.81
C VAL A 330 -17.13 -13.06 -36.67
N PHE A 331 -16.17 -13.46 -37.47
CA PHE A 331 -15.67 -14.82 -37.37
C PHE A 331 -14.82 -15.02 -36.14
N VAL A 332 -13.99 -14.03 -35.81
CA VAL A 332 -13.12 -14.15 -34.65
C VAL A 332 -13.95 -14.29 -33.37
N ASP A 333 -15.13 -13.70 -33.39
CA ASP A 333 -16.10 -13.76 -32.31
C ASP A 333 -16.70 -15.16 -32.15
N VAL A 334 -17.32 -15.66 -33.22
CA VAL A 334 -17.98 -16.97 -33.24
C VAL A 334 -16.98 -18.13 -33.13
N LYS A 335 -15.79 -17.92 -33.70
CA LYS A 335 -14.66 -18.88 -33.66
C LYS A 335 -14.57 -19.74 -32.39
N SER A 336 -14.78 -19.13 -31.22
CA SER A 336 -14.59 -19.81 -29.95
C SER A 336 -15.64 -20.89 -29.69
N LEU A 337 -16.77 -20.81 -30.39
CA LEU A 337 -17.80 -21.84 -30.28
C LEU A 337 -17.36 -23.15 -30.91
N TYR A 338 -16.33 -23.10 -31.75
CA TYR A 338 -15.94 -24.28 -32.51
C TYR A 338 -15.22 -25.32 -31.66
N LYS A 339 -15.17 -25.09 -30.35
CA LYS A 339 -14.50 -26.00 -29.44
C LYS A 339 -15.18 -27.38 -29.40
N ASP A 340 -16.43 -27.44 -29.83
CA ASP A 340 -17.20 -28.69 -29.73
C ASP A 340 -17.31 -29.47 -31.04
N THR A 341 -17.06 -28.79 -32.16
CA THR A 341 -17.13 -29.39 -33.51
C THR A 341 -18.52 -29.91 -33.91
N LYS A 342 -19.54 -29.56 -33.16
CA LYS A 342 -20.90 -29.84 -33.60
C LYS A 342 -21.45 -28.52 -34.10
N LYS A 343 -21.18 -27.46 -33.34
CA LYS A 343 -21.68 -26.14 -33.68
C LYS A 343 -20.95 -25.64 -34.93
N CYS A 344 -19.69 -26.04 -35.06
CA CYS A 344 -18.90 -25.72 -36.24
C CYS A 344 -19.64 -26.12 -37.52
N LYS A 345 -20.07 -27.39 -37.58
CA LYS A 345 -20.83 -27.86 -38.73
C LYS A 345 -22.10 -27.03 -38.93
N VAL A 346 -22.79 -26.72 -37.85
CA VAL A 346 -24.01 -25.94 -37.91
C VAL A 346 -23.74 -24.56 -38.50
N VAL A 347 -22.71 -23.90 -37.98
CA VAL A 347 -22.35 -22.56 -38.44
C VAL A 347 -21.89 -22.59 -39.89
N GLU A 348 -21.07 -23.58 -40.24
CA GLU A 348 -20.61 -23.77 -41.61
C GLU A 348 -21.77 -23.91 -42.58
N ASP A 349 -22.68 -24.84 -42.29
CA ASP A 349 -23.82 -25.09 -43.16
C ASP A 349 -24.74 -23.88 -43.24
N LEU A 350 -24.81 -23.14 -42.13
CA LEU A 350 -25.68 -21.98 -42.07
C LEU A 350 -25.19 -20.83 -42.95
N VAL A 351 -23.90 -20.54 -42.89
CA VAL A 351 -23.35 -19.43 -43.68
C VAL A 351 -22.99 -19.84 -45.10
N SER A 352 -22.88 -21.15 -45.36
CA SER A 352 -22.76 -21.63 -46.73
C SER A 352 -24.07 -21.31 -47.45
N LYS A 353 -25.18 -21.70 -46.82
CA LYS A 353 -26.50 -21.42 -47.38
C LYS A 353 -26.69 -19.92 -47.55
N TYR A 354 -26.08 -19.14 -46.65
CA TYR A 354 -26.14 -17.68 -46.73
C TYR A 354 -25.57 -17.20 -48.05
N ALA A 355 -24.43 -17.73 -48.44
CA ALA A 355 -23.76 -17.30 -49.68
C ALA A 355 -24.62 -17.55 -50.92
N SER A 356 -25.28 -18.70 -50.97
CA SER A 356 -26.18 -19.00 -52.06
C SER A 356 -27.61 -18.63 -51.69
N SER A 357 -27.91 -17.34 -51.55
CA SER A 357 -29.28 -16.92 -51.24
C SER A 357 -29.59 -15.58 -51.89
N LEU A 358 -28.88 -14.59 -51.38
CA LEU A 358 -27.67 -13.98 -51.93
C LEU A 358 -27.04 -14.46 -53.26
N SER A 359 -27.45 -15.61 -53.76
CA SER A 359 -27.14 -16.01 -55.13
C SER A 359 -28.01 -15.15 -56.02
N THR A 360 -29.29 -15.49 -56.06
CA THR A 360 -30.26 -14.79 -56.88
C THR A 360 -30.85 -13.56 -56.16
N THR A 361 -31.15 -13.72 -54.87
CA THR A 361 -31.79 -12.65 -54.11
C THR A 361 -30.76 -11.84 -53.33
N ASN A 362 -31.25 -10.96 -52.46
CA ASN A 362 -30.39 -10.25 -51.52
C ASN A 362 -30.81 -10.57 -50.09
N LYS A 363 -31.53 -11.68 -49.94
CA LYS A 363 -31.98 -12.11 -48.63
C LYS A 363 -31.44 -13.50 -48.28
N PHE A 364 -30.94 -13.63 -47.05
CA PHE A 364 -30.54 -14.93 -46.51
C PHE A 364 -31.65 -15.96 -46.69
N SER A 365 -31.28 -17.23 -46.74
CA SER A 365 -32.25 -18.33 -46.80
C SER A 365 -33.35 -18.18 -47.88
N GLU A 366 -34.58 -18.52 -47.50
CA GLU A 366 -35.71 -18.53 -48.45
C GLU A 366 -36.95 -17.81 -47.95
N ASP A 367 -37.30 -17.99 -46.68
CA ASP A 367 -38.53 -17.43 -46.11
C ASP A 367 -38.37 -15.95 -45.79
N ASP A 368 -37.17 -15.43 -46.01
CA ASP A 368 -36.86 -14.04 -45.71
C ASP A 368 -37.39 -13.11 -46.79
N ASP A 369 -37.69 -13.67 -47.95
CA ASP A 369 -38.27 -12.92 -49.06
C ASP A 369 -39.72 -12.59 -48.77
N ASN A 370 -40.27 -13.23 -47.73
CA ASN A 370 -41.63 -12.98 -47.28
C ASN A 370 -41.69 -11.81 -46.30
N SER A 371 -40.57 -11.56 -45.63
CA SER A 371 -40.43 -10.40 -44.76
C SER A 371 -39.73 -9.27 -45.51
N GLN A 372 -39.46 -9.51 -46.79
CA GLN A 372 -38.84 -8.53 -47.70
C GLN A 372 -37.51 -7.98 -47.20
N ILE A 373 -37.26 -6.71 -47.53
CA ILE A 373 -35.98 -6.04 -47.26
C ILE A 373 -34.85 -6.72 -48.07
N GLU A 374 -33.74 -6.01 -48.27
CA GLU A 374 -32.61 -6.55 -49.02
C GLU A 374 -31.30 -6.04 -48.45
N ILE A 375 -30.18 -6.55 -48.96
CA ILE A 375 -28.87 -6.06 -48.56
C ILE A 375 -27.89 -6.11 -49.75
N PRO A 376 -27.08 -5.04 -49.92
CA PRO A 376 -26.13 -4.95 -51.04
C PRO A 376 -24.78 -5.67 -50.84
N THR A 377 -24.04 -5.28 -49.80
CA THR A 377 -22.66 -5.73 -49.61
C THR A 377 -22.49 -6.68 -48.42
N THR A 378 -23.40 -7.64 -48.29
CA THR A 378 -23.27 -8.66 -47.25
C THR A 378 -22.46 -9.84 -47.77
N LEU A 379 -22.49 -10.02 -49.09
CA LEU A 379 -21.77 -11.14 -49.69
C LEU A 379 -20.30 -11.05 -49.38
N LEU A 380 -19.77 -9.83 -49.42
CA LEU A 380 -18.36 -9.59 -49.10
C LEU A 380 -18.08 -10.23 -47.78
N TRP A 381 -18.89 -9.84 -46.80
CA TRP A 381 -18.68 -10.24 -45.42
C TRP A 381 -19.04 -11.69 -45.17
N THR A 382 -20.04 -12.19 -45.89
CA THR A 382 -20.30 -13.62 -45.88
C THR A 382 -19.09 -14.37 -46.45
N TYR A 383 -18.67 -14.00 -47.68
CA TYR A 383 -17.50 -14.57 -48.33
C TYR A 383 -16.26 -14.51 -47.43
N TYR A 384 -16.02 -13.36 -46.82
CA TYR A 384 -14.89 -13.19 -45.91
C TYR A 384 -14.96 -14.13 -44.70
N PHE A 385 -16.18 -14.30 -44.16
CA PHE A 385 -16.40 -15.25 -43.08
C PHE A 385 -16.05 -16.66 -43.56
N LEU A 386 -16.62 -17.06 -44.69
CA LEU A 386 -16.40 -18.39 -45.23
C LEU A 386 -14.93 -18.66 -45.46
N ALA A 387 -14.21 -17.63 -45.90
CA ALA A 387 -12.78 -17.75 -46.18
C ALA A 387 -12.02 -18.04 -44.90
N GLN A 388 -12.41 -17.39 -43.81
CA GLN A 388 -11.73 -17.60 -42.54
C GLN A 388 -12.13 -18.93 -41.92
N HIS A 389 -13.37 -19.33 -42.18
CA HIS A 389 -13.88 -20.58 -41.64
C HIS A 389 -13.10 -21.72 -42.25
N PHE A 390 -13.06 -21.75 -43.57
CA PHE A 390 -12.45 -22.88 -44.25
C PHE A 390 -10.93 -22.93 -44.08
N ASP A 391 -10.32 -21.77 -43.83
CA ASP A 391 -8.91 -21.75 -43.46
C ASP A 391 -8.72 -22.39 -42.09
N HIS A 392 -9.60 -22.03 -41.15
CA HIS A 392 -9.55 -22.59 -39.81
C HIS A 392 -9.75 -24.10 -39.82
N VAL A 393 -10.74 -24.56 -40.59
CA VAL A 393 -11.11 -25.96 -40.66
C VAL A 393 -10.14 -26.78 -41.53
N GLY A 394 -9.37 -26.08 -42.36
CA GLY A 394 -8.28 -26.74 -43.06
C GLY A 394 -8.55 -27.09 -44.51
N GLU A 395 -9.62 -26.55 -45.08
CA GLU A 395 -9.96 -26.83 -46.46
C GLU A 395 -8.92 -26.24 -47.42
N LEU A 396 -8.74 -24.94 -47.35
CA LEU A 396 -7.70 -24.23 -48.13
C LEU A 396 -8.07 -24.00 -49.60
N GLU A 397 -8.56 -25.03 -50.27
CA GLU A 397 -9.00 -24.84 -51.63
C GLU A 397 -10.29 -24.04 -51.61
N LYS A 398 -11.26 -24.52 -50.83
CA LYS A 398 -12.52 -23.82 -50.65
C LYS A 398 -12.21 -22.43 -50.12
N ALA A 399 -11.32 -22.37 -49.14
CA ALA A 399 -10.95 -21.12 -48.51
C ALA A 399 -10.47 -20.12 -49.55
N GLU A 400 -9.49 -20.53 -50.36
CA GLU A 400 -8.90 -19.63 -51.35
C GLU A 400 -9.91 -19.14 -52.41
N LYS A 401 -10.84 -20.00 -52.79
CA LYS A 401 -11.91 -19.59 -53.69
C LYS A 401 -12.75 -18.47 -53.06
N TYR A 402 -12.95 -18.51 -51.75
CA TYR A 402 -13.80 -17.51 -51.10
C TYR A 402 -13.13 -16.14 -50.95
N VAL A 403 -11.86 -16.10 -50.53
CA VAL A 403 -11.12 -14.83 -50.52
C VAL A 403 -11.04 -14.22 -51.91
N ASP A 404 -10.80 -15.08 -52.89
CA ASP A 404 -10.75 -14.61 -54.26
C ASP A 404 -12.07 -13.96 -54.64
N LEU A 405 -13.18 -14.61 -54.28
CA LEU A 405 -14.50 -14.06 -54.54
C LEU A 405 -14.63 -12.69 -53.87
N ALA A 406 -14.07 -12.57 -52.68
CA ALA A 406 -14.17 -11.35 -51.91
C ALA A 406 -13.30 -10.26 -52.49
N ILE A 407 -12.06 -10.61 -52.81
CA ILE A 407 -11.13 -9.67 -53.43
C ILE A 407 -11.64 -9.15 -54.78
N ASP A 408 -12.31 -10.01 -55.55
CA ASP A 408 -12.87 -9.60 -56.84
C ASP A 408 -13.98 -8.56 -56.63
N HIS A 409 -14.64 -8.64 -55.48
CA HIS A 409 -15.75 -7.76 -55.16
C HIS A 409 -15.24 -6.38 -54.78
N THR A 410 -14.26 -6.36 -53.89
CA THR A 410 -13.70 -5.12 -53.36
C THR A 410 -12.21 -5.32 -53.02
N PRO A 411 -11.35 -4.98 -53.98
CA PRO A 411 -9.91 -5.31 -53.94
C PRO A 411 -9.10 -4.36 -53.08
N THR A 412 -9.77 -3.43 -52.43
CA THR A 412 -9.05 -2.42 -51.67
C THR A 412 -9.06 -2.68 -50.16
N LEU A 413 -9.71 -3.78 -49.75
CA LEU A 413 -9.94 -4.16 -48.34
C LEU A 413 -8.80 -5.00 -47.75
N VAL A 414 -8.06 -4.41 -46.82
CA VAL A 414 -6.85 -5.01 -46.22
C VAL A 414 -6.99 -6.42 -45.66
N GLU A 415 -8.09 -6.66 -44.97
CA GLU A 415 -8.29 -7.92 -44.25
C GLU A 415 -8.33 -9.10 -45.23
N LEU A 416 -8.93 -8.87 -46.39
CA LEU A 416 -9.10 -9.90 -47.41
C LEU A 416 -7.74 -10.44 -47.81
N PHE A 417 -6.77 -9.55 -47.90
CA PHE A 417 -5.42 -9.95 -48.27
C PHE A 417 -4.65 -10.59 -47.13
N MET A 418 -4.94 -10.13 -45.92
CA MET A 418 -4.40 -10.78 -44.72
C MET A 418 -4.76 -12.24 -44.72
N THR A 419 -6.03 -12.53 -44.94
CA THR A 419 -6.54 -13.90 -44.94
C THR A 419 -5.91 -14.71 -46.08
N LYS A 420 -5.78 -14.10 -47.26
CA LYS A 420 -5.22 -14.82 -48.39
C LYS A 420 -3.77 -15.22 -48.14
N ALA A 421 -3.03 -14.36 -47.47
CA ALA A 421 -1.66 -14.68 -47.09
C ALA A 421 -1.59 -15.89 -46.17
N ARG A 422 -2.50 -15.96 -45.19
CA ARG A 422 -2.50 -17.06 -44.22
C ARG A 422 -2.79 -18.37 -44.92
N ILE A 423 -3.78 -18.34 -45.80
CA ILE A 423 -4.14 -19.50 -46.60
C ILE A 423 -2.92 -19.99 -47.37
N SER A 424 -2.17 -19.04 -47.91
CA SER A 424 -0.93 -19.39 -48.60
C SER A 424 0.10 -19.99 -47.65
N LYS A 425 0.24 -19.39 -46.47
CA LYS A 425 1.11 -19.93 -45.44
C LYS A 425 0.76 -21.37 -45.15
N HIS A 426 -0.54 -21.65 -45.04
CA HIS A 426 -1.00 -22.99 -44.71
C HIS A 426 -0.77 -23.96 -45.86
N LYS A 427 -0.75 -23.44 -47.09
CA LYS A 427 -0.44 -24.27 -48.25
C LYS A 427 1.05 -24.58 -48.34
N GLY A 428 1.86 -23.91 -47.52
CA GLY A 428 3.30 -24.09 -47.52
C GLY A 428 4.02 -23.17 -48.50
N GLU A 429 3.26 -22.27 -49.11
CA GLU A 429 3.82 -21.29 -50.03
C GLU A 429 4.25 -19.99 -49.36
N LEU A 430 5.34 -20.06 -48.60
CA LEU A 430 5.88 -18.94 -47.86
C LEU A 430 6.22 -17.70 -48.71
N GLN A 431 6.84 -17.90 -49.88
CA GLN A 431 7.20 -16.76 -50.71
C GLN A 431 5.98 -15.93 -51.10
N THR A 432 4.90 -16.57 -51.54
CA THR A 432 3.71 -15.78 -51.91
C THR A 432 2.90 -15.29 -50.69
N ALA A 433 2.98 -16.00 -49.57
CA ALA A 433 2.37 -15.49 -48.33
C ALA A 433 3.04 -14.14 -48.08
N MET A 434 4.36 -14.14 -48.11
CA MET A 434 5.11 -12.90 -47.90
C MET A 434 4.76 -11.80 -48.90
N GLU A 435 4.61 -12.14 -50.17
CA GLU A 435 4.23 -11.14 -51.15
C GLU A 435 2.84 -10.62 -50.87
N ILE A 436 1.91 -11.51 -50.55
CA ILE A 436 0.54 -11.09 -50.33
C ILE A 436 0.42 -10.24 -49.08
N MET A 437 1.25 -10.52 -48.08
CA MET A 437 1.17 -9.69 -46.90
C MET A 437 1.74 -8.30 -47.14
N ASP A 438 2.74 -8.22 -48.00
CA ASP A 438 3.31 -6.93 -48.36
C ASP A 438 2.29 -6.09 -49.12
N HIS A 439 1.45 -6.75 -49.91
CA HIS A 439 0.38 -6.07 -50.61
C HIS A 439 -0.66 -5.59 -49.60
N ALA A 440 -0.91 -6.40 -48.57
CA ALA A 440 -1.81 -5.99 -47.51
C ALA A 440 -1.27 -4.73 -46.85
N ARG A 441 0.01 -4.77 -46.51
CA ARG A 441 0.65 -3.62 -45.91
C ARG A 441 0.56 -2.39 -46.79
N LYS A 442 0.77 -2.56 -48.10
CA LYS A 442 0.72 -1.46 -49.06
C LYS A 442 -0.63 -0.78 -49.04
N LEU A 443 -1.69 -1.54 -48.77
CA LEU A 443 -3.01 -0.95 -48.73
C LEU A 443 -3.24 -0.06 -47.50
N ASP A 444 -2.25 0.02 -46.60
CA ASP A 444 -2.37 0.83 -45.38
C ASP A 444 -1.02 1.20 -44.76
N LEU A 445 -0.30 2.13 -45.40
CA LEU A 445 1.05 2.47 -44.95
C LEU A 445 1.13 3.16 -43.58
N GLN A 446 0.00 3.65 -43.06
CA GLN A 446 0.06 4.38 -41.77
C GLN A 446 -0.14 3.51 -40.53
N ASP A 447 -0.46 2.23 -40.73
CA ASP A 447 -0.79 1.29 -39.68
C ASP A 447 0.35 0.37 -39.29
N ARG A 448 0.96 0.62 -38.14
CA ARG A 448 2.06 -0.20 -37.65
C ARG A 448 1.75 -1.70 -37.58
N PHE A 449 0.47 -2.04 -37.34
CA PHE A 449 0.09 -3.44 -37.15
C PHE A 449 0.39 -4.21 -38.42
N ILE A 450 -0.25 -3.81 -39.51
CA ILE A 450 -0.11 -4.54 -40.76
C ILE A 450 1.35 -4.57 -41.25
N ASN A 451 2.06 -3.48 -41.02
CA ASN A 451 3.49 -3.47 -41.10
C ASN A 451 4.15 -4.64 -40.36
N GLY A 452 3.76 -4.84 -39.11
CA GLY A 452 4.30 -5.92 -38.27
C GLY A 452 3.99 -7.30 -38.81
N LYS A 453 2.74 -7.49 -39.21
CA LYS A 453 2.35 -8.76 -39.79
C LYS A 453 3.23 -9.04 -41.01
N CYS A 454 3.45 -8.00 -41.82
CA CYS A 454 4.23 -8.15 -43.02
C CYS A 454 5.64 -8.59 -42.65
N ALA A 455 6.23 -7.93 -41.66
CA ALA A 455 7.59 -8.29 -41.28
C ALA A 455 7.68 -9.71 -40.76
N LYS A 456 6.61 -10.17 -40.11
CA LYS A 456 6.61 -11.50 -39.55
C LYS A 456 6.68 -12.51 -40.67
N TYR A 457 5.85 -12.29 -41.67
CA TYR A 457 5.75 -13.19 -42.81
C TYR A 457 7.08 -13.25 -43.57
N MET A 458 7.75 -12.10 -43.64
CA MET A 458 9.09 -12.00 -44.18
C MET A 458 10.08 -12.83 -43.38
N LEU A 459 10.03 -12.69 -42.06
CA LEU A 459 10.87 -13.53 -41.18
C LEU A 459 10.57 -15.03 -41.35
N ARG A 460 9.30 -15.37 -41.57
CA ARG A 460 8.91 -16.75 -41.73
C ARG A 460 9.52 -17.31 -43.01
N ASN A 461 9.74 -16.42 -43.96
CA ASN A 461 10.30 -16.76 -45.23
C ASN A 461 11.83 -16.56 -45.27
N ASP A 462 12.42 -16.27 -44.12
CA ASP A 462 13.87 -16.14 -43.95
C ASP A 462 14.47 -14.95 -44.69
N GLU A 463 13.67 -13.91 -44.82
CA GLU A 463 14.10 -12.66 -45.41
C GLU A 463 14.36 -11.63 -44.30
N ASN A 464 15.36 -11.90 -43.47
CA ASN A 464 15.66 -11.07 -42.31
C ASN A 464 15.85 -9.58 -42.59
N GLU A 465 16.69 -9.25 -43.56
CA GLU A 465 17.05 -7.87 -43.85
C GLU A 465 15.89 -7.10 -44.43
N LEU A 466 15.07 -7.80 -45.21
CA LEU A 466 13.88 -7.19 -45.78
C LEU A 466 12.92 -6.83 -44.64
N ALA A 467 12.74 -7.75 -43.71
CA ALA A 467 11.94 -7.50 -42.53
C ALA A 467 12.44 -6.30 -41.72
N ALA A 468 13.74 -6.27 -41.46
CA ALA A 468 14.31 -5.15 -40.72
C ALA A 468 14.15 -3.82 -41.48
N LYS A 469 14.21 -3.86 -42.81
CA LYS A 469 13.97 -2.64 -43.58
C LYS A 469 12.50 -2.27 -43.46
N THR A 470 11.63 -3.26 -43.44
CA THR A 470 10.20 -3.02 -43.36
C THR A 470 9.81 -2.35 -42.01
N VAL A 471 10.28 -2.91 -40.90
CA VAL A 471 9.89 -2.36 -39.60
C VAL A 471 10.60 -1.03 -39.33
N SER A 472 11.65 -0.75 -40.10
CA SER A 472 12.38 0.51 -39.96
C SER A 472 11.47 1.73 -40.21
N LEU A 473 10.36 1.48 -40.89
CA LEU A 473 9.35 2.51 -41.15
C LEU A 473 8.64 3.00 -39.86
N PHE A 474 8.68 2.19 -38.79
CA PHE A 474 7.95 2.56 -37.57
C PHE A 474 8.79 2.71 -36.30
N THR A 475 10.07 2.35 -36.34
CA THR A 475 10.91 2.36 -35.15
C THR A 475 11.56 3.71 -34.89
N ARG A 476 12.22 3.82 -33.74
CA ARG A 476 13.02 4.99 -33.41
C ARG A 476 14.45 4.58 -33.73
N ASN A 477 14.96 5.07 -34.83
CA ASN A 477 16.16 4.48 -35.39
C ASN A 477 17.46 5.03 -34.79
N GLU A 478 17.33 6.04 -33.96
CA GLU A 478 18.47 6.80 -33.45
C GLU A 478 19.53 5.97 -32.72
N ALA A 479 19.16 4.80 -32.25
CA ALA A 479 20.11 3.92 -31.55
C ALA A 479 19.32 2.71 -31.15
N VAL A 480 19.98 1.58 -30.93
CA VAL A 480 21.39 1.37 -31.21
C VAL A 480 21.48 0.91 -32.64
N GLY A 481 21.44 -0.41 -32.82
CA GLY A 481 21.50 -1.04 -34.14
C GLY A 481 20.22 -0.90 -34.96
N GLY A 482 19.83 0.34 -35.24
CA GLY A 482 18.66 0.66 -36.03
C GLY A 482 17.38 0.02 -35.52
N ALA A 483 16.44 -0.18 -36.43
CA ALA A 483 15.13 -0.71 -36.13
C ALA A 483 15.16 -1.91 -35.18
N VAL A 484 16.06 -2.84 -35.45
CA VAL A 484 16.09 -4.10 -34.73
C VAL A 484 16.63 -3.85 -33.34
N GLY A 485 17.55 -2.90 -33.23
CA GLY A 485 18.11 -2.56 -31.94
C GLY A 485 17.10 -1.81 -31.06
N ASP A 486 16.20 -1.07 -31.69
CA ASP A 486 15.17 -0.35 -30.96
C ASP A 486 14.11 -1.32 -30.53
N LEU A 487 13.83 -2.31 -31.38
CA LEU A 487 12.87 -3.33 -31.05
C LEU A 487 13.37 -4.13 -29.84
N ALA A 488 14.68 -4.26 -29.70
CA ALA A 488 15.21 -4.92 -28.52
C ALA A 488 15.06 -4.04 -27.27
N ASP A 489 15.48 -2.77 -27.37
CA ASP A 489 15.30 -1.79 -26.29
C ASP A 489 13.87 -1.73 -25.78
N MET A 490 12.90 -1.83 -26.68
CA MET A 490 11.50 -1.74 -26.31
C MET A 490 10.88 -3.12 -25.98
N GLN A 491 11.75 -4.09 -25.83
CA GLN A 491 11.38 -5.40 -25.33
C GLN A 491 10.35 -6.10 -26.21
N CYS A 492 10.49 -5.93 -27.52
CA CYS A 492 9.62 -6.62 -28.45
C CYS A 492 9.98 -8.10 -28.57
N LEU A 493 9.27 -8.93 -27.81
CA LEU A 493 9.57 -10.33 -27.70
C LEU A 493 9.35 -11.08 -28.99
N TRP A 494 8.21 -10.84 -29.63
CA TRP A 494 7.85 -11.62 -30.81
C TRP A 494 8.84 -11.44 -31.96
N TYR A 495 9.33 -10.21 -32.16
CA TYR A 495 10.25 -9.98 -33.26
C TYR A 495 11.55 -10.70 -32.97
N MET A 496 12.04 -10.59 -31.74
CA MET A 496 13.33 -11.24 -31.45
C MET A 496 13.22 -12.76 -31.61
N LEU A 497 12.04 -13.30 -31.31
CA LEU A 497 11.84 -14.74 -31.38
C LEU A 497 11.78 -15.21 -32.83
N GLU A 498 11.04 -14.48 -33.66
CA GLU A 498 10.85 -14.87 -35.04
C GLU A 498 12.16 -14.70 -35.82
N ASP A 499 12.88 -13.63 -35.54
CA ASP A 499 14.20 -13.40 -36.10
C ASP A 499 15.16 -14.49 -35.69
N GLY A 500 15.16 -14.86 -34.42
CA GLY A 500 16.07 -15.87 -33.91
C GLY A 500 15.80 -17.23 -34.55
N LYS A 501 14.53 -17.55 -34.71
CA LYS A 501 14.15 -18.83 -35.24
C LYS A 501 14.52 -18.91 -36.70
N SER A 502 14.47 -17.75 -37.37
CA SER A 502 14.81 -17.65 -38.77
C SER A 502 16.29 -17.85 -38.97
N PHE A 503 17.08 -17.15 -38.16
CA PHE A 503 18.53 -17.33 -38.22
C PHE A 503 18.92 -18.76 -37.90
N ALA A 504 18.22 -19.38 -36.94
CA ALA A 504 18.51 -20.75 -36.54
C ALA A 504 18.33 -21.70 -37.71
N ARG A 505 17.23 -21.54 -38.43
CA ARG A 505 16.95 -22.52 -39.45
C ARG A 505 17.72 -22.30 -40.76
N GLN A 506 18.44 -21.18 -40.84
CA GLN A 506 19.42 -20.95 -41.88
C GLN A 506 20.83 -21.25 -41.37
N LYS A 507 20.91 -21.81 -40.17
CA LYS A 507 22.19 -22.14 -39.54
C LYS A 507 23.07 -20.93 -39.28
N LYS A 508 22.48 -19.75 -39.29
CA LYS A 508 23.22 -18.55 -38.86
C LYS A 508 23.14 -18.49 -37.35
N PHE A 509 23.94 -19.34 -36.70
CA PHE A 509 23.81 -19.58 -35.27
C PHE A 509 24.13 -18.40 -34.38
N ALA A 510 25.22 -17.70 -34.69
CA ALA A 510 25.65 -16.56 -33.87
C ALA A 510 24.54 -15.53 -33.76
N LEU A 511 23.86 -15.28 -34.87
CA LEU A 511 22.74 -14.37 -34.88
C LEU A 511 21.55 -14.94 -34.13
N ALA A 512 21.31 -16.24 -34.27
CA ALA A 512 20.19 -16.88 -33.60
C ALA A 512 20.39 -16.80 -32.11
N LEU A 513 21.55 -17.23 -31.65
CA LEU A 513 21.90 -17.08 -30.24
C LEU A 513 21.73 -15.64 -29.75
N LYS A 514 22.15 -14.70 -30.57
CA LYS A 514 22.06 -13.29 -30.24
C LYS A 514 20.63 -12.90 -29.94
N ARG A 515 19.73 -13.20 -30.88
CA ARG A 515 18.35 -12.78 -30.76
C ARG A 515 17.70 -13.45 -29.56
N PHE A 516 17.99 -14.73 -29.38
CA PHE A 516 17.44 -15.44 -28.25
C PHE A 516 17.97 -14.80 -26.97
N SER A 517 19.26 -14.51 -26.92
CA SER A 517 19.83 -13.91 -25.72
C SER A 517 19.15 -12.58 -25.39
N THR A 518 18.59 -11.92 -26.40
CA THR A 518 17.90 -10.67 -26.15
C THR A 518 16.58 -10.95 -25.43
N VAL A 519 15.99 -12.10 -25.71
CA VAL A 519 14.78 -12.51 -25.00
C VAL A 519 15.13 -12.79 -23.55
N PHE A 520 16.28 -13.41 -23.33
CA PHE A 520 16.74 -13.64 -21.97
C PHE A 520 16.89 -12.31 -21.27
N LYS A 521 17.49 -11.34 -21.96
CA LYS A 521 17.77 -10.07 -21.33
C LYS A 521 16.46 -9.36 -20.96
N ILE A 522 15.43 -9.54 -21.78
CA ILE A 522 14.17 -8.83 -21.60
C ILE A 522 13.45 -9.38 -20.35
N PHE A 523 13.51 -10.70 -20.22
CA PHE A 523 12.95 -11.35 -19.06
C PHE A 523 13.75 -10.99 -17.82
N ASP A 524 15.07 -11.05 -17.89
CA ASP A 524 15.88 -10.63 -16.74
C ASP A 524 15.53 -9.20 -16.35
N THR A 525 15.26 -8.36 -17.35
CA THR A 525 14.99 -6.97 -17.05
C THR A 525 13.65 -6.87 -16.33
N TRP A 526 12.70 -7.71 -16.74
CA TRP A 526 11.39 -7.72 -16.13
C TRP A 526 11.51 -8.15 -14.66
N ALA A 527 12.20 -9.25 -14.43
CA ALA A 527 12.43 -9.75 -13.08
C ALA A 527 13.04 -8.66 -12.19
N ASP A 528 13.86 -7.81 -12.78
CA ASP A 528 14.61 -6.84 -12.01
C ASP A 528 13.81 -5.55 -11.77
N ASP A 529 12.77 -5.32 -12.56
CA ASP A 529 12.10 -4.03 -12.54
C ASP A 529 11.32 -3.76 -11.26
N GLN A 530 10.98 -4.84 -10.54
CA GLN A 530 10.20 -4.73 -9.32
C GLN A 530 11.02 -4.05 -8.24
N PHE A 531 12.34 -4.22 -8.33
CA PHE A 531 13.28 -3.74 -7.30
C PHE A 531 12.97 -2.41 -6.64
N ASP A 532 12.82 -1.35 -7.40
CA ASP A 532 12.56 -0.05 -6.81
C ASP A 532 11.18 -0.02 -6.18
N PHE A 533 10.32 -0.96 -6.56
CA PHE A 533 8.97 -0.93 -6.03
C PHE A 533 8.84 -1.50 -4.62
N HIS A 534 9.89 -2.19 -4.14
CA HIS A 534 9.91 -2.63 -2.75
C HIS A 534 10.08 -1.44 -1.83
N PHE A 535 10.22 -0.27 -2.41
CA PHE A 535 10.24 0.96 -1.65
C PHE A 535 9.06 1.79 -2.11
N PHE A 536 8.95 1.95 -3.42
CA PHE A 536 8.02 2.91 -3.98
C PHE A 536 6.57 2.53 -3.72
N ALA A 537 6.28 1.24 -3.68
CA ALA A 537 4.89 0.80 -3.45
C ALA A 537 4.30 1.22 -2.09
N PHE A 538 5.10 1.14 -1.04
CA PHE A 538 4.70 1.59 0.28
C PHE A 538 4.64 3.10 0.40
N ARG A 539 5.33 3.80 -0.47
CA ARG A 539 5.26 5.25 -0.40
C ARG A 539 3.97 5.72 -1.07
N LYS A 540 3.48 4.95 -2.02
CA LYS A 540 2.18 5.25 -2.63
C LYS A 540 1.08 4.61 -1.81
N GLY A 541 1.37 3.44 -1.22
CA GLY A 541 0.40 2.74 -0.42
C GLY A 541 -0.46 1.80 -1.25
N SER A 542 0.13 1.18 -2.26
CA SER A 542 -0.64 0.29 -3.13
C SER A 542 -0.40 -1.16 -2.76
N LEU A 543 -0.90 -1.54 -1.59
CA LEU A 543 -0.53 -2.79 -0.98
C LEU A 543 -1.06 -4.02 -1.71
N ARG A 544 -2.34 -4.05 -2.03
CA ARG A 544 -2.86 -5.20 -2.79
C ARG A 544 -2.14 -5.31 -4.15
N THR A 545 -1.93 -4.18 -4.83
CA THR A 545 -1.21 -4.22 -6.12
C THR A 545 0.23 -4.68 -5.94
N TYR A 546 0.91 -4.20 -4.90
CA TYR A 546 2.24 -4.70 -4.61
C TYR A 546 2.26 -6.21 -4.47
N LEU A 547 1.25 -6.77 -3.77
CA LEU A 547 1.17 -8.21 -3.58
C LEU A 547 1.09 -8.92 -4.95
N ASP A 548 0.27 -8.39 -5.85
CA ASP A 548 0.16 -8.96 -7.19
C ASP A 548 1.49 -8.95 -7.94
N LEU A 549 2.22 -7.85 -7.80
CA LEU A 549 3.55 -7.71 -8.34
C LEU A 549 4.46 -8.83 -7.89
N MET A 550 4.49 -9.05 -6.59
CA MET A 550 5.36 -10.08 -6.02
C MET A 550 5.06 -11.47 -6.53
N SER A 551 3.79 -11.79 -6.76
CA SER A 551 3.47 -13.14 -7.21
C SER A 551 3.53 -13.31 -8.72
N TRP A 552 3.33 -12.22 -9.45
CA TRP A 552 3.62 -12.22 -10.90
C TRP A 552 5.11 -12.50 -11.08
N GLU A 553 5.93 -11.72 -10.40
CA GLU A 553 7.36 -11.88 -10.46
C GLU A 553 7.87 -13.28 -10.16
N ASP A 554 7.18 -13.94 -9.24
CA ASP A 554 7.63 -15.23 -8.76
C ASP A 554 7.63 -16.29 -9.86
N SER A 555 6.84 -16.04 -10.90
CA SER A 555 6.75 -16.97 -12.02
C SER A 555 6.91 -16.26 -13.39
N VAL A 556 7.64 -15.15 -13.43
CA VAL A 556 7.71 -14.34 -14.64
C VAL A 556 8.38 -15.10 -15.80
N TYR A 557 9.31 -15.99 -15.48
CA TYR A 557 9.97 -16.84 -16.46
C TYR A 557 9.16 -18.02 -16.96
N ASP A 558 7.95 -18.18 -16.45
CA ASP A 558 7.12 -19.30 -16.84
C ASP A 558 6.25 -18.83 -17.98
N ASP A 559 6.88 -18.70 -19.14
CA ASP A 559 6.28 -18.04 -20.29
C ASP A 559 6.65 -18.73 -21.61
N PRO A 560 5.69 -18.87 -22.52
CA PRO A 560 5.91 -19.38 -23.87
C PRO A 560 7.14 -18.80 -24.55
N SER A 561 7.28 -17.48 -24.49
CA SER A 561 8.39 -16.81 -25.19
C SER A 561 9.72 -17.14 -24.56
N PHE A 562 9.76 -17.20 -23.24
CA PHE A 562 11.05 -17.50 -22.65
C PHE A 562 11.41 -18.93 -22.96
N ARG A 563 10.40 -19.80 -22.91
CA ARG A 563 10.57 -21.21 -23.21
C ARG A 563 11.16 -21.37 -24.59
N GLU A 564 10.49 -20.78 -25.57
CA GLU A 564 10.91 -20.87 -26.96
C GLU A 564 12.35 -20.42 -27.15
N ALA A 565 12.74 -19.34 -26.49
CA ALA A 565 14.11 -18.82 -26.65
C ALA A 565 15.13 -19.77 -26.01
N ALA A 566 14.81 -20.27 -24.82
CA ALA A 566 15.69 -21.19 -24.11
C ALA A 566 15.83 -22.49 -24.89
N GLN A 567 14.71 -22.98 -25.38
CA GLN A 567 14.68 -24.18 -26.16
C GLN A 567 15.63 -24.02 -27.36
N GLY A 568 15.37 -22.97 -28.16
CA GLY A 568 16.19 -22.64 -29.32
C GLY A 568 17.66 -22.62 -28.98
N SER A 569 18.02 -21.95 -27.89
CA SER A 569 19.42 -21.84 -27.53
C SER A 569 20.04 -23.19 -27.23
N ILE A 570 19.37 -23.97 -26.41
CA ILE A 570 19.85 -25.31 -26.07
C ILE A 570 20.11 -26.17 -27.33
N GLU A 571 19.17 -26.15 -28.27
CA GLU A 571 19.34 -26.94 -29.48
C GLU A 571 20.60 -26.55 -30.26
N ILE A 572 20.87 -25.24 -30.33
CA ILE A 572 22.07 -24.73 -30.98
C ILE A 572 23.32 -25.08 -30.19
N TYR A 573 23.26 -24.96 -28.86
CA TYR A 573 24.39 -25.39 -28.04
C TYR A 573 24.67 -26.90 -28.23
N PHE A 574 23.62 -27.67 -28.47
CA PHE A 574 23.79 -29.10 -28.75
C PHE A 574 24.55 -29.30 -30.05
N ALA A 575 24.16 -28.53 -31.08
CA ALA A 575 24.83 -28.59 -32.37
C ALA A 575 26.26 -28.14 -32.19
N LEU A 576 26.47 -27.10 -31.38
CA LEU A 576 27.82 -26.61 -31.12
C LEU A 576 28.71 -27.69 -30.51
N PHE A 577 28.12 -28.54 -29.67
CA PHE A 577 28.85 -29.64 -29.04
C PHE A 577 29.09 -30.75 -30.03
N ASP A 578 28.07 -31.04 -30.84
CA ASP A 578 28.15 -32.15 -31.77
C ASP A 578 29.09 -31.89 -32.95
N LEU A 579 28.77 -30.88 -33.74
CA LEU A 579 29.51 -30.58 -34.97
C LEU A 579 30.61 -29.53 -34.76
N PRO A 580 31.85 -29.90 -35.11
CA PRO A 580 32.98 -28.98 -34.95
C PRO A 580 32.96 -27.82 -35.98
N PHE A 581 32.05 -27.86 -36.94
CA PHE A 581 31.93 -26.77 -37.90
C PHE A 581 30.76 -25.82 -37.59
N ALA A 582 29.98 -26.17 -36.58
CA ALA A 582 28.81 -25.39 -36.23
C ALA A 582 29.16 -23.98 -35.83
N LYS A 583 30.30 -23.82 -35.15
CA LYS A 583 30.72 -22.50 -34.64
C LYS A 583 31.05 -21.48 -35.73
N TYR A 584 31.16 -21.94 -36.98
CA TYR A 584 31.47 -21.01 -38.06
C TYR A 584 30.20 -20.54 -38.74
N SER A 585 29.06 -20.91 -38.16
CA SER A 585 27.73 -20.60 -38.72
C SER A 585 27.72 -20.80 -40.25
N PRO A 586 27.99 -22.03 -40.68
CA PRO A 586 28.16 -22.25 -42.13
C PRO A 586 26.84 -22.02 -42.84
N LYS A 587 26.90 -21.61 -44.10
CA LYS A 587 25.68 -21.45 -44.88
C LYS A 587 25.08 -22.85 -45.05
N LEU A 588 23.76 -22.91 -45.16
CA LEU A 588 23.05 -24.19 -45.26
C LEU A 588 23.65 -25.21 -46.26
N PRO A 589 24.03 -24.77 -47.47
CA PRO A 589 24.64 -25.78 -48.36
C PRO A 589 25.97 -26.35 -47.86
N ASP A 590 26.80 -25.53 -47.23
CA ASP A 590 28.07 -26.00 -46.66
C ASP A 590 27.82 -26.87 -45.43
N PHE A 591 26.75 -26.54 -44.71
CA PHE A 591 26.39 -27.24 -43.48
C PHE A 591 26.00 -28.67 -43.81
N GLU A 592 25.37 -28.86 -44.96
CA GLU A 592 24.86 -30.17 -45.33
C GLU A 592 25.93 -31.08 -45.92
N LYS A 593 26.85 -30.49 -46.69
CA LYS A 593 28.01 -31.22 -47.20
C LYS A 593 28.88 -31.76 -46.06
N LEU A 594 29.16 -30.90 -45.08
CA LEU A 594 29.96 -31.27 -43.93
C LEU A 594 29.22 -32.20 -42.96
N SER A 595 27.89 -32.25 -43.06
CA SER A 595 27.07 -33.05 -42.15
C SER A 595 26.86 -34.45 -42.70
N SER A 596 27.02 -34.60 -44.01
CA SER A 596 26.81 -35.88 -44.66
C SER A 596 28.09 -36.72 -44.70
N GLY A 597 29.23 -36.06 -44.50
CA GLY A 597 30.52 -36.72 -44.43
C GLY A 597 30.88 -37.63 -45.59
N GLU A 598 30.40 -37.28 -46.79
CA GLU A 598 30.66 -38.09 -47.97
C GLU A 598 31.74 -37.47 -48.84
N ILE A 599 32.16 -36.27 -48.47
CA ILE A 599 33.16 -35.52 -49.22
C ILE A 599 34.57 -35.91 -48.79
N ASN A 600 35.55 -35.72 -49.69
CA ASN A 600 36.94 -36.04 -49.37
C ASN A 600 37.62 -34.97 -48.53
N GLU A 601 38.85 -35.25 -48.11
CA GLU A 601 39.61 -34.29 -47.32
C GLU A 601 39.98 -33.06 -48.15
N GLU A 602 40.00 -33.22 -49.47
CA GLU A 602 40.33 -32.10 -50.38
C GLU A 602 39.25 -31.03 -50.32
N GLU A 603 37.99 -31.46 -50.44
CA GLU A 603 36.87 -30.53 -50.38
C GLU A 603 36.58 -30.06 -48.96
N GLU A 604 36.70 -30.98 -48.00
CA GLU A 604 36.50 -30.64 -46.61
C GLU A 604 37.46 -29.55 -46.13
N LYS A 605 38.74 -29.67 -46.48
CA LYS A 605 39.74 -28.69 -46.08
C LYS A 605 39.42 -27.32 -46.66
N LYS A 606 38.93 -27.33 -47.90
CA LYS A 606 38.59 -26.09 -48.61
C LYS A 606 37.44 -25.36 -47.94
N ILE A 607 36.40 -26.11 -47.58
CA ILE A 607 35.24 -25.53 -46.89
C ILE A 607 35.63 -24.86 -45.58
N TYR A 608 36.52 -25.50 -44.82
CA TYR A 608 36.94 -24.92 -43.55
C TYR A 608 37.72 -23.62 -43.73
N LYS A 609 38.67 -23.60 -44.67
CA LYS A 609 39.44 -22.40 -44.96
C LYS A 609 38.52 -21.24 -45.30
N LYS A 610 37.48 -21.54 -46.06
CA LYS A 610 36.48 -20.54 -46.43
C LYS A 610 35.69 -20.11 -45.21
N LEU A 611 35.19 -21.07 -44.45
CA LEU A 611 34.42 -20.80 -43.24
C LEU A 611 35.20 -19.91 -42.27
N LYS A 612 36.50 -20.17 -42.14
CA LYS A 612 37.35 -19.38 -41.26
C LYS A 612 37.49 -17.94 -41.75
N LYS A 613 37.78 -17.77 -43.05
CA LYS A 613 37.95 -16.44 -43.61
C LYS A 613 36.67 -15.61 -43.46
N ASP A 614 35.52 -16.25 -43.67
CA ASP A 614 34.23 -15.60 -43.52
C ASP A 614 33.96 -15.17 -42.08
N LEU A 615 34.40 -15.98 -41.13
CA LEU A 615 34.27 -15.64 -39.71
C LEU A 615 35.15 -14.44 -39.36
N SER A 616 36.34 -14.40 -39.97
CA SER A 616 37.25 -13.28 -39.78
C SER A 616 36.57 -11.99 -40.16
N LYS A 617 35.90 -12.00 -41.30
CA LYS A 617 35.22 -10.80 -41.79
C LYS A 617 34.06 -10.41 -40.88
N ARG A 618 33.33 -11.40 -40.39
CA ARG A 618 32.25 -11.12 -39.45
C ARG A 618 32.80 -10.50 -38.17
N LEU A 619 33.90 -11.06 -37.67
CA LEU A 619 34.56 -10.52 -36.49
C LEU A 619 35.02 -9.08 -36.75
N GLU A 620 35.71 -8.88 -37.87
CA GLU A 620 36.16 -7.56 -38.30
C GLU A 620 34.98 -6.61 -38.36
N ARG A 621 33.85 -7.10 -38.88
CA ARG A 621 32.65 -6.29 -39.01
C ARG A 621 32.11 -5.91 -37.64
N ALA A 622 32.19 -6.81 -36.68
CA ALA A 622 31.67 -6.55 -35.34
C ALA A 622 32.49 -5.49 -34.63
N GLU A 623 33.79 -5.47 -34.87
CA GLU A 623 34.62 -4.41 -34.30
C GLU A 623 34.16 -3.04 -34.78
N LYS A 624 33.81 -2.93 -36.05
CA LYS A 624 33.41 -1.63 -36.58
C LYS A 624 32.09 -1.22 -35.93
N LEU A 625 31.21 -2.20 -35.72
CA LEU A 625 29.95 -1.94 -35.05
C LEU A 625 30.13 -1.40 -33.63
N LYS A 626 31.06 -2.02 -32.89
CA LYS A 626 31.36 -1.58 -31.53
C LYS A 626 31.89 -0.15 -31.50
N GLU A 627 32.82 0.14 -32.41
CA GLU A 627 33.36 1.48 -32.56
C GLU A 627 32.24 2.49 -32.77
N ALA A 628 31.28 2.13 -33.61
CA ALA A 628 30.11 2.98 -33.84
C ALA A 628 29.21 3.14 -32.59
N ASP A 629 28.95 2.06 -31.86
CA ASP A 629 28.19 2.16 -30.61
C ASP A 629 28.90 3.11 -29.66
N LYS A 630 30.17 2.78 -29.40
CA LYS A 630 31.00 3.50 -28.45
C LYS A 630 31.07 4.99 -28.77
N SER A 631 31.18 5.32 -30.05
CA SER A 631 31.23 6.72 -30.48
C SER A 631 29.83 7.28 -30.70
N ARG A 632 29.04 7.33 -29.63
CA ARG A 632 27.66 7.78 -29.72
C ARG A 632 27.15 8.24 -28.36
N LYS A 642 29.15 5.22 -19.82
CA LYS A 642 28.73 4.60 -21.08
C LYS A 642 28.55 3.10 -20.90
N TYR A 643 27.74 2.50 -21.76
CA TYR A 643 27.56 1.05 -21.75
C TYR A 643 27.33 0.54 -23.17
N ASP A 644 28.32 -0.18 -23.71
CA ASP A 644 28.25 -0.68 -25.07
C ASP A 644 27.63 -2.05 -25.12
N GLU A 645 27.75 -2.68 -26.26
CA GLU A 645 27.47 -4.10 -26.41
C GLU A 645 28.69 -4.76 -27.02
N ASP A 646 29.15 -5.84 -26.41
CA ASP A 646 30.42 -6.42 -26.82
C ASP A 646 30.34 -7.54 -27.85
N PRO A 647 29.20 -8.26 -27.92
CA PRO A 647 29.01 -9.06 -29.13
C PRO A 647 27.81 -8.57 -29.92
N LEU A 648 28.07 -7.66 -30.84
CA LEU A 648 27.04 -7.31 -31.80
C LEU A 648 26.53 -8.57 -32.57
N GLY A 649 27.37 -9.62 -32.68
CA GLY A 649 26.91 -10.94 -33.10
C GLY A 649 27.47 -12.18 -32.36
N GLU A 650 28.80 -12.34 -32.40
CA GLU A 650 29.47 -13.66 -32.44
C GLU A 650 30.05 -14.28 -31.14
N ASN A 651 30.12 -13.54 -30.03
CA ASN A 651 30.80 -14.07 -28.85
C ASN A 651 30.22 -15.35 -28.26
N LEU A 652 28.89 -15.47 -28.33
CA LEU A 652 28.18 -16.64 -27.82
C LEU A 652 28.57 -17.91 -28.55
N VAL A 653 28.44 -17.89 -29.87
CA VAL A 653 28.57 -19.11 -30.67
C VAL A 653 29.96 -19.76 -30.56
N ALA A 654 30.94 -18.98 -30.11
CA ALA A 654 32.31 -19.46 -30.06
C ALA A 654 32.70 -20.12 -28.73
N THR A 655 31.72 -20.29 -27.83
CA THR A 655 31.98 -20.80 -26.47
C THR A 655 32.84 -22.05 -26.42
N SER A 656 33.70 -22.12 -25.41
CA SER A 656 34.61 -23.24 -25.21
C SER A 656 33.85 -24.48 -24.75
N GLU A 657 32.71 -24.27 -24.09
CA GLU A 657 31.88 -25.41 -23.71
C GLU A 657 30.38 -25.09 -23.71
N PRO A 658 29.72 -25.43 -24.83
CA PRO A 658 28.30 -25.18 -25.01
C PRO A 658 27.41 -25.90 -23.99
N LEU A 659 27.81 -27.07 -23.49
CA LEU A 659 26.99 -27.81 -22.51
C LEU A 659 26.64 -26.96 -21.31
N LYS A 660 27.66 -26.39 -20.69
CA LYS A 660 27.50 -25.44 -19.60
C LYS A 660 26.48 -24.35 -19.94
N GLU A 661 26.59 -23.76 -21.13
CA GLU A 661 25.63 -22.73 -21.53
C GLU A 661 24.21 -23.31 -21.62
N ALA A 662 24.10 -24.50 -22.22
CA ALA A 662 22.82 -25.19 -22.34
C ALA A 662 22.25 -25.48 -20.95
N GLN A 663 23.13 -25.82 -20.02
CA GLN A 663 22.77 -26.01 -18.63
C GLN A 663 22.16 -24.73 -18.05
N LYS A 664 22.80 -23.60 -18.25
CA LYS A 664 22.27 -22.34 -17.74
C LYS A 664 20.90 -22.03 -18.35
N CYS A 665 20.74 -22.37 -19.64
CA CYS A 665 19.50 -22.14 -20.36
C CYS A 665 18.38 -23.00 -19.80
N LEU A 666 18.78 -24.12 -19.20
CA LEU A 666 17.83 -25.09 -18.68
C LEU A 666 17.31 -24.70 -17.29
N GLU A 667 18.15 -24.02 -16.51
CA GLU A 667 17.83 -23.68 -15.11
C GLU A 667 16.40 -23.24 -14.84
N LYS A 668 15.89 -22.34 -15.66
CA LYS A 668 14.60 -21.69 -15.42
C LYS A 668 13.50 -22.36 -16.20
N LEU A 669 13.84 -23.45 -16.88
CA LEU A 669 12.83 -24.26 -17.52
C LEU A 669 12.33 -25.36 -16.59
N LEU A 670 13.24 -25.89 -15.76
CA LEU A 670 12.96 -27.06 -14.92
C LEU A 670 11.86 -26.91 -13.84
N PRO A 671 11.83 -25.79 -13.10
CA PRO A 671 10.72 -25.64 -12.16
C PRO A 671 9.34 -25.81 -12.81
N TYR A 672 9.22 -25.60 -14.12
CA TYR A 672 7.91 -25.71 -14.75
C TYR A 672 7.77 -26.98 -15.58
N GLY A 673 8.65 -27.93 -15.31
CA GLY A 673 8.74 -29.17 -16.08
C GLY A 673 7.48 -30.00 -16.18
N ASP A 674 6.72 -30.08 -15.09
CA ASP A 674 5.52 -30.90 -15.09
C ASP A 674 4.45 -30.48 -16.11
N LYS A 675 4.35 -29.18 -16.38
CA LYS A 675 3.38 -28.71 -17.38
C LYS A 675 4.04 -28.50 -18.73
N ASN A 676 5.36 -28.54 -18.75
CA ASN A 676 6.13 -28.31 -19.96
C ASN A 676 7.24 -29.39 -20.05
N PRO A 677 6.83 -30.68 -20.14
CA PRO A 677 7.73 -31.85 -20.03
C PRO A 677 8.87 -31.83 -21.03
N SER A 678 8.81 -30.90 -21.99
CA SER A 678 9.88 -30.73 -22.95
C SER A 678 11.16 -30.32 -22.23
N ALA A 679 11.00 -29.65 -21.10
CA ALA A 679 12.14 -29.27 -20.26
C ALA A 679 12.92 -30.51 -19.84
N TYR A 680 12.20 -31.54 -19.42
CA TYR A 680 12.78 -32.77 -18.92
C TYR A 680 13.48 -33.54 -20.01
N ILE A 681 12.89 -33.54 -21.20
CA ILE A 681 13.50 -34.19 -22.35
C ILE A 681 14.78 -33.46 -22.79
N LEU A 682 14.74 -32.14 -22.83
CA LEU A 682 15.95 -31.36 -23.11
C LEU A 682 17.03 -31.72 -22.09
N ALA A 683 16.65 -31.75 -20.82
CA ALA A 683 17.56 -32.12 -19.75
C ALA A 683 18.20 -33.50 -20.01
N ALA A 684 17.37 -34.48 -20.35
CA ALA A 684 17.86 -35.83 -20.65
C ALA A 684 18.92 -35.80 -21.75
N GLN A 685 18.58 -35.12 -22.85
CA GLN A 685 19.49 -34.98 -23.96
C GLN A 685 20.79 -34.30 -23.54
N LEU A 686 20.68 -33.30 -22.66
CA LEU A 686 21.86 -32.63 -22.13
C LEU A 686 22.76 -33.58 -21.34
N TYR A 687 22.21 -34.23 -20.30
CA TYR A 687 23.04 -35.06 -19.44
C TYR A 687 23.47 -36.35 -20.15
N THR A 688 22.78 -36.72 -21.22
CA THR A 688 23.29 -37.82 -22.02
C THR A 688 24.65 -37.43 -22.61
N ARG A 689 24.71 -36.24 -23.20
CA ARG A 689 25.95 -35.74 -23.79
C ARG A 689 27.05 -35.52 -22.74
N LEU A 690 26.65 -35.20 -21.52
CA LEU A 690 27.60 -35.03 -20.41
C LEU A 690 28.13 -36.35 -19.84
N LYS A 691 27.74 -37.48 -20.43
CA LYS A 691 28.16 -38.80 -19.95
C LYS A 691 27.73 -39.09 -18.51
N ASN A 692 26.68 -38.41 -18.06
CA ASN A 692 26.14 -38.54 -16.71
C ASN A 692 24.77 -39.22 -16.78
N PHE A 693 24.78 -40.55 -16.94
CA PHE A 693 23.57 -41.28 -17.35
C PHE A 693 22.48 -41.47 -16.28
N ASP A 694 22.84 -41.53 -15.00
CA ASP A 694 21.79 -41.67 -14.01
C ASP A 694 20.96 -40.40 -13.90
N THR A 695 21.61 -39.24 -13.99
CA THR A 695 20.87 -37.99 -13.98
C THR A 695 20.09 -37.84 -15.29
N ALA A 696 20.60 -38.48 -16.34
CA ALA A 696 19.96 -38.43 -17.65
C ALA A 696 18.68 -39.26 -17.64
N SER A 697 18.77 -40.49 -17.14
CA SER A 697 17.63 -41.41 -17.17
C SER A 697 16.48 -40.97 -16.28
N LYS A 698 16.79 -40.38 -15.12
CA LYS A 698 15.71 -39.89 -14.27
C LYS A 698 14.92 -38.80 -14.98
N TYR A 699 15.61 -37.88 -15.65
CA TYR A 699 14.91 -36.81 -16.37
C TYR A 699 14.06 -37.42 -17.48
N LEU A 700 14.64 -38.34 -18.23
CA LEU A 700 13.88 -39.03 -19.26
C LEU A 700 12.65 -39.77 -18.71
N GLU A 701 12.80 -40.41 -17.55
CA GLU A 701 11.66 -41.09 -16.89
C GLU A 701 10.53 -40.13 -16.49
N GLN A 702 10.90 -39.01 -15.88
CA GLN A 702 9.96 -37.97 -15.49
C GLN A 702 9.18 -37.53 -16.72
N ALA A 703 9.87 -37.47 -17.85
CA ALA A 703 9.23 -37.01 -19.07
C ALA A 703 8.34 -38.11 -19.60
N LYS A 704 8.78 -39.36 -19.44
CA LYS A 704 8.02 -40.51 -19.90
C LYS A 704 6.69 -40.62 -19.17
N VAL A 705 6.68 -40.32 -17.87
CA VAL A 705 5.47 -40.38 -17.04
C VAL A 705 4.32 -39.51 -17.57
N ILE A 706 4.61 -38.25 -17.84
CA ILE A 706 3.68 -37.32 -18.46
C ILE A 706 3.75 -37.51 -19.97
N LEU A 707 2.63 -37.44 -20.68
CA LEU A 707 2.64 -37.46 -22.14
C LEU A 707 3.22 -38.72 -22.80
N GLY A 708 4.10 -39.42 -22.10
CA GLY A 708 5.02 -40.35 -22.74
C GLY A 708 4.56 -41.71 -23.21
N GLN A 709 5.44 -42.69 -23.07
CA GLN A 709 5.32 -44.05 -23.62
C GLN A 709 5.41 -44.11 -25.15
N ASN A 710 4.36 -43.68 -25.85
CA ASN A 710 4.32 -43.72 -27.30
C ASN A 710 4.56 -42.35 -27.90
N ASP A 711 5.11 -41.44 -27.08
CA ASP A 711 5.41 -40.09 -27.53
C ASP A 711 6.68 -40.05 -28.38
N PRO A 712 6.60 -39.42 -29.56
CA PRO A 712 7.71 -39.37 -30.51
C PRO A 712 9.01 -38.82 -29.89
N THR A 713 8.95 -37.65 -29.25
CA THR A 713 10.14 -37.04 -28.66
C THR A 713 10.73 -37.91 -27.54
N VAL A 714 9.89 -38.67 -26.85
CA VAL A 714 10.37 -39.52 -25.77
C VAL A 714 11.22 -40.68 -26.30
N ILE A 715 10.70 -41.41 -27.28
CA ILE A 715 11.41 -42.58 -27.80
C ILE A 715 12.69 -42.23 -28.53
N SER A 716 12.70 -41.11 -29.24
CA SER A 716 13.90 -40.67 -29.95
C SER A 716 14.98 -40.19 -28.99
N THR A 717 14.57 -39.74 -27.81
CA THR A 717 15.53 -39.39 -26.76
C THR A 717 16.08 -40.66 -26.14
N GLU A 718 15.21 -41.63 -25.93
CA GLU A 718 15.65 -42.88 -25.31
C GLU A 718 16.58 -43.66 -26.25
N LYS A 719 16.30 -43.58 -27.55
CA LYS A 719 17.17 -44.17 -28.56
C LYS A 719 18.54 -43.49 -28.54
N PHE A 720 18.54 -42.16 -28.42
CA PHE A 720 19.77 -41.39 -28.30
C PHE A 720 20.46 -41.73 -26.99
N TYR A 721 19.66 -41.93 -25.94
CA TYR A 721 20.19 -42.30 -24.64
C TYR A 721 20.91 -43.65 -24.73
N ASN A 722 20.23 -44.63 -25.32
CA ASN A 722 20.79 -45.97 -25.51
C ASN A 722 22.10 -45.96 -26.29
N SER A 723 22.18 -45.09 -27.29
CA SER A 723 23.32 -45.04 -28.18
C SER A 723 24.59 -44.51 -27.52
N ILE A 724 24.44 -43.61 -26.55
CA ILE A 724 25.59 -43.01 -25.88
C ILE A 724 26.03 -43.81 -24.65
N LYS A 725 25.06 -44.36 -23.93
CA LYS A 725 25.38 -45.14 -22.73
C LYS A 725 26.11 -46.45 -23.08
N THR A 726 25.71 -47.09 -24.17
CA THR A 726 26.37 -48.33 -24.59
C THR A 726 27.64 -48.02 -25.38
N GLN A 727 27.94 -46.73 -25.52
CA GLN A 727 29.14 -46.30 -26.23
C GLN A 727 30.28 -46.00 -25.26
N SER A 728 29.93 -45.81 -23.99
CA SER A 728 30.93 -45.52 -22.96
C SER A 728 31.84 -46.72 -22.75
N ASN A 729 31.29 -47.91 -22.93
CA ASN A 729 32.07 -49.14 -22.83
C ASN A 729 32.54 -49.62 -24.20
N ALA A 730 32.95 -50.87 -24.28
CA ALA A 730 33.36 -51.50 -25.54
C ALA A 730 33.42 -53.01 -25.34
N ALA A 731 33.35 -53.75 -26.44
CA ALA A 731 33.34 -55.21 -26.36
C ALA A 731 33.61 -55.87 -27.71
N MET B 1 -55.94 -5.03 52.71
CA MET B 1 -56.01 -6.45 53.04
C MET B 1 -55.85 -7.31 51.80
N ALA B 2 -54.77 -7.07 51.06
CA ALA B 2 -54.49 -7.73 49.78
C ALA B 2 -54.61 -9.26 49.82
N LYS B 3 -54.79 -9.86 48.64
CA LYS B 3 -55.09 -11.28 48.51
C LYS B 3 -53.88 -12.20 48.70
N VAL B 4 -53.94 -13.37 48.05
CA VAL B 4 -52.90 -14.39 48.15
C VAL B 4 -52.34 -14.71 46.78
N GLN B 5 -51.15 -15.29 46.77
CA GLN B 5 -50.47 -15.57 45.53
C GLN B 5 -49.77 -16.93 45.59
N LEU B 6 -50.58 -17.98 45.60
CA LEU B 6 -50.10 -19.36 45.69
C LEU B 6 -50.54 -20.16 44.45
N SER B 7 -49.67 -21.07 44.00
CA SER B 7 -50.00 -21.96 42.87
C SER B 7 -48.92 -23.03 42.67
N PRO B 8 -49.35 -24.28 42.44
CA PRO B 8 -48.46 -25.44 42.31
C PRO B 8 -47.58 -25.36 41.06
N LYS B 9 -48.23 -25.18 39.90
CA LYS B 9 -47.53 -25.11 38.62
C LYS B 9 -46.67 -23.86 38.53
N GLU B 10 -47.18 -22.76 39.05
CA GLU B 10 -46.49 -21.48 39.03
C GLU B 10 -45.31 -21.43 40.01
N ILE B 11 -45.35 -22.27 41.03
CA ILE B 11 -44.23 -22.43 41.95
C ILE B 11 -43.04 -23.08 41.24
N THR B 12 -43.33 -24.06 40.37
CA THR B 12 -42.30 -24.76 39.61
C THR B 12 -41.46 -23.80 38.78
N LEU B 13 -42.13 -22.86 38.12
CA LEU B 13 -41.44 -21.89 37.26
C LEU B 13 -40.77 -20.77 38.05
N PHE B 14 -41.40 -20.35 39.14
CA PHE B 14 -40.86 -19.29 40.00
C PHE B 14 -39.49 -19.68 40.58
N ARG B 15 -39.29 -20.97 40.84
CA ARG B 15 -37.99 -21.42 41.33
C ARG B 15 -36.97 -21.45 40.20
N THR B 16 -37.39 -21.86 39.02
CA THR B 16 -36.51 -21.90 37.86
C THR B 16 -36.06 -20.51 37.45
N ALA B 17 -36.97 -19.54 37.56
CA ALA B 17 -36.63 -18.14 37.29
C ALA B 17 -35.48 -17.75 38.18
N LEU B 18 -35.53 -18.20 39.43
CA LEU B 18 -34.46 -17.94 40.36
C LEU B 18 -33.19 -18.72 40.03
N LYS B 19 -33.34 -19.99 39.66
CA LYS B 19 -32.21 -20.81 39.21
C LYS B 19 -31.51 -20.17 38.03
N CYS B 20 -32.31 -19.69 37.09
CA CYS B 20 -31.78 -19.09 35.88
C CYS B 20 -30.95 -17.84 36.17
N TYR B 21 -31.16 -17.23 37.33
CA TYR B 21 -30.28 -16.15 37.75
C TYR B 21 -29.01 -16.67 38.43
N GLU B 22 -29.15 -17.71 39.27
CA GLU B 22 -28.00 -18.26 40.00
C GLU B 22 -26.97 -18.87 39.08
N THR B 23 -27.42 -19.42 37.96
CA THR B 23 -26.53 -20.09 37.02
C THR B 23 -26.07 -19.13 35.93
N LYS B 24 -26.46 -17.87 36.10
CA LYS B 24 -26.31 -16.86 35.05
C LYS B 24 -27.08 -17.29 33.82
N GLN B 25 -26.84 -16.61 32.69
CA GLN B 25 -27.63 -16.82 31.47
C GLN B 25 -29.14 -16.68 31.75
N TYR B 26 -29.55 -15.41 31.71
CA TYR B 26 -30.82 -14.93 32.24
C TYR B 26 -31.92 -15.03 31.23
N LYS B 27 -31.55 -15.03 29.95
CA LYS B 27 -32.49 -15.11 28.84
C LYS B 27 -33.42 -16.30 29.04
N LYS B 28 -32.88 -17.35 29.64
CA LYS B 28 -33.64 -18.54 29.98
C LYS B 28 -34.73 -18.23 30.99
N GLY B 29 -34.38 -17.46 32.02
CA GLY B 29 -35.26 -17.27 33.16
C GLY B 29 -36.26 -16.16 33.05
N LEU B 30 -35.88 -15.11 32.33
CA LEU B 30 -36.83 -14.05 32.04
C LEU B 30 -37.91 -14.64 31.15
N LYS B 31 -37.52 -15.60 30.30
CA LYS B 31 -38.48 -16.25 29.41
C LYS B 31 -39.40 -17.20 30.16
N ALA B 32 -39.01 -17.59 31.37
CA ALA B 32 -39.82 -18.49 32.18
C ALA B 32 -40.82 -17.73 33.06
N ILE B 33 -40.43 -16.54 33.48
CA ILE B 33 -41.27 -15.70 34.33
C ILE B 33 -42.32 -14.97 33.50
N GLU B 34 -42.00 -14.71 32.23
CA GLU B 34 -42.85 -13.91 31.35
C GLU B 34 -44.28 -14.43 31.15
N PRO B 35 -44.44 -15.74 30.87
CA PRO B 35 -45.83 -16.21 30.73
C PRO B 35 -46.60 -16.03 32.03
N LEU B 36 -45.90 -16.22 33.15
CA LEU B 36 -46.54 -16.20 34.47
C LEU B 36 -47.09 -14.83 34.84
N LEU B 37 -46.19 -13.87 35.03
CA LEU B 37 -46.57 -12.57 35.57
C LEU B 37 -47.44 -11.81 34.59
N GLU B 38 -47.38 -12.20 33.31
CA GLU B 38 -48.13 -11.53 32.26
C GLU B 38 -49.63 -11.57 32.53
N ARG B 39 -50.03 -12.47 33.43
CA ARG B 39 -51.43 -12.56 33.82
C ARG B 39 -51.61 -12.52 35.35
N HIS B 40 -50.51 -12.43 36.08
CA HIS B 40 -50.53 -12.16 37.52
C HIS B 40 -49.57 -11.01 37.84
N PRO B 41 -49.89 -9.79 37.36
CA PRO B 41 -48.90 -8.70 37.26
C PRO B 41 -48.56 -8.00 38.57
N GLU B 42 -49.24 -8.37 39.65
CA GLU B 42 -49.07 -7.65 40.90
C GLU B 42 -48.12 -8.32 41.88
N HIS B 43 -47.72 -9.56 41.59
CA HIS B 43 -46.85 -10.31 42.51
C HIS B 43 -45.49 -9.62 42.72
N GLY B 44 -45.34 -8.97 43.86
CA GLY B 44 -44.18 -8.16 44.16
C GLY B 44 -42.83 -8.85 44.05
N GLU B 45 -42.73 -10.07 44.56
CA GLU B 45 -41.47 -10.81 44.49
C GLU B 45 -41.15 -11.14 43.05
N SER B 46 -42.16 -11.61 42.33
CA SER B 46 -41.99 -12.01 40.94
C SER B 46 -41.47 -10.88 40.07
N LEU B 47 -42.00 -9.68 40.27
CA LEU B 47 -41.57 -8.50 39.53
C LEU B 47 -40.08 -8.26 39.74
N ALA B 48 -39.62 -8.59 40.94
CA ALA B 48 -38.22 -8.40 41.28
C ALA B 48 -37.33 -9.47 40.65
N ILE B 49 -37.88 -10.65 40.36
CA ILE B 49 -37.11 -11.66 39.64
C ILE B 49 -36.92 -11.14 38.23
N LYS B 50 -38.02 -10.75 37.60
CA LYS B 50 -38.01 -10.13 36.28
C LYS B 50 -37.04 -8.96 36.24
N GLY B 51 -37.11 -8.12 37.26
CA GLY B 51 -36.32 -6.90 37.34
C GLY B 51 -34.83 -7.16 37.43
N ILE B 52 -34.43 -8.10 38.28
CA ILE B 52 -33.01 -8.45 38.36
C ILE B 52 -32.58 -9.12 37.06
N LEU B 53 -33.52 -9.80 36.40
CA LEU B 53 -33.25 -10.44 35.11
C LEU B 53 -33.02 -9.40 34.01
N LEU B 54 -33.95 -8.46 33.87
CA LEU B 54 -33.76 -7.35 32.94
C LEU B 54 -32.48 -6.57 33.26
N HIS B 55 -32.22 -6.34 34.54
CA HIS B 55 -31.00 -5.64 34.95
C HIS B 55 -29.74 -6.41 34.56
N SER B 56 -29.75 -7.72 34.80
CA SER B 56 -28.55 -8.57 34.69
C SER B 56 -27.93 -8.52 33.31
N LEU B 57 -28.78 -8.28 32.31
CA LEU B 57 -28.31 -8.04 30.97
C LEU B 57 -28.58 -6.58 30.55
N GLY B 58 -29.76 -6.37 30.00
CA GLY B 58 -30.12 -5.12 29.37
C GLY B 58 -31.59 -4.73 29.46
N ASN B 59 -31.80 -3.44 29.64
CA ASN B 59 -30.64 -2.57 29.78
C ASN B 59 -30.35 -2.36 31.25
N THR B 60 -31.24 -1.67 31.95
CA THR B 60 -30.99 -1.26 33.33
C THR B 60 -32.24 -0.63 33.89
N LYS B 61 -32.68 0.48 33.31
CA LYS B 61 -33.86 1.17 33.81
C LYS B 61 -35.04 0.22 33.79
N GLU B 62 -34.98 -0.75 32.88
CA GLU B 62 -35.94 -1.84 32.83
C GLU B 62 -35.89 -2.61 34.16
N GLY B 63 -34.69 -2.80 34.67
CA GLY B 63 -34.50 -3.55 35.90
C GLY B 63 -35.00 -2.82 37.13
N TYR B 64 -34.50 -1.62 37.35
CA TYR B 64 -34.90 -0.83 38.51
C TYR B 64 -36.42 -0.63 38.60
N ASP B 65 -37.04 -0.14 37.52
CA ASP B 65 -38.48 0.11 37.51
C ASP B 65 -39.35 -1.07 37.93
N ASN B 66 -38.88 -2.29 37.70
CA ASN B 66 -39.65 -3.47 38.08
C ASN B 66 -39.41 -3.89 39.54
N VAL B 67 -38.13 -3.96 39.91
CA VAL B 67 -37.73 -4.18 41.29
C VAL B 67 -38.39 -3.14 42.19
N ARG B 68 -38.47 -1.90 41.70
CA ARG B 68 -39.07 -0.83 42.50
C ARG B 68 -40.58 -0.96 42.58
N LEU B 69 -41.20 -1.46 41.52
CA LEU B 69 -42.64 -1.72 41.56
C LEU B 69 -42.90 -2.94 42.43
N GLY B 70 -42.04 -3.94 42.31
CA GLY B 70 -42.18 -5.16 43.09
C GLY B 70 -41.83 -4.96 44.56
N LEU B 71 -41.02 -3.94 44.83
CA LEU B 71 -40.67 -3.65 46.22
C LEU B 71 -41.71 -2.70 46.80
N ARG B 72 -42.66 -2.27 45.98
CA ARG B 72 -43.73 -1.44 46.45
C ARG B 72 -44.98 -2.28 46.69
N ASN B 73 -45.14 -3.33 45.89
CA ASN B 73 -46.25 -4.26 46.06
C ASN B 73 -46.06 -5.16 47.28
N ASP B 74 -44.80 -5.42 47.64
CA ASP B 74 -44.48 -6.12 48.87
C ASP B 74 -43.67 -5.21 49.79
N VAL B 75 -44.23 -4.89 50.95
CA VAL B 75 -43.72 -3.85 51.82
C VAL B 75 -42.25 -3.90 52.24
N GLY B 76 -41.73 -4.99 52.84
CA GLY B 76 -42.40 -6.27 53.02
C GLY B 76 -41.64 -7.18 52.07
N SER B 77 -41.24 -8.36 52.52
CA SER B 77 -40.42 -9.32 51.72
C SER B 77 -38.92 -9.03 51.60
N GLY B 78 -38.12 -9.99 52.04
CA GLY B 78 -36.68 -9.85 52.05
C GLY B 78 -36.09 -10.17 50.69
N VAL B 79 -36.75 -11.05 49.96
CA VAL B 79 -36.28 -11.40 48.64
C VAL B 79 -36.29 -10.17 47.75
N CYS B 80 -37.31 -9.32 47.90
CA CYS B 80 -37.30 -8.05 47.19
C CYS B 80 -36.16 -7.13 47.66
N TRP B 81 -35.96 -7.00 48.97
CA TRP B 81 -34.90 -6.12 49.44
C TRP B 81 -33.54 -6.68 49.07
N HIS B 82 -33.40 -7.99 49.15
CA HIS B 82 -32.17 -8.66 48.78
C HIS B 82 -31.81 -8.34 47.33
N ILE B 83 -32.76 -8.45 46.41
CA ILE B 83 -32.38 -8.26 45.02
C ILE B 83 -32.26 -6.78 44.63
N PHE B 84 -32.96 -5.90 45.33
CA PHE B 84 -32.72 -4.48 45.16
C PHE B 84 -31.30 -4.16 45.64
N GLY B 85 -30.82 -4.92 46.61
CA GLY B 85 -29.45 -4.80 47.07
C GLY B 85 -28.45 -5.39 46.10
N LEU B 86 -28.84 -6.47 45.43
CA LEU B 86 -27.94 -7.12 44.47
C LEU B 86 -27.56 -6.19 43.33
N ILE B 87 -28.56 -5.58 42.72
CA ILE B 87 -28.33 -4.71 41.58
C ILE B 87 -27.68 -3.41 42.01
N SER B 88 -28.01 -2.94 43.20
CA SER B 88 -27.41 -1.70 43.67
C SER B 88 -25.93 -1.93 43.91
N ARG B 89 -25.61 -3.14 44.36
CA ARG B 89 -24.22 -3.48 44.59
C ARG B 89 -23.50 -3.58 43.26
N ALA B 90 -24.21 -4.05 42.23
CA ALA B 90 -23.58 -4.24 40.91
C ALA B 90 -23.22 -2.89 40.29
N ASP B 91 -24.05 -1.89 40.50
CA ASP B 91 -23.79 -0.59 39.93
C ASP B 91 -22.99 0.26 40.88
N LYS B 92 -22.34 -0.38 41.83
CA LYS B 92 -21.40 0.28 42.73
C LYS B 92 -22.04 1.33 43.68
N ASP B 93 -23.38 1.32 43.78
CA ASP B 93 -24.07 2.20 44.75
C ASP B 93 -24.09 1.57 46.16
N TYR B 94 -22.96 1.61 46.85
CA TYR B 94 -22.80 0.83 48.04
C TYR B 94 -23.69 1.29 49.20
N VAL B 95 -23.78 2.59 49.46
CA VAL B 95 -24.69 3.06 50.49
C VAL B 95 -26.13 2.55 50.32
N GLN B 96 -26.68 2.62 49.10
CA GLN B 96 -28.03 2.14 48.85
C GLN B 96 -28.14 0.65 49.16
N ALA B 97 -27.08 -0.10 48.91
CA ALA B 97 -27.09 -1.55 49.01
C ALA B 97 -26.98 -2.03 50.44
N ALA B 98 -26.26 -1.28 51.27
CA ALA B 98 -26.14 -1.63 52.66
C ALA B 98 -27.54 -1.55 53.26
N LYS B 99 -28.23 -0.44 53.00
CA LYS B 99 -29.62 -0.30 53.40
C LYS B 99 -30.46 -1.46 52.89
N CYS B 100 -30.14 -1.98 51.70
CA CYS B 100 -30.94 -3.07 51.18
C CYS B 100 -30.66 -4.35 51.95
N TYR B 101 -29.38 -4.61 52.22
CA TYR B 101 -28.99 -5.86 52.86
C TYR B 101 -29.45 -5.92 54.33
N ILE B 102 -29.42 -4.78 55.02
CA ILE B 102 -29.92 -4.75 56.40
C ILE B 102 -31.40 -5.08 56.39
N ASN B 103 -32.17 -4.41 55.54
CA ASN B 103 -33.59 -4.75 55.41
C ASN B 103 -33.80 -6.19 54.99
N ALA B 104 -32.94 -6.71 54.12
CA ALA B 104 -33.09 -8.08 53.67
C ALA B 104 -32.94 -9.01 54.85
N HIS B 105 -32.00 -8.69 55.73
CA HIS B 105 -31.64 -9.59 56.82
C HIS B 105 -32.67 -9.48 57.95
N LYS B 106 -33.15 -8.26 58.18
CA LYS B 106 -34.19 -8.04 59.17
C LYS B 106 -35.49 -8.77 58.81
N LEU B 107 -35.59 -9.26 57.57
CA LEU B 107 -36.74 -10.02 57.15
C LEU B 107 -36.39 -11.49 56.94
N GLU B 108 -35.10 -11.81 56.98
CA GLU B 108 -34.65 -13.18 56.83
C GLU B 108 -33.47 -13.36 57.77
N LYS B 109 -33.76 -13.45 59.05
CA LYS B 109 -32.71 -13.41 60.06
C LYS B 109 -31.84 -14.66 60.12
N ASN B 110 -32.24 -15.71 59.41
CA ASN B 110 -31.46 -16.94 59.40
C ASN B 110 -30.57 -17.11 58.17
N ASN B 111 -30.65 -16.16 57.24
CA ASN B 111 -29.78 -16.16 56.06
C ASN B 111 -28.48 -15.45 56.40
N SER B 112 -27.46 -16.24 56.73
CA SER B 112 -26.20 -15.69 57.17
C SER B 112 -25.38 -15.05 56.01
N SER B 113 -25.61 -15.47 54.76
CA SER B 113 -24.83 -14.92 53.65
C SER B 113 -25.13 -13.43 53.42
N LEU B 114 -26.36 -13.01 53.71
CA LEU B 114 -26.70 -11.58 53.72
C LEU B 114 -25.78 -10.78 54.61
N LEU B 115 -25.39 -11.35 55.74
CA LEU B 115 -24.46 -10.68 56.64
C LEU B 115 -23.04 -10.76 56.08
N ARG B 116 -22.72 -11.86 55.43
CA ARG B 116 -21.37 -12.01 54.94
C ARG B 116 -21.12 -10.97 53.86
N ASP B 117 -22.18 -10.64 53.14
CA ASP B 117 -22.19 -9.58 52.15
C ASP B 117 -22.21 -8.17 52.77
N LEU B 118 -23.11 -7.96 53.72
CA LEU B 118 -23.25 -6.66 54.37
C LEU B 118 -21.94 -6.18 54.96
N ALA B 119 -21.17 -7.11 55.51
CA ALA B 119 -19.86 -6.79 56.07
C ALA B 119 -18.90 -6.16 55.04
N LEU B 120 -18.98 -6.62 53.79
CA LEU B 120 -18.14 -6.03 52.75
C LEU B 120 -18.59 -4.60 52.49
N LEU B 121 -19.87 -4.42 52.24
CA LEU B 121 -20.43 -3.09 52.01
C LEU B 121 -20.10 -2.12 53.14
N GLN B 122 -20.17 -2.58 54.39
CA GLN B 122 -20.01 -1.68 55.52
C GLN B 122 -18.55 -1.35 55.73
N SER B 123 -17.69 -2.31 55.42
CA SER B 123 -16.26 -2.06 55.49
C SER B 123 -15.87 -0.98 54.45
N GLN B 124 -16.50 -1.00 53.28
CA GLN B 124 -16.20 -0.06 52.19
C GLN B 124 -16.63 1.33 52.56
N LEU B 125 -17.80 1.42 53.18
CA LEU B 125 -18.35 2.70 53.59
C LEU B 125 -17.73 3.22 54.89
N ARG B 126 -16.86 2.45 55.52
CA ARG B 126 -16.23 2.85 56.78
C ARG B 126 -17.26 3.07 57.90
N GLN B 127 -18.36 2.31 57.83
CA GLN B 127 -19.34 2.28 58.90
C GLN B 127 -18.85 1.34 60.01
N TYR B 128 -17.78 1.73 60.67
CA TYR B 128 -17.03 0.82 61.55
C TYR B 128 -17.90 0.24 62.64
N LYS B 129 -18.76 1.08 63.17
N LYS B 129 -18.77 1.09 63.20
CA LYS B 129 -19.67 0.75 64.25
CA LYS B 129 -19.66 0.69 64.28
C LYS B 129 -20.58 -0.38 63.81
C LYS B 129 -20.61 -0.40 63.83
N ALA B 130 -21.29 -0.16 62.72
CA ALA B 130 -22.24 -1.14 62.22
C ALA B 130 -21.55 -2.42 61.72
N LEU B 131 -20.33 -2.24 61.23
CA LEU B 131 -19.50 -3.35 60.78
C LEU B 131 -19.24 -4.27 61.97
N ALA B 132 -18.90 -3.67 63.10
CA ALA B 132 -18.63 -4.43 64.31
C ALA B 132 -19.80 -5.29 64.76
N ASP B 133 -21.02 -4.76 64.65
CA ASP B 133 -22.22 -5.53 64.96
C ASP B 133 -22.42 -6.69 63.99
N THR B 134 -22.15 -6.44 62.71
CA THR B 134 -22.27 -7.46 61.69
C THR B 134 -21.24 -8.55 61.92
N ARG B 135 -20.01 -8.15 62.19
CA ARG B 135 -18.93 -9.12 62.39
C ARG B 135 -19.18 -9.96 63.62
N ASN B 136 -19.64 -9.31 64.69
CA ASN B 136 -20.08 -10.01 65.89
C ASN B 136 -21.17 -11.04 65.61
N ALA B 137 -22.18 -10.65 64.84
CA ALA B 137 -23.29 -11.54 64.47
C ALA B 137 -22.84 -12.75 63.67
N LEU B 138 -21.89 -12.51 62.75
CA LEU B 138 -21.26 -13.60 62.03
C LEU B 138 -20.42 -14.51 62.95
N LEU B 139 -19.70 -13.94 63.91
CA LEU B 139 -18.86 -14.75 64.80
C LEU B 139 -19.73 -15.66 65.67
N GLN B 140 -20.94 -15.21 65.97
CA GLN B 140 -21.85 -16.02 66.74
C GLN B 140 -22.41 -17.14 65.88
N ASP B 141 -22.69 -16.83 64.62
CA ASP B 141 -23.27 -17.80 63.70
C ASP B 141 -22.30 -18.95 63.45
N ASN B 142 -21.01 -18.64 63.47
CA ASN B 142 -19.98 -19.64 63.19
C ASN B 142 -18.64 -19.32 63.83
N PRO B 143 -18.49 -19.66 65.10
CA PRO B 143 -17.24 -19.43 65.82
C PRO B 143 -16.21 -20.50 65.49
N GLY B 144 -16.56 -21.42 64.61
CA GLY B 144 -15.64 -22.46 64.21
C GLY B 144 -14.41 -21.93 63.50
N VAL B 145 -14.58 -20.91 62.67
CA VAL B 145 -13.51 -20.45 61.79
C VAL B 145 -12.75 -19.23 62.32
N ARG B 146 -11.43 -19.36 62.35
CA ARG B 146 -10.55 -18.34 62.90
C ARG B 146 -10.83 -16.98 62.28
N ALA B 147 -11.14 -16.96 60.98
CA ALA B 147 -11.35 -15.72 60.21
C ALA B 147 -12.41 -14.82 60.80
N ASN B 148 -13.48 -15.41 61.33
CA ASN B 148 -14.56 -14.62 61.89
C ASN B 148 -14.12 -13.92 63.17
N TRP B 149 -13.21 -14.55 63.91
CA TRP B 149 -12.65 -13.94 65.10
C TRP B 149 -11.72 -12.80 64.73
N SER B 150 -10.97 -13.00 63.66
CA SER B 150 -10.01 -12.01 63.18
C SER B 150 -10.72 -10.79 62.65
N ALA B 151 -11.81 -11.02 61.93
CA ALA B 151 -12.59 -9.93 61.38
C ALA B 151 -13.27 -9.06 62.46
N LEU B 152 -13.73 -9.68 63.55
CA LEU B 152 -14.32 -8.91 64.66
C LEU B 152 -13.28 -8.08 65.42
N ALA B 153 -12.15 -8.69 65.74
CA ALA B 153 -11.03 -7.98 66.33
C ALA B 153 -10.58 -6.79 65.48
N VAL B 154 -10.32 -7.01 64.18
CA VAL B 154 -9.91 -5.93 63.28
C VAL B 154 -10.96 -4.82 63.23
N ALA B 155 -12.22 -5.19 63.02
CA ALA B 155 -13.31 -4.21 63.08
C ALA B 155 -13.26 -3.39 64.40
N GLN B 156 -13.15 -4.09 65.52
CA GLN B 156 -13.11 -3.41 66.81
C GLN B 156 -11.87 -2.53 66.97
N PHE B 157 -10.73 -3.01 66.47
CA PHE B 157 -9.49 -2.25 66.49
C PHE B 157 -9.68 -0.98 65.67
N LEU B 158 -10.45 -1.09 64.59
CA LEU B 158 -10.70 0.05 63.71
C LEU B 158 -11.57 1.14 64.37
N ARG B 159 -12.32 0.79 65.42
CA ARG B 159 -13.04 1.80 66.19
C ARG B 159 -12.20 2.41 67.33
N GLY B 160 -11.06 1.82 67.63
CA GLY B 160 -10.20 2.27 68.71
C GLY B 160 -10.57 1.53 69.98
N GLU B 161 -11.54 0.63 69.85
CA GLU B 161 -11.95 -0.21 70.97
C GLU B 161 -10.89 -1.29 71.16
N TYR B 162 -9.71 -0.88 71.62
CA TYR B 162 -8.58 -1.78 71.72
C TYR B 162 -8.79 -2.88 72.74
N ALA B 163 -9.43 -2.56 73.85
CA ALA B 163 -9.60 -3.55 74.89
C ALA B 163 -10.50 -4.66 74.38
N SER B 164 -11.55 -4.28 73.66
CA SER B 164 -12.47 -5.28 73.16
C SER B 164 -11.77 -6.15 72.13
N ALA B 165 -10.82 -5.55 71.42
CA ALA B 165 -10.03 -6.27 70.43
C ALA B 165 -9.18 -7.32 71.15
N TYR B 166 -8.48 -6.87 72.19
CA TYR B 166 -7.63 -7.76 73.00
C TYR B 166 -8.39 -8.96 73.55
N LYS B 167 -9.60 -8.76 74.04
CA LYS B 167 -10.32 -9.87 74.65
C LYS B 167 -10.69 -10.89 73.59
N ILE B 168 -10.93 -10.41 72.38
CA ILE B 168 -11.39 -11.29 71.30
C ILE B 168 -10.27 -12.19 70.82
N VAL B 169 -9.09 -11.61 70.64
CA VAL B 169 -7.91 -12.35 70.21
C VAL B 169 -7.47 -13.28 71.31
N ASP B 170 -7.42 -12.76 72.53
CA ASP B 170 -7.06 -13.56 73.69
C ASP B 170 -7.97 -14.77 73.88
N ALA B 171 -9.27 -14.55 73.77
CA ALA B 171 -10.24 -15.63 73.88
C ALA B 171 -9.97 -16.71 72.82
N PHE B 172 -9.83 -16.29 71.57
CA PHE B 172 -9.61 -17.26 70.51
C PHE B 172 -8.34 -18.07 70.70
N GLU B 173 -7.27 -17.38 71.09
CA GLU B 173 -5.96 -18.01 71.18
C GLU B 173 -5.92 -19.12 72.23
N SER B 174 -6.72 -18.98 73.28
CA SER B 174 -6.74 -19.96 74.36
C SER B 174 -7.46 -21.26 73.98
N THR B 175 -8.48 -21.17 73.13
CA THR B 175 -9.18 -22.37 72.67
C THR B 175 -8.34 -23.29 71.80
N ILE B 176 -7.06 -22.95 71.61
CA ILE B 176 -6.10 -23.90 71.05
C ILE B 176 -4.90 -24.16 71.97
N ASN B 177 -5.11 -25.10 72.90
CA ASN B 177 -4.12 -25.54 73.88
C ASN B 177 -3.13 -26.57 73.33
N GLN B 178 -3.48 -27.15 72.19
CA GLN B 178 -2.70 -28.23 71.62
C GLN B 178 -1.86 -27.74 70.44
N GLY B 179 -2.41 -27.80 69.23
CA GLY B 179 -1.73 -27.29 68.06
C GLY B 179 -0.44 -28.02 67.70
N VAL B 180 0.57 -27.27 67.30
CA VAL B 180 0.50 -25.82 67.24
C VAL B 180 -0.10 -25.27 65.93
N PRO B 181 0.30 -25.81 64.76
CA PRO B 181 -0.46 -25.47 63.55
C PRO B 181 -1.80 -26.22 63.55
N VAL B 182 -2.94 -25.62 63.22
CA VAL B 182 -3.15 -24.27 62.62
C VAL B 182 -2.37 -23.96 61.32
N ASP B 183 -2.51 -22.76 60.81
CA ASP B 183 -1.83 -22.43 59.57
C ASP B 183 -0.34 -22.27 59.84
N THR B 184 -0.01 -21.65 60.98
CA THR B 184 1.35 -21.21 61.35
C THR B 184 1.59 -19.76 60.93
N GLN B 185 1.48 -19.47 59.63
CA GLN B 185 1.58 -18.09 59.13
C GLN B 185 0.36 -17.26 59.53
N GLU B 186 -0.83 -17.88 59.57
CA GLU B 186 -2.00 -17.22 60.16
C GLU B 186 -1.69 -16.81 61.60
N GLU B 187 -1.12 -17.76 62.34
CA GLU B 187 -0.75 -17.58 63.75
C GLU B 187 0.32 -16.50 63.92
N SER B 188 1.30 -16.49 63.02
CA SER B 188 2.37 -15.50 63.07
C SER B 188 1.79 -14.10 62.94
N GLU B 189 0.92 -13.93 61.95
CA GLU B 189 0.28 -12.64 61.74
C GLU B 189 -0.66 -12.31 62.88
N ALA B 190 -1.37 -13.31 63.38
CA ALA B 190 -2.31 -13.08 64.48
C ALA B 190 -1.56 -12.47 65.64
N MET B 191 -0.34 -12.95 65.88
CA MET B 191 0.45 -12.49 67.00
C MET B 191 0.93 -11.05 66.77
N LEU B 192 1.48 -10.79 65.60
CA LEU B 192 1.95 -9.44 65.30
C LEU B 192 0.79 -8.43 65.37
N PHE B 193 -0.41 -8.87 64.99
CA PHE B 193 -1.59 -8.00 65.11
C PHE B 193 -1.90 -7.79 66.56
N MET B 194 -1.77 -8.86 67.34
CA MET B 194 -2.04 -8.82 68.78
C MET B 194 -1.08 -7.86 69.46
N ASN B 195 0.17 -7.88 69.00
CA ASN B 195 1.19 -7.02 69.57
C ASN B 195 0.95 -5.58 69.18
N LEU B 196 0.12 -5.38 68.17
CA LEU B 196 -0.23 -4.04 67.77
C LEU B 196 -1.34 -3.55 68.67
N VAL B 197 -2.24 -4.46 69.02
CA VAL B 197 -3.37 -4.16 69.89
C VAL B 197 -2.87 -3.74 71.27
N ILE B 198 -1.87 -4.46 71.74
CA ILE B 198 -1.34 -4.23 73.08
C ILE B 198 -0.64 -2.89 73.12
N LEU B 199 0.22 -2.63 72.13
CA LEU B 199 0.90 -1.34 71.99
C LEU B 199 -0.09 -0.20 71.96
N LYS B 200 -1.23 -0.44 71.33
CA LYS B 200 -2.25 0.59 71.18
C LYS B 200 -3.02 0.79 72.47
N LYS B 201 -3.08 -0.25 73.30
CA LYS B 201 -3.84 -0.16 74.55
C LYS B 201 -2.98 -0.02 75.80
N ASP B 202 -2.01 -0.90 75.98
CA ASP B 202 -1.19 -0.89 77.20
C ASP B 202 0.15 -0.16 77.02
N GLY B 203 0.35 0.42 75.85
CA GLY B 203 1.54 1.19 75.58
C GLY B 203 2.77 0.35 75.23
N VAL B 204 3.91 1.02 75.08
CA VAL B 204 5.14 0.38 74.63
C VAL B 204 5.72 -0.66 75.61
N GLU B 205 5.80 -0.31 76.89
CA GLU B 205 6.39 -1.19 77.90
C GLU B 205 5.80 -2.60 77.83
N ASP B 206 4.47 -2.69 77.84
CA ASP B 206 3.82 -3.99 77.78
C ASP B 206 4.07 -4.67 76.43
N ALA B 207 3.92 -3.90 75.35
CA ALA B 207 4.08 -4.44 73.99
C ALA B 207 5.45 -5.07 73.76
N TYR B 208 6.48 -4.45 74.35
CA TYR B 208 7.82 -5.02 74.28
C TYR B 208 7.83 -6.40 74.91
N LYS B 209 7.31 -6.50 76.14
CA LYS B 209 7.28 -7.78 76.84
C LYS B 209 6.56 -8.85 76.02
N HIS B 210 5.38 -8.51 75.53
CA HIS B 210 4.61 -9.45 74.73
C HIS B 210 5.35 -9.88 73.46
N LEU B 211 6.01 -8.92 72.81
CA LEU B 211 6.74 -9.21 71.58
C LEU B 211 7.87 -10.19 71.84
N LEU B 212 8.53 -10.03 72.99
CA LEU B 212 9.62 -10.92 73.37
C LEU B 212 9.12 -12.33 73.63
N SER B 213 7.87 -12.45 74.04
CA SER B 213 7.31 -13.76 74.37
C SER B 213 6.80 -14.50 73.15
N ILE B 214 6.53 -13.79 72.05
CA ILE B 214 6.04 -14.43 70.84
C ILE B 214 7.11 -14.72 69.78
N GLU B 215 8.36 -14.36 70.04
CA GLU B 215 9.45 -14.57 69.08
C GLU B 215 9.43 -15.94 68.36
N LYS B 216 9.17 -17.02 69.10
CA LYS B 216 9.13 -18.34 68.48
C LYS B 216 7.98 -18.49 67.47
N LYS B 217 6.90 -17.76 67.67
CA LYS B 217 5.72 -17.87 66.81
C LYS B 217 5.74 -16.93 65.59
N VAL B 218 6.74 -16.06 65.49
CA VAL B 218 6.74 -15.06 64.42
C VAL B 218 7.69 -15.40 63.26
N LEU B 219 7.11 -15.66 62.10
CA LEU B 219 7.89 -16.03 60.92
C LEU B 219 8.55 -14.82 60.24
N ASP B 220 7.82 -13.71 60.16
CA ASP B 220 8.33 -12.48 59.54
C ASP B 220 9.42 -11.85 60.41
N ARG B 221 10.63 -12.38 60.28
CA ARG B 221 11.79 -11.97 61.05
C ARG B 221 12.12 -10.48 60.92
N VAL B 222 11.79 -9.88 59.79
CA VAL B 222 12.08 -8.46 59.60
C VAL B 222 11.09 -7.64 60.41
N ALA B 223 9.83 -8.05 60.39
CA ALA B 223 8.82 -7.38 61.19
C ALA B 223 9.19 -7.48 62.67
N PHE B 224 9.53 -8.68 63.12
CA PHE B 224 9.91 -8.86 64.51
C PHE B 224 11.05 -7.94 64.91
N LEU B 225 12.14 -7.97 64.16
CA LEU B 225 13.32 -7.20 64.52
C LEU B 225 13.08 -5.70 64.39
N GLU B 226 12.39 -5.28 63.35
CA GLU B 226 12.13 -3.85 63.19
C GLU B 226 11.25 -3.37 64.32
N THR B 227 10.20 -4.12 64.62
CA THR B 227 9.28 -3.78 65.72
C THR B 227 10.02 -3.74 67.06
N ARG B 228 10.95 -4.67 67.24
CA ARG B 228 11.71 -4.75 68.47
C ARG B 228 12.59 -3.53 68.67
N ALA B 229 13.30 -3.13 67.62
CA ALA B 229 14.20 -1.99 67.72
C ALA B 229 13.47 -0.70 68.04
N GLU B 230 12.29 -0.52 67.46
CA GLU B 230 11.49 0.66 67.72
C GLU B 230 11.19 0.77 69.19
N TYR B 231 10.80 -0.36 69.77
CA TYR B 231 10.48 -0.44 71.19
C TYR B 231 11.72 -0.15 72.04
N GLU B 232 12.79 -0.88 71.77
CA GLU B 232 14.03 -0.75 72.53
C GLU B 232 14.62 0.66 72.49
N LEU B 233 14.46 1.35 71.36
CA LEU B 233 14.88 2.74 71.26
C LEU B 233 13.97 3.65 72.07
N TYR B 234 12.69 3.30 72.09
CA TYR B 234 11.68 4.09 72.81
C TYR B 234 11.89 4.01 74.32
N LEU B 235 12.34 2.86 74.81
CA LEU B 235 12.52 2.63 76.23
C LEU B 235 13.93 3.01 76.71
N SER B 236 14.75 3.50 75.77
CA SER B 236 16.15 3.81 76.05
C SER B 236 16.94 2.58 76.51
N LYS B 237 16.54 1.41 76.03
CA LYS B 237 17.32 0.19 76.22
C LYS B 237 18.38 0.16 75.13
N MET B 238 19.29 1.12 75.17
CA MET B 238 20.21 1.36 74.07
C MET B 238 21.12 0.18 73.70
N GLU B 239 21.63 -0.52 74.69
CA GLU B 239 22.56 -1.62 74.45
C GLU B 239 21.90 -2.76 73.68
N GLU B 240 20.63 -3.02 73.99
CA GLU B 240 19.87 -4.07 73.34
C GLU B 240 19.50 -3.66 71.92
N ALA B 241 19.15 -2.40 71.74
CA ALA B 241 18.89 -1.85 70.41
C ALA B 241 20.10 -2.01 69.52
N LYS B 242 21.26 -1.67 70.06
CA LYS B 242 22.55 -1.82 69.39
C LYS B 242 22.66 -3.20 68.73
N SER B 243 22.51 -4.25 69.54
CA SER B 243 22.63 -5.62 69.02
C SER B 243 21.51 -5.99 68.05
N THR B 244 20.29 -5.53 68.32
CA THR B 244 19.16 -5.83 67.45
C THR B 244 19.37 -5.19 66.08
N ILE B 245 19.72 -3.92 66.08
CA ILE B 245 19.92 -3.18 64.83
C ILE B 245 21.06 -3.81 64.03
N TYR B 246 22.06 -4.37 64.71
CA TYR B 246 23.11 -5.08 64.00
C TYR B 246 22.57 -6.33 63.29
N LEU B 247 21.60 -6.99 63.90
CA LEU B 247 20.94 -8.11 63.24
C LEU B 247 20.23 -7.64 61.96
N LEU B 248 19.78 -6.39 61.97
CA LEU B 248 19.05 -5.85 60.82
C LEU B 248 19.99 -5.45 59.68
N LEU B 249 21.09 -4.80 60.02
CA LEU B 249 22.12 -4.45 59.04
C LEU B 249 22.73 -5.70 58.42
N ASP B 250 22.89 -6.74 59.23
CA ASP B 250 23.37 -8.03 58.73
C ASP B 250 22.45 -8.53 57.61
N ARG B 251 21.15 -8.53 57.90
CA ARG B 251 20.14 -8.93 56.92
C ARG B 251 20.08 -8.01 55.69
N ASN B 252 20.14 -6.70 55.93
CA ASN B 252 20.06 -5.69 54.87
C ASN B 252 20.73 -4.38 55.29
N PRO B 253 21.99 -4.19 54.87
CA PRO B 253 22.78 -3.01 55.22
C PRO B 253 22.49 -1.83 54.29
N ASP B 254 21.34 -1.84 53.64
CA ASP B 254 21.02 -0.78 52.68
C ASP B 254 19.72 -0.08 53.05
N ASN B 255 19.41 -0.04 54.34
CA ASN B 255 18.13 0.49 54.81
C ASN B 255 18.31 1.74 55.66
N HIS B 256 18.77 2.84 55.04
CA HIS B 256 18.97 4.14 55.69
C HIS B 256 18.50 4.32 57.15
N GLN B 257 17.24 3.99 57.41
CA GLN B 257 16.65 4.16 58.74
C GLN B 257 17.35 3.33 59.81
N TYR B 258 17.88 2.19 59.42
CA TYR B 258 18.63 1.35 60.32
C TYR B 258 19.85 2.11 60.83
N TYR B 259 20.51 2.82 59.91
CA TYR B 259 21.67 3.63 60.27
C TYR B 259 21.34 4.77 61.22
N TYR B 260 20.27 5.50 60.95
CA TYR B 260 19.86 6.59 61.84
C TYR B 260 19.47 6.06 63.21
N ASN B 261 18.97 4.83 63.23
CA ASN B 261 18.60 4.15 64.46
C ASN B 261 19.80 3.63 65.25
N LEU B 262 20.79 3.07 64.56
CA LEU B 262 21.99 2.59 65.21
C LEU B 262 22.73 3.77 65.84
N GLN B 263 22.70 4.89 65.15
CA GLN B 263 23.32 6.13 65.62
C GLN B 263 22.61 6.62 66.88
N ARG B 264 21.28 6.57 66.84
CA ARG B 264 20.46 6.98 67.96
C ARG B 264 20.70 6.09 69.17
N ALA B 265 20.89 4.79 68.90
CA ALA B 265 21.10 3.81 69.95
C ALA B 265 22.46 3.99 70.61
N TYR B 266 23.44 4.47 69.87
CA TYR B 266 24.75 4.76 70.45
C TYR B 266 24.71 6.08 71.22
N GLY B 267 23.59 6.79 71.09
CA GLY B 267 23.44 8.10 71.69
C GLY B 267 24.20 9.17 70.95
N TYR B 268 24.69 8.83 69.76
CA TYR B 268 25.45 9.78 68.96
C TYR B 268 24.54 10.74 68.21
N GLU B 269 23.25 10.43 68.22
CA GLU B 269 22.26 11.19 67.46
C GLU B 269 20.93 11.24 68.19
N ASP B 270 20.33 12.42 68.28
CA ASP B 270 19.00 12.55 68.86
C ASP B 270 17.95 12.00 67.89
N ALA B 271 16.72 11.85 68.37
CA ALA B 271 15.63 11.34 67.53
C ALA B 271 15.32 12.29 66.37
N SER B 272 15.75 13.53 66.49
CA SER B 272 15.61 14.49 65.41
C SER B 272 16.96 14.75 64.72
N GLY B 273 17.83 15.50 65.38
CA GLY B 273 19.11 15.90 64.82
C GLY B 273 20.32 15.20 65.43
N LYS B 274 21.40 15.13 64.66
CA LYS B 274 22.55 14.30 65.01
C LYS B 274 23.55 14.98 65.94
N VAL B 275 23.30 14.87 67.24
CA VAL B 275 24.15 15.51 68.24
C VAL B 275 24.15 14.78 69.59
N LEU B 276 25.33 14.67 70.20
CA LEU B 276 26.54 15.28 69.66
C LEU B 276 27.56 14.27 69.16
N ASP B 277 28.72 14.25 69.84
CA ASP B 277 29.86 13.41 69.45
C ASP B 277 30.11 13.37 67.94
N SER B 278 30.31 14.55 67.34
CA SER B 278 30.59 14.68 65.91
C SER B 278 31.73 13.76 65.49
N ALA B 279 32.73 13.62 66.37
CA ALA B 279 33.89 12.77 66.08
C ALA B 279 33.56 11.28 66.09
N GLU B 280 32.80 10.84 67.09
CA GLU B 280 32.49 9.42 67.27
C GLU B 280 31.37 8.98 66.32
N TRP B 281 30.53 9.96 65.94
CA TRP B 281 29.51 9.79 64.91
C TRP B 281 30.14 9.35 63.60
N LEU B 282 31.18 10.07 63.17
CA LEU B 282 31.95 9.68 62.01
C LEU B 282 32.55 8.30 62.20
N ASN B 283 33.23 8.11 63.33
CA ASN B 283 33.94 6.86 63.61
C ASN B 283 33.06 5.63 63.44
N LEU B 284 31.82 5.71 63.91
CA LEU B 284 30.86 4.61 63.80
C LEU B 284 30.67 4.26 62.33
N TYR B 285 30.44 5.28 61.51
CA TYR B 285 30.27 5.08 60.07
C TYR B 285 31.52 4.45 59.44
N SER B 286 32.69 4.88 59.90
CA SER B 286 33.96 4.30 59.46
C SER B 286 34.04 2.83 59.83
N GLN B 287 33.61 2.50 61.04
CA GLN B 287 33.53 1.12 61.47
C GLN B 287 32.54 0.41 60.56
N LEU B 288 31.40 1.05 60.34
CA LEU B 288 30.38 0.51 59.46
C LEU B 288 30.88 0.24 58.04
N ALA B 289 32.06 0.75 57.69
CA ALA B 289 32.67 0.35 56.43
C ALA B 289 33.14 -1.11 56.52
N LYS B 290 33.32 -1.61 57.74
CA LYS B 290 33.62 -3.03 57.95
C LYS B 290 32.38 -3.88 57.75
N ARG B 291 31.19 -3.28 57.90
CA ARG B 291 29.96 -3.90 57.43
C ARG B 291 30.11 -4.04 55.93
N TYR B 292 30.41 -5.25 55.48
CA TYR B 292 30.98 -5.52 54.15
C TYR B 292 30.79 -4.42 53.13
N PRO B 293 31.91 -3.86 52.62
CA PRO B 293 31.97 -2.77 51.64
C PRO B 293 30.97 -2.91 50.48
N LYS B 294 30.16 -3.96 50.50
CA LYS B 294 29.06 -4.15 49.55
C LYS B 294 27.90 -3.18 49.83
N SER B 295 28.16 -2.15 50.63
CA SER B 295 27.16 -1.12 50.90
C SER B 295 27.74 0.29 50.82
N GLU B 296 27.07 1.15 50.07
CA GLU B 296 27.53 2.52 49.91
C GLU B 296 27.12 3.40 51.08
N CYS B 297 26.09 2.98 51.80
CA CYS B 297 25.55 3.78 52.89
C CYS B 297 26.54 4.33 53.92
N PRO B 298 27.58 3.56 54.30
CA PRO B 298 28.44 4.14 55.35
C PRO B 298 29.22 5.39 54.90
N THR B 299 29.48 5.53 53.60
CA THR B 299 30.22 6.70 53.12
C THR B 299 29.29 7.76 52.53
N ARG B 300 28.14 7.32 52.04
CA ARG B 300 27.19 8.25 51.43
C ARG B 300 26.40 9.05 52.46
N LEU B 301 25.85 8.35 53.45
CA LEU B 301 25.04 8.98 54.49
C LEU B 301 25.71 10.15 55.22
N PRO B 302 26.96 9.97 55.70
CA PRO B 302 27.55 11.08 56.45
C PRO B 302 27.67 12.35 55.64
N LEU B 303 27.73 12.22 54.31
CA LEU B 303 27.78 13.38 53.43
C LEU B 303 26.60 14.32 53.67
N GLU B 304 25.47 13.76 54.10
CA GLU B 304 24.30 14.58 54.37
C GLU B 304 24.55 15.57 55.50
N LYS B 305 25.26 15.12 56.54
CA LYS B 305 25.41 15.92 57.77
C LYS B 305 26.77 16.62 57.94
N LEU B 306 27.81 16.09 57.29
CA LEU B 306 29.13 16.73 57.30
C LEU B 306 29.10 18.15 56.74
N GLU B 307 30.12 18.94 57.08
CA GLU B 307 30.28 20.28 56.51
C GLU B 307 31.73 20.75 56.62
N GLY B 308 32.04 21.88 55.98
CA GLY B 308 33.37 22.42 56.03
C GLY B 308 34.40 21.52 55.36
N ASP B 309 35.58 21.42 55.97
CA ASP B 309 36.70 20.68 55.38
C ASP B 309 36.50 19.16 55.38
N GLU B 310 35.89 18.65 56.45
CA GLU B 310 35.61 17.21 56.52
C GLU B 310 34.64 16.78 55.43
N PHE B 311 33.80 17.70 54.97
CA PHE B 311 32.92 17.42 53.84
C PHE B 311 33.73 17.37 52.55
N LEU B 312 34.62 18.34 52.37
CA LEU B 312 35.40 18.44 51.15
C LEU B 312 36.24 17.19 50.92
N THR B 313 36.88 16.70 51.99
CA THR B 313 37.75 15.53 51.90
C THR B 313 36.95 14.29 51.49
N HIS B 314 35.77 14.14 52.08
CA HIS B 314 34.95 12.96 51.86
C HIS B 314 34.15 13.03 50.56
N VAL B 315 33.61 14.20 50.23
CA VAL B 315 32.91 14.34 48.96
C VAL B 315 33.88 14.11 47.79
N ASP B 316 35.13 14.53 47.98
CA ASP B 316 36.17 14.32 46.99
C ASP B 316 36.42 12.83 46.79
N LEU B 317 36.60 12.12 47.89
CA LEU B 317 36.81 10.68 47.85
C LEU B 317 35.61 9.96 47.25
N TYR B 318 34.42 10.48 47.53
CA TYR B 318 33.20 9.87 47.03
C TYR B 318 33.03 10.09 45.54
N LEU B 319 33.31 11.31 45.09
CA LEU B 319 33.13 11.63 43.69
C LEU B 319 34.09 10.87 42.79
N ARG B 320 35.37 10.84 43.17
CA ARG B 320 36.38 10.12 42.40
C ARG B 320 36.00 8.65 42.31
N LYS B 321 35.54 8.11 43.43
CA LYS B 321 35.12 6.72 43.52
C LYS B 321 34.15 6.41 42.38
N LYS B 322 33.07 7.17 42.32
CA LYS B 322 32.00 6.93 41.35
C LYS B 322 32.37 7.35 39.92
N LEU B 323 33.33 8.26 39.79
CA LEU B 323 33.79 8.70 38.48
C LEU B 323 34.65 7.64 37.79
N LYS B 324 35.61 7.08 38.54
CA LYS B 324 36.50 6.04 38.00
C LYS B 324 35.74 4.79 37.57
N ARG B 325 34.57 4.57 38.15
CA ARG B 325 33.78 3.39 37.82
C ARG B 325 32.88 3.65 36.62
N GLY B 326 32.73 4.93 36.25
CA GLY B 326 31.92 5.29 35.10
C GLY B 326 30.45 5.10 35.40
N ILE B 327 30.08 5.36 36.65
CA ILE B 327 28.69 5.27 37.08
C ILE B 327 27.89 6.45 36.56
N PRO B 328 26.89 6.18 35.70
CA PRO B 328 26.05 7.26 35.15
C PRO B 328 25.09 7.84 36.19
N SER B 329 25.03 7.22 37.38
CA SER B 329 24.05 7.60 38.39
C SER B 329 24.63 8.55 39.42
N VAL B 330 25.91 8.90 39.24
CA VAL B 330 26.67 9.67 40.23
C VAL B 330 26.08 11.04 40.57
N PHE B 331 25.55 11.75 39.58
CA PHE B 331 24.98 13.05 39.86
C PHE B 331 23.64 12.91 40.56
N VAL B 332 22.83 11.95 40.14
CA VAL B 332 21.52 11.76 40.74
C VAL B 332 21.64 11.44 42.23
N ASP B 333 22.76 10.80 42.57
CA ASP B 333 23.09 10.43 43.94
C ASP B 333 23.46 11.66 44.76
N VAL B 334 24.47 12.40 44.30
CA VAL B 334 24.96 13.58 44.99
C VAL B 334 23.94 14.73 45.00
N LYS B 335 23.15 14.81 43.93
CA LYS B 335 22.07 15.79 43.75
C LYS B 335 21.34 16.22 45.02
N SER B 336 21.04 15.26 45.90
CA SER B 336 20.24 15.53 47.09
C SER B 336 20.97 16.39 48.13
N LEU B 337 22.29 16.45 48.04
CA LEU B 337 23.09 17.30 48.91
C LEU B 337 22.88 18.77 48.63
N TYR B 338 22.37 19.08 47.44
CA TYR B 338 22.27 20.46 46.99
C TYR B 338 21.17 21.23 47.70
N LYS B 339 20.54 20.61 48.68
CA LYS B 339 19.47 21.26 49.43
C LYS B 339 19.95 22.50 50.19
N ASP B 340 21.25 22.59 50.44
CA ASP B 340 21.79 23.68 51.26
C ASP B 340 22.44 24.81 50.46
N THR B 341 22.77 24.54 49.20
CA THR B 341 23.41 25.50 48.30
C THR B 341 24.78 26.00 48.76
N LYS B 342 25.37 25.35 49.77
CA LYS B 342 26.75 25.61 50.12
C LYS B 342 27.58 24.49 49.54
N LYS B 343 27.08 23.27 49.73
CA LYS B 343 27.76 22.09 49.22
C LYS B 343 27.72 22.07 47.69
N CYS B 344 26.66 22.62 47.14
CA CYS B 344 26.52 22.74 45.69
C CYS B 344 27.72 23.44 45.10
N LYS B 345 28.06 24.61 45.64
CA LYS B 345 29.21 25.37 45.18
C LYS B 345 30.49 24.56 45.32
N VAL B 346 30.62 23.87 46.44
CA VAL B 346 31.79 23.04 46.71
C VAL B 346 31.92 21.92 45.70
N VAL B 347 30.81 21.23 45.44
CA VAL B 347 30.81 20.14 44.46
C VAL B 347 31.08 20.67 43.05
N GLU B 348 30.44 21.77 42.70
CA GLU B 348 30.63 22.42 41.40
C GLU B 348 32.10 22.77 41.15
N ASP B 349 32.70 23.48 42.09
CA ASP B 349 34.09 23.89 41.97
C ASP B 349 35.02 22.67 41.93
N LEU B 350 34.65 21.64 42.67
CA LEU B 350 35.48 20.44 42.76
C LEU B 350 35.53 19.67 41.45
N VAL B 351 34.37 19.49 40.81
CA VAL B 351 34.34 18.73 39.57
C VAL B 351 34.63 19.59 38.34
N SER B 352 34.57 20.91 38.51
CA SER B 352 35.05 21.81 37.46
C SER B 352 36.54 21.63 37.34
N LYS B 353 37.22 21.69 38.49
CA LYS B 353 38.66 21.49 38.54
C LYS B 353 39.02 20.10 38.02
N TYR B 354 38.14 19.14 38.27
CA TYR B 354 38.32 17.78 37.76
C TYR B 354 38.48 17.78 36.25
N ALA B 355 37.62 18.52 35.56
CA ALA B 355 37.61 18.55 34.09
C ALA B 355 38.92 19.09 33.53
N SER B 356 39.42 20.14 34.15
CA SER B 356 40.69 20.70 33.73
C SER B 356 41.82 20.09 34.57
N SER B 357 42.08 18.79 34.35
CA SER B 357 43.14 18.14 35.11
C SER B 357 43.97 17.00 34.46
N LEU B 358 43.41 15.92 33.88
CA LEU B 358 42.26 15.82 32.95
C LEU B 358 42.29 16.70 31.71
N SER B 359 42.85 17.90 31.84
CA SER B 359 43.17 18.72 30.68
C SER B 359 44.42 18.12 30.07
N THR B 360 45.54 18.33 30.73
CA THR B 360 46.83 17.84 30.27
C THR B 360 47.10 16.42 30.75
N THR B 361 46.79 16.14 32.02
CA THR B 361 47.06 14.84 32.62
C THR B 361 45.86 13.91 32.54
N ASN B 362 45.96 12.77 33.20
CA ASN B 362 44.82 11.87 33.37
C ASN B 362 44.50 11.71 34.84
N LYS B 363 45.00 12.64 35.65
CA LYS B 363 44.75 12.61 37.08
C LYS B 363 44.03 13.86 37.57
N PHE B 364 43.02 13.65 38.42
CA PHE B 364 42.31 14.73 39.09
C PHE B 364 43.31 15.67 39.75
N SER B 365 42.91 16.92 39.94
CA SER B 365 43.72 17.90 40.68
C SER B 365 45.19 18.00 40.25
N GLU B 366 46.09 18.10 41.23
CA GLU B 366 47.52 18.31 40.96
C GLU B 366 48.45 17.37 41.72
N ASP B 367 48.16 17.13 42.99
CA ASP B 367 49.02 16.32 43.85
C ASP B 367 48.84 14.82 43.58
N ASP B 368 47.93 14.50 42.68
CA ASP B 368 47.61 13.11 42.36
C ASP B 368 48.63 12.53 41.41
N ASP B 369 49.39 13.40 40.76
CA ASP B 369 50.46 12.99 39.85
C ASP B 369 51.65 12.45 40.66
N ASN B 370 51.60 12.69 41.97
CA ASN B 370 52.63 12.21 42.90
C ASN B 370 52.31 10.79 43.37
N SER B 371 51.02 10.43 43.32
CA SER B 371 50.60 9.07 43.63
C SER B 371 50.40 8.30 42.33
N GLN B 372 50.74 8.94 41.22
CA GLN B 372 50.67 8.36 39.88
C GLN B 372 49.30 7.78 39.51
N ILE B 373 49.32 6.70 38.73
CA ILE B 373 48.12 6.09 38.16
C ILE B 373 47.45 7.07 37.16
N GLU B 374 46.61 6.56 36.27
CA GLU B 374 45.91 7.40 35.30
C GLU B 374 44.52 6.84 35.01
N ILE B 375 43.73 7.58 34.24
CA ILE B 375 42.41 7.11 33.81
C ILE B 375 42.09 7.60 32.40
N PRO B 376 41.53 6.72 31.55
CA PRO B 376 41.22 7.06 30.16
C PRO B 376 39.88 7.79 29.94
N THR B 377 38.78 7.16 30.36
CA THR B 377 37.45 7.64 30.02
C THR B 377 36.68 8.20 31.22
N THR B 378 37.36 8.98 32.05
CA THR B 378 36.69 9.63 33.17
C THR B 378 36.13 10.98 32.75
N LEU B 379 36.75 11.58 31.73
CA LEU B 379 36.31 12.87 31.23
C LEU B 379 34.85 12.82 30.78
N LEU B 380 34.49 11.75 30.08
CA LEU B 380 33.10 11.51 29.67
C LEU B 380 32.20 11.72 30.88
N TRP B 381 32.51 10.98 31.93
CA TRP B 381 31.66 10.94 33.11
C TRP B 381 31.74 12.22 33.93
N THR B 382 32.90 12.86 33.88
CA THR B 382 33.05 14.19 34.48
C THR B 382 32.20 15.18 33.69
N TYR B 383 32.40 15.20 32.38
CA TYR B 383 31.62 16.06 31.49
C TYR B 383 30.12 15.83 31.70
N TYR B 384 29.72 14.56 31.76
CA TYR B 384 28.31 14.21 31.92
C TYR B 384 27.78 14.74 33.23
N PHE B 385 28.60 14.65 34.27
CA PHE B 385 28.23 15.17 35.57
C PHE B 385 28.03 16.67 35.48
N LEU B 386 28.99 17.34 34.86
CA LEU B 386 28.96 18.79 34.78
C LEU B 386 27.74 19.23 33.98
N ALA B 387 27.38 18.45 32.97
CA ALA B 387 26.26 18.79 32.12
C ALA B 387 24.96 18.74 32.92
N GLN B 388 24.83 17.74 33.79
CA GLN B 388 23.64 17.60 34.62
C GLN B 388 23.62 18.63 35.72
N HIS B 389 24.80 18.98 36.22
CA HIS B 389 24.91 19.96 37.28
C HIS B 389 24.44 21.31 36.80
N PHE B 390 24.99 21.76 35.68
CA PHE B 390 24.68 23.08 35.20
C PHE B 390 23.25 23.19 34.69
N ASP B 391 22.69 22.07 34.25
CA ASP B 391 21.28 22.06 33.89
C ASP B 391 20.42 22.25 35.13
N HIS B 392 20.80 21.56 36.20
CA HIS B 392 20.09 21.66 37.48
C HIS B 392 20.17 23.09 38.03
N VAL B 393 21.38 23.66 37.99
CA VAL B 393 21.64 24.99 38.54
C VAL B 393 21.09 26.11 37.63
N GLY B 394 20.83 25.77 36.37
CA GLY B 394 20.15 26.70 35.48
C GLY B 394 21.04 27.48 34.51
N GLU B 395 22.29 27.06 34.37
CA GLU B 395 23.20 27.70 33.45
C GLU B 395 22.76 27.54 31.99
N LEU B 396 22.65 26.28 31.56
CA LEU B 396 22.16 25.93 30.22
C LEU B 396 23.18 26.14 29.11
N GLU B 397 23.84 27.29 29.08
CA GLU B 397 24.88 27.53 28.08
C GLU B 397 26.09 26.67 28.43
N LYS B 398 26.54 26.78 29.68
CA LYS B 398 27.61 25.95 30.20
C LYS B 398 27.20 24.50 30.08
N ALA B 399 25.96 24.23 30.45
CA ALA B 399 25.43 22.87 30.40
C ALA B 399 25.54 22.27 29.00
N GLU B 400 25.06 23.00 28.01
CA GLU B 400 25.05 22.50 26.63
C GLU B 400 26.45 22.30 26.06
N LYS B 401 27.39 23.14 26.48
CA LYS B 401 28.77 22.96 26.06
C LYS B 401 29.33 21.64 26.59
N TYR B 402 28.93 21.25 27.80
CA TYR B 402 29.42 20.01 28.40
C TYR B 402 28.85 18.72 27.79
N VAL B 403 27.55 18.65 27.55
CA VAL B 403 26.98 17.50 26.86
C VAL B 403 27.62 17.38 25.49
N ASP B 404 27.78 18.51 24.82
CA ASP B 404 28.37 18.51 23.49
C ASP B 404 29.78 17.92 23.54
N LEU B 405 30.54 18.33 24.55
CA LEU B 405 31.85 17.77 24.78
C LEU B 405 31.78 16.27 24.97
N ALA B 406 30.74 15.82 25.67
CA ALA B 406 30.59 14.42 25.98
C ALA B 406 30.17 13.63 24.74
N ILE B 407 29.21 14.18 24.01
CA ILE B 407 28.70 13.55 22.79
C ILE B 407 29.79 13.42 21.74
N ASP B 408 30.66 14.42 21.66
CA ASP B 408 31.80 14.37 20.74
C ASP B 408 32.75 13.24 21.10
N HIS B 409 32.82 12.93 22.38
CA HIS B 409 33.69 11.88 22.88
C HIS B 409 33.17 10.51 22.52
N THR B 410 31.90 10.28 22.84
CA THR B 410 31.25 9.00 22.61
C THR B 410 29.78 9.21 22.27
N PRO B 411 29.45 9.26 20.98
CA PRO B 411 28.15 9.70 20.46
C PRO B 411 27.11 8.60 20.49
N THR B 412 27.46 7.46 21.08
CA THR B 412 26.56 6.32 21.07
C THR B 412 25.86 6.09 22.41
N LEU B 413 26.20 6.93 23.39
CA LEU B 413 25.72 6.83 24.76
C LEU B 413 24.37 7.54 25.00
N VAL B 414 23.34 6.75 25.30
CA VAL B 414 21.95 7.22 25.41
C VAL B 414 21.73 8.38 26.36
N GLU B 415 22.38 8.32 27.52
CA GLU B 415 22.13 9.26 28.61
C GLU B 415 22.52 10.69 28.22
N LEU B 416 23.60 10.79 27.46
CA LEU B 416 24.12 12.08 27.00
C LEU B 416 23.08 12.84 26.18
N PHE B 417 22.31 12.11 25.37
CA PHE B 417 21.26 12.73 24.58
C PHE B 417 20.02 13.04 25.40
N MET B 418 19.72 12.18 26.38
CA MET B 418 18.64 12.44 27.32
C MET B 418 18.88 13.79 27.97
N THR B 419 20.10 14.02 28.42
CA THR B 419 20.43 15.27 29.08
C THR B 419 20.34 16.46 28.13
N LYS B 420 20.80 16.27 26.90
CA LYS B 420 20.79 17.37 25.94
C LYS B 420 19.36 17.77 25.64
N ALA B 421 18.44 16.79 25.58
CA ALA B 421 17.02 17.09 25.34
C ALA B 421 16.44 17.95 26.46
N ARG B 422 16.79 17.64 27.71
CA ARG B 422 16.27 18.38 28.86
C ARG B 422 16.76 19.82 28.81
N ILE B 423 18.05 19.97 28.53
CA ILE B 423 18.64 21.30 28.40
C ILE B 423 17.87 22.09 27.36
N SER B 424 17.54 21.43 26.26
CA SER B 424 16.76 22.10 25.23
C SER B 424 15.36 22.46 25.72
N LYS B 425 14.75 21.54 26.47
CA LYS B 425 13.44 21.78 27.10
C LYS B 425 13.50 23.03 27.97
N HIS B 426 14.59 23.15 28.73
CA HIS B 426 14.74 24.28 29.63
C HIS B 426 14.99 25.57 28.87
N LYS B 427 15.55 25.47 27.67
CA LYS B 427 15.75 26.65 26.83
C LYS B 427 14.45 27.07 26.15
N GLY B 428 13.41 26.25 26.29
CA GLY B 428 12.14 26.54 25.67
C GLY B 428 12.03 26.02 24.25
N GLU B 429 13.05 25.29 23.81
CA GLU B 429 13.04 24.73 22.46
C GLU B 429 12.45 23.32 22.41
N LEU B 430 11.13 23.26 22.55
CA LEU B 430 10.41 21.99 22.59
C LEU B 430 10.59 21.12 21.35
N GLN B 431 10.56 21.72 20.15
CA GLN B 431 10.70 20.92 18.93
C GLN B 431 12.03 20.17 18.89
N THR B 432 13.13 20.82 19.23
CA THR B 432 14.40 20.10 19.22
C THR B 432 14.59 19.17 20.44
N ALA B 433 14.00 19.52 21.58
CA ALA B 433 13.99 18.58 22.70
C ALA B 433 13.36 17.30 22.21
N MET B 434 12.21 17.43 21.56
CA MET B 434 11.53 16.25 21.03
C MET B 434 12.40 15.50 20.04
N GLU B 435 13.08 16.21 19.14
CA GLU B 435 13.95 15.56 18.16
C GLU B 435 15.10 14.85 18.84
N ILE B 436 15.70 15.51 19.83
CA ILE B 436 16.83 14.92 20.52
C ILE B 436 16.43 13.72 21.34
N MET B 437 15.21 13.73 21.89
CA MET B 437 14.80 12.56 22.66
C MET B 437 14.51 11.37 21.74
N ASP B 438 14.03 11.66 20.53
CA ASP B 438 13.77 10.60 19.57
C ASP B 438 15.09 9.95 19.19
N HIS B 439 16.15 10.76 19.12
CA HIS B 439 17.46 10.25 18.79
C HIS B 439 17.98 9.40 19.93
N ALA B 440 17.68 9.80 21.16
CA ALA B 440 18.01 8.99 22.32
C ALA B 440 17.30 7.64 22.23
N ARG B 441 16.01 7.69 21.92
CA ARG B 441 15.23 6.48 21.75
C ARG B 441 15.85 5.58 20.69
N LYS B 442 16.24 6.19 19.56
CA LYS B 442 16.80 5.43 18.44
C LYS B 442 18.04 4.65 18.86
N LEU B 443 18.79 5.19 19.81
CA LEU B 443 19.97 4.49 20.28
C LEU B 443 19.66 3.28 21.17
N ASP B 444 18.38 3.01 21.44
CA ASP B 444 18.00 1.84 22.22
C ASP B 444 16.54 1.40 21.99
N LEU B 445 16.29 0.82 20.83
CA LEU B 445 14.92 0.44 20.48
C LEU B 445 14.27 -0.63 21.37
N GLN B 446 15.05 -1.35 22.16
CA GLN B 446 14.46 -2.43 22.96
C GLN B 446 14.01 -2.02 24.38
N ASP B 447 14.26 -0.75 24.74
CA ASP B 447 14.03 -0.24 26.08
C ASP B 447 12.77 0.60 26.18
N ARG B 448 11.73 0.06 26.82
CA ARG B 448 10.44 0.76 26.99
C ARG B 448 10.59 2.14 27.63
N PHE B 449 11.55 2.27 28.54
CA PHE B 449 11.73 3.51 29.28
C PHE B 449 11.98 4.67 28.35
N ILE B 450 13.09 4.60 27.63
CA ILE B 450 13.49 5.69 26.74
C ILE B 450 12.39 5.98 25.73
N ASN B 451 11.72 4.92 25.29
CA ASN B 451 10.55 5.09 24.44
C ASN B 451 9.54 6.02 25.09
N GLY B 452 9.31 5.81 26.39
CA GLY B 452 8.33 6.58 27.12
C GLY B 452 8.75 8.01 27.33
N LYS B 453 10.03 8.22 27.63
CA LYS B 453 10.56 9.57 27.71
C LYS B 453 10.32 10.28 26.39
N CYS B 454 10.50 9.54 25.29
CA CYS B 454 10.40 10.14 23.99
C CYS B 454 8.96 10.58 23.77
N ALA B 455 8.03 9.69 24.10
CA ALA B 455 6.62 10.01 23.92
C ALA B 455 6.19 11.20 24.78
N LYS B 456 6.78 11.31 25.96
CA LYS B 456 6.46 12.43 26.84
C LYS B 456 6.84 13.75 26.17
N TYR B 457 8.10 13.85 25.74
CA TYR B 457 8.60 15.03 25.05
C TYR B 457 7.76 15.39 23.83
N MET B 458 7.30 14.37 23.12
CA MET B 458 6.38 14.58 22.01
C MET B 458 5.09 15.19 22.48
N LEU B 459 4.54 14.69 23.60
CA LEU B 459 3.31 15.22 24.18
C LEU B 459 3.52 16.67 24.62
N ARG B 460 4.69 16.93 25.19
CA ARG B 460 5.03 18.28 25.63
C ARG B 460 5.04 19.26 24.46
N ASN B 461 5.30 18.73 23.27
CA ASN B 461 5.40 19.52 22.07
C ASN B 461 4.08 19.49 21.29
N ASP B 462 3.06 18.89 21.89
CA ASP B 462 1.72 18.82 21.30
C ASP B 462 1.61 17.96 20.04
N GLU B 463 2.44 16.93 19.99
CA GLU B 463 2.43 15.95 18.91
C GLU B 463 1.76 14.65 19.36
N ASN B 464 0.46 14.72 19.63
CA ASN B 464 -0.25 13.62 20.27
C ASN B 464 -0.22 12.33 19.49
N GLU B 465 -0.46 12.41 18.18
CA GLU B 465 -0.56 11.21 17.34
C GLU B 465 0.81 10.57 17.17
N LEU B 466 1.84 11.40 17.14
CA LEU B 466 3.21 10.92 17.01
C LEU B 466 3.58 10.13 18.26
N ALA B 467 3.28 10.71 19.41
CA ALA B 467 3.44 10.01 20.67
C ALA B 467 2.68 8.68 20.73
N ALA B 468 1.42 8.70 20.32
CA ALA B 468 0.67 7.46 20.33
C ALA B 468 1.29 6.42 19.39
N LYS B 469 1.82 6.86 18.24
CA LYS B 469 2.44 5.94 17.32
C LYS B 469 3.70 5.42 17.97
N THR B 470 4.41 6.29 18.69
CA THR B 470 5.66 5.88 19.32
C THR B 470 5.46 4.83 20.44
N VAL B 471 4.48 5.05 21.31
CA VAL B 471 4.25 4.09 22.40
C VAL B 471 3.64 2.80 21.85
N SER B 472 3.03 2.89 20.68
CA SER B 472 2.41 1.70 20.08
C SER B 472 3.41 0.57 19.90
N LEU B 473 4.70 0.93 19.91
CA LEU B 473 5.78 -0.05 19.86
C LEU B 473 5.87 -0.96 21.09
N PHE B 474 5.30 -0.55 22.22
CA PHE B 474 5.41 -1.36 23.43
C PHE B 474 4.09 -1.83 24.06
N THR B 475 2.96 -1.35 23.56
CA THR B 475 1.67 -1.70 24.18
C THR B 475 1.05 -3.00 23.68
N ARG B 476 -0.05 -3.41 24.31
CA ARG B 476 -0.83 -4.55 23.85
C ARG B 476 -1.97 -3.95 23.06
N ASN B 477 -1.87 -4.01 21.75
CA ASN B 477 -2.74 -3.20 20.92
C ASN B 477 -4.11 -3.79 20.63
N GLU B 478 -4.32 -5.04 21.05
CA GLU B 478 -5.53 -5.79 20.71
C GLU B 478 -6.85 -5.14 21.11
N ALA B 479 -6.82 -4.19 22.04
CA ALA B 479 -8.03 -3.51 22.48
C ALA B 479 -7.61 -2.56 23.58
N VAL B 480 -8.36 -1.48 23.82
CA VAL B 480 -9.51 -1.08 23.02
C VAL B 480 -8.97 -0.22 21.90
N GLY B 481 -8.95 1.10 22.18
CA GLY B 481 -8.45 2.08 21.23
C GLY B 481 -6.93 2.10 21.11
N GLY B 482 -6.37 0.96 20.71
CA GLY B 482 -4.95 0.85 20.44
C GLY B 482 -4.09 1.18 21.65
N ALA B 483 -2.86 1.60 21.37
CA ALA B 483 -1.88 1.88 22.41
C ALA B 483 -2.41 2.74 23.56
N VAL B 484 -3.17 3.78 23.22
CA VAL B 484 -3.61 4.73 24.21
C VAL B 484 -4.71 4.09 25.07
N GLY B 485 -5.52 3.25 24.42
CA GLY B 485 -6.57 2.53 25.11
C GLY B 485 -6.01 1.48 26.06
N ASP B 486 -4.88 0.90 25.72
CA ASP B 486 -4.25 -0.09 26.57
C ASP B 486 -3.58 0.60 27.71
N LEU B 487 -2.99 1.76 27.43
CA LEU B 487 -2.38 2.57 28.46
C LEU B 487 -3.40 2.97 29.53
N ALA B 488 -4.65 3.12 29.12
CA ALA B 488 -5.71 3.48 30.04
C ALA B 488 -6.10 2.24 30.87
N ASP B 489 -6.37 1.13 30.20
CA ASP B 489 -6.61 -0.16 30.85
C ASP B 489 -5.58 -0.48 31.92
N MET B 490 -4.32 -0.17 31.65
CA MET B 490 -3.23 -0.53 32.56
C MET B 490 -2.93 0.61 33.52
N GLN B 491 -3.83 1.58 33.54
CA GLN B 491 -3.82 2.62 34.56
C GLN B 491 -2.58 3.48 34.51
N CYS B 492 -2.10 3.75 33.31
CA CYS B 492 -0.94 4.60 33.16
C CYS B 492 -1.31 6.05 33.38
N LEU B 493 -1.01 6.55 34.55
CA LEU B 493 -1.45 7.87 34.96
C LEU B 493 -0.73 8.95 34.19
N TRP B 494 0.58 8.85 34.14
CA TRP B 494 1.38 9.93 33.57
C TRP B 494 1.04 10.19 32.10
N TYR B 495 0.78 9.14 31.33
CA TYR B 495 0.47 9.35 29.93
C TYR B 495 -0.88 10.05 29.81
N MET B 496 -1.88 9.63 30.56
CA MET B 496 -3.19 10.26 30.43
C MET B 496 -3.14 11.72 30.85
N LEU B 497 -2.29 12.03 31.80
CA LEU B 497 -2.17 13.41 32.27
C LEU B 497 -1.47 14.29 31.24
N GLU B 498 -0.37 13.79 30.67
CA GLU B 498 0.38 14.58 29.71
C GLU B 498 -0.42 14.78 28.44
N ASP B 499 -1.13 13.73 28.03
CA ASP B 499 -1.98 13.79 26.85
C ASP B 499 -3.12 14.78 27.06
N GLY B 500 -3.74 14.71 28.23
CA GLY B 500 -4.85 15.60 28.55
C GLY B 500 -4.40 17.05 28.56
N LYS B 501 -3.23 17.29 29.14
CA LYS B 501 -2.71 18.66 29.24
C LYS B 501 -2.39 19.22 27.88
N SER B 502 -1.91 18.34 27.01
CA SER B 502 -1.57 18.71 25.65
C SER B 502 -2.84 19.07 24.89
N PHE B 503 -3.87 18.24 25.02
CA PHE B 503 -5.11 18.53 24.33
C PHE B 503 -5.71 19.84 24.84
N ALA B 504 -5.58 20.06 26.15
CA ALA B 504 -6.16 21.25 26.76
C ALA B 504 -5.51 22.50 26.18
N ARG B 505 -4.20 22.48 26.06
CA ARG B 505 -3.54 23.71 25.63
C ARG B 505 -3.59 23.92 24.11
N GLN B 506 -4.12 22.95 23.39
CA GLN B 506 -4.52 23.14 21.98
C GLN B 506 -6.01 23.38 21.86
N LYS B 507 -6.66 23.58 23.00
CA LYS B 507 -8.11 23.81 23.05
C LYS B 507 -8.93 22.64 22.50
N LYS B 508 -8.32 21.47 22.40
CA LYS B 508 -9.08 20.27 22.02
C LYS B 508 -9.70 19.73 23.29
N PHE B 509 -10.76 20.39 23.73
CA PHE B 509 -11.33 20.19 25.07
C PHE B 509 -11.96 18.81 25.30
N ALA B 510 -12.75 18.34 24.33
CA ALA B 510 -13.39 17.04 24.45
C ALA B 510 -12.37 15.93 24.70
N LEU B 511 -11.23 16.00 24.02
CA LEU B 511 -10.18 15.03 24.24
C LEU B 511 -9.49 15.24 25.58
N ALA B 512 -9.33 16.50 25.98
CA ALA B 512 -8.68 16.80 27.26
C ALA B 512 -9.53 16.23 28.36
N LEU B 513 -10.82 16.55 28.31
CA LEU B 513 -11.76 16.07 29.30
C LEU B 513 -11.73 14.55 29.35
N LYS B 514 -11.67 13.96 28.18
CA LYS B 514 -11.62 12.50 28.06
C LYS B 514 -10.46 11.94 28.85
N ARG B 515 -9.27 12.48 28.62
CA ARG B 515 -8.06 11.92 29.19
C ARG B 515 -8.09 12.10 30.69
N PHE B 516 -8.47 13.29 31.11
CA PHE B 516 -8.59 13.56 32.51
C PHE B 516 -9.62 12.61 33.15
N SER B 517 -10.76 12.44 32.50
CA SER B 517 -11.77 11.51 33.03
C SER B 517 -11.23 10.07 33.22
N THR B 518 -10.25 9.68 32.41
CA THR B 518 -9.63 8.38 32.56
C THR B 518 -8.80 8.33 33.84
N VAL B 519 -8.27 9.48 34.26
CA VAL B 519 -7.52 9.53 35.51
C VAL B 519 -8.53 9.34 36.63
N PHE B 520 -9.71 9.93 36.47
CA PHE B 520 -10.73 9.85 37.48
C PHE B 520 -11.09 8.38 37.59
N LYS B 521 -11.21 7.73 36.44
CA LYS B 521 -11.66 6.35 36.44
C LYS B 521 -10.62 5.45 37.09
N ILE B 522 -9.35 5.80 36.95
CA ILE B 522 -8.27 4.98 37.47
C ILE B 522 -8.25 5.05 39.00
N PHE B 523 -8.45 6.26 39.50
CA PHE B 523 -8.53 6.45 40.94
C PHE B 523 -9.80 5.79 41.51
N ASP B 524 -10.94 5.99 40.85
CA ASP B 524 -12.14 5.30 41.29
C ASP B 524 -11.92 3.81 41.34
N THR B 525 -11.20 3.27 40.36
CA THR B 525 -10.96 1.85 40.32
C THR B 525 -10.09 1.45 41.49
N TRP B 526 -9.16 2.29 41.86
CA TRP B 526 -8.25 1.96 42.92
C TRP B 526 -9.04 1.92 44.26
N ALA B 527 -9.91 2.92 44.45
CA ALA B 527 -10.73 3.00 45.64
C ALA B 527 -11.59 1.76 45.76
N ASP B 528 -12.00 1.24 44.61
CA ASP B 528 -12.93 0.13 44.60
C ASP B 528 -12.25 -1.22 44.76
N ASP B 529 -10.95 -1.27 44.51
CA ASP B 529 -10.26 -2.57 44.45
C ASP B 529 -10.15 -3.29 45.80
N GLN B 530 -10.25 -2.53 46.87
CA GLN B 530 -10.11 -3.06 48.22
C GLN B 530 -11.30 -3.94 48.57
N PHE B 531 -12.44 -3.65 47.94
CA PHE B 531 -13.70 -4.36 48.15
C PHE B 531 -13.62 -5.86 48.47
N ASP B 532 -13.09 -6.66 47.57
CA ASP B 532 -13.02 -8.10 47.80
C ASP B 532 -12.10 -8.44 48.95
N PHE B 533 -11.24 -7.50 49.32
CA PHE B 533 -10.26 -7.82 50.35
C PHE B 533 -10.83 -7.73 51.74
N HIS B 534 -12.05 -7.20 51.87
CA HIS B 534 -12.71 -7.15 53.19
C HIS B 534 -13.19 -8.54 53.51
N PHE B 535 -12.98 -9.44 52.57
CA PHE B 535 -13.24 -10.84 52.81
C PHE B 535 -11.92 -11.59 52.72
N PHE B 536 -11.21 -11.35 51.62
CA PHE B 536 -10.07 -12.18 51.27
C PHE B 536 -8.91 -12.00 52.24
N ALA B 537 -8.79 -10.83 52.84
CA ALA B 537 -7.67 -10.60 53.78
C ALA B 537 -7.77 -11.47 55.04
N PHE B 538 -8.99 -11.67 55.55
CA PHE B 538 -9.16 -12.48 56.75
C PHE B 538 -9.05 -13.96 56.42
N ARG B 539 -9.23 -14.29 55.15
CA ARG B 539 -9.08 -15.69 54.78
C ARG B 539 -7.61 -16.04 54.68
N LYS B 540 -6.80 -15.06 54.35
CA LYS B 540 -5.36 -15.26 54.34
C LYS B 540 -4.78 -15.00 55.72
N GLY B 541 -5.40 -14.08 56.44
CA GLY B 541 -4.95 -13.73 57.77
C GLY B 541 -3.90 -12.64 57.79
N SER B 542 -3.99 -11.70 56.87
CA SER B 542 -2.98 -10.67 56.76
C SER B 542 -3.47 -9.40 57.41
N LEU B 543 -3.52 -9.41 58.73
CA LEU B 543 -4.25 -8.39 59.47
C LEU B 543 -3.54 -7.06 59.45
N ARG B 544 -2.26 -7.03 59.79
CA ARG B 544 -1.54 -5.75 59.77
C ARG B 544 -1.55 -5.15 58.35
N THR B 545 -1.35 -5.98 57.34
CA THR B 545 -1.41 -5.51 55.96
C THR B 545 -2.81 -5.02 55.59
N TYR B 546 -3.84 -5.71 56.05
CA TYR B 546 -5.20 -5.26 55.81
C TYR B 546 -5.42 -3.86 56.40
N LEU B 547 -4.85 -3.63 57.58
CA LEU B 547 -4.97 -2.34 58.20
C LEU B 547 -4.34 -1.25 57.30
N ASP B 548 -3.16 -1.54 56.79
CA ASP B 548 -2.48 -0.59 55.90
C ASP B 548 -3.32 -0.25 54.67
N LEU B 549 -3.97 -1.26 54.12
CA LEU B 549 -4.88 -1.10 53.01
C LEU B 549 -5.98 -0.10 53.33
N MET B 550 -6.60 -0.27 54.48
CA MET B 550 -7.71 0.59 54.88
C MET B 550 -7.32 2.05 55.01
N SER B 551 -6.13 2.33 55.55
CA SER B 551 -5.73 3.73 55.70
C SER B 551 -5.08 4.32 54.44
N TRP B 552 -4.51 3.49 53.57
CA TRP B 552 -4.08 3.96 52.25
C TRP B 552 -5.29 4.38 51.45
N GLU B 553 -6.28 3.52 51.41
CA GLU B 553 -7.53 3.84 50.73
C GLU B 553 -8.23 5.10 51.22
N ASP B 554 -8.10 5.38 52.52
CA ASP B 554 -8.82 6.48 53.13
C ASP B 554 -8.39 7.82 52.56
N SER B 555 -7.22 7.84 51.95
CA SER B 555 -6.70 9.05 51.37
C SER B 555 -6.13 8.82 49.97
N VAL B 556 -6.69 7.86 49.24
CA VAL B 556 -6.15 7.48 47.93
C VAL B 556 -6.25 8.58 46.87
N TYR B 557 -7.28 9.42 46.98
CA TYR B 557 -7.47 10.59 46.12
C TYR B 557 -6.62 11.78 46.52
N ASP B 558 -5.78 11.64 47.53
CA ASP B 558 -4.96 12.76 47.95
C ASP B 558 -3.63 12.64 47.26
N ASP B 559 -3.65 12.93 45.96
CA ASP B 559 -2.54 12.59 45.06
C ASP B 559 -2.31 13.69 44.00
N PRO B 560 -1.05 14.02 43.74
CA PRO B 560 -0.65 14.94 42.65
C PRO B 560 -1.39 14.69 41.32
N SER B 561 -1.43 13.44 40.88
CA SER B 561 -2.04 13.17 39.60
C SER B 561 -3.53 13.41 39.63
N PHE B 562 -4.20 13.05 40.74
CA PHE B 562 -5.64 13.22 40.75
C PHE B 562 -5.91 14.71 40.77
N ARG B 563 -5.12 15.41 41.56
CA ARG B 563 -5.24 16.86 41.66
C ARG B 563 -5.15 17.50 40.28
N GLU B 564 -4.07 17.17 39.57
CA GLU B 564 -3.80 17.73 38.26
C GLU B 564 -4.95 17.49 37.28
N ALA B 565 -5.55 16.30 37.34
CA ALA B 565 -6.64 15.97 36.45
C ALA B 565 -7.89 16.76 36.81
N ALA B 566 -8.18 16.84 38.11
CA ALA B 566 -9.36 17.56 38.59
C ALA B 566 -9.24 19.04 38.28
N GLN B 567 -8.06 19.56 38.53
CA GLN B 567 -7.73 20.93 38.25
C GLN B 567 -8.01 21.22 36.77
N GLY B 568 -7.37 20.43 35.90
CA GLY B 568 -7.52 20.59 34.47
C GLY B 568 -8.98 20.57 34.02
N SER B 569 -9.74 19.61 34.53
CA SER B 569 -11.15 19.53 34.17
C SER B 569 -11.94 20.77 34.60
N ILE B 570 -11.78 21.17 35.86
CA ILE B 570 -12.45 22.38 36.33
C ILE B 570 -12.17 23.61 35.43
N GLU B 571 -10.90 23.84 35.08
CA GLU B 571 -10.56 24.98 34.24
C GLU B 571 -11.29 24.96 32.91
N ILE B 572 -11.42 23.78 32.32
CA ILE B 572 -12.13 23.59 31.05
C ILE B 572 -13.63 23.77 31.24
N TYR B 573 -14.15 23.28 32.35
CA TYR B 573 -15.57 23.48 32.63
C TYR B 573 -15.84 24.98 32.81
N PHE B 574 -14.86 25.72 33.34
CA PHE B 574 -14.99 27.17 33.48
C PHE B 574 -15.09 27.81 32.11
N ALA B 575 -14.21 27.38 31.21
CA ALA B 575 -14.22 27.88 29.85
C ALA B 575 -15.53 27.51 29.18
N LEU B 576 -16.01 26.30 29.42
CA LEU B 576 -17.30 25.87 28.88
C LEU B 576 -18.44 26.76 29.35
N PHE B 577 -18.35 27.25 30.58
CA PHE B 577 -19.37 28.16 31.11
C PHE B 577 -19.21 29.53 30.49
N ASP B 578 -17.97 30.00 30.41
CA ASP B 578 -17.69 31.36 29.95
C ASP B 578 -17.98 31.53 28.45
N LEU B 579 -17.25 30.80 27.62
CA LEU B 579 -17.30 30.95 26.18
C LEU B 579 -18.30 30.00 25.52
N PRO B 580 -19.27 30.55 24.77
CA PRO B 580 -20.27 29.72 24.09
C PRO B 580 -19.71 28.95 22.90
N PHE B 581 -18.46 29.20 22.52
CA PHE B 581 -17.84 28.47 21.42
C PHE B 581 -16.88 27.38 21.90
N ALA B 582 -16.68 27.34 23.21
CA ALA B 582 -15.73 26.40 23.79
C ALA B 582 -16.13 24.96 23.49
N LYS B 583 -17.43 24.69 23.51
CA LYS B 583 -17.95 23.33 23.35
C LYS B 583 -17.69 22.73 21.98
N TYR B 584 -17.25 23.55 21.03
CA TYR B 584 -16.95 23.02 19.70
C TYR B 584 -15.48 22.67 19.56
N SER B 585 -14.75 22.72 20.68
CA SER B 585 -13.29 22.52 20.70
C SER B 585 -12.60 23.19 19.49
N PRO B 586 -12.74 24.52 19.38
CA PRO B 586 -12.22 25.20 18.18
C PRO B 586 -10.71 25.07 18.13
N LYS B 587 -10.16 25.13 16.93
CA LYS B 587 -8.72 25.11 16.80
C LYS B 587 -8.21 26.43 17.36
N LEU B 588 -6.99 26.41 17.90
CA LEU B 588 -6.40 27.59 18.54
C LEU B 588 -6.55 28.92 17.76
N PRO B 589 -6.33 28.92 16.43
CA PRO B 589 -6.51 30.20 15.73
C PRO B 589 -7.95 30.69 15.71
N ASP B 590 -8.91 29.77 15.63
CA ASP B 590 -10.32 30.14 15.66
C ASP B 590 -10.73 30.57 17.05
N PHE B 591 -10.10 29.94 18.04
CA PHE B 591 -10.40 30.21 19.44
C PHE B 591 -10.01 31.63 19.79
N GLU B 592 -8.94 32.11 19.17
CA GLU B 592 -8.40 33.41 19.51
C GLU B 592 -9.16 34.54 18.81
N LYS B 593 -9.59 34.28 17.58
CA LYS B 593 -10.43 35.24 16.86
C LYS B 593 -11.74 35.47 17.60
N LEU B 594 -12.38 34.38 18.03
CA LEU B 594 -13.66 34.45 18.73
C LEU B 594 -13.52 34.99 20.16
N SER B 595 -12.30 34.94 20.70
CA SER B 595 -12.06 35.34 22.07
C SER B 595 -11.71 36.84 22.14
N SER B 596 -11.26 37.39 21.03
CA SER B 596 -10.85 38.79 20.99
C SER B 596 -12.02 39.71 20.63
N GLY B 597 -13.09 39.11 20.08
CA GLY B 597 -14.30 39.82 19.75
C GLY B 597 -14.14 41.07 18.90
N GLU B 598 -13.15 41.07 18.02
CA GLU B 598 -12.90 42.23 17.17
C GLU B 598 -13.43 42.00 15.76
N ILE B 599 -13.87 40.78 15.49
CA ILE B 599 -14.36 40.39 14.18
C ILE B 599 -15.84 40.74 14.02
N ASN B 600 -16.27 40.93 12.77
CA ASN B 600 -17.67 41.25 12.49
C ASN B 600 -18.57 40.02 12.56
N GLU B 601 -19.88 40.24 12.42
CA GLU B 601 -20.84 39.16 12.43
C GLU B 601 -20.71 38.29 11.19
N GLU B 602 -20.16 38.86 10.12
CA GLU B 602 -19.94 38.11 8.89
C GLU B 602 -18.93 36.98 9.10
N GLU B 603 -17.79 37.32 9.68
CA GLU B 603 -16.75 36.34 9.94
C GLU B 603 -17.12 35.43 11.09
N GLU B 604 -17.74 36.01 12.12
CA GLU B 604 -18.18 35.23 13.30
C GLU B 604 -19.17 34.12 12.93
N LYS B 605 -20.16 34.46 12.10
CA LYS B 605 -21.14 33.47 11.66
C LYS B 605 -20.48 32.35 10.87
N LYS B 606 -19.49 32.70 10.05
CA LYS B 606 -18.77 31.73 9.24
C LYS B 606 -18.02 30.72 10.10
N ILE B 607 -17.32 31.22 11.13
CA ILE B 607 -16.55 30.37 12.02
C ILE B 607 -17.45 29.35 12.72
N TYR B 608 -18.62 29.79 13.17
CA TYR B 608 -19.54 28.88 13.85
C TYR B 608 -20.07 27.78 12.93
N LYS B 609 -20.50 28.15 11.73
CA LYS B 609 -20.95 27.15 10.75
C LYS B 609 -19.87 26.08 10.55
N LYS B 610 -18.63 26.53 10.47
CA LYS B 610 -17.50 25.62 10.29
C LYS B 610 -17.34 24.74 11.53
N LEU B 611 -17.33 25.38 12.70
CA LEU B 611 -17.17 24.68 13.97
C LEU B 611 -18.21 23.60 14.13
N LYS B 612 -19.45 23.91 13.75
CA LYS B 612 -20.55 22.96 13.83
C LYS B 612 -20.36 21.77 12.90
N LYS B 613 -20.03 22.04 11.63
CA LYS B 613 -19.80 20.96 10.67
C LYS B 613 -18.68 20.03 11.13
N ASP B 614 -17.61 20.62 11.64
CA ASP B 614 -16.48 19.83 12.17
C ASP B 614 -16.87 18.96 13.36
N LEU B 615 -17.77 19.47 14.20
CA LEU B 615 -18.27 18.70 15.34
C LEU B 615 -19.13 17.54 14.84
N SER B 616 -19.91 17.79 13.80
CA SER B 616 -20.71 16.73 13.19
C SER B 616 -19.84 15.57 12.76
N LYS B 617 -18.73 15.88 12.10
CA LYS B 617 -17.82 14.83 11.64
C LYS B 617 -17.17 14.09 12.81
N ARG B 618 -16.80 14.81 13.87
CA ARG B 618 -16.27 14.17 15.08
C ARG B 618 -17.31 13.24 15.70
N LEU B 619 -18.55 13.68 15.76
CA LEU B 619 -19.63 12.86 16.30
C LEU B 619 -19.81 11.64 15.41
N GLU B 620 -19.88 11.86 14.11
CA GLU B 620 -19.98 10.77 13.13
C GLU B 620 -18.82 9.79 13.29
N ARG B 621 -17.63 10.32 13.52
CA ARG B 621 -16.46 9.50 13.74
C ARG B 621 -16.59 8.66 15.02
N ALA B 622 -17.15 9.24 16.08
CA ALA B 622 -17.31 8.53 17.34
C ALA B 622 -18.30 7.35 17.23
N GLU B 623 -19.33 7.52 16.42
CA GLU B 623 -20.24 6.42 16.17
C GLU B 623 -19.53 5.22 15.55
N LYS B 624 -18.62 5.47 14.61
CA LYS B 624 -17.92 4.37 13.96
C LYS B 624 -17.02 3.70 14.98
N LEU B 625 -16.38 4.49 15.84
CA LEU B 625 -15.56 3.93 16.90
C LEU B 625 -16.37 3.00 17.82
N LYS B 626 -17.56 3.43 18.22
CA LYS B 626 -18.42 2.61 19.08
C LYS B 626 -18.78 1.30 18.41
N GLU B 627 -19.18 1.39 17.14
CA GLU B 627 -19.50 0.20 16.37
C GLU B 627 -18.33 -0.78 16.40
N ALA B 628 -17.12 -0.26 16.28
CA ALA B 628 -15.92 -1.07 16.33
C ALA B 628 -15.67 -1.70 17.70
N ASP B 629 -15.87 -0.94 18.78
CA ASP B 629 -15.77 -1.49 20.14
C ASP B 629 -16.76 -2.61 20.33
N LYS B 630 -18.02 -2.29 20.08
CA LYS B 630 -19.15 -3.20 20.23
C LYS B 630 -18.95 -4.50 19.46
N SER B 631 -18.44 -4.41 18.23
CA SER B 631 -18.19 -5.59 17.42
C SER B 631 -16.81 -6.17 17.71
N ARG B 632 -16.60 -6.60 18.95
CA ARG B 632 -15.30 -7.12 19.37
C ARG B 632 -15.44 -8.02 20.59
N LYS B 642 -21.33 -7.62 27.73
CA LYS B 642 -20.42 -6.71 27.06
C LYS B 642 -20.46 -5.36 27.74
N TYR B 643 -19.39 -4.59 27.59
CA TYR B 643 -19.35 -3.24 28.13
C TYR B 643 -18.53 -2.33 27.21
N ASP B 644 -19.22 -1.41 26.53
CA ASP B 644 -18.56 -0.51 25.59
C ASP B 644 -18.08 0.74 26.28
N GLU B 645 -17.70 1.71 25.46
CA GLU B 645 -17.50 3.07 25.91
C GLU B 645 -18.35 3.99 25.05
N ASP B 646 -19.09 4.87 25.69
CA ASP B 646 -20.09 5.63 24.96
C ASP B 646 -19.64 7.01 24.49
N PRO B 647 -18.66 7.64 25.18
CA PRO B 647 -18.00 8.76 24.50
C PRO B 647 -16.55 8.41 24.22
N LEU B 648 -16.29 7.86 23.05
CA LEU B 648 -14.90 7.75 22.63
C LEU B 648 -14.18 9.13 22.60
N GLY B 649 -14.95 10.24 22.48
CA GLY B 649 -14.44 11.58 22.79
C GLY B 649 -15.37 12.58 23.54
N GLU B 650 -16.54 12.86 22.95
CA GLU B 650 -17.19 14.16 23.02
C GLU B 650 -18.34 14.40 24.01
N ASN B 651 -18.87 13.36 24.65
CA ASN B 651 -20.07 13.55 25.49
C ASN B 651 -19.92 14.54 26.66
N LEU B 652 -18.75 14.51 27.29
CA LEU B 652 -18.39 15.44 28.36
C LEU B 652 -18.47 16.90 27.96
N VAL B 653 -17.76 17.28 26.89
CA VAL B 653 -17.62 18.70 26.56
C VAL B 653 -18.94 19.37 26.22
N ALA B 654 -19.95 18.57 25.90
CA ALA B 654 -21.23 19.11 25.48
C ALA B 654 -22.24 19.37 26.61
N THR B 655 -21.81 19.17 27.86
CA THR B 655 -22.71 19.24 29.03
C THR B 655 -23.57 20.51 29.08
N SER B 656 -24.80 20.34 29.54
CA SER B 656 -25.76 21.43 29.63
C SER B 656 -25.38 22.40 30.74
N GLU B 657 -24.69 21.91 31.77
CA GLU B 657 -24.18 22.79 32.82
C GLU B 657 -22.82 22.34 33.37
N PRO B 658 -21.76 22.97 32.87
CA PRO B 658 -20.38 22.68 33.31
C PRO B 658 -20.13 22.95 34.80
N LEU B 659 -20.80 23.93 35.41
CA LEU B 659 -20.56 24.27 36.82
C LEU B 659 -20.74 23.06 37.71
N LYS B 660 -21.89 22.40 37.55
CA LYS B 660 -22.19 21.17 38.25
C LYS B 660 -21.05 20.16 38.08
N GLU B 661 -20.56 20.00 36.86
CA GLU B 661 -19.45 19.06 36.64
C GLU B 661 -18.20 19.52 37.39
N ALA B 662 -17.90 20.81 37.31
CA ALA B 662 -16.78 21.41 38.05
C ALA B 662 -16.95 21.20 39.55
N GLN B 663 -18.19 21.29 40.02
CA GLN B 663 -18.50 21.01 41.41
C GLN B 663 -18.11 19.57 41.77
N LYS B 664 -18.49 18.61 40.94
CA LYS B 664 -18.17 17.20 41.20
C LYS B 664 -16.66 16.98 41.19
N CYS B 665 -15.97 17.72 40.33
CA CYS B 665 -14.52 17.60 40.25
C CYS B 665 -13.86 18.18 41.50
N LEU B 666 -14.57 19.08 42.15
CA LEU B 666 -14.05 19.76 43.33
C LEU B 666 -14.20 18.93 44.61
N GLU B 667 -15.26 18.12 44.68
CA GLU B 667 -15.57 17.32 45.86
C GLU B 667 -14.37 16.71 46.57
N LYS B 668 -13.53 16.01 45.81
CA LYS B 668 -12.44 15.26 46.42
C LYS B 668 -11.14 16.05 46.51
N LEU B 669 -11.20 17.33 46.16
CA LEU B 669 -10.05 18.18 46.33
C LEU B 669 -10.15 18.89 47.68
N LEU B 670 -11.37 19.24 48.08
CA LEU B 670 -11.59 20.05 49.29
C LEU B 670 -11.08 19.49 50.62
N PRO B 671 -11.33 18.19 50.91
CA PRO B 671 -10.77 17.66 52.17
C PRO B 671 -9.26 17.90 52.29
N TYR B 672 -8.55 18.09 51.17
CA TYR B 672 -7.11 18.30 51.28
C TYR B 672 -6.70 19.75 51.03
N GLY B 673 -7.66 20.65 51.23
CA GLY B 673 -7.49 22.05 50.95
C GLY B 673 -6.38 22.76 51.70
N ASP B 674 -6.19 22.40 52.96
CA ASP B 674 -5.19 23.10 53.76
C ASP B 674 -3.75 22.92 53.27
N LYS B 675 -3.42 21.76 52.71
CA LYS B 675 -2.07 21.55 52.16
C LYS B 675 -2.02 21.82 50.66
N ASN B 676 -3.20 21.96 50.05
CA ASN B 676 -3.31 22.24 48.63
C ASN B 676 -4.33 23.37 48.39
N PRO B 677 -3.99 24.59 48.85
CA PRO B 677 -4.92 25.73 48.92
C PRO B 677 -5.49 26.09 47.55
N SER B 678 -4.91 25.52 46.50
CA SER B 678 -5.43 25.74 45.16
C SER B 678 -6.86 25.26 45.06
N ALA B 679 -7.21 24.26 45.86
CA ALA B 679 -8.57 23.73 45.89
C ALA B 679 -9.53 24.86 46.26
N TYR B 680 -9.16 25.60 47.29
CA TYR B 680 -10.00 26.65 47.83
C TYR B 680 -10.17 27.76 46.80
N ILE B 681 -9.09 28.08 46.10
CA ILE B 681 -9.15 29.13 45.09
C ILE B 681 -10.03 28.72 43.91
N LEU B 682 -9.88 27.48 43.44
CA LEU B 682 -10.80 26.94 42.44
C LEU B 682 -12.24 27.04 42.90
N ALA B 683 -12.48 26.61 44.15
CA ALA B 683 -13.79 26.73 44.77
C ALA B 683 -14.35 28.15 44.70
N ALA B 684 -13.55 29.12 45.14
CA ALA B 684 -13.93 30.53 45.06
C ALA B 684 -14.37 30.93 43.65
N GLN B 685 -13.51 30.61 42.68
CA GLN B 685 -13.78 30.89 41.27
C GLN B 685 -15.08 30.21 40.81
N LEU B 686 -15.29 28.96 41.24
CA LEU B 686 -16.55 28.29 40.98
C LEU B 686 -17.78 29.03 41.53
N TYR B 687 -17.81 29.26 42.84
CA TYR B 687 -19.01 29.84 43.42
C TYR B 687 -19.17 31.31 43.03
N THR B 688 -18.10 31.94 42.55
CA THR B 688 -18.24 33.30 42.03
C THR B 688 -19.16 33.25 40.82
N ARG B 689 -18.86 32.33 39.90
CA ARG B 689 -19.65 32.13 38.70
C ARG B 689 -21.10 31.71 39.03
N LEU B 690 -21.28 30.96 40.12
CA LEU B 690 -22.60 30.52 40.54
C LEU B 690 -23.44 31.64 41.17
N LYS B 691 -22.91 32.85 41.22
CA LYS B 691 -23.60 33.99 41.84
C LYS B 691 -23.89 33.78 43.34
N ASN B 692 -23.11 32.91 43.99
CA ASN B 692 -23.27 32.57 45.39
C ASN B 692 -22.07 33.12 46.17
N PHE B 693 -22.10 34.41 46.47
CA PHE B 693 -20.91 35.14 46.90
C PHE B 693 -20.43 34.89 48.33
N ASP B 694 -21.33 34.59 49.26
CA ASP B 694 -20.87 34.35 50.62
C ASP B 694 -20.09 33.03 50.70
N THR B 695 -20.55 32.01 49.97
CA THR B 695 -19.79 30.77 49.91
C THR B 695 -18.50 30.97 49.13
N ALA B 696 -18.52 31.94 48.21
CA ALA B 696 -17.34 32.26 47.40
C ALA B 696 -16.27 32.94 48.23
N SER B 697 -16.68 33.93 49.01
CA SER B 697 -15.72 34.72 49.78
C SER B 697 -15.07 33.91 50.89
N LYS B 698 -15.83 33.02 51.53
CA LYS B 698 -15.24 32.22 52.60
C LYS B 698 -14.13 31.34 52.03
N TYR B 699 -14.38 30.71 50.88
CA TYR B 699 -13.35 29.88 50.26
C TYR B 699 -12.13 30.73 49.91
N LEU B 700 -12.37 31.91 49.33
CA LEU B 700 -11.28 32.83 49.02
C LEU B 700 -10.49 33.26 50.27
N GLU B 701 -11.19 33.51 51.38
CA GLU B 701 -10.52 33.85 52.65
C GLU B 701 -9.64 32.71 53.15
N GLN B 702 -10.18 31.49 53.13
CA GLN B 702 -9.45 30.31 53.59
C GLN B 702 -8.16 30.20 52.80
N ALA B 703 -8.25 30.49 51.51
CA ALA B 703 -7.09 30.44 50.63
C ALA B 703 -6.15 31.59 50.94
N LYS B 704 -6.70 32.74 51.28
CA LYS B 704 -5.91 33.91 51.63
C LYS B 704 -5.06 33.68 52.89
N VAL B 705 -5.63 32.99 53.87
CA VAL B 705 -4.95 32.68 55.13
C VAL B 705 -3.62 31.94 54.92
N ILE B 706 -3.67 30.86 54.14
CA ILE B 706 -2.49 30.08 53.78
C ILE B 706 -1.87 30.74 52.57
N LEU B 707 -0.54 30.79 52.48
CA LEU B 707 0.12 31.26 51.26
C LEU B 707 -0.18 32.73 50.84
N GLY B 708 -1.34 33.24 51.23
CA GLY B 708 -1.93 34.39 50.57
C GLY B 708 -1.39 35.79 50.84
N GLN B 709 -2.32 36.75 50.85
CA GLN B 709 -2.06 38.19 50.88
C GLN B 709 -1.44 38.71 49.58
N ASN B 710 -0.15 38.47 49.38
CA ASN B 710 0.54 38.93 48.18
C ASN B 710 0.69 37.83 47.13
N ASP B 711 -0.09 36.78 47.28
CA ASP B 711 -0.05 35.66 46.35
C ASP B 711 -0.78 36.01 45.05
N PRO B 712 -0.15 35.73 43.89
CA PRO B 712 -0.67 36.09 42.58
C PRO B 712 -2.07 35.50 42.31
N THR B 713 -2.22 34.19 42.52
CA THR B 713 -3.50 33.53 42.27
C THR B 713 -4.61 34.06 43.20
N VAL B 714 -4.24 34.48 44.40
CA VAL B 714 -5.21 35.01 45.36
C VAL B 714 -5.81 36.33 44.90
N ILE B 715 -4.95 37.30 44.58
CA ILE B 715 -5.42 38.63 44.15
C ILE B 715 -6.19 38.62 42.84
N SER B 716 -5.79 37.77 41.89
CA SER B 716 -6.51 37.68 40.62
C SER B 716 -7.87 37.00 40.78
N THR B 717 -8.00 36.16 41.81
CA THR B 717 -9.30 35.60 42.13
C THR B 717 -10.18 36.65 42.77
N GLU B 718 -9.60 37.42 43.69
CA GLU B 718 -10.36 38.46 44.39
C GLU B 718 -10.80 39.54 43.41
N LYS B 719 -9.95 39.84 42.43
CA LYS B 719 -10.30 40.80 41.40
C LYS B 719 -11.47 40.27 40.57
N PHE B 720 -11.42 38.99 40.27
CA PHE B 720 -12.50 38.33 39.55
C PHE B 720 -13.75 38.28 40.43
N TYR B 721 -13.54 38.08 41.72
CA TYR B 721 -14.63 38.10 42.69
C TYR B 721 -15.32 39.46 42.69
N ASN B 722 -14.51 40.51 42.82
CA ASN B 722 -15.03 41.88 42.84
C ASN B 722 -15.83 42.22 41.59
N SER B 723 -15.39 41.69 40.45
CA SER B 723 -15.99 42.04 39.17
C SER B 723 -17.37 41.43 38.96
N ILE B 724 -17.62 40.27 39.57
CA ILE B 724 -18.90 39.60 39.41
C ILE B 724 -19.90 40.01 40.48
N LYS B 725 -19.42 40.24 41.70
CA LYS B 725 -20.32 40.62 42.79
C LYS B 725 -20.89 42.03 42.58
N THR B 726 -20.09 42.95 42.06
CA THR B 726 -20.56 44.30 41.80
C THR B 726 -21.30 44.37 40.47
N GLN B 727 -21.42 43.22 39.81
CA GLN B 727 -22.12 43.13 38.52
C GLN B 727 -23.55 42.64 38.73
N SER B 728 -23.81 42.04 39.88
CA SER B 728 -25.15 41.53 40.19
C SER B 728 -26.14 42.67 40.34
N ASN B 729 -25.65 43.81 40.81
CA ASN B 729 -26.47 45.01 40.92
C ASN B 729 -26.29 45.92 39.71
N ALA B 730 -26.73 47.17 39.84
CA ALA B 730 -26.55 48.19 38.80
C ALA B 730 -26.82 49.56 39.40
N ALA B 731 -26.30 50.60 38.76
CA ALA B 731 -26.44 51.96 39.29
C ALA B 731 -26.12 53.04 38.25
N GLN C 5 2.47 87.30 -73.46
CA GLN C 5 3.80 87.38 -74.06
C GLN C 5 4.11 88.79 -74.54
N LEU C 6 4.87 89.52 -73.72
CA LEU C 6 5.33 90.89 -74.00
C LEU C 6 4.19 91.92 -74.02
N SER C 7 3.68 92.29 -72.84
CA SER C 7 2.61 93.27 -72.75
C SER C 7 2.74 94.16 -71.51
N PRO C 8 2.48 95.47 -71.66
CA PRO C 8 2.65 96.48 -70.62
C PRO C 8 1.85 96.21 -69.34
N LYS C 9 0.57 95.93 -69.49
CA LYS C 9 -0.35 95.77 -68.36
C LYS C 9 -0.12 94.49 -67.55
N GLU C 10 0.02 93.38 -68.27
CA GLU C 10 0.05 92.06 -67.64
C GLU C 10 1.32 91.82 -66.82
N ILE C 11 2.41 92.48 -67.18
CA ILE C 11 3.67 92.34 -66.45
C ILE C 11 3.61 93.07 -65.10
N THR C 12 2.88 94.19 -65.06
CA THR C 12 2.73 94.97 -63.83
C THR C 12 1.86 94.21 -62.81
N LEU C 13 1.21 93.13 -63.26
CA LEU C 13 0.39 92.29 -62.39
C LEU C 13 0.99 90.90 -62.21
N PHE C 14 2.07 90.63 -62.93
CA PHE C 14 2.78 89.34 -62.84
C PHE C 14 3.83 89.42 -61.74
N ARG C 15 4.38 90.63 -61.53
CA ARG C 15 5.38 90.83 -60.51
C ARG C 15 4.74 90.82 -59.13
N THR C 16 3.63 91.54 -58.99
CA THR C 16 2.85 91.54 -57.76
C THR C 16 2.39 90.13 -57.42
N ALA C 17 2.16 89.32 -58.44
CA ALA C 17 1.84 87.90 -58.30
C ALA C 17 2.96 87.16 -57.56
N LEU C 18 4.19 87.43 -57.97
CA LEU C 18 5.35 86.89 -57.27
C LEU C 18 5.48 87.49 -55.87
N LYS C 19 5.29 88.81 -55.77
CA LYS C 19 5.38 89.49 -54.49
C LYS C 19 4.38 88.92 -53.50
N CYS C 20 3.17 88.65 -53.96
CA CYS C 20 2.13 88.12 -53.10
C CYS C 20 2.32 86.65 -52.75
N TYR C 21 3.46 86.09 -53.11
CA TYR C 21 3.84 84.76 -52.65
C TYR C 21 5.02 84.86 -51.68
N GLU C 22 5.88 85.85 -51.90
CA GLU C 22 7.06 86.05 -51.07
C GLU C 22 6.67 86.60 -49.70
N THR C 23 5.59 87.38 -49.67
CA THR C 23 5.10 88.00 -48.45
C THR C 23 4.03 87.13 -47.81
N LYS C 24 3.95 85.89 -48.28
CA LYS C 24 2.84 85.02 -47.94
C LYS C 24 1.56 85.77 -48.31
N GLN C 25 0.48 85.52 -47.58
CA GLN C 25 -0.81 86.14 -47.91
C GLN C 25 -1.15 85.88 -49.38
N TYR C 26 -1.50 84.63 -49.66
CA TYR C 26 -1.63 84.11 -51.01
C TYR C 26 -2.94 84.49 -51.68
N LYS C 27 -3.93 84.83 -50.85
CA LYS C 27 -5.28 85.11 -51.33
C LYS C 27 -5.28 86.25 -52.34
N LYS C 28 -4.55 87.31 -52.03
CA LYS C 28 -4.41 88.44 -52.94
C LYS C 28 -3.57 88.04 -54.15
N GLY C 29 -2.74 87.00 -53.98
CA GLY C 29 -1.89 86.50 -55.05
C GLY C 29 -2.67 86.13 -56.30
N LEU C 30 -3.63 85.22 -56.15
CA LEU C 30 -4.48 84.81 -57.26
C LEU C 30 -5.37 85.94 -57.75
N LYS C 31 -5.63 86.92 -56.89
CA LYS C 31 -6.53 88.01 -57.23
C LYS C 31 -6.00 88.85 -58.39
N ALA C 32 -4.70 88.81 -58.62
CA ALA C 32 -4.06 89.64 -59.66
C ALA C 32 -3.79 88.88 -60.95
N ILE C 33 -3.69 87.56 -60.86
CA ILE C 33 -3.36 86.73 -62.02
C ILE C 33 -4.60 86.14 -62.67
N GLU C 34 -5.55 85.72 -61.86
CA GLU C 34 -6.76 85.06 -62.36
C GLU C 34 -7.49 85.82 -63.48
N PRO C 35 -7.51 87.17 -63.44
CA PRO C 35 -8.01 87.87 -64.63
C PRO C 35 -7.15 87.65 -65.89
N LEU C 36 -5.86 87.40 -65.71
CA LEU C 36 -4.91 87.30 -66.81
C LEU C 36 -4.82 85.91 -67.43
N LEU C 37 -5.14 84.88 -66.65
CA LEU C 37 -4.97 83.50 -67.11
C LEU C 37 -6.21 82.92 -67.77
N GLU C 38 -7.36 83.54 -67.54
CA GLU C 38 -8.58 83.11 -68.19
C GLU C 38 -8.48 83.48 -69.67
N ARG C 39 -7.53 84.35 -69.99
CA ARG C 39 -7.41 84.90 -71.34
C ARG C 39 -6.01 84.69 -71.99
N HIS C 40 -5.10 84.07 -71.25
CA HIS C 40 -3.82 83.61 -71.80
C HIS C 40 -3.52 82.25 -71.20
N PRO C 41 -4.31 81.23 -71.54
CA PRO C 41 -4.25 79.97 -70.79
C PRO C 41 -3.06 79.10 -71.16
N GLU C 42 -2.20 79.59 -72.06
CA GLU C 42 -1.05 78.83 -72.50
C GLU C 42 0.27 79.52 -72.13
N HIS C 43 0.27 80.26 -71.02
CA HIS C 43 1.49 80.89 -70.54
C HIS C 43 2.13 80.09 -69.43
N GLY C 44 3.22 79.41 -69.78
CA GLY C 44 3.86 78.44 -68.92
C GLY C 44 4.16 78.91 -67.51
N GLU C 45 4.81 80.06 -67.39
CA GLU C 45 5.22 80.57 -66.09
C GLU C 45 4.03 80.92 -65.21
N SER C 46 3.03 81.57 -65.79
CA SER C 46 1.88 82.07 -65.05
C SER C 46 0.94 80.98 -64.51
N LEU C 47 0.84 79.85 -65.20
CA LEU C 47 0.11 78.70 -64.68
C LEU C 47 0.77 78.25 -63.40
N ALA C 48 2.10 78.22 -63.44
CA ALA C 48 2.89 77.80 -62.30
C ALA C 48 2.80 78.78 -61.12
N ILE C 49 2.56 80.06 -61.41
CA ILE C 49 2.40 81.05 -60.35
C ILE C 49 1.12 80.72 -59.59
N LYS C 50 0.05 80.50 -60.36
CA LYS C 50 -1.21 80.04 -59.81
C LYS C 50 -1.07 78.70 -59.09
N GLY C 51 -0.17 77.85 -59.58
CA GLY C 51 0.07 76.55 -58.98
C GLY C 51 0.64 76.61 -57.58
N ILE C 52 1.66 77.43 -57.39
CA ILE C 52 2.30 77.57 -56.07
C ILE C 52 1.42 78.36 -55.11
N LEU C 53 0.57 79.22 -55.65
CA LEU C 53 -0.35 79.97 -54.82
C LEU C 53 -1.37 79.01 -54.21
N LEU C 54 -2.01 78.25 -55.08
CA LEU C 54 -2.95 77.23 -54.64
C LEU C 54 -2.24 76.19 -53.78
N HIS C 55 -0.97 75.92 -54.07
CA HIS C 55 -0.26 74.92 -53.27
C HIS C 55 -0.06 75.41 -51.84
N SER C 56 0.08 76.72 -51.69
CA SER C 56 0.59 77.31 -50.45
C SER C 56 -0.48 77.59 -49.40
N LEU C 57 -1.70 77.87 -49.85
CA LEU C 57 -2.81 77.97 -48.91
C LEU C 57 -3.53 76.62 -48.90
N GLY C 58 -2.96 75.68 -49.63
CA GLY C 58 -3.56 74.36 -49.79
C GLY C 58 -4.69 74.38 -50.80
N ASN C 59 -5.14 73.22 -51.28
CA ASN C 59 -4.65 71.91 -50.89
C ASN C 59 -5.20 70.95 -51.93
N THR C 60 -4.35 70.21 -52.64
CA THR C 60 -2.91 70.41 -52.72
C THR C 60 -2.68 70.22 -54.21
N LYS C 61 -3.22 69.12 -54.72
CA LYS C 61 -3.20 68.79 -56.15
C LYS C 61 -3.77 69.92 -57.01
N GLU C 62 -4.54 70.79 -56.38
CA GLU C 62 -5.05 72.00 -57.01
C GLU C 62 -3.91 72.78 -57.66
N GLY C 63 -2.74 72.72 -57.03
CA GLY C 63 -1.58 73.46 -57.49
C GLY C 63 -0.60 72.64 -58.30
N TYR C 64 -0.48 71.35 -58.00
CA TYR C 64 0.38 70.44 -58.75
C TYR C 64 -0.08 70.26 -60.19
N ASP C 65 -1.36 70.47 -60.45
CA ASP C 65 -1.90 70.32 -61.80
C ASP C 65 -1.60 71.53 -62.70
N ASN C 66 -1.66 72.74 -62.12
CA ASN C 66 -1.30 73.95 -62.88
C ASN C 66 0.19 74.04 -63.15
N VAL C 67 0.99 73.52 -62.22
CA VAL C 67 2.44 73.56 -62.35
C VAL C 67 2.93 72.59 -63.40
N ARG C 68 2.45 71.35 -63.35
CA ARG C 68 2.90 70.33 -64.31
C ARG C 68 2.46 70.69 -65.72
N LEU C 69 1.38 71.46 -65.83
CA LEU C 69 0.89 71.92 -67.13
C LEU C 69 1.63 73.17 -67.56
N GLY C 70 1.97 74.01 -66.59
CA GLY C 70 2.75 75.19 -66.85
C GLY C 70 4.22 74.88 -67.02
N LEU C 71 4.61 73.67 -66.62
CA LEU C 71 5.99 73.23 -66.81
C LEU C 71 6.09 72.54 -68.16
N ARG C 72 4.93 72.13 -68.69
CA ARG C 72 4.89 71.55 -70.03
C ARG C 72 4.92 72.64 -71.09
N ASN C 73 4.05 73.64 -70.94
CA ASN C 73 3.97 74.76 -71.88
C ASN C 73 5.30 75.53 -72.04
N ASP C 74 6.20 75.35 -71.09
CA ASP C 74 7.54 75.93 -71.12
C ASP C 74 8.55 74.83 -70.82
N VAL C 75 9.26 74.38 -71.85
CA VAL C 75 10.17 73.23 -71.75
C VAL C 75 11.15 73.15 -70.57
N GLY C 76 11.88 74.20 -70.22
CA GLY C 76 11.82 75.53 -70.79
C GLY C 76 11.43 76.48 -69.66
N SER C 77 12.16 77.56 -69.48
CA SER C 77 11.94 78.48 -68.34
C SER C 77 12.24 77.88 -66.97
N GLY C 78 13.14 78.53 -66.25
CA GLY C 78 13.60 78.03 -64.97
C GLY C 78 12.65 78.34 -63.84
N VAL C 79 11.82 79.37 -64.00
CA VAL C 79 10.89 79.69 -62.94
C VAL C 79 9.94 78.52 -62.72
N CYS C 80 9.39 78.00 -63.82
CA CYS C 80 8.59 76.79 -63.76
C CYS C 80 9.34 75.66 -63.07
N TRP C 81 10.61 75.48 -63.41
CA TRP C 81 11.38 74.42 -62.77
C TRP C 81 11.65 74.71 -61.30
N HIS C 82 11.97 75.96 -61.01
CA HIS C 82 12.20 76.42 -59.65
C HIS C 82 10.92 76.20 -58.82
N ILE C 83 9.79 76.58 -59.38
CA ILE C 83 8.55 76.57 -58.61
C ILE C 83 8.06 75.15 -58.35
N PHE C 84 8.26 74.25 -59.30
CA PHE C 84 8.00 72.83 -59.13
C PHE C 84 8.96 72.24 -58.09
N GLY C 85 10.08 72.91 -57.86
CA GLY C 85 11.00 72.50 -56.82
C GLY C 85 10.48 72.90 -55.46
N LEU C 86 9.98 74.14 -55.37
CA LEU C 86 9.53 74.70 -54.11
C LEU C 86 8.46 73.83 -53.43
N ILE C 87 7.40 73.51 -54.17
CA ILE C 87 6.32 72.75 -53.61
C ILE C 87 6.73 71.30 -53.36
N SER C 88 7.69 70.80 -54.11
CA SER C 88 8.17 69.44 -53.87
C SER C 88 8.96 69.35 -52.57
N ARG C 89 9.75 70.39 -52.30
CA ARG C 89 10.53 70.44 -51.08
C ARG C 89 9.57 70.72 -49.93
N ALA C 90 8.50 71.43 -50.25
CA ALA C 90 7.47 71.72 -49.26
C ALA C 90 6.80 70.41 -48.81
N ASP C 91 6.59 69.49 -49.74
CA ASP C 91 5.91 68.25 -49.42
C ASP C 91 6.92 67.13 -49.18
N LYS C 92 8.17 67.51 -48.92
CA LYS C 92 9.19 66.55 -48.50
C LYS C 92 9.60 65.52 -49.55
N ASP C 93 9.25 65.76 -50.81
CA ASP C 93 9.77 64.92 -51.92
C ASP C 93 11.13 65.44 -52.44
N TYR C 94 12.20 65.06 -51.76
CA TYR C 94 13.48 65.70 -52.00
C TYR C 94 14.17 65.21 -53.29
N VAL C 95 14.06 63.92 -53.61
CA VAL C 95 14.64 63.44 -54.87
C VAL C 95 14.10 64.23 -56.06
N GLN C 96 12.83 64.60 -56.01
CA GLN C 96 12.25 65.38 -57.09
C GLN C 96 12.65 66.85 -56.98
N ALA C 97 12.90 67.31 -55.78
CA ALA C 97 13.13 68.72 -55.59
C ALA C 97 14.49 69.01 -56.19
N ALA C 98 15.48 68.21 -55.83
CA ALA C 98 16.81 68.18 -56.44
C ALA C 98 16.72 68.33 -57.95
N LYS C 99 15.97 67.44 -58.59
CA LYS C 99 15.78 67.55 -60.04
C LYS C 99 15.24 68.89 -60.50
N CYS C 100 14.47 69.58 -59.66
CA CYS C 100 13.92 70.87 -60.06
C CYS C 100 14.96 71.98 -59.95
N TYR C 101 15.72 71.97 -58.85
CA TYR C 101 16.67 73.03 -58.61
C TYR C 101 17.81 72.99 -59.60
N ILE C 102 18.26 71.81 -59.99
CA ILE C 102 19.31 71.68 -61.01
C ILE C 102 18.83 72.27 -62.33
N ASN C 103 17.64 71.86 -62.76
CA ASN C 103 17.06 72.46 -63.94
C ASN C 103 16.85 73.97 -63.82
N ALA C 104 16.46 74.43 -62.63
CA ALA C 104 16.28 75.85 -62.44
C ALA C 104 17.60 76.58 -62.68
N HIS C 105 18.69 75.99 -62.19
CA HIS C 105 19.97 76.67 -62.20
C HIS C 105 20.59 76.61 -63.60
N LYS C 106 20.40 75.48 -64.26
CA LYS C 106 20.83 75.33 -65.64
C LYS C 106 20.15 76.31 -66.60
N LEU C 107 19.09 76.96 -66.14
CA LEU C 107 18.41 77.97 -66.92
C LEU C 107 18.62 79.36 -66.35
N GLU C 108 19.18 79.44 -65.14
CA GLU C 108 19.50 80.72 -64.52
C GLU C 108 20.82 80.58 -63.80
N LYS C 109 21.91 80.56 -64.57
CA LYS C 109 23.21 80.19 -64.04
C LYS C 109 23.81 81.23 -63.11
N ASN C 110 23.22 82.43 -63.07
CA ASN C 110 23.75 83.50 -62.22
C ASN C 110 22.98 83.68 -60.92
N ASN C 111 21.93 82.88 -60.73
CA ASN C 111 21.20 82.85 -59.48
C ASN C 111 21.86 81.87 -58.50
N SER C 112 22.67 82.44 -57.61
CA SER C 112 23.44 81.62 -56.71
C SER C 112 22.58 81.00 -55.58
N SER C 113 21.42 81.58 -55.26
CA SER C 113 20.62 81.05 -54.15
C SER C 113 20.02 79.67 -54.48
N LEU C 114 19.74 79.44 -55.77
CA LEU C 114 19.34 78.12 -56.22
C LEU C 114 20.36 77.06 -55.84
N LEU C 115 21.64 77.40 -55.90
CA LEU C 115 22.70 76.47 -55.49
C LEU C 115 22.75 76.36 -53.97
N ARG C 116 22.46 77.45 -53.29
CA ARG C 116 22.59 77.44 -51.85
C ARG C 116 21.51 76.48 -51.32
N ASP C 117 20.41 76.42 -52.06
CA ASP C 117 19.29 75.55 -51.76
C ASP C 117 19.57 74.12 -52.19
N LEU C 118 20.09 73.97 -53.40
CA LEU C 118 20.36 72.64 -53.94
C LEU C 118 21.30 71.85 -53.05
N ALA C 119 22.28 72.54 -52.47
CA ALA C 119 23.20 71.91 -51.51
C ALA C 119 22.50 71.25 -50.31
N LEU C 120 21.43 71.88 -49.81
CA LEU C 120 20.69 71.30 -48.68
C LEU C 120 20.03 70.01 -49.14
N LEU C 121 19.28 70.09 -50.23
CA LEU C 121 18.61 68.93 -50.81
C LEU C 121 19.59 67.78 -51.10
N GLN C 122 20.77 68.10 -51.63
CA GLN C 122 21.68 67.03 -51.99
C GLN C 122 22.36 66.44 -50.77
N SER C 123 22.61 67.27 -49.76
CA SER C 123 23.15 66.75 -48.51
C SER C 123 22.16 65.77 -47.86
N GLN C 124 20.86 66.08 -47.97
CA GLN C 124 19.82 65.21 -47.40
C GLN C 124 19.78 63.87 -48.10
N LEU C 125 19.86 63.92 -49.42
CA LEU C 125 19.78 62.70 -50.23
C LEU C 125 21.09 61.91 -50.24
N ARG C 126 22.12 62.44 -49.60
CA ARG C 126 23.42 61.79 -49.57
C ARG C 126 24.00 61.62 -50.99
N GLN C 127 23.66 62.54 -51.88
CA GLN C 127 24.27 62.59 -53.20
C GLN C 127 25.64 63.27 -53.10
N TYR C 128 26.59 62.62 -52.47
CA TYR C 128 27.83 63.28 -52.04
C TYR C 128 28.61 63.85 -53.21
N LYS C 129 28.56 63.12 -54.32
CA LYS C 129 29.31 63.45 -55.51
C LYS C 129 28.77 64.74 -56.10
N ALA C 130 27.45 64.84 -56.19
CA ALA C 130 26.86 66.04 -56.78
C ALA C 130 26.91 67.23 -55.80
N LEU C 131 26.94 66.91 -54.51
CA LEU C 131 27.01 67.91 -53.45
C LEU C 131 28.33 68.63 -53.59
N ALA C 132 29.38 67.85 -53.80
CA ALA C 132 30.72 68.38 -53.95
C ALA C 132 30.84 69.37 -55.12
N ASP C 133 30.15 69.07 -56.22
CA ASP C 133 30.09 69.99 -57.34
C ASP C 133 29.39 71.29 -57.02
N THR C 134 28.29 71.17 -56.29
CA THR C 134 27.51 72.32 -55.88
C THR C 134 28.34 73.15 -54.92
N ARG C 135 28.97 72.50 -53.95
CA ARG C 135 29.72 73.23 -52.94
C ARG C 135 30.90 73.96 -53.58
N ASN C 136 31.59 73.29 -54.49
CA ASN C 136 32.64 73.89 -55.29
C ASN C 136 32.15 75.12 -56.07
N ALA C 137 30.99 75.00 -56.72
CA ALA C 137 30.40 76.11 -57.47
C ALA C 137 30.06 77.32 -56.58
N LEU C 138 29.56 77.03 -55.38
CA LEU C 138 29.33 78.05 -54.38
C LEU C 138 30.63 78.67 -53.82
N LEU C 139 31.69 77.88 -53.68
CA LEU C 139 32.96 78.40 -53.18
C LEU C 139 33.59 79.35 -54.21
N GLN C 140 33.31 79.10 -55.48
CA GLN C 140 33.83 79.96 -56.53
C GLN C 140 33.05 81.25 -56.56
N ASP C 141 31.74 81.15 -56.32
CA ASP C 141 30.86 82.30 -56.37
C ASP C 141 31.20 83.28 -55.25
N ASN C 142 31.63 82.73 -54.12
CA ASN C 142 31.97 83.56 -52.99
C ASN C 142 33.01 82.92 -52.09
N PRO C 143 34.29 83.07 -52.46
CA PRO C 143 35.39 82.58 -51.63
C PRO C 143 35.65 83.49 -50.43
N GLY C 144 34.89 84.57 -50.29
CA GLY C 144 35.07 85.47 -49.15
C GLY C 144 34.82 84.79 -47.82
N VAL C 145 33.79 83.96 -47.76
CA VAL C 145 33.32 83.43 -46.47
C VAL C 145 33.86 82.02 -46.15
N ARG C 146 34.45 81.87 -44.97
CA ARG C 146 35.02 80.59 -44.56
C ARG C 146 34.05 79.44 -44.73
N ALA C 147 32.79 79.68 -44.41
CA ALA C 147 31.78 78.62 -44.41
C ALA C 147 31.75 77.85 -45.73
N ASN C 148 31.98 78.57 -46.83
CA ASN C 148 31.93 77.93 -48.14
C ASN C 148 33.12 76.99 -48.34
N TRP C 149 34.22 77.32 -47.70
CA TRP C 149 35.42 76.49 -47.74
C TRP C 149 35.23 75.28 -46.88
N SER C 150 34.58 75.48 -45.73
CA SER C 150 34.32 74.40 -44.79
C SER C 150 33.37 73.41 -45.40
N ALA C 151 32.35 73.93 -46.08
CA ALA C 151 31.35 73.05 -46.67
C ALA C 151 31.92 72.20 -47.83
N LEU C 152 32.86 72.74 -48.59
CA LEU C 152 33.47 71.94 -49.66
C LEU C 152 34.37 70.84 -49.11
N ALA C 153 35.24 71.20 -48.16
CA ALA C 153 36.08 70.22 -47.48
C ALA C 153 35.26 69.09 -46.85
N VAL C 154 34.20 69.44 -46.08
CA VAL C 154 33.37 68.42 -45.46
C VAL C 154 32.75 67.54 -46.54
N ALA C 155 32.10 68.14 -47.53
CA ALA C 155 31.57 67.36 -48.66
C ALA C 155 32.61 66.40 -49.23
N GLN C 156 33.81 66.91 -49.50
CA GLN C 156 34.87 66.09 -50.05
C GLN C 156 35.32 64.99 -49.08
N PHE C 157 35.38 65.34 -47.79
CA PHE C 157 35.71 64.36 -46.75
C PHE C 157 34.65 63.25 -46.75
N LEU C 158 33.41 63.64 -47.03
CA LEU C 158 32.31 62.67 -46.99
C LEU C 158 32.39 61.67 -48.15
N ARG C 159 33.19 61.99 -49.16
CA ARG C 159 33.39 61.08 -50.29
C ARG C 159 34.57 60.15 -50.03
N GLY C 160 35.45 60.55 -49.13
CA GLY C 160 36.64 59.79 -48.85
C GLY C 160 37.80 60.39 -49.62
N GLU C 161 37.48 61.45 -50.37
CA GLU C 161 38.50 62.24 -51.05
C GLU C 161 39.26 63.08 -50.02
N TYR C 162 40.00 62.42 -49.15
CA TYR C 162 40.71 63.11 -48.07
C TYR C 162 41.77 64.08 -48.57
N ALA C 163 42.49 63.72 -49.63
CA ALA C 163 43.56 64.60 -50.08
C ALA C 163 42.98 65.91 -50.57
N SER C 164 41.86 65.82 -51.30
CA SER C 164 41.22 67.02 -51.81
C SER C 164 40.71 67.85 -50.64
N ALA C 165 40.32 67.18 -49.57
CA ALA C 165 39.86 67.87 -48.38
C ALA C 165 41.02 68.66 -47.76
N TYR C 166 42.14 67.97 -47.58
CA TYR C 166 43.33 68.58 -47.02
C TYR C 166 43.75 69.83 -47.79
N LYS C 167 43.72 69.78 -49.12
CA LYS C 167 44.22 70.91 -49.91
C LYS C 167 43.31 72.12 -49.74
N ILE C 168 42.03 71.84 -49.54
CA ILE C 168 41.03 72.90 -49.39
C ILE C 168 41.22 73.65 -48.07
N VAL C 169 41.40 72.88 -47.00
CA VAL C 169 41.58 73.45 -45.68
C VAL C 169 42.92 74.17 -45.60
N ASP C 170 43.93 73.50 -46.11
CA ASP C 170 45.28 74.07 -46.16
C ASP C 170 45.33 75.40 -46.91
N ALA C 171 44.68 75.43 -48.08
CA ALA C 171 44.63 76.63 -48.87
C ALA C 171 43.96 77.76 -48.08
N PHE C 172 42.79 77.50 -47.52
CA PHE C 172 42.11 78.54 -46.76
C PHE C 172 42.91 79.06 -45.57
N GLU C 173 43.51 78.15 -44.82
CA GLU C 173 44.22 78.52 -43.62
C GLU C 173 45.40 79.47 -43.87
N SER C 174 46.03 79.34 -45.04
CA SER C 174 47.19 80.17 -45.38
C SER C 174 46.80 81.61 -45.74
N THR C 175 45.63 81.80 -46.33
CA THR C 175 45.17 83.15 -46.66
C THR C 175 44.87 84.02 -45.43
N ILE C 176 45.10 83.48 -44.23
CA ILE C 176 45.13 84.32 -43.03
C ILE C 176 46.47 84.25 -42.28
N ASN C 177 47.42 85.08 -42.73
CA ASN C 177 48.78 85.22 -42.17
C ASN C 177 48.84 86.11 -40.94
N GLN C 178 47.78 86.89 -40.74
CA GLN C 178 47.75 87.89 -39.68
C GLN C 178 46.90 87.39 -38.50
N GLY C 179 45.61 87.72 -38.51
CA GLY C 179 44.70 87.24 -37.49
C GLY C 179 44.99 87.77 -36.09
N VAL C 180 44.88 86.91 -35.09
CA VAL C 180 44.52 85.50 -35.29
C VAL C 180 43.01 85.24 -35.39
N PRO C 181 42.19 85.84 -34.49
CA PRO C 181 40.75 85.80 -34.74
C PRO C 181 40.38 86.77 -35.86
N VAL C 182 39.53 86.43 -36.84
CA VAL C 182 38.67 85.23 -36.94
C VAL C 182 37.73 84.96 -35.75
N ASP C 183 36.98 83.86 -35.81
CA ASP C 183 36.06 83.57 -34.73
C ASP C 183 36.84 83.14 -33.51
N THR C 184 37.89 82.33 -33.74
CA THR C 184 38.63 81.61 -32.69
C THR C 184 38.08 80.19 -32.49
N GLN C 185 36.81 80.09 -32.05
CA GLN C 185 36.15 78.79 -31.95
C GLN C 185 35.89 78.16 -33.33
N GLU C 186 35.58 78.96 -34.35
CA GLU C 186 35.56 78.44 -35.72
C GLU C 186 36.91 77.82 -36.04
N GLU C 187 37.97 78.56 -35.72
CA GLU C 187 39.35 78.13 -35.96
C GLU C 187 39.70 76.87 -35.18
N SER C 188 39.27 76.81 -33.92
CA SER C 188 39.54 75.63 -33.10
C SER C 188 38.95 74.40 -33.77
N GLU C 189 37.68 74.49 -34.16
CA GLU C 189 37.01 73.38 -34.79
C GLU C 189 37.62 73.07 -36.15
N ALA C 190 37.99 74.10 -36.88
CA ALA C 190 38.61 73.93 -38.20
C ALA C 190 39.85 73.05 -38.08
N MET C 191 40.64 73.30 -37.05
CA MET C 191 41.85 72.53 -36.80
C MET C 191 41.54 71.08 -36.43
N LEU C 192 40.62 70.88 -35.48
CA LEU C 192 40.28 69.51 -35.08
C LEU C 192 39.72 68.72 -36.27
N PHE C 193 38.96 69.38 -37.14
CA PHE C 193 38.50 68.74 -38.35
C PHE C 193 39.67 68.41 -39.26
N MET C 194 40.63 69.34 -39.33
CA MET C 194 41.81 69.17 -40.16
C MET C 194 42.60 67.97 -39.66
N ASN C 195 42.69 67.84 -38.34
CA ASN C 195 43.42 66.74 -37.73
C ASN C 195 42.71 65.41 -37.97
N LEU C 196 41.44 65.50 -38.34
CA LEU C 196 40.68 64.30 -38.65
C LEU C 196 40.99 63.91 -40.06
N VAL C 197 41.14 64.92 -40.93
CA VAL C 197 41.45 64.71 -42.33
C VAL C 197 42.82 64.06 -42.46
N ILE C 198 43.76 64.52 -41.65
CA ILE C 198 45.12 64.03 -41.74
C ILE C 198 45.18 62.58 -41.27
N LEU C 199 44.58 62.30 -40.12
CA LEU C 199 44.47 60.94 -39.61
C LEU C 199 43.85 60.01 -40.63
N LYS C 200 42.87 60.50 -41.36
CA LYS C 200 42.17 59.70 -42.35
C LYS C 200 43.03 59.49 -43.60
N LYS C 201 43.95 60.41 -43.88
CA LYS C 201 44.77 60.30 -45.09
C LYS C 201 46.21 59.85 -44.83
N ASP C 202 46.91 60.53 -43.92
CA ASP C 202 48.32 60.22 -43.66
C ASP C 202 48.51 59.29 -42.46
N GLY C 203 47.41 58.84 -41.87
CA GLY C 203 47.46 57.91 -40.74
C GLY C 203 47.80 58.54 -39.41
N VAL C 204 47.97 57.70 -38.40
CA VAL C 204 48.15 58.17 -37.03
C VAL C 204 49.43 58.97 -36.80
N GLU C 205 50.56 58.45 -37.27
CA GLU C 205 51.87 59.08 -37.03
C GLU C 205 51.85 60.57 -37.37
N ASP C 206 51.38 60.90 -38.57
CA ASP C 206 51.29 62.29 -38.97
C ASP C 206 50.28 63.07 -38.12
N ALA C 207 49.11 62.48 -37.92
CA ALA C 207 48.04 63.14 -37.16
C ALA C 207 48.44 63.55 -35.75
N TYR C 208 49.25 62.70 -35.10
CA TYR C 208 49.80 63.04 -33.80
C TYR C 208 50.63 64.31 -33.89
N LYS C 209 51.55 64.34 -34.87
CA LYS C 209 52.44 65.50 -35.03
C LYS C 209 51.63 66.75 -35.23
N HIS C 210 50.65 66.68 -36.12
CA HIS C 210 49.83 67.85 -36.41
C HIS C 210 49.05 68.29 -35.19
N LEU C 211 48.52 67.34 -34.44
CA LEU C 211 47.74 67.64 -33.25
C LEU C 211 48.58 68.36 -32.21
N LEU C 212 49.83 67.92 -32.06
CA LEU C 212 50.78 68.55 -31.15
C LEU C 212 51.09 70.00 -31.55
N SER C 213 50.98 70.31 -32.84
CA SER C 213 51.31 71.64 -33.33
C SER C 213 50.13 72.61 -33.21
N ILE C 214 48.93 72.09 -33.14
CA ILE C 214 47.75 72.94 -32.99
C ILE C 214 47.27 73.20 -31.56
N GLU C 215 47.91 72.59 -30.56
CA GLU C 215 47.50 72.74 -29.15
C GLU C 215 47.09 74.15 -28.74
N LYS C 216 47.84 75.16 -29.17
CA LYS C 216 47.51 76.53 -28.82
C LYS C 216 46.21 77.00 -29.43
N LYS C 217 45.85 76.46 -30.60
CA LYS C 217 44.62 76.87 -31.29
C LYS C 217 43.34 76.11 -30.89
N VAL C 218 43.47 75.08 -30.06
CA VAL C 218 42.30 74.24 -29.73
C VAL C 218 41.66 74.56 -28.37
N LEU C 219 40.45 75.07 -28.41
CA LEU C 219 39.75 75.44 -27.17
C LEU C 219 39.16 74.24 -26.43
N ASP C 220 38.62 73.28 -27.18
CA ASP C 220 38.02 72.08 -26.61
C ASP C 220 39.12 71.17 -26.05
N ARG C 221 39.54 71.48 -24.83
CA ARG C 221 40.60 70.77 -24.14
C ARG C 221 40.32 69.27 -23.94
N VAL C 222 39.04 68.90 -23.89
CA VAL C 222 38.72 67.48 -23.70
C VAL C 222 38.91 66.74 -25.01
N ALA C 223 38.45 67.35 -26.10
CA ALA C 223 38.73 66.81 -27.43
C ALA C 223 40.24 66.66 -27.70
N PHE C 224 41.00 67.70 -27.39
CA PHE C 224 42.45 67.63 -27.58
C PHE C 224 43.06 66.48 -26.81
N LEU C 225 42.77 66.40 -25.51
CA LEU C 225 43.41 65.40 -24.67
C LEU C 225 42.95 63.99 -25.02
N GLU C 226 41.65 63.83 -25.26
CA GLU C 226 41.13 62.52 -25.61
C GLU C 226 41.76 62.05 -26.92
N THR C 227 41.79 62.95 -27.90
CA THR C 227 42.37 62.63 -29.21
C THR C 227 43.84 62.30 -29.07
N ARG C 228 44.53 63.02 -28.19
CA ARG C 228 45.95 62.81 -27.99
C ARG C 228 46.23 61.43 -27.40
N ALA C 229 45.48 61.06 -26.38
CA ALA C 229 45.69 59.77 -25.72
C ALA C 229 45.47 58.59 -26.66
N GLU C 230 44.43 58.68 -27.50
CA GLU C 230 44.18 57.64 -28.50
C GLU C 230 45.40 57.42 -29.37
N TYR C 231 45.99 58.52 -29.81
CA TYR C 231 47.16 58.47 -30.69
C TYR C 231 48.32 57.85 -29.93
N GLU C 232 48.62 58.41 -28.75
CA GLU C 232 49.75 57.97 -27.96
C GLU C 232 49.69 56.50 -27.55
N LEU C 233 48.48 56.00 -27.34
CA LEU C 233 48.29 54.58 -27.07
C LEU C 233 48.52 53.76 -28.33
N TYR C 234 48.13 54.33 -29.47
CA TYR C 234 48.24 53.65 -30.74
C TYR C 234 49.70 53.49 -31.15
N LEU C 235 50.53 54.46 -30.80
CA LEU C 235 51.94 54.46 -31.19
C LEU C 235 52.81 53.78 -30.14
N SER C 236 52.19 53.28 -29.08
CA SER C 236 52.90 52.70 -27.95
C SER C 236 53.86 53.70 -27.28
N LYS C 237 53.49 54.98 -27.33
CA LYS C 237 54.18 56.00 -26.56
C LYS C 237 53.59 55.99 -25.15
N MET C 238 53.80 54.88 -24.44
CA MET C 238 53.10 54.62 -23.19
C MET C 238 53.31 55.65 -22.08
N GLU C 239 54.55 56.12 -21.93
CA GLU C 239 54.87 57.06 -20.85
C GLU C 239 54.12 58.38 -21.03
N GLU C 240 53.99 58.81 -22.28
CA GLU C 240 53.30 60.06 -22.60
C GLU C 240 51.79 59.93 -22.40
N ALA C 241 51.26 58.78 -22.78
CA ALA C 241 49.86 58.45 -22.57
C ALA C 241 49.54 58.50 -21.08
N LYS C 242 50.42 57.89 -20.28
CA LYS C 242 50.31 57.90 -18.82
C LYS C 242 50.02 59.31 -18.32
N SER C 243 50.88 60.26 -18.66
CA SER C 243 50.72 61.63 -18.19
C SER C 243 49.49 62.32 -18.77
N THR C 244 49.19 62.06 -20.05
CA THR C 244 48.02 62.66 -20.69
C THR C 244 46.72 62.18 -20.02
N ILE C 245 46.61 60.87 -19.83
CA ILE C 245 45.43 60.28 -19.24
C ILE C 245 45.24 60.79 -17.82
N TYR C 246 46.33 61.07 -17.11
CA TYR C 246 46.22 61.66 -15.78
C TYR C 246 45.62 63.06 -15.85
N LEU C 247 45.94 63.80 -16.91
CA LEU C 247 45.29 65.09 -17.14
C LEU C 247 43.79 64.93 -17.34
N LEU C 248 43.38 63.80 -17.90
CA LEU C 248 41.95 63.53 -18.15
C LEU C 248 41.20 63.13 -16.88
N LEU C 249 41.79 62.25 -16.07
CA LEU C 249 41.24 61.85 -14.78
C LEU C 249 41.13 63.04 -13.83
N ASP C 250 42.12 63.93 -13.90
CA ASP C 250 42.09 65.16 -13.12
C ASP C 250 40.84 65.94 -13.45
N ARG C 251 40.60 66.14 -14.75
CA ARG C 251 39.41 66.84 -15.21
C ARG C 251 38.10 66.09 -14.88
N ASN C 252 38.11 64.77 -15.09
CA ASN C 252 36.92 63.95 -14.87
C ASN C 252 37.30 62.49 -14.56
N PRO C 253 37.35 62.13 -13.27
CA PRO C 253 37.75 60.79 -12.83
C PRO C 253 36.58 59.82 -12.85
N ASP C 254 35.55 60.11 -13.63
CA ASP C 254 34.37 59.27 -13.66
C ASP C 254 34.08 58.76 -15.07
N ASN C 255 35.14 58.62 -15.87
CA ASN C 255 34.99 58.27 -17.28
C ASN C 255 35.60 56.90 -17.60
N HIS C 256 35.00 55.83 -17.07
CA HIS C 256 35.42 54.43 -17.29
C HIS C 256 36.55 54.18 -18.32
N GLN C 257 36.37 54.69 -19.53
CA GLN C 257 37.33 54.45 -20.62
C GLN C 257 38.71 54.99 -20.32
N TYR C 258 38.77 56.08 -19.56
CA TYR C 258 40.05 56.65 -19.13
C TYR C 258 40.80 55.61 -18.31
N TYR C 259 40.08 54.92 -17.42
CA TYR C 259 40.68 53.87 -16.60
C TYR C 259 41.21 52.70 -17.40
N TYR C 260 40.43 52.20 -18.34
CA TYR C 260 40.89 51.11 -19.19
C TYR C 260 42.08 51.53 -20.03
N ASN C 261 42.14 52.83 -20.34
CA ASN C 261 43.22 53.41 -21.12
C ASN C 261 44.50 53.61 -20.29
N LEU C 262 44.35 54.06 -19.06
CA LEU C 262 45.49 54.22 -18.18
C LEU C 262 46.12 52.87 -17.89
N GLN C 263 45.26 51.85 -17.76
CA GLN C 263 45.70 50.48 -17.53
C GLN C 263 46.49 49.96 -18.73
N ARG C 264 45.97 50.25 -19.92
CA ARG C 264 46.60 49.86 -21.17
C ARG C 264 47.96 50.53 -21.32
N ALA C 265 48.01 51.79 -20.91
CA ALA C 265 49.23 52.58 -21.02
C ALA C 265 50.31 52.08 -20.07
N TYR C 266 49.91 51.54 -18.92
CA TYR C 266 50.87 50.95 -18.00
C TYR C 266 51.31 49.57 -18.50
N GLY C 267 50.65 49.10 -19.55
CA GLY C 267 50.89 47.77 -20.07
C GLY C 267 50.31 46.68 -19.20
N TYR C 268 49.47 47.07 -18.24
CA TYR C 268 48.87 46.10 -17.33
C TYR C 268 47.66 45.44 -17.98
N GLU C 269 47.24 45.98 -19.13
CA GLU C 269 46.03 45.50 -19.80
C GLU C 269 46.19 45.61 -21.32
N ASP C 270 45.82 44.54 -22.03
CA ASP C 270 45.83 44.58 -23.49
C ASP C 270 44.66 45.41 -24.00
N ALA C 271 44.65 45.71 -25.29
CA ALA C 271 43.58 46.52 -25.87
C ALA C 271 42.24 45.80 -25.80
N SER C 272 42.29 44.49 -25.58
CA SER C 272 41.07 43.70 -25.40
C SER C 272 40.89 43.30 -23.93
N GLY C 273 41.68 42.33 -23.49
CA GLY C 273 41.57 41.79 -22.14
C GLY C 273 42.71 42.18 -21.22
N LYS C 274 42.43 42.16 -19.92
CA LYS C 274 43.34 42.71 -18.91
C LYS C 274 44.44 41.75 -18.46
N VAL C 275 45.54 41.73 -19.20
CA VAL C 275 46.64 40.84 -18.89
C VAL C 275 48.01 41.39 -19.35
N LEU C 276 49.03 41.21 -18.50
CA LEU C 276 48.89 40.45 -17.26
C LEU C 276 49.00 41.33 -16.01
N ASP C 277 50.05 41.07 -15.23
CA ASP C 277 50.29 41.71 -13.94
C ASP C 277 49.03 41.90 -13.09
N SER C 278 48.34 40.79 -12.81
CA SER C 278 47.12 40.80 -12.00
C SER C 278 47.33 41.55 -10.69
N ALA C 279 48.53 41.40 -10.12
CA ALA C 279 48.86 42.06 -8.85
C ALA C 279 49.03 43.57 -8.98
N GLU C 280 49.73 44.01 -10.02
CA GLU C 280 50.03 45.43 -10.22
C GLU C 280 48.82 46.17 -10.81
N TRP C 281 47.99 45.42 -11.53
CA TRP C 281 46.70 45.91 -12.03
C TRP C 281 45.84 46.39 -10.88
N LEU C 282 45.72 45.55 -9.86
CA LEU C 282 45.01 45.94 -8.64
C LEU C 282 45.66 47.16 -8.01
N ASN C 283 46.98 47.08 -7.83
CA ASN C 283 47.73 48.13 -7.15
C ASN C 283 47.48 49.51 -7.74
N LEU C 284 47.43 49.59 -9.07
CA LEU C 284 47.16 50.84 -9.76
C LEU C 284 45.82 51.40 -9.31
N TYR C 285 44.80 50.55 -9.31
CA TYR C 285 43.47 50.96 -8.88
C TYR C 285 43.49 51.44 -7.43
N SER C 286 44.27 50.75 -6.58
CA SER C 286 44.44 51.15 -5.19
C SER C 286 45.08 52.52 -5.09
N GLN C 287 46.09 52.76 -5.93
CA GLN C 287 46.69 54.08 -6.01
C GLN C 287 45.63 55.06 -6.46
N LEU C 288 44.87 54.65 -7.49
CA LEU C 288 43.81 55.48 -8.01
C LEU C 288 42.74 55.82 -6.95
N ALA C 289 42.79 55.18 -5.80
CA ALA C 289 41.95 55.60 -4.70
C ALA C 289 42.48 56.93 -4.12
N LYS C 290 43.75 57.23 -4.40
CA LYS C 290 44.30 58.54 -4.04
C LYS C 290 43.81 59.63 -5.01
N ARG C 291 43.39 59.23 -6.21
CA ARG C 291 42.61 60.11 -7.07
C ARG C 291 41.33 60.41 -6.33
N TYR C 292 41.26 61.60 -5.74
CA TYR C 292 40.32 61.93 -4.65
C TYR C 292 39.11 61.01 -4.54
N PRO C 293 38.98 60.35 -3.38
CA PRO C 293 37.90 59.40 -3.05
C PRO C 293 36.50 59.85 -3.47
N LYS C 294 36.41 61.02 -4.12
CA LYS C 294 35.19 61.51 -4.72
C LYS C 294 34.82 60.74 -5.99
N SER C 295 35.44 59.58 -6.18
CA SER C 295 35.13 58.72 -7.33
C SER C 295 35.01 57.26 -6.94
N GLU C 296 33.91 56.63 -7.35
CA GLU C 296 33.68 55.23 -7.02
C GLU C 296 34.43 54.29 -7.95
N CYS C 297 34.78 54.78 -9.13
CA CYS C 297 35.42 53.98 -10.16
C CYS C 297 36.63 53.12 -9.71
N PRO C 298 37.51 53.65 -8.83
CA PRO C 298 38.66 52.81 -8.52
C PRO C 298 38.31 51.52 -7.79
N THR C 299 37.21 51.49 -7.05
CA THR C 299 36.83 50.27 -6.32
C THR C 299 35.75 49.47 -7.04
N ARG C 300 34.95 50.17 -7.85
CA ARG C 300 33.87 49.51 -8.57
C ARG C 300 34.36 48.74 -9.79
N LEU C 301 35.20 49.40 -10.60
CA LEU C 301 35.72 48.80 -11.83
C LEU C 301 36.41 47.43 -11.64
N PRO C 302 37.35 47.33 -10.68
CA PRO C 302 38.05 46.05 -10.57
C PRO C 302 37.12 44.89 -10.27
N LEU C 303 35.96 45.18 -9.68
CA LEU C 303 34.96 44.15 -9.42
C LEU C 303 34.57 43.41 -10.70
N GLU C 304 34.62 44.10 -11.83
CA GLU C 304 34.29 43.47 -13.12
C GLU C 304 35.24 42.32 -13.45
N LYS C 305 36.53 42.50 -13.18
CA LYS C 305 37.54 41.54 -13.61
C LYS C 305 38.07 40.59 -12.51
N LEU C 306 37.96 41.01 -11.25
CA LEU C 306 38.36 40.15 -10.12
C LEU C 306 37.58 38.84 -10.09
N GLU C 307 38.13 37.84 -9.39
CA GLU C 307 37.43 36.58 -9.17
C GLU C 307 37.98 35.85 -7.94
N GLY C 308 37.30 34.78 -7.54
CA GLY C 308 37.74 34.00 -6.39
C GLY C 308 37.69 34.78 -5.09
N ASP C 309 38.71 34.59 -4.26
CA ASP C 309 38.73 35.19 -2.92
C ASP C 309 38.94 36.70 -2.95
N GLU C 310 39.79 37.18 -3.86
CA GLU C 310 40.01 38.62 -3.97
C GLU C 310 38.73 39.36 -4.38
N PHE C 311 37.82 38.66 -5.06
CA PHE C 311 36.52 39.24 -5.37
C PHE C 311 35.67 39.32 -4.12
N LEU C 312 35.64 38.22 -3.36
CA LEU C 312 34.82 38.14 -2.16
C LEU C 312 35.16 39.24 -1.16
N THR C 313 36.46 39.46 -0.95
CA THR C 313 36.92 40.47 0.01
C THR C 313 36.49 41.86 -0.40
N HIS C 314 36.60 42.15 -1.70
CA HIS C 314 36.31 43.47 -2.22
C HIS C 314 34.82 43.73 -2.44
N VAL C 315 34.09 42.71 -2.92
CA VAL C 315 32.65 42.87 -3.08
C VAL C 315 32.00 43.06 -1.71
N ASP C 316 32.56 42.40 -0.70
CA ASP C 316 32.09 42.54 0.68
C ASP C 316 32.28 43.98 1.16
N LEU C 317 33.48 44.50 0.96
CA LEU C 317 33.79 45.88 1.32
C LEU C 317 32.93 46.86 0.56
N TYR C 318 32.65 46.54 -0.70
CA TYR C 318 31.85 47.41 -1.54
C TYR C 318 30.38 47.42 -1.12
N LEU C 319 29.85 46.24 -0.82
CA LEU C 319 28.44 46.13 -0.47
C LEU C 319 28.13 46.81 0.86
N ARG C 320 28.97 46.57 1.87
CA ARG C 320 28.77 47.20 3.18
C ARG C 320 28.82 48.71 3.05
N LYS C 321 29.77 49.18 2.25
CA LYS C 321 29.95 50.60 1.98
C LYS C 321 28.61 51.21 1.60
N LYS C 322 28.01 50.67 0.54
CA LYS C 322 26.77 51.21 -0.02
C LYS C 322 25.54 50.92 0.83
N LEU C 323 25.62 49.87 1.65
CA LEU C 323 24.52 49.53 2.53
C LEU C 323 24.43 50.52 3.70
N LYS C 324 25.56 50.79 4.35
CA LYS C 324 25.59 51.70 5.50
C LYS C 324 25.14 53.11 5.13
N ARG C 325 25.27 53.46 3.87
CA ARG C 325 24.90 54.79 3.41
C ARG C 325 23.41 54.85 3.05
N GLY C 326 22.79 53.68 2.92
CA GLY C 326 21.39 53.62 2.58
C GLY C 326 21.13 54.03 1.15
N ILE C 327 22.09 53.69 0.28
CA ILE C 327 21.97 53.96 -1.14
C ILE C 327 20.96 53.02 -1.79
N PRO C 328 19.86 53.55 -2.33
CA PRO C 328 18.86 52.72 -3.00
C PRO C 328 19.32 52.20 -4.37
N SER C 329 20.48 52.67 -4.82
CA SER C 329 20.98 52.35 -6.16
C SER C 329 21.96 51.18 -6.15
N VAL C 330 22.21 50.63 -4.97
CA VAL C 330 23.26 49.63 -4.76
C VAL C 330 23.09 48.37 -5.60
N PHE C 331 21.86 47.89 -5.74
CA PHE C 331 21.67 46.67 -6.51
C PHE C 331 21.84 46.96 -7.99
N VAL C 332 21.32 48.09 -8.45
CA VAL C 332 21.39 48.44 -9.87
C VAL C 332 22.85 48.56 -10.30
N ASP C 333 23.69 48.93 -9.34
CA ASP C 333 25.13 49.05 -9.54
C ASP C 333 25.80 47.68 -9.69
N VAL C 334 25.62 46.83 -8.68
CA VAL C 334 26.21 45.50 -8.64
C VAL C 334 25.62 44.56 -9.70
N LYS C 335 24.34 44.76 -10.00
CA LYS C 335 23.58 44.02 -11.03
C LYS C 335 24.40 43.58 -12.25
N SER C 336 25.25 44.46 -12.77
CA SER C 336 25.98 44.19 -14.00
C SER C 336 27.04 43.09 -13.84
N LEU C 337 27.43 42.80 -12.61
CA LEU C 337 28.38 41.72 -12.32
C LEU C 337 27.76 40.36 -12.58
N TYR C 338 26.43 40.30 -12.60
CA TYR C 338 25.72 39.02 -12.66
C TYR C 338 25.82 38.37 -14.04
N LYS C 339 26.61 38.96 -14.94
CA LYS C 339 26.76 38.43 -16.28
C LYS C 339 27.41 37.04 -16.30
N ASP C 340 28.10 36.69 -15.22
CA ASP C 340 28.84 35.44 -15.18
C ASP C 340 28.14 34.31 -14.41
N THR C 341 27.17 34.68 -13.56
CA THR C 341 26.42 33.73 -12.73
C THR C 341 27.26 32.95 -11.72
N LYS C 342 28.52 33.35 -11.52
CA LYS C 342 29.30 32.79 -10.42
C LYS C 342 29.31 33.83 -9.31
N LYS C 343 29.51 35.08 -9.70
CA LYS C 343 29.53 36.17 -8.74
C LYS C 343 28.14 36.40 -8.18
N CYS C 344 27.12 36.13 -8.99
CA CYS C 344 25.74 36.22 -8.55
C CYS C 344 25.52 35.38 -7.30
N LYS C 345 25.92 34.11 -7.35
CA LYS C 345 25.78 33.22 -6.20
C LYS C 345 26.55 33.77 -5.00
N VAL C 346 27.75 34.29 -5.26
CA VAL C 346 28.59 34.85 -4.20
C VAL C 346 27.92 36.05 -3.54
N VAL C 347 27.39 36.96 -4.37
CA VAL C 347 26.70 38.14 -3.86
C VAL C 347 25.43 37.74 -3.10
N GLU C 348 24.67 36.81 -3.67
CA GLU C 348 23.44 36.32 -3.04
C GLU C 348 23.70 35.76 -1.66
N ASP C 349 24.65 34.83 -1.56
CA ASP C 349 24.99 34.20 -0.30
C ASP C 349 25.54 35.23 0.69
N LEU C 350 26.25 36.22 0.16
CA LEU C 350 26.86 37.23 1.02
C LEU C 350 25.83 38.14 1.68
N VAL C 351 24.85 38.60 0.92
CA VAL C 351 23.85 39.52 1.46
C VAL C 351 22.68 38.78 2.12
N SER C 352 22.56 37.47 1.86
CA SER C 352 21.64 36.63 2.61
C SER C 352 22.12 36.56 4.04
N LYS C 353 23.41 36.23 4.19
CA LYS C 353 24.04 36.18 5.51
C LYS C 353 23.95 37.53 6.20
N TYR C 354 24.03 38.59 5.41
CA TYR C 354 23.89 39.95 5.93
C TYR C 354 22.58 40.11 6.69
N ALA C 355 21.48 39.61 6.10
CA ALA C 355 20.15 39.79 6.67
C ALA C 355 20.03 39.10 8.01
N SER C 356 20.59 37.90 8.10
CA SER C 356 20.59 37.19 9.36
C SER C 356 21.87 37.48 10.12
N SER C 357 22.01 38.72 10.59
CA SER C 357 23.21 39.08 11.33
C SER C 357 23.15 40.12 12.46
N LEU C 358 22.61 41.34 12.31
CA LEU C 358 21.36 41.77 11.66
C LEU C 358 20.07 41.05 12.09
N SER C 359 20.18 39.77 12.40
CA SER C 359 19.11 39.06 13.05
C SER C 359 19.12 39.51 14.50
N THR C 360 20.11 39.01 15.24
CA THR C 360 20.27 39.33 16.65
C THR C 360 21.07 40.61 16.87
N THR C 361 22.15 40.77 16.11
CA THR C 361 23.04 41.91 16.28
C THR C 361 22.68 43.05 15.31
N ASN C 362 23.55 44.06 15.27
CA ASN C 362 23.43 45.11 14.27
C ASN C 362 24.68 45.14 13.41
N LYS C 363 25.43 44.05 13.45
CA LYS C 363 26.64 43.94 12.64
C LYS C 363 26.58 42.79 11.64
N PHE C 364 27.01 43.08 10.41
CA PHE C 364 27.14 42.06 9.37
C PHE C 364 27.95 40.87 9.91
N SER C 365 27.74 39.69 9.33
CA SER C 365 28.55 38.51 9.65
C SER C 365 28.68 38.20 11.15
N GLU C 366 29.89 37.82 11.57
CA GLU C 366 30.13 37.39 12.95
C GLU C 366 31.35 38.06 13.60
N ASP C 367 32.44 38.19 12.85
CA ASP C 367 33.70 38.72 13.38
C ASP C 367 33.66 40.24 13.50
N ASP C 368 32.56 40.83 13.06
CA ASP C 368 32.41 42.28 13.07
C ASP C 368 32.05 42.78 14.45
N ASP C 369 31.58 41.88 15.30
CA ASP C 369 31.23 42.21 16.67
C ASP C 369 32.50 42.42 17.48
N ASN C 370 33.64 42.03 16.90
CA ASN C 370 34.95 42.20 17.52
C ASN C 370 35.53 43.58 17.20
N SER C 371 35.07 44.16 16.09
CA SER C 371 35.43 45.53 15.73
C SER C 371 34.32 46.49 16.16
N GLN C 372 33.32 45.92 16.85
CA GLN C 372 32.19 46.69 17.38
C GLN C 372 31.46 47.54 16.35
N ILE C 373 30.95 48.69 16.81
CA ILE C 373 30.08 49.57 16.00
C ILE C 373 28.75 48.86 15.68
N GLU C 374 27.71 49.62 15.34
CA GLU C 374 26.42 49.04 15.00
C GLU C 374 25.74 49.87 13.91
N ILE C 375 24.60 49.38 13.42
CA ILE C 375 23.81 50.14 12.44
C ILE C 375 22.31 49.89 12.65
N PRO C 376 21.50 50.94 12.59
CA PRO C 376 20.05 50.85 12.82
C PRO C 376 19.22 50.42 11.60
N THR C 377 19.29 51.17 10.51
CA THR C 377 18.40 50.99 9.37
C THR C 377 19.11 50.44 8.13
N THR C 378 19.97 49.45 8.32
CA THR C 378 20.60 48.78 7.19
C THR C 378 19.76 47.61 6.71
N LEU C 379 18.96 47.05 7.61
CA LEU C 379 18.11 45.92 7.25
C LEU C 379 17.16 46.29 6.12
N LEU C 380 16.59 47.49 6.19
CA LEU C 380 15.73 48.00 5.12
C LEU C 380 16.45 47.82 3.81
N TRP C 381 17.67 48.33 3.76
CA TRP C 381 18.42 48.39 2.51
C TRP C 381 18.98 47.03 2.10
N THR C 382 19.24 46.19 3.11
CA THR C 382 19.60 44.81 2.86
C THR C 382 18.38 44.09 2.29
N TYR C 383 17.26 44.17 3.01
CA TYR C 383 16.01 43.61 2.54
C TYR C 383 15.66 44.09 1.11
N TYR C 384 15.80 45.38 0.88
CA TYR C 384 15.48 45.95 -0.43
C TYR C 384 16.36 45.36 -1.50
N PHE C 385 17.63 45.18 -1.16
CA PHE C 385 18.59 44.56 -2.08
C PHE C 385 18.13 43.15 -2.40
N LEU C 386 17.83 42.39 -1.35
CA LEU C 386 17.46 41.01 -1.52
C LEU C 386 16.20 40.88 -2.35
N ALA C 387 15.28 41.82 -2.17
CA ALA C 387 14.03 41.81 -2.91
C ALA C 387 14.30 41.98 -4.39
N GLN C 388 15.24 42.87 -4.74
CA GLN C 388 15.57 43.12 -6.14
C GLN C 388 16.38 41.98 -6.73
N HIS C 389 17.19 41.37 -5.90
CA HIS C 389 18.02 40.27 -6.34
C HIS C 389 17.14 39.09 -6.73
N PHE C 390 16.27 38.70 -5.83
CA PHE C 390 15.46 37.52 -6.07
C PHE C 390 14.42 37.73 -7.17
N ASP C 391 14.02 38.98 -7.40
CA ASP C 391 13.16 39.28 -8.52
C ASP C 391 13.95 39.11 -9.82
N HIS C 392 15.19 39.58 -9.83
CA HIS C 392 16.05 39.44 -10.99
C HIS C 392 16.33 37.97 -11.30
N VAL C 393 16.63 37.20 -10.26
CA VAL C 393 16.99 35.78 -10.39
C VAL C 393 15.76 34.90 -10.65
N GLY C 394 14.57 35.41 -10.33
CA GLY C 394 13.33 34.75 -10.70
C GLY C 394 12.64 33.95 -9.61
N GLU C 395 13.06 34.16 -8.37
CA GLU C 395 12.44 33.48 -7.24
C GLU C 395 10.99 33.92 -7.04
N LEU C 396 10.78 35.22 -6.84
CA LEU C 396 9.46 35.82 -6.70
C LEU C 396 8.78 35.57 -5.33
N GLU C 397 8.81 34.33 -4.85
CA GLU C 397 8.23 34.04 -3.55
C GLU C 397 9.16 34.62 -2.48
N LYS C 398 10.44 34.26 -2.60
CA LYS C 398 11.48 34.82 -1.73
C LYS C 398 11.47 36.33 -1.89
N ALA C 399 11.38 36.78 -3.14
CA ALA C 399 11.43 38.20 -3.45
C ALA C 399 10.30 38.93 -2.72
N GLU C 400 9.08 38.42 -2.85
CA GLU C 400 7.92 39.10 -2.25
C GLU C 400 7.97 39.12 -0.72
N LYS C 401 8.55 38.10 -0.12
CA LYS C 401 8.72 38.07 1.33
C LYS C 401 9.65 39.19 1.77
N TYR C 402 10.66 39.50 0.96
CA TYR C 402 11.63 40.53 1.32
C TYR C 402 11.09 41.96 1.20
N VAL C 403 10.40 42.28 0.11
CA VAL C 403 9.78 43.61 0.00
C VAL C 403 8.79 43.83 1.12
N ASP C 404 8.03 42.77 1.42
CA ASP C 404 7.04 42.83 2.50
C ASP C 404 7.74 43.13 3.81
N LEU C 405 8.86 42.46 4.06
CA LEU C 405 9.67 42.75 5.23
C LEU C 405 10.09 44.20 5.26
N ALA C 406 10.42 44.73 4.07
CA ALA C 406 10.90 46.10 3.96
C ALA C 406 9.76 47.10 4.15
N ILE C 407 8.63 46.83 3.52
CA ILE C 407 7.45 47.67 3.63
C ILE C 407 6.92 47.73 5.07
N ASP C 408 7.01 46.61 5.78
CA ASP C 408 6.61 46.57 7.19
C ASP C 408 7.50 47.47 8.04
N HIS C 409 8.74 47.60 7.62
CA HIS C 409 9.74 48.41 8.34
C HIS C 409 9.45 49.90 8.16
N THR C 410 9.31 50.30 6.90
CA THR C 410 9.10 51.69 6.56
C THR C 410 8.20 51.79 5.31
N PRO C 411 6.89 51.94 5.54
CA PRO C 411 5.85 51.83 4.52
C PRO C 411 5.69 53.08 3.67
N THR C 412 6.56 54.06 3.89
CA THR C 412 6.41 55.33 3.21
C THR C 412 7.40 55.48 2.05
N LEU C 413 8.26 54.47 1.87
CA LEU C 413 9.37 54.50 0.88
C LEU C 413 8.96 54.02 -0.51
N VAL C 414 8.96 54.93 -1.46
CA VAL C 414 8.45 54.70 -2.83
C VAL C 414 9.03 53.49 -3.54
N GLU C 415 10.35 53.30 -3.40
CA GLU C 415 11.07 52.29 -4.17
C GLU C 415 10.60 50.88 -3.83
N LEU C 416 10.29 50.68 -2.55
CA LEU C 416 9.81 49.39 -2.04
C LEU C 416 8.56 48.95 -2.77
N PHE C 417 7.67 49.89 -3.08
CA PHE C 417 6.43 49.57 -3.76
C PHE C 417 6.66 49.38 -5.24
N MET C 418 7.60 50.15 -5.81
CA MET C 418 8.01 49.97 -7.19
C MET C 418 8.43 48.54 -7.40
N THR C 419 9.28 48.05 -6.51
CA THR C 419 9.76 46.67 -6.60
C THR C 419 8.63 45.65 -6.42
N LYS C 420 7.72 45.91 -5.48
CA LYS C 420 6.64 44.97 -5.26
C LYS C 420 5.75 44.86 -6.50
N ALA C 421 5.56 45.98 -7.19
CA ALA C 421 4.75 45.96 -8.42
C ALA C 421 5.37 45.06 -9.48
N ARG C 422 6.69 45.18 -9.64
CA ARG C 422 7.40 44.40 -10.65
C ARG C 422 7.28 42.92 -10.35
N ILE C 423 7.48 42.56 -9.08
CA ILE C 423 7.35 41.18 -8.66
C ILE C 423 5.96 40.68 -9.02
N SER C 424 4.96 41.53 -8.83
CA SER C 424 3.60 41.16 -9.19
C SER C 424 3.47 40.98 -10.70
N LYS C 425 4.07 41.89 -11.45
CA LYS C 425 4.13 41.80 -12.91
C LYS C 425 4.72 40.47 -13.36
N HIS C 426 5.80 40.07 -12.70
CA HIS C 426 6.44 38.81 -13.05
C HIS C 426 5.60 37.60 -12.65
N LYS C 427 4.75 37.74 -11.64
CA LYS C 427 3.84 36.67 -11.24
C LYS C 427 2.66 36.56 -12.22
N GLY C 428 2.52 37.54 -13.10
CA GLY C 428 1.43 37.57 -14.06
C GLY C 428 0.20 38.29 -13.54
N GLU C 429 0.31 38.88 -12.35
CA GLU C 429 -0.81 39.60 -11.76
C GLU C 429 -0.81 41.09 -12.13
N LEU C 430 -1.17 41.36 -13.38
CA LEU C 430 -1.15 42.72 -13.89
C LEU C 430 -2.06 43.68 -13.12
N GLN C 431 -3.26 43.25 -12.74
CA GLN C 431 -4.18 44.14 -12.04
C GLN C 431 -3.54 44.65 -10.76
N THR C 432 -2.90 43.78 -9.99
CA THR C 432 -2.33 44.26 -8.74
C THR C 432 -1.00 44.96 -8.90
N ALA C 433 -0.25 44.59 -9.94
CA ALA C 433 0.94 45.37 -10.32
C ALA C 433 0.49 46.80 -10.53
N MET C 434 -0.55 46.97 -11.35
CA MET C 434 -1.10 48.29 -11.59
C MET C 434 -1.55 48.99 -10.30
N GLU C 435 -2.22 48.28 -9.42
CA GLU C 435 -2.67 48.90 -8.16
C GLU C 435 -1.46 49.30 -7.32
N ILE C 436 -0.48 48.42 -7.23
CA ILE C 436 0.69 48.70 -6.42
C ILE C 436 1.50 49.86 -6.99
N MET C 437 1.53 50.01 -8.31
CA MET C 437 2.29 51.11 -8.87
C MET C 437 1.57 52.44 -8.63
N ASP C 438 0.24 52.40 -8.63
CA ASP C 438 -0.52 53.60 -8.33
C ASP C 438 -0.27 54.04 -6.89
N HIS C 439 -0.09 53.07 -5.99
CA HIS C 439 0.22 53.38 -4.60
C HIS C 439 1.61 54.01 -4.51
N ALA C 440 2.52 53.51 -5.34
CA ALA C 440 3.85 54.08 -5.38
C ALA C 440 3.75 55.51 -5.85
N ARG C 441 2.95 55.73 -6.88
CA ARG C 441 2.73 57.08 -7.38
C ARG C 441 2.16 58.00 -6.29
N LYS C 442 1.17 57.48 -5.55
CA LYS C 442 0.53 58.26 -4.50
C LYS C 442 1.49 58.72 -3.45
N LEU C 443 2.56 57.95 -3.25
CA LEU C 443 3.58 58.36 -2.28
C LEU C 443 4.47 59.52 -2.76
N ASP C 444 4.28 59.98 -4.00
CA ASP C 444 5.09 61.08 -4.53
C ASP C 444 4.43 61.77 -5.72
N LEU C 445 3.39 62.55 -5.44
CA LEU C 445 2.62 63.19 -6.50
C LEU C 445 3.38 64.26 -7.32
N GLN C 446 4.51 64.74 -6.83
CA GLN C 446 5.23 65.79 -7.56
C GLN C 446 6.24 65.27 -8.59
N ASP C 447 6.43 63.95 -8.63
CA ASP C 447 7.45 63.29 -9.44
C ASP C 447 6.93 62.68 -10.73
N ARG C 448 7.24 63.30 -11.87
CA ARG C 448 6.75 62.86 -13.17
C ARG C 448 7.13 61.41 -13.44
N PHE C 449 8.28 60.99 -12.91
CA PHE C 449 8.83 59.68 -13.21
C PHE C 449 7.89 58.60 -12.78
N ILE C 450 7.66 58.54 -11.47
CA ILE C 450 6.80 57.52 -10.89
C ILE C 450 5.42 57.56 -11.53
N ASN C 451 4.93 58.78 -11.79
CA ASN C 451 3.70 58.94 -12.55
C ASN C 451 3.75 58.14 -13.84
N GLY C 452 4.86 58.27 -14.58
CA GLY C 452 5.05 57.56 -15.82
C GLY C 452 5.10 56.05 -15.68
N LYS C 453 5.84 55.57 -14.69
CA LYS C 453 5.85 54.15 -14.39
C LYS C 453 4.43 53.66 -14.13
N CYS C 454 3.65 54.44 -13.39
CA CYS C 454 2.31 54.06 -13.08
C CYS C 454 1.51 53.93 -14.36
N ALA C 455 1.63 54.92 -15.25
CA ALA C 455 0.87 54.90 -16.49
C ALA C 455 1.24 53.70 -17.34
N LYS C 456 2.50 53.31 -17.25
CA LYS C 456 2.99 52.20 -18.04
C LYS C 456 2.30 50.92 -17.62
N TYR C 457 2.29 50.67 -16.31
CA TYR C 457 1.69 49.45 -15.78
C TYR C 457 0.20 49.42 -16.07
N MET C 458 -0.43 50.59 -16.07
CA MET C 458 -1.81 50.70 -16.47
C MET C 458 -1.98 50.27 -17.94
N LEU C 459 -1.08 50.73 -18.80
CA LEU C 459 -1.11 50.34 -20.21
C LEU C 459 -0.88 48.82 -20.38
N ARG C 460 0.03 48.29 -19.57
CA ARG C 460 0.30 46.87 -19.59
C ARG C 460 -0.97 46.08 -19.22
N ASN C 461 -1.84 46.70 -18.43
CA ASN C 461 -3.05 46.06 -17.95
C ASN C 461 -4.24 46.43 -18.83
N ASP C 462 -3.97 47.12 -19.93
CA ASP C 462 -4.99 47.51 -20.90
C ASP C 462 -6.03 48.49 -20.41
N GLU C 463 -5.58 49.37 -19.51
CA GLU C 463 -6.38 50.44 -18.99
C GLU C 463 -6.01 51.78 -19.63
N ASN C 464 -6.27 51.91 -20.92
CA ASN C 464 -5.74 53.03 -21.69
C ASN C 464 -6.19 54.40 -21.20
N GLU C 465 -7.49 54.54 -20.92
CA GLU C 465 -8.06 55.83 -20.53
C GLU C 465 -7.58 56.22 -19.15
N LEU C 466 -7.32 55.22 -18.34
CA LEU C 466 -6.88 55.47 -16.98
C LEU C 466 -5.45 56.01 -17.02
N ALA C 467 -4.63 55.37 -17.80
CA ALA C 467 -3.29 55.87 -18.09
C ALA C 467 -3.28 57.30 -18.63
N ALA C 468 -4.13 57.57 -19.61
CA ALA C 468 -4.17 58.92 -20.16
C ALA C 468 -4.61 59.95 -19.11
N LYS C 469 -5.54 59.56 -18.24
CA LYS C 469 -5.97 60.44 -17.16
C LYS C 469 -4.82 60.64 -16.17
N THR C 470 -4.05 59.58 -15.96
CA THR C 470 -2.90 59.67 -15.05
C THR C 470 -1.77 60.59 -15.56
N VAL C 471 -1.40 60.47 -16.84
CA VAL C 471 -0.33 61.30 -17.36
C VAL C 471 -0.82 62.72 -17.58
N SER C 472 -2.14 62.91 -17.63
CA SER C 472 -2.70 64.25 -17.83
C SER C 472 -2.27 65.20 -16.71
N LEU C 473 -1.86 64.62 -15.59
CA LEU C 473 -1.29 65.39 -14.48
C LEU C 473 0.02 66.13 -14.81
N PHE C 474 0.76 65.69 -15.83
CA PHE C 474 2.06 66.32 -16.10
C PHE C 474 2.22 66.93 -17.48
N THR C 475 1.28 66.69 -18.39
CA THR C 475 1.38 67.18 -19.76
C THR C 475 0.92 68.64 -19.98
N ARG C 476 1.18 69.16 -21.16
CA ARG C 476 0.68 70.47 -21.56
C ARG C 476 -0.58 70.19 -22.37
N ASN C 477 -1.72 70.38 -21.73
CA ASN C 477 -2.96 69.85 -22.29
C ASN C 477 -3.63 70.70 -23.37
N GLU C 478 -3.10 71.91 -23.56
CA GLU C 478 -3.72 72.89 -24.44
C GLU C 478 -3.98 72.45 -25.88
N ALA C 479 -3.29 71.40 -26.34
CA ALA C 479 -3.45 70.89 -27.70
C ALA C 479 -2.47 69.74 -27.86
N VAL C 480 -2.74 68.80 -28.77
CA VAL C 480 -3.98 68.72 -29.53
C VAL C 480 -4.95 67.91 -28.70
N GLY C 481 -4.96 66.60 -28.93
CA GLY C 481 -5.82 65.67 -28.20
C GLY C 481 -5.38 65.39 -26.77
N GLY C 482 -5.36 66.45 -25.95
CA GLY C 482 -5.01 66.34 -24.55
C GLY C 482 -3.65 65.74 -24.28
N ALA C 483 -3.51 65.14 -23.09
CA ALA C 483 -2.24 64.54 -22.67
C ALA C 483 -1.56 63.66 -23.72
N VAL C 484 -2.35 62.84 -24.41
CA VAL C 484 -1.79 61.86 -25.31
C VAL C 484 -1.31 62.55 -26.59
N GLY C 485 -2.03 63.59 -26.99
CA GLY C 485 -1.65 64.39 -28.12
C GLY C 485 -0.39 65.20 -27.86
N ASP C 486 -0.19 65.64 -26.63
CA ASP C 486 1.02 66.37 -26.27
C ASP C 486 2.20 65.44 -26.18
N LEU C 487 1.94 64.24 -25.66
CA LEU C 487 2.97 63.22 -25.62
C LEU C 487 3.46 62.85 -27.03
N ALA C 488 2.58 62.93 -28.01
CA ALA C 488 2.97 62.70 -29.39
C ALA C 488 3.80 63.89 -29.95
N ASP C 489 3.30 65.11 -29.80
CA ASP C 489 4.04 66.33 -30.09
C ASP C 489 5.46 66.33 -29.54
N MET C 490 5.62 65.85 -28.31
CA MET C 490 6.93 65.86 -27.67
C MET C 490 7.73 64.58 -27.92
N GLN C 491 7.23 63.76 -28.85
CA GLN C 491 7.95 62.64 -29.38
C GLN C 491 8.23 61.57 -28.32
N CYS C 492 7.26 61.38 -27.44
CA CYS C 492 7.39 60.35 -26.43
C CYS C 492 7.18 58.97 -27.03
N LEU C 493 8.27 58.29 -27.29
CA LEU C 493 8.23 57.04 -28.03
C LEU C 493 7.60 55.93 -27.19
N TRP C 494 8.03 55.84 -25.93
CA TRP C 494 7.64 54.72 -25.11
C TRP C 494 6.12 54.70 -24.83
N TYR C 495 5.54 55.87 -24.61
CA TYR C 495 4.10 55.91 -24.41
C TYR C 495 3.34 55.47 -25.66
N MET C 496 3.75 55.96 -26.83
CA MET C 496 2.99 55.60 -28.04
C MET C 496 3.15 54.11 -28.35
N LEU C 497 4.27 53.54 -27.98
CA LEU C 497 4.50 52.13 -28.22
C LEU C 497 3.65 51.26 -27.29
N GLU C 498 3.65 51.60 -26.00
CA GLU C 498 2.92 50.81 -25.00
C GLU C 498 1.41 50.93 -25.22
N ASP C 499 0.96 52.11 -25.57
CA ASP C 499 -0.44 52.37 -25.90
C ASP C 499 -0.86 51.59 -27.14
N GLY C 500 -0.02 51.60 -28.16
CA GLY C 500 -0.33 50.89 -29.38
C GLY C 500 -0.37 49.40 -29.19
N LYS C 501 0.55 48.87 -28.39
CA LYS C 501 0.58 47.45 -28.12
C LYS C 501 -0.64 47.01 -27.32
N SER C 502 -1.11 47.89 -26.44
CA SER C 502 -2.27 47.64 -25.64
C SER C 502 -3.49 47.61 -26.56
N PHE C 503 -3.59 48.59 -27.45
CA PHE C 503 -4.74 48.64 -28.33
C PHE C 503 -4.76 47.42 -29.23
N ALA C 504 -3.56 47.00 -29.65
CA ALA C 504 -3.45 45.84 -30.53
C ALA C 504 -3.97 44.59 -29.86
N ARG C 505 -3.56 44.36 -28.64
CA ARG C 505 -3.94 43.12 -28.01
C ARG C 505 -5.38 43.08 -27.50
N GLN C 506 -6.07 44.21 -27.52
CA GLN C 506 -7.52 44.29 -27.35
C GLN C 506 -8.24 44.33 -28.70
N LYS C 507 -7.49 44.09 -29.78
CA LYS C 507 -8.02 44.17 -31.14
C LYS C 507 -8.61 45.53 -31.55
N LYS C 508 -8.28 46.58 -30.80
CA LYS C 508 -8.68 47.93 -31.19
C LYS C 508 -7.66 48.41 -32.20
N PHE C 509 -7.78 47.91 -33.43
CA PHE C 509 -6.75 48.03 -34.45
C PHE C 509 -6.54 49.46 -34.92
N ALA C 510 -7.63 50.18 -35.17
CA ALA C 510 -7.52 51.55 -35.69
C ALA C 510 -6.68 52.44 -34.75
N LEU C 511 -6.90 52.29 -33.46
CA LEU C 511 -6.10 52.97 -32.45
C LEU C 511 -4.66 52.47 -32.40
N ALA C 512 -4.47 51.16 -32.53
CA ALA C 512 -3.13 50.60 -32.51
C ALA C 512 -2.33 51.12 -33.69
N LEU C 513 -2.93 51.05 -34.86
CA LEU C 513 -2.31 51.57 -36.04
C LEU C 513 -1.98 53.04 -35.84
N LYS C 514 -2.90 53.76 -35.23
CA LYS C 514 -2.72 55.19 -35.01
C LYS C 514 -1.47 55.48 -34.20
N ARG C 515 -1.32 54.76 -33.11
CA ARG C 515 -0.24 55.04 -32.17
C ARG C 515 1.07 54.67 -32.81
N PHE C 516 1.08 53.54 -33.50
CA PHE C 516 2.26 53.07 -34.16
C PHE C 516 2.66 54.09 -35.23
N SER C 517 1.67 54.54 -36.01
CA SER C 517 1.91 55.56 -37.00
C SER C 517 2.55 56.86 -36.42
N THR C 518 2.26 57.14 -35.17
CA THR C 518 2.87 58.29 -34.52
C THR C 518 4.36 58.04 -34.27
N VAL C 519 4.74 56.78 -34.05
CA VAL C 519 6.14 56.44 -33.91
C VAL C 519 6.82 56.63 -35.26
N PHE C 520 6.12 56.25 -36.33
CA PHE C 520 6.66 56.45 -37.66
C PHE C 520 6.90 57.93 -37.85
N LYS C 521 5.93 58.74 -37.46
CA LYS C 521 6.01 60.16 -37.70
C LYS C 521 7.17 60.78 -36.91
N ILE C 522 7.42 60.28 -35.72
CA ILE C 522 8.46 60.82 -34.85
C ILE C 522 9.85 60.53 -35.45
N PHE C 523 9.99 59.34 -36.02
CA PHE C 523 11.24 58.95 -36.65
C PHE C 523 11.43 59.75 -37.94
N ASP C 524 10.36 59.86 -38.72
CA ASP C 524 10.43 60.67 -39.94
C ASP C 524 10.84 62.09 -39.60
N THR C 525 10.33 62.59 -38.48
CA THR C 525 10.63 63.94 -38.08
C THR C 525 12.09 64.04 -37.71
N TRP C 526 12.62 62.99 -37.10
CA TRP C 526 13.99 63.00 -36.70
C TRP C 526 14.92 62.99 -37.95
N ALA C 527 14.58 62.16 -38.92
CA ALA C 527 15.35 62.08 -40.16
C ALA C 527 15.37 63.44 -40.85
N ASP C 528 14.28 64.17 -40.73
CA ASP C 528 14.12 65.43 -41.43
C ASP C 528 14.78 66.61 -40.71
N ASP C 529 15.04 66.47 -39.41
CA ASP C 529 15.49 67.61 -38.60
C ASP C 529 16.90 68.10 -38.95
N GLN C 530 17.69 67.23 -39.56
CA GLN C 530 19.06 67.56 -39.93
C GLN C 530 19.07 68.59 -41.06
N PHE C 531 18.01 68.59 -41.86
CA PHE C 531 17.90 69.47 -43.03
C PHE C 531 18.48 70.86 -42.92
N ASP C 532 18.03 71.69 -41.99
CA ASP C 532 18.52 73.06 -41.87
C ASP C 532 19.96 73.09 -41.42
N PHE C 533 20.46 71.97 -40.90
CA PHE C 533 21.82 71.97 -40.38
C PHE C 533 22.87 71.76 -41.47
N HIS C 534 22.42 71.40 -42.67
CA HIS C 534 23.35 71.36 -43.83
C HIS C 534 23.73 72.78 -44.24
N PHE C 535 23.11 73.77 -43.58
CA PHE C 535 23.49 75.14 -43.74
C PHE C 535 24.03 75.65 -42.42
N PHE C 536 23.26 75.45 -41.35
CA PHE C 536 23.53 76.09 -40.09
C PHE C 536 24.83 75.60 -39.49
N ALA C 537 25.20 74.35 -39.75
CA ALA C 537 26.40 73.79 -39.12
C ALA C 537 27.68 74.47 -39.61
N PHE C 538 27.71 74.83 -40.90
CA PHE C 538 28.88 75.52 -41.43
C PHE C 538 28.88 76.97 -41.02
N ARG C 539 27.73 77.51 -40.69
N ARG C 539 27.72 77.50 -40.68
CA ARG C 539 27.68 78.88 -40.21
CA ARG C 539 27.64 78.87 -40.20
C ARG C 539 28.30 78.95 -38.82
C ARG C 539 28.31 78.94 -38.84
N LYS C 540 28.11 77.90 -38.03
CA LYS C 540 28.68 77.86 -36.70
C LYS C 540 30.10 77.35 -36.76
N GLY C 541 30.33 76.43 -37.69
CA GLY C 541 31.66 75.87 -37.87
C GLY C 541 31.87 74.62 -37.03
N SER C 542 30.81 73.82 -36.85
CA SER C 542 30.91 72.66 -36.00
C SER C 542 31.05 71.41 -36.82
N LEU C 543 32.23 71.27 -37.42
CA LEU C 543 32.43 70.32 -38.48
C LEU C 543 32.45 68.90 -37.99
N ARG C 544 33.25 68.59 -36.97
CA ARG C 544 33.24 67.22 -36.45
C ARG C 544 31.85 66.82 -35.95
N THR C 545 31.15 67.74 -35.29
CA THR C 545 29.78 67.45 -34.81
C THR C 545 28.83 67.26 -35.98
N TYR C 546 29.01 68.06 -37.05
CA TYR C 546 28.19 67.88 -38.24
C TYR C 546 28.37 66.47 -38.82
N LEU C 547 29.62 66.00 -38.86
CA LEU C 547 29.91 64.65 -39.35
C LEU C 547 29.13 63.59 -38.54
N ASP C 548 29.15 63.74 -37.22
CA ASP C 548 28.41 62.82 -36.34
C ASP C 548 26.90 62.80 -36.63
N LEU C 549 26.36 63.98 -36.87
CA LEU C 549 24.98 64.12 -37.29
C LEU C 549 24.70 63.30 -38.54
N MET C 550 25.52 63.46 -39.56
CA MET C 550 25.32 62.75 -40.81
C MET C 550 25.29 61.24 -40.66
N SER C 551 26.16 60.69 -39.81
CA SER C 551 26.20 59.24 -39.68
C SER C 551 25.21 58.69 -38.67
N TRP C 552 24.79 59.52 -37.73
CA TRP C 552 23.67 59.16 -36.86
C TRP C 552 22.42 59.04 -37.70
N GLU C 553 22.18 60.04 -38.53
CA GLU C 553 21.01 60.06 -39.39
C GLU C 553 20.97 58.89 -40.35
N ASP C 554 22.13 58.44 -40.76
CA ASP C 554 22.21 57.43 -41.80
C ASP C 554 21.58 56.14 -41.33
N SER C 555 21.48 55.97 -40.03
CA SER C 555 20.94 54.76 -39.45
C SER C 555 19.91 55.06 -38.33
N VAL C 556 19.21 56.17 -38.44
CA VAL C 556 18.32 56.61 -37.39
C VAL C 556 17.12 55.67 -37.20
N TYR C 557 16.70 55.01 -38.27
CA TYR C 557 15.62 54.06 -38.24
C TYR C 557 16.05 52.68 -37.75
N ASP C 558 17.32 52.55 -37.38
CA ASP C 558 17.81 51.25 -36.94
C ASP C 558 17.69 51.23 -35.43
N ASP C 559 16.45 51.10 -34.97
CA ASP C 559 16.11 51.35 -33.58
C ASP C 559 15.03 50.39 -33.06
N PRO C 560 15.21 49.86 -31.86
CA PRO C 560 14.22 49.03 -31.15
C PRO C 560 12.79 49.56 -31.26
N SER C 561 12.59 50.84 -30.99
CA SER C 561 11.25 51.39 -31.01
C SER C 561 10.68 51.41 -32.39
N PHE C 562 11.48 51.77 -33.39
CA PHE C 562 10.92 51.85 -34.73
C PHE C 562 10.55 50.44 -35.15
N ARG C 563 11.42 49.50 -34.83
CA ARG C 563 11.21 48.10 -35.16
C ARG C 563 9.88 47.63 -34.61
N GLU C 564 9.72 47.85 -33.31
CA GLU C 564 8.52 47.41 -32.59
C GLU C 564 7.25 47.99 -33.23
N ALA C 565 7.29 49.25 -33.60
CA ALA C 565 6.13 49.87 -34.22
C ALA C 565 5.82 49.28 -35.59
N ALA C 566 6.86 49.12 -36.39
CA ALA C 566 6.73 48.56 -37.74
C ALA C 566 6.22 47.14 -37.67
N GLN C 567 6.83 46.35 -36.81
CA GLN C 567 6.43 44.98 -36.54
C GLN C 567 4.94 44.96 -36.24
N GLY C 568 4.54 45.69 -35.20
CA GLY C 568 3.14 45.76 -34.78
C GLY C 568 2.20 46.11 -35.91
N SER C 569 2.52 47.14 -36.68
CA SER C 569 1.68 47.50 -37.82
C SER C 569 1.56 46.39 -38.86
N ILE C 570 2.68 45.78 -39.24
CA ILE C 570 2.64 44.68 -40.20
C ILE C 570 1.72 43.54 -39.75
N GLU C 571 1.82 43.14 -38.48
CA GLU C 571 0.98 42.06 -37.96
C GLU C 571 -0.50 42.40 -38.08
N ILE C 572 -0.84 43.65 -37.83
CA ILE C 572 -2.21 44.12 -37.97
C ILE C 572 -2.66 44.18 -39.43
N TYR C 573 -1.79 44.69 -40.30
CA TYR C 573 -2.06 44.64 -41.73
C TYR C 573 -2.25 43.20 -42.24
N PHE C 574 -1.54 42.23 -41.66
CA PHE C 574 -1.77 40.81 -41.96
C PHE C 574 -3.18 40.37 -41.57
N ALA C 575 -3.60 40.79 -40.37
CA ALA C 575 -4.93 40.44 -39.89
C ALA C 575 -5.95 41.10 -40.80
N LEU C 576 -5.68 42.34 -41.18
CA LEU C 576 -6.57 43.06 -42.06
C LEU C 576 -6.73 42.38 -43.42
N PHE C 577 -5.67 41.71 -43.87
CA PHE C 577 -5.75 40.93 -45.09
C PHE C 577 -6.49 39.62 -44.85
N ASP C 578 -6.18 38.97 -43.74
CA ASP C 578 -6.76 37.66 -43.45
C ASP C 578 -8.26 37.73 -43.16
N LEU C 579 -8.60 38.42 -42.08
CA LEU C 579 -9.97 38.45 -41.56
C LEU C 579 -10.74 39.63 -42.13
N PRO C 580 -11.90 39.37 -42.77
CA PRO C 580 -12.75 40.44 -43.29
C PRO C 580 -13.49 41.26 -42.21
N PHE C 581 -13.41 40.84 -40.95
CA PHE C 581 -14.06 41.58 -39.85
C PHE C 581 -13.04 42.39 -39.06
N ALA C 582 -11.77 42.22 -39.39
CA ALA C 582 -10.72 42.90 -38.65
C ALA C 582 -10.85 44.42 -38.73
N LYS C 583 -11.28 44.92 -39.89
CA LYS C 583 -11.38 46.36 -40.13
C LYS C 583 -12.42 47.08 -39.28
N TYR C 584 -13.27 46.33 -38.58
CA TYR C 584 -14.25 46.95 -37.72
C TYR C 584 -13.76 47.02 -36.28
N SER C 585 -12.49 46.71 -36.07
CA SER C 585 -11.88 46.63 -34.73
C SER C 585 -12.83 46.01 -33.71
N PRO C 586 -13.23 44.75 -33.94
CA PRO C 586 -14.25 44.14 -33.08
C PRO C 586 -13.71 44.00 -31.68
N LYS C 587 -14.60 43.98 -30.70
CA LYS C 587 -14.18 43.78 -29.32
C LYS C 587 -13.72 42.34 -29.25
N LEU C 588 -12.77 42.07 -28.35
CA LEU C 588 -12.20 40.73 -28.20
C LEU C 588 -13.20 39.56 -28.18
N PRO C 589 -14.33 39.70 -27.46
CA PRO C 589 -15.27 38.57 -27.48
C PRO C 589 -15.93 38.36 -28.85
N ASP C 590 -16.19 39.43 -29.58
CA ASP C 590 -16.78 39.30 -30.92
C ASP C 590 -15.74 38.79 -31.91
N PHE C 591 -14.48 39.17 -31.68
CA PHE C 591 -13.38 38.78 -32.54
C PHE C 591 -13.18 37.27 -32.46
N GLU C 592 -13.41 36.70 -31.28
CA GLU C 592 -13.14 35.28 -31.08
C GLU C 592 -14.27 34.41 -31.60
N LYS C 593 -15.50 34.88 -31.48
CA LYS C 593 -16.64 34.19 -32.07
C LYS C 593 -16.51 34.12 -33.58
N LEU C 594 -16.17 35.24 -34.20
CA LEU C 594 -16.02 35.32 -35.66
C LEU C 594 -14.76 34.60 -36.19
N SER C 595 -13.82 34.36 -35.29
CA SER C 595 -12.55 33.73 -35.65
C SER C 595 -12.62 32.21 -35.52
N SER C 596 -13.58 31.73 -34.72
CA SER C 596 -13.72 30.29 -34.51
C SER C 596 -14.64 29.66 -35.55
N GLY C 597 -15.43 30.51 -36.23
CA GLY C 597 -16.32 30.05 -37.28
C GLY C 597 -17.27 28.91 -36.93
N GLU C 598 -17.70 28.85 -35.67
CA GLU C 598 -18.58 27.78 -35.24
C GLU C 598 -20.02 28.27 -35.12
N ILE C 599 -20.19 29.58 -35.28
CA ILE C 599 -21.51 30.21 -35.17
C ILE C 599 -22.28 30.16 -36.49
N ASN C 600 -23.61 30.22 -36.40
CA ASN C 600 -24.45 30.18 -37.59
C ASN C 600 -24.51 31.52 -38.30
N GLU C 601 -25.17 31.55 -39.45
CA GLU C 601 -25.31 32.79 -40.21
C GLU C 601 -26.24 33.76 -39.49
N GLU C 602 -27.10 33.25 -38.62
CA GLU C 602 -28.00 34.10 -37.85
C GLU C 602 -27.21 35.00 -36.90
N GLU C 603 -26.31 34.39 -36.13
CA GLU C 603 -25.51 35.13 -35.16
C GLU C 603 -24.44 35.94 -35.89
N GLU C 604 -23.85 35.35 -36.93
CA GLU C 604 -22.81 36.04 -37.67
C GLU C 604 -23.32 37.33 -38.31
N LYS C 605 -24.50 37.29 -38.89
CA LYS C 605 -25.07 38.48 -39.52
C LYS C 605 -25.33 39.57 -38.48
N LYS C 606 -25.75 39.15 -37.30
CA LYS C 606 -26.05 40.08 -36.21
C LYS C 606 -24.81 40.83 -35.76
N ILE C 607 -23.71 40.09 -35.56
CA ILE C 607 -22.46 40.66 -35.13
C ILE C 607 -21.98 41.72 -36.11
N TYR C 608 -22.10 41.43 -37.41
CA TYR C 608 -21.64 42.40 -38.43
C TYR C 608 -22.47 43.69 -38.40
N LYS C 609 -23.79 43.57 -38.35
CA LYS C 609 -24.64 44.75 -38.27
C LYS C 609 -24.23 45.63 -37.08
N LYS C 610 -23.90 44.98 -35.97
CA LYS C 610 -23.48 45.68 -34.76
C LYS C 610 -22.14 46.34 -35.00
N LEU C 611 -21.20 45.56 -35.54
CA LEU C 611 -19.84 46.06 -35.83
C LEU C 611 -19.89 47.28 -36.72
N LYS C 612 -20.75 47.23 -37.73
CA LYS C 612 -20.93 48.35 -38.64
C LYS C 612 -21.47 49.59 -37.93
N LYS C 613 -22.55 49.44 -37.17
CA LYS C 613 -23.13 50.57 -36.46
C LYS C 613 -22.12 51.23 -35.52
N ASP C 614 -21.35 50.40 -34.82
CA ASP C 614 -20.32 50.90 -33.92
C ASP C 614 -19.22 51.67 -34.66
N LEU C 615 -18.87 51.23 -35.86
CA LEU C 615 -17.89 51.94 -36.69
C LEU C 615 -18.46 53.28 -37.13
N SER C 616 -19.73 53.30 -37.47
CA SER C 616 -20.41 54.55 -37.83
C SER C 616 -20.24 55.57 -36.72
N LYS C 617 -20.46 55.15 -35.48
CA LYS C 617 -20.35 56.07 -34.35
C LYS C 617 -18.92 56.54 -34.15
N ARG C 618 -17.95 55.64 -34.35
CA ARG C 618 -16.55 56.02 -34.26
C ARG C 618 -16.20 57.04 -35.32
N LEU C 619 -16.69 56.81 -36.54
CA LEU C 619 -16.46 57.75 -37.64
C LEU C 619 -17.11 59.08 -37.29
N GLU C 620 -18.36 59.03 -36.87
CA GLU C 620 -19.09 60.23 -36.46
C GLU C 620 -18.34 60.97 -35.35
N ARG C 621 -17.78 60.22 -34.41
CA ARG C 621 -16.99 60.79 -33.34
C ARG C 621 -15.71 61.47 -33.87
N ALA C 622 -15.06 60.86 -34.87
CA ALA C 622 -13.84 61.44 -35.44
C ALA C 622 -14.11 62.78 -36.12
N GLU C 623 -15.27 62.92 -36.75
CA GLU C 623 -15.61 64.17 -37.40
C GLU C 623 -15.70 65.30 -36.37
N LYS C 624 -16.26 65.00 -35.20
CA LYS C 624 -16.37 66.03 -34.18
C LYS C 624 -14.99 66.41 -33.69
N LEU C 625 -14.12 65.42 -33.53
CA LEU C 625 -12.73 65.69 -33.15
C LEU C 625 -12.06 66.64 -34.13
N LYS C 626 -12.22 66.37 -35.43
CA LYS C 626 -11.59 67.19 -36.46
C LYS C 626 -12.10 68.62 -36.38
N GLU C 627 -13.42 68.76 -36.23
CA GLU C 627 -14.03 70.08 -36.09
C GLU C 627 -13.39 70.83 -34.92
N ALA C 628 -13.16 70.12 -33.82
CA ALA C 628 -12.48 70.71 -32.67
C ALA C 628 -11.01 71.11 -32.93
N ASP C 629 -10.24 70.24 -33.62
CA ASP C 629 -8.87 70.59 -34.02
C ASP C 629 -8.88 71.84 -34.87
N LYS C 630 -9.65 71.78 -35.96
CA LYS C 630 -9.75 72.83 -36.94
C LYS C 630 -10.14 74.17 -36.31
N SER C 631 -11.06 74.14 -35.35
CA SER C 631 -11.48 75.36 -34.68
C SER C 631 -10.60 75.64 -33.47
N ARG C 632 -9.32 75.88 -33.72
CA ARG C 632 -8.35 76.10 -32.65
C ARG C 632 -7.13 76.85 -33.17
N LYS C 642 -2.95 76.61 -41.45
CA LYS C 642 -3.38 75.64 -40.45
C LYS C 642 -3.02 74.24 -40.91
N TYR C 643 -2.88 73.32 -39.96
CA TYR C 643 -2.63 71.92 -40.28
C TYR C 643 -3.33 71.01 -39.27
N ASP C 644 -4.36 70.31 -39.72
CA ASP C 644 -5.15 69.45 -38.84
C ASP C 644 -4.58 68.04 -38.82
N GLU C 645 -5.36 67.14 -38.26
CA GLU C 645 -5.13 65.72 -38.40
C GLU C 645 -6.42 65.08 -38.93
N ASP C 646 -6.29 64.28 -39.97
CA ASP C 646 -7.46 63.80 -40.68
C ASP C 646 -7.97 62.43 -40.23
N PRO C 647 -7.08 61.55 -39.69
CA PRO C 647 -7.64 60.43 -38.94
C PRO C 647 -7.28 60.55 -37.47
N LEU C 648 -8.14 61.18 -36.71
CA LEU C 648 -7.99 61.10 -35.29
C LEU C 648 -7.99 59.62 -34.79
N GLY C 649 -8.59 58.70 -35.55
CA GLY C 649 -8.38 57.25 -35.38
C GLY C 649 -8.24 56.37 -36.65
N GLU C 650 -9.29 56.38 -37.47
CA GLU C 650 -9.70 55.22 -38.26
C GLU C 650 -9.26 55.05 -39.73
N ASN C 651 -8.68 56.07 -40.35
CA ASN C 651 -8.40 56.02 -41.80
C ASN C 651 -7.47 54.88 -42.23
N LEU C 652 -6.46 54.63 -41.42
CA LEU C 652 -5.53 53.53 -41.62
C LEU C 652 -6.21 52.15 -41.70
N VAL C 653 -6.97 51.79 -40.68
CA VAL C 653 -7.47 50.43 -40.58
C VAL C 653 -8.39 50.05 -41.75
N ALA C 654 -8.93 51.06 -42.42
CA ALA C 654 -9.89 50.81 -43.49
C ALA C 654 -9.28 50.61 -44.89
N THR C 655 -7.96 50.57 -44.98
CA THR C 655 -7.24 50.50 -46.26
C THR C 655 -7.75 49.41 -47.21
N SER C 656 -7.77 49.73 -48.50
CA SER C 656 -8.23 48.82 -49.55
C SER C 656 -7.25 47.68 -49.77
N GLU C 657 -5.98 47.92 -49.49
CA GLU C 657 -5.02 46.81 -49.51
C GLU C 657 -3.93 46.96 -48.45
N PRO C 658 -4.10 46.23 -47.35
CA PRO C 658 -3.13 46.22 -46.26
C PRO C 658 -1.73 45.72 -46.67
N LEU C 659 -1.62 44.79 -47.63
CA LEU C 659 -0.31 44.23 -47.99
C LEU C 659 0.66 45.32 -48.38
N LYS C 660 0.21 46.19 -49.28
CA LYS C 660 0.96 47.36 -49.69
C LYS C 660 1.43 48.17 -48.50
N GLU C 661 0.54 48.41 -47.53
CA GLU C 661 0.93 49.15 -46.33
C GLU C 661 1.99 48.37 -45.53
N ALA C 662 1.78 47.06 -45.37
CA ALA C 662 2.75 46.19 -44.73
C ALA C 662 4.10 46.26 -45.44
N GLN C 663 4.05 46.28 -46.78
CA GLN C 663 5.26 46.44 -47.59
C GLN C 663 5.98 47.75 -47.23
N LYS C 664 5.27 48.87 -47.16
CA LYS C 664 5.89 50.14 -46.77
C LYS C 664 6.48 50.10 -45.36
N CYS C 665 5.81 49.40 -44.46
CA CYS C 665 6.33 49.25 -43.11
C CYS C 665 7.60 48.43 -43.09
N LEU C 666 7.75 47.54 -44.06
CA LEU C 666 8.89 46.64 -44.15
C LEU C 666 10.15 47.34 -44.70
N GLU C 667 9.96 48.33 -45.58
CA GLU C 667 11.07 48.99 -46.27
C GLU C 667 12.29 49.30 -45.40
N LYS C 668 12.04 49.87 -44.22
CA LYS C 668 13.15 50.33 -43.41
C LYS C 668 13.56 49.33 -42.35
N LEU C 669 12.97 48.15 -42.42
CA LEU C 669 13.40 47.08 -41.54
C LEU C 669 14.46 46.25 -42.26
N LEU C 670 14.30 46.09 -43.58
CA LEU C 670 15.16 45.19 -44.35
C LEU C 670 16.65 45.46 -44.34
N PRO C 671 17.08 46.72 -44.51
CA PRO C 671 18.53 46.99 -44.43
C PRO C 671 19.16 46.49 -43.14
N TYR C 672 18.38 46.32 -42.08
CA TYR C 672 18.97 45.82 -40.84
C TYR C 672 18.63 44.35 -40.54
N GLY C 673 18.21 43.65 -41.58
CA GLY C 673 17.82 42.26 -41.49
C GLY C 673 18.81 41.29 -40.86
N ASP C 674 20.09 41.42 -41.18
CA ASP C 674 21.06 40.47 -40.66
C ASP C 674 21.19 40.46 -39.13
N LYS C 675 20.99 41.59 -38.47
CA LYS C 675 21.06 41.62 -37.00
C LYS C 675 19.68 41.54 -36.38
N ASN C 676 18.67 41.69 -37.22
CA ASN C 676 17.28 41.63 -36.78
C ASN C 676 16.47 40.75 -37.75
N PRO C 677 16.79 39.44 -37.80
CA PRO C 677 16.28 38.48 -38.79
C PRO C 677 14.77 38.41 -38.79
N SER C 678 14.13 39.00 -37.80
CA SER C 678 12.68 39.07 -37.76
C SER C 678 12.13 39.82 -38.96
N ALA C 679 12.91 40.77 -39.46
CA ALA C 679 12.57 41.49 -40.67
C ALA C 679 12.32 40.54 -41.83
N TYR C 680 13.25 39.60 -41.99
CA TYR C 680 13.22 38.63 -43.08
C TYR C 680 12.02 37.72 -42.96
N ILE C 681 11.71 37.33 -41.72
CA ILE C 681 10.59 36.43 -41.49
C ILE C 681 9.28 37.13 -41.79
N LEU C 682 9.17 38.39 -41.38
CA LEU C 682 8.01 39.20 -41.69
C LEU C 682 7.85 39.30 -43.21
N ALA C 683 8.97 39.59 -43.86
CA ALA C 683 9.01 39.62 -45.32
C ALA C 683 8.48 38.33 -45.96
N ALA C 684 9.04 37.19 -45.56
CA ALA C 684 8.55 35.88 -45.99
C ALA C 684 7.02 35.77 -45.87
N GLN C 685 6.51 36.10 -44.66
CA GLN C 685 5.08 36.02 -44.39
C GLN C 685 4.30 36.95 -45.29
N LEU C 686 4.85 38.13 -45.52
CA LEU C 686 4.26 39.05 -46.48
C LEU C 686 4.15 38.49 -47.90
N TYR C 687 5.29 38.11 -48.48
CA TYR C 687 5.25 37.66 -49.87
C TYR C 687 4.57 36.30 -50.02
N THR C 688 4.45 35.54 -48.93
CA THR C 688 3.64 34.34 -49.00
C THR C 688 2.20 34.72 -49.34
N ARG C 689 1.69 35.72 -48.63
CA ARG C 689 0.31 36.18 -48.83
C ARG C 689 0.12 36.79 -50.22
N LEU C 690 1.19 37.40 -50.72
CA LEU C 690 1.15 38.00 -52.06
C LEU C 690 1.22 36.98 -53.19
N LYS C 691 1.23 35.69 -52.87
CA LYS C 691 1.33 34.62 -53.88
C LYS C 691 2.61 34.69 -54.72
N ASN C 692 3.64 35.32 -54.16
CA ASN C 692 4.92 35.50 -54.84
C ASN C 692 5.99 34.67 -54.12
N PHE C 693 6.01 33.37 -54.42
CA PHE C 693 6.71 32.39 -53.58
C PHE C 693 8.23 32.37 -53.67
N ASP C 694 8.79 32.69 -54.83
CA ASP C 694 10.24 32.69 -54.93
C ASP C 694 10.84 33.83 -54.11
N THR C 695 10.20 34.99 -54.11
CA THR C 695 10.67 36.08 -53.27
C THR C 695 10.40 35.75 -51.78
N ALA C 696 9.35 34.97 -51.54
CA ALA C 696 9.03 34.56 -50.18
C ALA C 696 10.06 33.58 -49.62
N SER C 697 10.43 32.58 -50.43
CA SER C 697 11.35 31.54 -49.96
C SER C 697 12.77 32.06 -49.75
N LYS C 698 13.21 33.02 -50.56
CA LYS C 698 14.56 33.54 -50.36
C LYS C 698 14.63 34.27 -49.02
N TYR C 699 13.62 35.07 -48.73
CA TYR C 699 13.58 35.76 -47.45
C TYR C 699 13.57 34.75 -46.31
N LEU C 700 12.72 33.74 -46.40
CA LEU C 700 12.68 32.67 -45.41
C LEU C 700 14.03 31.97 -45.25
N GLU C 701 14.74 31.72 -46.35
CA GLU C 701 16.07 31.09 -46.29
C GLU C 701 17.08 31.98 -45.56
N GLN C 702 17.08 33.27 -45.91
CA GLN C 702 17.97 34.23 -45.29
C GLN C 702 17.77 34.25 -43.78
N ALA C 703 16.50 34.13 -43.38
CA ALA C 703 16.15 34.07 -41.97
C ALA C 703 16.58 32.75 -41.37
N LYS C 704 16.49 31.67 -42.15
CA LYS C 704 16.85 30.33 -41.68
C LYS C 704 18.35 30.25 -41.38
N VAL C 705 19.16 30.90 -42.22
CA VAL C 705 20.62 30.92 -42.07
C VAL C 705 21.06 31.43 -40.69
N ILE C 706 20.55 32.59 -40.31
CA ILE C 706 20.80 33.19 -39.01
C ILE C 706 19.80 32.61 -38.02
N LEU C 707 20.22 32.30 -36.80
CA LEU C 707 19.27 31.87 -35.75
C LEU C 707 18.52 30.56 -36.03
N GLY C 708 18.34 30.21 -37.30
CA GLY C 708 17.30 29.27 -37.70
C GLY C 708 17.46 27.77 -37.48
N GLN C 709 16.94 27.02 -38.44
CA GLN C 709 16.81 25.55 -38.38
C GLN C 709 15.77 25.11 -37.35
N ASN C 710 16.13 25.15 -36.07
CA ASN C 710 15.22 24.72 -35.02
C ASN C 710 14.51 25.89 -34.33
N ASP C 711 14.57 27.04 -34.98
CA ASP C 711 13.93 28.25 -34.45
C ASP C 711 12.41 28.23 -34.64
N PRO C 712 11.67 28.51 -33.56
CA PRO C 712 10.20 28.42 -33.57
C PRO C 712 9.55 29.27 -34.65
N THR C 713 9.91 30.55 -34.74
CA THR C 713 9.33 31.46 -35.72
C THR C 713 9.67 31.05 -37.16
N VAL C 714 10.84 30.45 -37.36
CA VAL C 714 11.22 29.95 -38.69
C VAL C 714 10.30 28.80 -39.16
N ILE C 715 10.14 27.77 -38.35
CA ILE C 715 9.38 26.59 -38.76
C ILE C 715 7.89 26.91 -38.96
N SER C 716 7.36 27.80 -38.13
CA SER C 716 5.95 28.17 -38.28
C SER C 716 5.71 29.04 -39.50
N THR C 717 6.74 29.76 -39.94
CA THR C 717 6.65 30.50 -41.18
C THR C 717 6.73 29.55 -42.38
N GLU C 718 7.62 28.56 -42.27
CA GLU C 718 7.78 27.59 -43.34
C GLU C 718 6.52 26.75 -43.49
N LYS C 719 5.89 26.43 -42.36
CA LYS C 719 4.64 25.67 -42.37
C LYS C 719 3.54 26.48 -43.04
N PHE C 720 3.54 27.77 -42.75
CA PHE C 720 2.60 28.70 -43.37
C PHE C 720 2.94 28.88 -44.85
N TYR C 721 4.23 28.89 -45.16
CA TYR C 721 4.69 28.94 -46.54
C TYR C 721 4.18 27.72 -47.31
N ASN C 722 4.42 26.53 -46.76
CA ASN C 722 3.99 25.29 -47.38
C ASN C 722 2.49 25.24 -47.65
N SER C 723 1.72 25.84 -46.75
CA SER C 723 0.26 25.76 -46.81
C SER C 723 -0.33 26.61 -47.92
N ILE C 724 0.33 27.71 -48.23
CA ILE C 724 -0.17 28.62 -49.26
C ILE C 724 0.36 28.28 -50.66
N LYS C 725 1.60 27.81 -50.72
CA LYS C 725 2.17 27.45 -52.01
C LYS C 725 1.51 26.22 -52.61
N THR C 726 1.17 25.23 -51.78
CA THR C 726 0.51 24.03 -52.26
C THR C 726 -0.99 24.26 -52.42
N GLN C 727 -1.43 25.48 -52.14
CA GLN C 727 -2.83 25.86 -52.25
C GLN C 727 -3.10 26.56 -53.58
N SER C 728 -2.04 27.06 -54.20
CA SER C 728 -2.16 27.75 -55.48
C SER C 728 -2.62 26.79 -56.57
N ASN C 729 -2.23 25.53 -56.45
CA ASN C 729 -2.65 24.49 -57.37
C ASN C 729 -3.86 23.73 -56.83
N ALA C 730 -4.13 22.57 -57.42
CA ALA C 730 -5.19 21.68 -56.95
C ALA C 730 -5.00 20.31 -57.60
N GLN D 5 20.70 -79.83 31.50
CA GLN D 5 20.85 -79.87 30.05
C GLN D 5 21.33 -81.24 29.58
N LEU D 6 20.78 -81.71 28.46
CA LEU D 6 21.11 -83.00 27.86
C LEU D 6 20.84 -84.20 28.77
N SER D 7 19.71 -84.86 28.56
CA SER D 7 19.39 -86.11 29.26
C SER D 7 18.46 -86.98 28.42
N PRO D 8 18.77 -88.28 28.32
CA PRO D 8 18.02 -89.26 27.50
C PRO D 8 16.64 -89.65 28.02
N LYS D 9 16.46 -89.74 29.34
CA LYS D 9 15.18 -90.15 29.92
C LYS D 9 14.07 -89.12 29.71
N GLU D 10 14.40 -87.86 29.97
CA GLU D 10 13.42 -86.78 29.85
C GLU D 10 13.06 -86.52 28.39
N ILE D 11 13.93 -86.91 27.48
CA ILE D 11 13.73 -86.70 26.04
C ILE D 11 12.41 -87.28 25.55
N THR D 12 12.04 -88.44 26.10
CA THR D 12 10.76 -89.05 25.78
C THR D 12 9.62 -88.17 26.29
N LEU D 13 9.76 -87.64 27.49
CA LEU D 13 8.71 -86.81 28.09
C LEU D 13 8.69 -85.37 27.56
N PHE D 14 9.85 -84.86 27.16
CA PHE D 14 9.95 -83.53 26.57
C PHE D 14 9.34 -83.50 25.18
N ARG D 15 9.34 -84.64 24.51
CA ARG D 15 8.75 -84.74 23.17
C ARG D 15 7.25 -85.01 23.28
N THR D 16 6.85 -85.83 24.24
CA THR D 16 5.43 -86.12 24.48
C THR D 16 4.66 -84.83 24.73
N ALA D 17 5.17 -84.04 25.66
CA ALA D 17 4.61 -82.73 26.00
C ALA D 17 4.33 -81.94 24.74
N LEU D 18 5.35 -81.80 23.90
CA LEU D 18 5.20 -81.14 22.62
C LEU D 18 4.18 -81.89 21.76
N LYS D 19 4.31 -83.21 21.72
CA LYS D 19 3.37 -84.04 20.96
C LYS D 19 1.95 -83.89 21.48
N CYS D 20 1.82 -83.57 22.77
CA CYS D 20 0.50 -83.34 23.33
C CYS D 20 -0.09 -82.03 22.84
N TYR D 21 0.72 -80.97 22.86
CA TYR D 21 0.25 -79.66 22.40
C TYR D 21 -0.21 -79.73 20.94
N GLU D 22 0.52 -80.46 20.12
CA GLU D 22 0.19 -80.55 18.70
C GLU D 22 -1.18 -81.13 18.48
N THR D 23 -1.58 -82.06 19.35
CA THR D 23 -2.80 -82.82 19.17
C THR D 23 -3.93 -82.39 20.11
N LYS D 24 -3.96 -81.10 20.46
CA LYS D 24 -4.91 -80.59 21.44
C LYS D 24 -4.77 -81.35 22.77
N GLN D 25 -5.77 -81.21 23.64
CA GLN D 25 -5.70 -81.71 25.02
C GLN D 25 -4.35 -81.59 25.73
N TYR D 26 -4.25 -80.50 26.49
CA TYR D 26 -3.03 -80.06 27.12
C TYR D 26 -2.97 -80.56 28.56
N LYS D 27 -3.96 -81.36 28.93
CA LYS D 27 -4.01 -81.95 30.26
C LYS D 27 -3.04 -83.12 30.34
N LYS D 28 -3.07 -83.97 29.32
CA LYS D 28 -2.22 -85.16 29.26
C LYS D 28 -0.73 -84.79 29.24
N GLY D 29 -0.39 -83.73 28.52
CA GLY D 29 0.98 -83.29 28.38
C GLY D 29 1.60 -82.71 29.63
N LEU D 30 0.86 -81.84 30.31
CA LEU D 30 1.33 -81.25 31.55
C LEU D 30 1.56 -82.33 32.60
N LYS D 31 0.82 -83.43 32.49
CA LYS D 31 0.98 -84.57 33.38
C LYS D 31 2.39 -85.15 33.29
N ALA D 32 2.93 -85.23 32.08
CA ALA D 32 4.29 -85.74 31.88
C ALA D 32 5.35 -84.70 32.20
N ILE D 33 4.99 -83.43 32.07
CA ILE D 33 5.94 -82.34 32.27
C ILE D 33 6.30 -82.12 33.73
N GLU D 34 5.29 -81.84 34.54
CA GLU D 34 5.45 -81.47 35.95
C GLU D 34 6.53 -82.23 36.75
N PRO D 35 6.51 -83.59 36.72
CA PRO D 35 7.44 -84.31 37.59
C PRO D 35 8.92 -84.03 37.29
N LEU D 36 9.25 -83.86 36.02
CA LEU D 36 10.63 -83.63 35.63
C LEU D 36 11.04 -82.18 35.85
N LEU D 37 10.14 -81.26 35.56
CA LEU D 37 10.43 -79.84 35.68
C LEU D 37 10.52 -79.39 37.13
N GLU D 38 9.69 -79.99 37.99
CA GLU D 38 9.70 -79.68 39.41
C GLU D 38 11.03 -80.07 40.02
N ARG D 39 11.80 -80.88 39.30
CA ARG D 39 13.13 -81.28 39.71
C ARG D 39 14.21 -80.68 38.80
N HIS D 40 13.77 -79.98 37.75
CA HIS D 40 14.67 -79.23 36.87
C HIS D 40 13.95 -77.98 36.42
N PRO D 41 14.02 -76.90 37.22
CA PRO D 41 13.22 -75.70 36.96
C PRO D 41 13.89 -74.70 36.04
N GLU D 42 15.17 -74.90 35.75
CA GLU D 42 15.96 -73.87 35.08
C GLU D 42 16.14 -74.09 33.57
N HIS D 43 15.39 -75.03 32.99
CA HIS D 43 15.46 -75.26 31.55
C HIS D 43 14.44 -74.40 30.81
N GLY D 44 14.94 -73.40 30.08
CA GLY D 44 14.10 -72.46 29.36
C GLY D 44 13.01 -73.10 28.51
N GLU D 45 13.42 -73.88 27.52
CA GLU D 45 12.49 -74.57 26.62
C GLU D 45 11.43 -75.39 27.38
N SER D 46 11.83 -75.96 28.50
CA SER D 46 10.92 -76.76 29.32
C SER D 46 9.85 -75.88 29.94
N LEU D 47 10.28 -74.73 30.44
CA LEU D 47 9.37 -73.76 31.03
C LEU D 47 8.34 -73.31 30.02
N ALA D 48 8.78 -73.07 28.79
CA ALA D 48 7.88 -72.59 27.75
C ALA D 48 6.81 -73.61 27.41
N ILE D 49 7.10 -74.88 27.63
CA ILE D 49 6.11 -75.92 27.34
C ILE D 49 5.10 -76.00 28.49
N LYS D 50 5.60 -75.81 29.72
CA LYS D 50 4.74 -75.71 30.88
C LYS D 50 3.73 -74.59 30.63
N GLY D 51 4.25 -73.42 30.29
CA GLY D 51 3.44 -72.24 30.07
C GLY D 51 2.39 -72.38 28.99
N ILE D 52 2.79 -72.83 27.80
CA ILE D 52 1.88 -72.85 26.66
C ILE D 52 0.71 -73.82 26.84
N LEU D 53 0.90 -74.85 27.67
CA LEU D 53 -0.19 -75.75 28.00
C LEU D 53 -1.10 -75.06 29.00
N LEU D 54 -0.49 -74.29 29.89
CA LEU D 54 -1.22 -73.51 30.88
C LEU D 54 -1.87 -72.27 30.26
N HIS D 55 -1.55 -71.99 29.01
CA HIS D 55 -2.16 -70.84 28.35
C HIS D 55 -3.37 -71.34 27.60
N SER D 56 -3.19 -72.48 26.94
CA SER D 56 -4.16 -72.94 25.96
C SER D 56 -5.28 -73.79 26.55
N LEU D 57 -5.11 -74.21 27.79
CA LEU D 57 -6.24 -74.71 28.54
C LEU D 57 -6.71 -73.54 29.42
N GLY D 58 -5.85 -72.52 29.51
CA GLY D 58 -6.20 -71.27 30.14
C GLY D 58 -5.57 -70.98 31.49
N ASN D 59 -5.70 -69.76 32.02
CA ASN D 59 -6.42 -68.64 31.43
C ASN D 59 -6.18 -67.46 32.38
N THR D 60 -5.04 -66.77 32.23
CA THR D 60 -4.15 -66.95 31.11
C THR D 60 -2.74 -66.76 31.64
N LYS D 61 -2.49 -65.59 32.22
CA LYS D 61 -1.17 -65.16 32.73
C LYS D 61 -0.36 -66.20 33.50
N GLU D 62 -0.97 -67.35 33.78
CA GLU D 62 -0.25 -68.49 34.30
C GLU D 62 0.82 -68.89 33.29
N GLY D 63 0.43 -68.89 32.01
CA GLY D 63 1.30 -69.31 30.92
C GLY D 63 2.45 -68.37 30.60
N TYR D 64 2.13 -67.08 30.40
CA TYR D 64 3.15 -66.06 30.20
C TYR D 64 4.25 -66.15 31.26
N ASP D 65 3.86 -66.34 32.51
CA ASP D 65 4.80 -66.37 33.62
C ASP D 65 5.87 -67.47 33.49
N ASN D 66 5.49 -68.57 32.86
CA ASN D 66 6.41 -69.69 32.67
C ASN D 66 7.10 -69.61 31.30
N VAL D 67 6.47 -68.94 30.34
CA VAL D 67 7.09 -68.66 29.05
C VAL D 67 8.13 -67.56 29.19
N ARG D 68 7.76 -66.46 29.86
CA ARG D 68 8.69 -65.34 30.01
C ARG D 68 9.96 -65.78 30.70
N LEU D 69 9.80 -66.61 31.73
CA LEU D 69 10.97 -67.20 32.39
C LEU D 69 11.79 -68.09 31.46
N GLY D 70 11.11 -68.96 30.72
CA GLY D 70 11.77 -69.86 29.79
C GLY D 70 12.59 -69.09 28.78
N LEU D 71 11.95 -68.10 28.18
CA LEU D 71 12.59 -67.20 27.23
C LEU D 71 13.55 -66.23 27.94
N ARG D 72 13.56 -66.23 29.27
CA ARG D 72 14.57 -65.49 30.00
C ARG D 72 15.75 -66.41 30.32
N ASN D 73 15.45 -67.67 30.59
CA ASN D 73 16.48 -68.64 30.95
C ASN D 73 17.30 -69.08 29.74
N ASP D 74 16.66 -69.13 28.58
CA ASP D 74 17.36 -69.35 27.33
C ASP D 74 17.42 -68.01 26.59
N VAL D 75 18.57 -67.68 26.03
CA VAL D 75 18.79 -66.33 25.49
C VAL D 75 17.89 -65.86 24.33
N GLY D 76 17.85 -66.55 23.19
CA GLY D 76 18.51 -67.82 22.96
C GLY D 76 17.50 -68.82 22.44
N SER D 77 17.89 -70.09 22.34
CA SER D 77 17.01 -71.15 21.87
C SER D 77 16.45 -70.88 20.48
N GLY D 78 15.13 -71.03 20.36
CA GLY D 78 14.44 -70.93 19.10
C GLY D 78 13.04 -71.46 19.26
N VAL D 79 12.92 -72.56 20.01
CA VAL D 79 11.61 -73.08 20.38
C VAL D 79 10.92 -72.06 21.27
N CYS D 80 11.70 -71.42 22.14
CA CYS D 80 11.13 -70.44 23.06
C CYS D 80 10.47 -69.26 22.36
N TRP D 81 11.20 -68.61 21.45
CA TRP D 81 10.63 -67.48 20.74
C TRP D 81 9.37 -67.89 19.97
N HIS D 82 9.37 -69.13 19.52
CA HIS D 82 8.28 -69.71 18.76
C HIS D 82 7.04 -69.87 19.65
N ILE D 83 7.24 -70.21 20.92
CA ILE D 83 6.14 -70.36 21.87
C ILE D 83 5.59 -69.00 22.27
N PHE D 84 6.48 -68.02 22.41
CA PHE D 84 6.05 -66.67 22.74
C PHE D 84 5.23 -66.05 21.62
N GLY D 85 5.62 -66.27 20.37
CA GLY D 85 4.84 -65.75 19.26
C GLY D 85 3.48 -66.43 19.18
N LEU D 86 3.43 -67.67 19.64
CA LEU D 86 2.20 -68.45 19.57
C LEU D 86 1.15 -67.89 20.51
N ILE D 87 1.49 -67.74 21.78
CA ILE D 87 0.52 -67.23 22.73
C ILE D 87 0.20 -65.78 22.41
N SER D 88 1.21 -65.04 21.95
CA SER D 88 1.01 -63.63 21.65
C SER D 88 0.01 -63.48 20.53
N ARG D 89 0.11 -64.36 19.55
CA ARG D 89 -0.79 -64.32 18.41
C ARG D 89 -2.20 -64.75 18.79
N ALA D 90 -2.31 -65.75 19.66
CA ALA D 90 -3.64 -66.23 20.06
C ALA D 90 -4.36 -65.14 20.82
N ASP D 91 -3.59 -64.31 21.51
CA ASP D 91 -4.15 -63.17 22.23
C ASP D 91 -4.16 -61.93 21.35
N LYS D 92 -3.88 -62.11 20.07
CA LYS D 92 -3.98 -61.00 19.11
C LYS D 92 -3.03 -59.81 19.33
N ASP D 93 -1.93 -60.01 20.05
CA ASP D 93 -0.87 -58.99 20.11
C ASP D 93 0.06 -59.21 18.91
N TYR D 94 -0.41 -58.80 17.73
CA TYR D 94 0.27 -59.10 16.48
C TYR D 94 1.66 -58.43 16.32
N VAL D 95 1.77 -57.15 16.68
CA VAL D 95 3.05 -56.45 16.64
C VAL D 95 4.13 -57.19 17.44
N GLN D 96 3.71 -57.99 18.42
CA GLN D 96 4.65 -58.72 19.25
C GLN D 96 5.00 -60.07 18.68
N ALA D 97 4.01 -60.75 18.11
CA ALA D 97 4.23 -62.10 17.60
C ALA D 97 5.20 -62.04 16.40
N ALA D 98 4.97 -61.10 15.49
CA ALA D 98 5.94 -60.81 14.44
C ALA D 98 7.33 -60.74 15.04
N LYS D 99 7.56 -59.74 15.89
CA LYS D 99 8.85 -59.54 16.52
C LYS D 99 9.44 -60.83 17.12
N CYS D 100 8.58 -61.66 17.67
CA CYS D 100 9.01 -62.94 18.21
C CYS D 100 9.41 -63.89 17.09
N TYR D 101 8.59 -63.89 16.04
CA TYR D 101 8.86 -64.79 14.91
C TYR D 101 10.15 -64.46 14.14
N ILE D 102 10.48 -63.17 13.97
CA ILE D 102 11.74 -62.81 13.32
C ILE D 102 12.89 -63.36 14.14
N ASN D 103 12.87 -63.13 15.45
CA ASN D 103 13.93 -63.62 16.31
C ASN D 103 13.96 -65.14 16.33
N ALA D 104 12.80 -65.75 16.21
CA ALA D 104 12.72 -67.20 16.20
C ALA D 104 13.42 -67.75 14.97
N HIS D 105 13.20 -67.08 13.84
CA HIS D 105 13.74 -67.52 12.57
C HIS D 105 15.24 -67.22 12.47
N LYS D 106 15.65 -66.06 12.97
CA LYS D 106 17.06 -65.70 13.00
C LYS D 106 17.90 -66.66 13.84
N LEU D 107 17.22 -67.51 14.61
CA LEU D 107 17.90 -68.51 15.41
C LEU D 107 17.64 -69.92 14.86
N GLU D 108 16.68 -70.04 13.95
CA GLU D 108 16.39 -71.32 13.33
C GLU D 108 16.09 -71.06 11.86
N LYS D 109 17.15 -70.82 11.09
CA LYS D 109 16.99 -70.31 9.73
C LYS D 109 16.42 -71.34 8.76
N ASN D 110 16.36 -72.60 9.17
CA ASN D 110 15.88 -73.67 8.29
C ASN D 110 14.44 -74.08 8.57
N ASN D 111 13.84 -73.48 9.58
CA ASN D 111 12.43 -73.72 9.88
C ASN D 111 11.55 -72.77 9.09
N SER D 112 11.00 -73.30 7.99
CA SER D 112 10.29 -72.48 7.03
C SER D 112 8.90 -72.10 7.50
N SER D 113 8.33 -72.87 8.41
CA SER D 113 6.97 -72.56 8.87
C SER D 113 6.94 -71.24 9.65
N LEU D 114 8.04 -70.93 10.33
CA LEU D 114 8.16 -69.68 11.05
C LEU D 114 7.91 -68.51 10.10
N LEU D 115 8.41 -68.64 8.87
CA LEU D 115 8.25 -67.59 7.87
C LEU D 115 6.83 -67.60 7.34
N ARG D 116 6.22 -68.77 7.30
CA ARG D 116 4.89 -68.90 6.73
C ARG D 116 3.94 -68.20 7.68
N ASP D 117 4.29 -68.24 8.95
CA ASP D 117 3.54 -67.55 9.97
C ASP D 117 3.85 -66.06 9.97
N LEU D 118 5.14 -65.72 9.94
CA LEU D 118 5.54 -64.33 9.98
C LEU D 118 4.82 -63.50 8.91
N ALA D 119 4.70 -64.07 7.73
CA ALA D 119 4.02 -63.42 6.61
C ALA D 119 2.59 -62.98 6.95
N LEU D 120 1.88 -63.79 7.73
CA LEU D 120 0.52 -63.44 8.12
C LEU D 120 0.57 -62.22 9.03
N LEU D 121 1.37 -62.33 10.08
CA LEU D 121 1.56 -61.24 11.01
C LEU D 121 1.94 -59.95 10.31
N GLN D 122 2.84 -60.03 9.33
CA GLN D 122 3.36 -58.83 8.70
C GLN D 122 2.32 -58.24 7.75
N SER D 123 1.59 -59.10 7.05
CA SER D 123 0.48 -58.62 6.25
C SER D 123 -0.58 -57.87 7.12
N GLN D 124 -0.86 -58.39 8.32
CA GLN D 124 -1.83 -57.74 9.21
C GLN D 124 -1.40 -56.36 9.63
N LEU D 125 -0.11 -56.24 9.94
CA LEU D 125 0.45 -54.99 10.41
C LEU D 125 0.76 -54.03 9.28
N ARG D 126 0.53 -54.46 8.04
CA ARG D 126 0.83 -53.62 6.86
C ARG D 126 2.30 -53.24 6.79
N GLN D 127 3.15 -54.13 7.30
CA GLN D 127 4.59 -53.95 7.14
C GLN D 127 5.03 -54.41 5.75
N TYR D 128 4.59 -53.71 4.72
CA TYR D 128 4.70 -54.19 3.35
C TYR D 128 6.13 -54.52 2.93
N LYS D 129 7.07 -53.67 3.32
CA LYS D 129 8.49 -53.90 3.00
C LYS D 129 8.93 -55.25 3.51
N ALA D 130 8.79 -55.44 4.83
CA ALA D 130 9.30 -56.65 5.47
C ALA D 130 8.54 -57.87 4.98
N LEU D 131 7.29 -57.65 4.60
CA LEU D 131 6.44 -58.72 4.09
C LEU D 131 7.09 -59.23 2.80
N ALA D 132 7.50 -58.29 1.95
CA ALA D 132 8.11 -58.60 0.67
C ALA D 132 9.37 -59.43 0.84
N ASP D 133 10.16 -59.12 1.86
CA ASP D 133 11.35 -59.92 2.17
C ASP D 133 11.00 -61.34 2.60
N THR D 134 9.98 -61.45 3.44
CA THR D 134 9.51 -62.75 3.89
C THR D 134 8.96 -63.56 2.72
N ARG D 135 8.14 -62.93 1.89
CA ARG D 135 7.51 -63.67 0.79
C ARG D 135 8.58 -64.15 -0.19
N ASN D 136 9.54 -63.27 -0.47
CA ASN D 136 10.70 -63.62 -1.26
C ASN D 136 11.45 -64.83 -0.68
N ALA D 137 11.68 -64.84 0.64
CA ALA D 137 12.39 -65.94 1.28
C ALA D 137 11.62 -67.25 1.20
N LEU D 138 10.30 -67.15 1.30
CA LEU D 138 9.47 -68.31 1.10
C LEU D 138 9.45 -68.80 -0.36
N LEU D 139 9.56 -67.87 -1.32
CA LEU D 139 9.50 -68.25 -2.74
C LEU D 139 10.80 -68.95 -3.14
N GLN D 140 11.88 -68.63 -2.43
CA GLN D 140 13.14 -69.31 -2.68
C GLN D 140 13.12 -70.69 -2.07
N ASP D 141 12.51 -70.80 -0.89
CA ASP D 141 12.41 -72.07 -0.16
C ASP D 141 11.61 -73.10 -0.98
N ASN D 142 10.58 -72.63 -1.66
CA ASN D 142 9.73 -73.52 -2.42
C ASN D 142 9.10 -72.83 -3.61
N PRO D 143 9.84 -72.74 -4.73
CA PRO D 143 9.33 -72.18 -5.99
C PRO D 143 8.40 -73.13 -6.73
N GLY D 144 8.19 -74.32 -6.15
CA GLY D 144 7.30 -75.30 -6.75
C GLY D 144 5.87 -74.82 -6.85
N VAL D 145 5.38 -74.12 -5.82
CA VAL D 145 3.96 -73.80 -5.74
C VAL D 145 3.64 -72.38 -6.24
N ARG D 146 2.73 -72.30 -7.19
CA ARG D 146 2.22 -71.02 -7.70
C ARG D 146 1.91 -69.99 -6.62
N ALA D 147 1.38 -70.43 -5.49
CA ALA D 147 0.89 -69.50 -4.47
C ALA D 147 2.01 -68.61 -3.95
N ASN D 148 3.21 -69.17 -3.85
CA ASN D 148 4.32 -68.42 -3.31
C ASN D 148 4.72 -67.28 -4.24
N TRP D 149 4.62 -67.55 -5.55
CA TRP D 149 4.84 -66.54 -6.58
C TRP D 149 3.77 -65.46 -6.52
N SER D 150 2.53 -65.86 -6.30
CA SER D 150 1.44 -64.90 -6.25
C SER D 150 1.56 -63.99 -5.05
N ALA D 151 1.99 -64.57 -3.95
CA ALA D 151 2.10 -63.81 -2.71
C ALA D 151 3.24 -62.80 -2.78
N LEU D 152 4.33 -63.13 -3.47
CA LEU D 152 5.43 -62.15 -3.65
C LEU D 152 5.04 -60.99 -4.57
N ALA D 153 4.48 -61.32 -5.74
CA ALA D 153 3.88 -60.33 -6.63
C ALA D 153 2.91 -59.37 -5.91
N VAL D 154 1.87 -59.92 -5.22
CA VAL D 154 0.90 -59.09 -4.51
C VAL D 154 1.60 -58.21 -3.49
N ALA D 155 2.47 -58.81 -2.67
CA ALA D 155 3.23 -58.03 -1.69
C ALA D 155 3.96 -56.89 -2.38
N GLN D 156 4.62 -57.19 -3.50
CA GLN D 156 5.37 -56.16 -4.22
C GLN D 156 4.44 -55.09 -4.84
N PHE D 157 3.30 -55.54 -5.38
CA PHE D 157 2.28 -54.63 -5.88
C PHE D 157 1.81 -53.69 -4.77
N LEU D 158 1.70 -54.22 -3.56
CA LEU D 158 1.25 -53.45 -2.42
C LEU D 158 2.22 -52.34 -2.01
N ARG D 159 3.48 -52.43 -2.41
CA ARG D 159 4.41 -51.32 -2.12
C ARG D 159 4.51 -50.35 -3.30
N GLY D 160 3.83 -50.66 -4.40
CA GLY D 160 3.85 -49.83 -5.58
C GLY D 160 5.00 -50.19 -6.50
N GLU D 161 5.77 -51.19 -6.08
CA GLU D 161 6.83 -51.75 -6.89
C GLU D 161 6.22 -52.56 -8.04
N TYR D 162 5.55 -51.88 -8.95
CA TYR D 162 4.84 -52.57 -10.03
C TYR D 162 5.76 -53.32 -10.97
N ALA D 163 6.92 -52.77 -11.28
CA ALA D 163 7.80 -53.43 -12.23
C ALA D 163 8.23 -54.78 -11.64
N SER D 164 8.60 -54.77 -10.36
CA SER D 164 9.08 -55.97 -9.73
C SER D 164 7.93 -56.99 -9.67
N ALA D 165 6.71 -56.49 -9.58
CA ALA D 165 5.54 -57.35 -9.63
C ALA D 165 5.44 -58.01 -11.00
N TYR D 166 5.50 -57.20 -12.05
CA TYR D 166 5.47 -57.67 -13.44
C TYR D 166 6.46 -58.76 -13.72
N LYS D 167 7.71 -58.58 -13.29
CA LYS D 167 8.76 -59.55 -13.61
C LYS D 167 8.50 -60.89 -12.93
N ILE D 168 7.87 -60.85 -11.76
CA ILE D 168 7.61 -62.05 -10.99
C ILE D 168 6.54 -62.87 -11.68
N VAL D 169 5.47 -62.21 -12.10
CA VAL D 169 4.33 -62.88 -12.72
C VAL D 169 4.76 -63.39 -14.07
N ASP D 170 5.47 -62.54 -14.80
CA ASP D 170 5.99 -62.89 -16.11
C ASP D 170 6.91 -64.10 -16.05
N ALA D 171 7.84 -64.10 -15.11
CA ALA D 171 8.73 -65.23 -14.92
C ALA D 171 7.95 -66.53 -14.65
N PHE D 172 7.01 -66.48 -13.73
CA PHE D 172 6.25 -67.70 -13.43
C PHE D 172 5.47 -68.21 -14.64
N GLU D 173 4.82 -67.29 -15.34
CA GLU D 173 3.91 -67.68 -16.41
C GLU D 173 4.63 -68.42 -17.54
N SER D 174 5.90 -68.07 -17.74
CA SER D 174 6.70 -68.70 -18.80
C SER D 174 7.13 -70.14 -18.48
N THR D 175 7.33 -70.45 -17.20
CA THR D 175 7.68 -71.81 -16.79
C THR D 175 6.52 -72.81 -16.96
N ILE D 176 5.43 -72.38 -17.57
CA ILE D 176 4.43 -73.32 -18.05
C ILE D 176 4.12 -73.13 -19.54
N ASN D 177 4.94 -73.79 -20.38
CA ASN D 177 4.84 -73.77 -21.85
C ASN D 177 3.82 -74.76 -22.39
N GLN D 178 3.42 -75.70 -21.54
CA GLN D 178 2.55 -76.79 -21.96
C GLN D 178 1.12 -76.55 -21.48
N GLY D 179 0.78 -77.04 -20.29
CA GLY D 179 -0.53 -76.81 -19.72
C GLY D 179 -1.68 -77.43 -20.49
N VAL D 180 -2.79 -76.69 -20.61
CA VAL D 180 -2.90 -75.34 -20.06
C VAL D 180 -3.31 -75.29 -18.58
N PRO D 181 -4.31 -76.09 -18.16
CA PRO D 181 -4.54 -76.24 -16.72
C PRO D 181 -3.46 -77.14 -16.10
N VAL D 182 -2.83 -76.83 -14.95
CA VAL D 182 -3.16 -75.75 -14.00
C VAL D 182 -4.60 -75.74 -13.46
N ASP D 183 -4.93 -74.76 -12.62
CA ASP D 183 -6.26 -74.72 -12.07
C ASP D 183 -7.25 -74.28 -13.13
N THR D 184 -6.87 -73.26 -13.90
CA THR D 184 -7.71 -72.58 -14.90
C THR D 184 -8.30 -71.31 -14.32
N GLN D 185 -9.07 -71.43 -13.25
CA GLN D 185 -9.55 -70.27 -12.53
C GLN D 185 -8.40 -69.56 -11.80
N GLU D 186 -7.39 -70.29 -11.31
CA GLU D 186 -6.20 -69.65 -10.76
C GLU D 186 -5.58 -68.80 -11.86
N GLU D 187 -5.48 -69.40 -13.04
CA GLU D 187 -4.87 -68.76 -14.21
C GLU D 187 -5.66 -67.54 -14.66
N SER D 188 -6.99 -67.66 -14.64
CA SER D 188 -7.85 -66.56 -15.01
C SER D 188 -7.62 -65.35 -14.10
N GLU D 189 -7.58 -65.60 -12.79
CA GLU D 189 -7.33 -64.53 -11.85
C GLU D 189 -5.91 -63.99 -11.99
N ALA D 190 -4.97 -64.89 -12.24
CA ALA D 190 -3.57 -64.48 -12.34
C ALA D 190 -3.42 -63.49 -13.48
N MET D 191 -4.13 -63.74 -14.57
CA MET D 191 -4.13 -62.82 -15.69
C MET D 191 -4.77 -61.47 -15.36
N LEU D 192 -5.97 -61.49 -14.79
CA LEU D 192 -6.62 -60.23 -14.45
C LEU D 192 -5.79 -59.41 -13.45
N PHE D 193 -5.09 -60.10 -12.55
CA PHE D 193 -4.17 -59.40 -11.65
C PHE D 193 -3.00 -58.81 -12.43
N MET D 194 -2.52 -59.57 -13.41
CA MET D 194 -1.39 -59.16 -14.25
C MET D 194 -1.79 -57.93 -15.04
N ASN D 195 -3.03 -57.92 -15.52
CA ASN D 195 -3.57 -56.79 -16.27
C ASN D 195 -3.71 -55.56 -15.40
N LEU D 196 -3.77 -55.78 -14.10
CA LEU D 196 -3.85 -54.68 -13.15
C LEU D 196 -2.45 -54.11 -12.98
N VAL D 197 -1.48 -55.01 -12.89
CA VAL D 197 -0.09 -54.63 -12.75
C VAL D 197 0.37 -53.77 -13.91
N ILE D 198 -0.02 -54.16 -15.12
CA ILE D 198 0.38 -53.46 -16.32
C ILE D 198 -0.24 -52.07 -16.36
N LEU D 199 -1.57 -52.01 -16.20
CA LEU D 199 -2.27 -50.73 -16.07
C LEU D 199 -1.62 -49.81 -15.06
N LYS D 200 -1.17 -50.39 -13.95
CA LYS D 200 -0.55 -49.59 -12.91
C LYS D 200 0.86 -49.13 -13.29
N LYS D 201 1.51 -49.86 -14.19
CA LYS D 201 2.89 -49.53 -14.55
C LYS D 201 3.03 -48.89 -15.94
N ASP D 202 2.48 -49.54 -16.96
CA ASP D 202 2.63 -49.06 -18.33
C ASP D 202 1.43 -48.21 -18.81
N GLY D 203 0.44 -48.03 -17.93
CA GLY D 203 -0.73 -47.21 -18.22
C GLY D 203 -1.80 -47.92 -19.01
N VAL D 204 -2.82 -47.17 -19.43
CA VAL D 204 -3.99 -47.75 -20.08
C VAL D 204 -3.72 -48.37 -21.44
N GLU D 205 -2.99 -47.66 -22.30
CA GLU D 205 -2.74 -48.11 -23.66
C GLU D 205 -2.21 -49.54 -23.69
N ASP D 206 -1.18 -49.82 -22.90
CA ASP D 206 -0.62 -51.17 -22.84
C ASP D 206 -1.60 -52.17 -22.24
N ALA D 207 -2.23 -51.78 -21.14
CA ALA D 207 -3.17 -52.65 -20.44
C ALA D 207 -4.31 -53.10 -21.34
N TYR D 208 -4.79 -52.23 -22.20
CA TYR D 208 -5.83 -52.61 -23.13
C TYR D 208 -5.32 -53.73 -24.04
N LYS D 209 -4.13 -53.55 -24.61
CA LYS D 209 -3.56 -54.54 -25.51
C LYS D 209 -3.43 -55.88 -24.82
N HIS D 210 -2.92 -55.85 -23.59
CA HIS D 210 -2.71 -57.08 -22.86
C HIS D 210 -4.04 -57.78 -22.55
N LEU D 211 -5.04 -56.99 -22.19
CA LEU D 211 -6.36 -57.51 -21.86
C LEU D 211 -6.99 -58.20 -23.07
N LEU D 212 -6.79 -57.62 -24.25
CA LEU D 212 -7.30 -58.19 -25.47
C LEU D 212 -6.62 -59.52 -25.77
N SER D 213 -5.40 -59.69 -25.29
CA SER D 213 -4.64 -60.91 -25.60
C SER D 213 -4.98 -62.05 -24.65
N ILE D 214 -5.50 -61.72 -23.48
CA ILE D 214 -5.84 -62.76 -22.51
C ILE D 214 -7.29 -63.19 -22.53
N GLU D 215 -8.13 -62.59 -23.36
CA GLU D 215 -9.56 -62.94 -23.45
C GLU D 215 -9.88 -64.44 -23.38
N LYS D 216 -9.11 -65.27 -24.06
CA LYS D 216 -9.37 -66.71 -23.99
C LYS D 216 -9.13 -67.29 -22.60
N LYS D 217 -8.21 -66.69 -21.84
CA LYS D 217 -7.86 -67.21 -20.51
C LYS D 217 -8.75 -66.70 -19.36
N VAL D 218 -9.64 -65.75 -19.63
CA VAL D 218 -10.41 -65.14 -18.57
C VAL D 218 -11.84 -65.66 -18.45
N LEU D 219 -12.11 -66.33 -17.33
CA LEU D 219 -13.43 -66.93 -17.09
C LEU D 219 -14.46 -65.92 -16.62
N ASP D 220 -14.05 -64.97 -15.78
CA ASP D 220 -14.95 -63.93 -15.28
C ASP D 220 -15.29 -62.93 -16.38
N ARG D 221 -16.26 -63.30 -17.20
CA ARG D 221 -16.70 -62.52 -18.35
C ARG D 221 -17.16 -61.10 -18.01
N VAL D 222 -17.67 -60.89 -16.80
CA VAL D 222 -18.13 -59.58 -16.40
C VAL D 222 -16.92 -58.70 -16.11
N ALA D 223 -15.93 -59.26 -15.42
CA ALA D 223 -14.70 -58.53 -15.16
C ALA D 223 -14.02 -58.13 -16.47
N PHE D 224 -13.91 -59.10 -17.39
CA PHE D 224 -13.31 -58.81 -18.68
C PHE D 224 -14.02 -57.65 -19.39
N LEU D 225 -15.32 -57.78 -19.56
CA LEU D 225 -16.06 -56.77 -20.30
C LEU D 225 -16.09 -55.42 -19.57
N GLU D 226 -16.23 -55.45 -18.25
CA GLU D 226 -16.26 -54.18 -17.55
C GLU D 226 -14.90 -53.50 -17.68
N THR D 227 -13.85 -54.26 -17.48
CA THR D 227 -12.49 -53.74 -17.56
C THR D 227 -12.20 -53.23 -18.96
N ARG D 228 -12.74 -53.92 -19.96
CA ARG D 228 -12.53 -53.54 -21.34
C ARG D 228 -13.18 -52.18 -21.66
N ALA D 229 -14.42 -52.03 -21.24
CA ALA D 229 -15.15 -50.80 -21.52
C ALA D 229 -14.50 -49.58 -20.88
N GLU D 230 -13.98 -49.75 -19.67
CA GLU D 230 -13.30 -48.65 -18.99
C GLU D 230 -12.13 -48.15 -19.83
N TYR D 231 -11.38 -49.10 -20.37
CA TYR D 231 -10.22 -48.81 -21.18
C TYR D 231 -10.66 -48.13 -22.46
N GLU D 232 -11.63 -48.73 -23.15
CA GLU D 232 -12.07 -48.21 -24.46
C GLU D 232 -12.67 -46.82 -24.35
N LEU D 233 -13.30 -46.53 -23.23
CA LEU D 233 -13.83 -45.18 -22.97
C LEU D 233 -12.69 -44.21 -22.70
N TYR D 234 -11.68 -44.69 -21.99
CA TYR D 234 -10.50 -43.91 -21.66
C TYR D 234 -9.71 -43.51 -22.91
N LEU D 235 -9.65 -44.40 -23.89
CA LEU D 235 -8.86 -44.15 -25.11
C LEU D 235 -9.68 -43.46 -26.20
N SER D 236 -10.94 -43.16 -25.90
CA SER D 236 -11.85 -42.58 -26.89
C SER D 236 -12.03 -43.50 -28.10
N LYS D 237 -11.93 -44.80 -27.87
CA LYS D 237 -12.32 -45.79 -28.87
C LYS D 237 -13.83 -45.99 -28.75
N MET D 238 -14.59 -44.95 -29.05
CA MET D 238 -16.02 -44.91 -28.77
C MET D 238 -16.85 -46.02 -29.42
N GLU D 239 -16.55 -46.33 -30.68
CA GLU D 239 -17.34 -47.31 -31.43
C GLU D 239 -17.22 -48.72 -30.82
N GLU D 240 -16.02 -49.03 -30.35
CA GLU D 240 -15.75 -50.31 -29.72
C GLU D 240 -16.42 -50.40 -28.35
N ALA D 241 -16.36 -49.29 -27.60
CA ALA D 241 -17.04 -49.20 -26.32
C ALA D 241 -18.53 -49.46 -26.50
N LYS D 242 -19.12 -48.82 -27.50
CA LYS D 242 -20.52 -48.98 -27.87
C LYS D 242 -20.88 -50.46 -27.92
N SER D 243 -20.16 -51.23 -28.74
CA SER D 243 -20.48 -52.66 -28.84
C SER D 243 -20.22 -53.47 -27.55
N THR D 244 -19.14 -53.12 -26.83
CA THR D 244 -18.79 -53.82 -25.61
C THR D 244 -19.88 -53.59 -24.55
N ILE D 245 -20.27 -52.33 -24.38
CA ILE D 245 -21.29 -51.99 -23.39
C ILE D 245 -22.63 -52.64 -23.72
N TYR D 246 -22.93 -52.85 -24.99
CA TYR D 246 -24.13 -53.58 -25.38
C TYR D 246 -24.04 -55.03 -24.92
N LEU D 247 -22.84 -55.61 -24.98
CA LEU D 247 -22.65 -56.96 -24.43
C LEU D 247 -22.97 -56.99 -22.91
N LEU D 248 -22.74 -55.87 -22.24
CA LEU D 248 -22.92 -55.80 -20.79
C LEU D 248 -24.40 -55.62 -20.44
N LEU D 249 -25.09 -54.73 -21.16
CA LEU D 249 -26.53 -54.57 -21.04
C LEU D 249 -27.29 -55.86 -21.36
N ASP D 250 -26.81 -56.60 -22.35
CA ASP D 250 -27.39 -57.89 -22.70
C ASP D 250 -27.32 -58.82 -21.50
N ARG D 251 -26.13 -58.90 -20.90
CA ARG D 251 -25.95 -59.70 -19.69
C ARG D 251 -26.78 -59.19 -18.50
N ASN D 252 -26.78 -57.88 -18.28
CA ASN D 252 -27.47 -57.26 -17.16
C ASN D 252 -27.85 -55.80 -17.49
N PRO D 253 -29.11 -55.57 -17.88
CA PRO D 253 -29.59 -54.24 -18.24
C PRO D 253 -30.07 -53.45 -17.02
N ASP D 254 -29.59 -53.81 -15.85
CA ASP D 254 -30.03 -53.13 -14.64
C ASP D 254 -28.86 -52.54 -13.88
N ASN D 255 -27.80 -52.18 -14.59
CA ASN D 255 -26.58 -51.71 -13.94
C ASN D 255 -26.28 -50.24 -14.29
N HIS D 256 -27.09 -49.32 -13.77
CA HIS D 256 -26.96 -47.86 -13.97
C HIS D 256 -25.68 -47.35 -14.67
N GLN D 257 -24.52 -47.77 -14.19
CA GLN D 257 -23.25 -47.28 -14.70
C GLN D 257 -23.04 -47.64 -16.16
N TYR D 258 -23.58 -48.78 -16.57
CA TYR D 258 -23.53 -49.20 -17.97
C TYR D 258 -24.21 -48.14 -18.84
N TYR D 259 -25.37 -47.68 -18.39
CA TYR D 259 -26.10 -46.64 -19.11
C TYR D 259 -25.31 -45.34 -19.22
N TYR D 260 -24.69 -44.90 -18.14
CA TYR D 260 -23.97 -43.64 -18.16
C TYR D 260 -22.74 -43.80 -19.07
N ASN D 261 -22.29 -45.04 -19.17
CA ASN D 261 -21.14 -45.37 -19.99
C ASN D 261 -21.51 -45.46 -21.48
N LEU D 262 -22.67 -46.03 -21.77
CA LEU D 262 -23.13 -46.12 -23.15
C LEU D 262 -23.38 -44.72 -23.69
N GLN D 263 -23.90 -43.86 -22.83
CA GLN D 263 -24.18 -42.47 -23.18
C GLN D 263 -22.87 -41.73 -23.48
N ARG D 264 -21.89 -41.97 -22.63
CA ARG D 264 -20.57 -41.37 -22.77
C ARG D 264 -19.91 -41.84 -24.07
N ALA D 265 -20.09 -43.12 -24.38
CA ALA D 265 -19.53 -43.71 -25.59
C ALA D 265 -20.18 -43.17 -26.87
N TYR D 266 -21.44 -42.79 -26.81
CA TYR D 266 -22.09 -42.16 -27.95
C TYR D 266 -21.68 -40.69 -28.05
N GLY D 267 -20.93 -40.22 -27.06
CA GLY D 267 -20.58 -38.82 -26.97
C GLY D 267 -21.74 -37.93 -26.57
N TYR D 268 -22.84 -38.53 -26.12
CA TYR D 268 -24.02 -37.75 -25.75
C TYR D 268 -23.86 -37.19 -24.35
N GLU D 269 -22.83 -37.65 -23.65
CA GLU D 269 -22.63 -37.30 -22.24
C GLU D 269 -21.14 -37.22 -21.90
N ASP D 270 -20.74 -36.14 -21.21
CA ASP D 270 -19.35 -36.04 -20.76
C ASP D 270 -19.12 -36.99 -19.59
N ALA D 271 -17.86 -37.16 -19.21
CA ALA D 271 -17.51 -38.05 -18.09
C ALA D 271 -18.08 -37.54 -16.76
N SER D 272 -18.45 -36.26 -16.74
CA SER D 272 -19.12 -35.67 -15.58
C SER D 272 -20.61 -35.46 -15.86
N GLY D 273 -20.92 -34.42 -16.64
CA GLY D 273 -22.30 -34.05 -16.90
C GLY D 273 -22.77 -34.35 -18.31
N LYS D 274 -24.08 -34.48 -18.46
CA LYS D 274 -24.69 -35.00 -19.68
C LYS D 274 -24.92 -33.97 -20.76
N VAL D 275 -23.89 -33.72 -21.56
CA VAL D 275 -23.96 -32.71 -22.61
C VAL D 275 -23.04 -33.02 -23.82
N LEU D 276 -23.54 -32.80 -25.05
CA LEU D 276 -24.86 -32.19 -25.22
C LEU D 276 -25.88 -33.15 -25.81
N ASP D 277 -26.32 -32.84 -27.03
CA ASP D 277 -27.38 -33.55 -27.72
C ASP D 277 -28.54 -33.99 -26.82
N SER D 278 -29.16 -33.04 -26.12
CA SER D 278 -30.31 -33.29 -25.26
C SER D 278 -31.38 -34.13 -25.97
N ALA D 279 -31.58 -33.87 -27.25
CA ALA D 279 -32.57 -34.58 -28.04
C ALA D 279 -32.19 -36.04 -28.31
N GLU D 280 -30.93 -36.27 -28.66
CA GLU D 280 -30.46 -37.61 -29.04
C GLU D 280 -30.14 -38.45 -27.81
N TRP D 281 -29.79 -37.78 -26.72
CA TRP D 281 -29.69 -38.39 -25.38
C TRP D 281 -30.97 -39.09 -24.99
N LEU D 282 -32.10 -38.40 -25.13
CA LEU D 282 -33.40 -38.99 -24.89
C LEU D 282 -33.62 -40.15 -25.83
N ASN D 283 -33.42 -39.90 -27.12
CA ASN D 283 -33.67 -40.89 -28.15
C ASN D 283 -33.00 -42.24 -27.87
N LEU D 284 -31.76 -42.21 -27.42
CA LEU D 284 -31.01 -43.42 -27.05
C LEU D 284 -31.76 -44.19 -25.99
N TYR D 285 -32.18 -43.50 -24.94
CA TYR D 285 -32.96 -44.12 -23.88
C TYR D 285 -34.25 -44.72 -24.41
N SER D 286 -34.92 -44.00 -25.31
CA SER D 286 -36.11 -44.53 -25.98
C SER D 286 -35.80 -45.80 -26.75
N GLN D 287 -34.68 -45.81 -27.46
CA GLN D 287 -34.24 -47.02 -28.14
C GLN D 287 -33.99 -48.09 -27.10
N LEU D 288 -33.28 -47.70 -26.04
CA LEU D 288 -33.02 -48.63 -24.95
C LEU D 288 -34.29 -49.23 -24.33
N ALA D 289 -35.46 -48.69 -24.68
CA ALA D 289 -36.69 -49.35 -24.27
C ALA D 289 -36.90 -50.61 -25.09
N LYS D 290 -36.22 -50.71 -26.23
CA LYS D 290 -36.20 -51.94 -27.00
C LYS D 290 -35.29 -52.99 -26.33
N ARG D 291 -34.34 -52.54 -25.51
CA ARG D 291 -33.64 -53.45 -24.59
C ARG D 291 -34.67 -53.99 -23.65
N TYR D 292 -35.08 -55.24 -23.88
CA TYR D 292 -36.33 -55.79 -23.37
C TYR D 292 -36.95 -55.06 -22.19
N PRO D 293 -38.16 -54.54 -22.37
CA PRO D 293 -38.94 -53.80 -21.36
C PRO D 293 -38.89 -54.41 -19.96
N LYS D 294 -38.18 -55.53 -19.80
CA LYS D 294 -37.90 -56.13 -18.51
C LYS D 294 -36.92 -55.29 -17.68
N SER D 295 -36.73 -54.02 -18.06
CA SER D 295 -35.86 -53.12 -17.31
C SER D 295 -36.48 -51.75 -17.16
N GLU D 296 -36.51 -51.24 -15.94
CA GLU D 296 -37.06 -49.92 -15.69
C GLU D 296 -36.09 -48.80 -16.01
N CYS D 297 -34.80 -49.11 -15.98
CA CYS D 297 -33.75 -48.13 -16.21
C CYS D 297 -33.92 -47.15 -17.39
N PRO D 298 -34.41 -47.65 -18.55
CA PRO D 298 -34.48 -46.68 -19.66
C PRO D 298 -35.46 -45.52 -19.43
N THR D 299 -36.50 -45.73 -18.62
CA THR D 299 -37.46 -44.65 -18.38
C THR D 299 -37.22 -43.95 -17.03
N ARG D 300 -36.61 -44.66 -16.10
CA ARG D 300 -36.34 -44.09 -14.79
C ARG D 300 -35.16 -43.15 -14.80
N LEU D 301 -34.05 -43.59 -15.39
CA LEU D 301 -32.81 -42.81 -15.41
C LEU D 301 -32.94 -41.39 -16.01
N PRO D 302 -33.57 -41.25 -17.18
CA PRO D 302 -33.67 -39.89 -17.72
C PRO D 302 -34.41 -38.91 -16.82
N LEU D 303 -35.28 -39.42 -15.94
CA LEU D 303 -35.98 -38.57 -14.98
C LEU D 303 -35.00 -37.77 -14.14
N GLU D 304 -33.81 -38.34 -13.88
CA GLU D 304 -32.78 -37.65 -13.10
C GLU D 304 -32.35 -36.36 -13.77
N LYS D 305 -32.20 -36.38 -15.09
CA LYS D 305 -31.62 -35.24 -15.80
C LYS D 305 -32.62 -34.35 -16.54
N LEU D 306 -33.79 -34.89 -16.89
CA LEU D 306 -34.84 -34.09 -17.53
C LEU D 306 -35.30 -32.92 -16.67
N GLU D 307 -35.92 -31.92 -17.31
CA GLU D 307 -36.51 -30.80 -16.59
C GLU D 307 -37.60 -30.13 -17.42
N GLY D 308 -38.34 -29.22 -16.80
CA GLY D 308 -39.40 -28.52 -17.51
C GLY D 308 -40.52 -29.43 -17.97
N ASP D 309 -41.06 -29.16 -19.16
CA ASP D 309 -42.21 -29.88 -19.67
C ASP D 309 -41.93 -31.33 -20.02
N GLU D 310 -40.74 -31.60 -20.56
CA GLU D 310 -40.35 -32.97 -20.88
C GLU D 310 -40.25 -33.84 -19.63
N PHE D 311 -39.98 -33.22 -18.48
CA PHE D 311 -40.01 -33.92 -17.21
C PHE D 311 -41.44 -34.24 -16.80
N LEU D 312 -42.32 -33.24 -16.90
CA LEU D 312 -43.71 -33.41 -16.52
C LEU D 312 -44.38 -34.55 -17.28
N THR D 313 -44.15 -34.61 -18.58
CA THR D 313 -44.78 -35.62 -19.44
C THR D 313 -44.31 -37.02 -19.05
N HIS D 314 -43.03 -37.15 -18.76
CA HIS D 314 -42.43 -38.44 -18.46
C HIS D 314 -42.65 -38.87 -17.01
N VAL D 315 -42.55 -37.93 -16.07
CA VAL D 315 -42.82 -38.28 -14.68
C VAL D 315 -44.28 -38.69 -14.54
N ASP D 316 -45.16 -38.06 -15.32
CA ASP D 316 -46.58 -38.41 -15.32
C ASP D 316 -46.77 -39.85 -15.80
N LEU D 317 -46.14 -40.18 -16.92
CA LEU D 317 -46.20 -41.52 -17.48
C LEU D 317 -45.61 -42.53 -16.52
N TYR D 318 -44.57 -42.13 -15.80
CA TYR D 318 -43.89 -43.03 -14.88
C TYR D 318 -44.73 -43.28 -13.63
N LEU D 319 -45.34 -42.23 -13.10
CA LEU D 319 -46.11 -42.36 -11.88
C LEU D 319 -47.36 -43.19 -12.10
N ARG D 320 -48.10 -42.93 -13.18
CA ARG D 320 -49.29 -43.72 -13.48
C ARG D 320 -48.93 -45.19 -13.66
N LYS D 321 -47.83 -45.44 -14.34
CA LYS D 321 -47.32 -46.79 -14.56
C LYS D 321 -47.28 -47.53 -13.24
N LYS D 322 -46.55 -46.97 -12.28
CA LYS D 322 -46.32 -47.62 -11.00
C LYS D 322 -47.53 -47.61 -10.06
N LEU D 323 -48.44 -46.66 -10.28
CA LEU D 323 -49.66 -46.59 -9.50
C LEU D 323 -50.65 -47.68 -9.90
N LYS D 324 -50.87 -47.86 -11.20
CA LYS D 324 -51.82 -48.85 -11.69
C LYS D 324 -51.41 -50.27 -11.31
N ARG D 325 -50.13 -50.46 -11.05
CA ARG D 325 -49.63 -51.79 -10.69
C ARG D 325 -49.74 -52.02 -9.18
N GLY D 326 -49.96 -50.95 -8.44
CA GLY D 326 -50.09 -51.07 -7.00
C GLY D 326 -48.75 -51.36 -6.36
N ILE D 327 -47.70 -50.81 -6.94
CA ILE D 327 -46.34 -50.93 -6.41
C ILE D 327 -46.17 -50.07 -5.15
N PRO D 328 -45.93 -50.72 -4.00
CA PRO D 328 -45.71 -49.97 -2.75
C PRO D 328 -44.35 -49.26 -2.67
N SER D 329 -43.51 -49.49 -3.68
CA SER D 329 -42.15 -48.97 -3.68
C SER D 329 -42.03 -47.68 -4.48
N VAL D 330 -43.15 -47.26 -5.06
CA VAL D 330 -43.19 -46.14 -5.99
C VAL D 330 -42.61 -44.83 -5.45
N PHE D 331 -42.89 -44.52 -4.18
CA PHE D 331 -42.38 -43.29 -3.62
C PHE D 331 -40.90 -43.39 -3.32
N VAL D 332 -40.46 -44.54 -2.82
CA VAL D 332 -39.05 -44.71 -2.49
C VAL D 332 -38.19 -44.57 -3.73
N ASP D 333 -38.76 -44.93 -4.87
CA ASP D 333 -38.14 -44.81 -6.18
C ASP D 333 -37.99 -43.35 -6.62
N VAL D 334 -39.12 -42.65 -6.72
CA VAL D 334 -39.17 -41.25 -7.12
C VAL D 334 -38.47 -40.30 -6.12
N LYS D 335 -38.53 -40.65 -4.85
CA LYS D 335 -37.93 -39.91 -3.73
C LYS D 335 -36.59 -39.24 -4.07
N SER D 336 -35.73 -39.95 -4.81
CA SER D 336 -34.39 -39.45 -5.06
C SER D 336 -34.36 -38.23 -5.99
N LEU D 337 -35.45 -38.02 -6.73
CA LEU D 337 -35.55 -36.84 -7.59
C LEU D 337 -35.72 -35.57 -6.79
N TYR D 338 -36.10 -35.71 -5.52
CA TYR D 338 -36.44 -34.53 -4.73
C TYR D 338 -35.20 -33.74 -4.31
N LYS D 339 -34.04 -34.13 -4.81
CA LYS D 339 -32.79 -33.46 -4.47
C LYS D 339 -32.78 -32.00 -4.93
N ASP D 340 -33.65 -31.66 -5.88
CA ASP D 340 -33.63 -30.32 -6.46
C ASP D 340 -34.72 -29.39 -5.93
N THR D 341 -35.76 -29.97 -5.34
CA THR D 341 -36.90 -29.22 -4.79
C THR D 341 -37.72 -28.43 -5.82
N LYS D 342 -37.49 -28.68 -7.11
CA LYS D 342 -38.36 -28.11 -8.13
C LYS D 342 -39.25 -29.22 -8.60
N LYS D 343 -38.65 -30.40 -8.79
CA LYS D 343 -39.37 -31.57 -9.23
C LYS D 343 -40.31 -32.04 -8.12
N CYS D 344 -39.88 -31.85 -6.88
CA CYS D 344 -40.70 -32.18 -5.74
C CYS D 344 -42.05 -31.51 -5.86
N LYS D 345 -42.06 -30.20 -6.09
CA LYS D 345 -43.32 -29.47 -6.22
C LYS D 345 -44.15 -30.03 -7.38
N VAL D 346 -43.47 -30.33 -8.48
CA VAL D 346 -44.13 -30.86 -9.67
C VAL D 346 -44.78 -32.19 -9.37
N VAL D 347 -44.04 -33.09 -8.71
CA VAL D 347 -44.56 -34.40 -8.34
C VAL D 347 -45.72 -34.28 -7.35
N GLU D 348 -45.53 -33.44 -6.33
CA GLU D 348 -46.57 -33.19 -5.33
C GLU D 348 -47.87 -32.70 -5.96
N ASP D 349 -47.78 -31.68 -6.80
CA ASP D 349 -48.97 -31.15 -7.45
C ASP D 349 -49.59 -32.16 -8.39
N LEU D 350 -48.76 -32.97 -9.02
CA LEU D 350 -49.25 -33.96 -9.96
C LEU D 350 -50.06 -35.07 -9.27
N VAL D 351 -49.56 -35.59 -8.15
CA VAL D 351 -50.25 -36.70 -7.49
C VAL D 351 -51.33 -36.22 -6.53
N SER D 352 -51.30 -34.93 -6.17
CA SER D 352 -52.41 -34.32 -5.46
C SER D 352 -53.61 -34.31 -6.38
N LYS D 353 -53.42 -33.80 -7.59
CA LYS D 353 -54.47 -33.79 -8.59
C LYS D 353 -54.96 -35.20 -8.86
N TYR D 354 -54.04 -36.17 -8.80
CA TYR D 354 -54.38 -37.57 -8.98
C TYR D 354 -55.45 -37.99 -7.99
N ALA D 355 -55.29 -37.61 -6.74
CA ALA D 355 -56.21 -38.04 -5.68
C ALA D 355 -57.62 -37.50 -5.91
N SER D 356 -57.72 -36.24 -6.33
CA SER D 356 -59.02 -35.68 -6.68
C SER D 356 -59.29 -35.86 -8.17
N SER D 357 -59.52 -37.11 -8.58
CA SER D 357 -59.81 -37.36 -9.99
C SER D 357 -60.75 -38.51 -10.39
N LEU D 358 -60.59 -39.76 -9.96
CA LEU D 358 -60.30 -40.31 -8.62
C LEU D 358 -61.19 -39.83 -7.47
N SER D 359 -61.63 -38.58 -7.54
CA SER D 359 -62.68 -38.11 -6.66
C SER D 359 -63.98 -38.68 -7.18
N THR D 360 -64.44 -38.12 -8.30
CA THR D 360 -65.68 -38.55 -8.94
C THR D 360 -65.46 -39.72 -9.91
N THR D 361 -64.39 -39.65 -10.70
CA THR D 361 -64.12 -40.67 -11.71
C THR D 361 -63.17 -41.74 -11.18
N ASN D 362 -62.72 -42.61 -12.08
CA ASN D 362 -61.66 -43.56 -11.76
C ASN D 362 -60.46 -43.32 -12.67
N LYS D 363 -60.42 -42.13 -13.26
CA LYS D 363 -59.31 -41.77 -14.13
C LYS D 363 -58.56 -40.55 -13.63
N PHE D 364 -57.23 -40.65 -13.66
CA PHE D 364 -56.35 -39.52 -13.37
C PHE D 364 -56.78 -38.30 -14.18
N SER D 365 -56.45 -37.11 -13.68
CA SER D 365 -56.69 -35.85 -14.41
C SER D 365 -58.10 -35.68 -14.99
N GLU D 366 -58.18 -35.18 -16.23
CA GLU D 366 -59.46 -34.86 -16.85
C GLU D 366 -59.62 -35.41 -18.27
N ASP D 367 -58.56 -35.30 -19.08
CA ASP D 367 -58.61 -35.70 -20.48
C ASP D 367 -58.52 -37.22 -20.64
N ASP D 368 -58.36 -37.91 -19.53
CA ASP D 368 -58.20 -39.36 -19.54
C ASP D 368 -59.55 -40.06 -19.70
N ASP D 369 -60.61 -39.32 -19.43
CA ASP D 369 -61.97 -39.82 -19.58
C ASP D 369 -62.32 -39.93 -21.07
N ASN D 370 -61.49 -39.32 -21.90
CA ASN D 370 -61.64 -39.37 -23.35
C ASN D 370 -60.97 -40.62 -23.93
N SER D 371 -59.97 -41.14 -23.22
CA SER D 371 -59.34 -42.40 -23.59
C SER D 371 -59.95 -43.54 -22.78
N GLN D 372 -60.97 -43.20 -21.99
CA GLN D 372 -61.71 -44.17 -21.18
C GLN D 372 -60.85 -45.01 -20.24
N ILE D 373 -61.26 -46.26 -20.03
CA ILE D 373 -60.64 -47.17 -19.06
C ILE D 373 -60.84 -46.62 -17.63
N GLU D 374 -60.73 -47.49 -16.63
CA GLU D 374 -60.89 -47.07 -15.23
C GLU D 374 -59.95 -47.87 -14.34
N ILE D 375 -59.89 -47.51 -13.05
CA ILE D 375 -59.11 -48.26 -12.06
C ILE D 375 -59.81 -48.26 -10.70
N PRO D 376 -59.83 -49.42 -10.03
CA PRO D 376 -60.51 -49.56 -8.72
C PRO D 376 -59.69 -49.11 -7.49
N THR D 377 -58.53 -49.73 -7.28
CA THR D 377 -57.76 -49.56 -6.06
C THR D 377 -56.46 -48.78 -6.27
N THR D 378 -56.52 -47.70 -7.03
CA THR D 378 -55.35 -46.86 -7.23
C THR D 378 -55.30 -45.79 -6.15
N LEU D 379 -56.46 -45.43 -5.62
CA LEU D 379 -56.54 -44.41 -4.60
C LEU D 379 -55.71 -44.80 -3.39
N LEU D 380 -55.77 -46.07 -3.01
CA LEU D 380 -54.99 -46.59 -1.90
C LEU D 380 -53.55 -46.18 -2.12
N TRP D 381 -53.04 -46.52 -3.29
CA TRP D 381 -51.63 -46.32 -3.61
C TRP D 381 -51.29 -44.86 -3.85
N THR D 382 -52.24 -44.10 -4.38
CA THR D 382 -52.09 -42.66 -4.47
C THR D 382 -52.03 -42.08 -3.05
N TYR D 383 -53.03 -42.41 -2.24
CA TYR D 383 -53.07 -41.97 -0.85
C TYR D 383 -51.78 -42.34 -0.11
N TYR D 384 -51.33 -43.57 -0.29
CA TYR D 384 -50.11 -44.05 0.36
C TYR D 384 -48.89 -43.23 -0.07
N PHE D 385 -48.83 -42.95 -1.39
CA PHE D 385 -47.78 -42.10 -1.92
C PHE D 385 -47.83 -40.71 -1.25
N LEU D 386 -49.02 -40.12 -1.24
CA LEU D 386 -49.17 -38.78 -0.68
C LEU D 386 -48.79 -38.77 0.78
N ALA D 387 -49.08 -39.85 1.49
CA ALA D 387 -48.76 -39.94 2.91
C ALA D 387 -47.25 -39.92 3.12
N GLN D 388 -46.53 -40.62 2.26
CA GLN D 388 -45.07 -40.67 2.37
C GLN D 388 -44.42 -39.38 1.92
N HIS D 389 -45.04 -38.75 0.93
CA HIS D 389 -44.55 -37.50 0.41
C HIS D 389 -44.62 -36.41 1.49
N PHE D 390 -45.79 -36.27 2.08
CA PHE D 390 -45.98 -35.19 3.04
C PHE D 390 -45.22 -35.44 4.33
N ASP D 391 -44.96 -36.71 4.64
CA ASP D 391 -44.11 -37.03 5.78
C ASP D 391 -42.68 -36.61 5.47
N HIS D 392 -42.23 -36.91 4.26
CA HIS D 392 -40.90 -36.52 3.83
C HIS D 392 -40.75 -35.00 3.83
N VAL D 393 -41.73 -34.29 3.28
CA VAL D 393 -41.68 -32.84 3.14
C VAL D 393 -41.94 -32.11 4.48
N GLY D 394 -42.52 -32.82 5.44
CA GLY D 394 -42.62 -32.29 6.80
C GLY D 394 -43.98 -31.73 7.17
N GLU D 395 -45.00 -32.02 6.38
CA GLU D 395 -46.34 -31.54 6.67
C GLU D 395 -46.93 -32.19 7.92
N LEU D 396 -46.99 -33.52 7.93
CA LEU D 396 -47.46 -34.30 9.09
C LEU D 396 -48.96 -34.28 9.30
N GLU D 397 -49.58 -33.11 9.25
CA GLU D 397 -51.02 -33.06 9.38
C GLU D 397 -51.64 -33.61 8.10
N LYS D 398 -51.19 -33.07 6.96
CA LYS D 398 -51.63 -33.55 5.67
C LYS D 398 -51.28 -35.02 5.57
N ALA D 399 -50.06 -35.34 6.00
CA ALA D 399 -49.57 -36.70 5.93
C ALA D 399 -50.50 -37.65 6.66
N GLU D 400 -50.83 -37.34 7.91
CA GLU D 400 -51.64 -38.23 8.73
C GLU D 400 -53.06 -38.40 8.21
N LYS D 401 -53.61 -37.35 7.60
CA LYS D 401 -54.91 -37.45 6.95
C LYS D 401 -54.89 -38.47 5.81
N TYR D 402 -53.78 -38.54 5.10
CA TYR D 402 -53.67 -39.44 3.97
C TYR D 402 -53.53 -40.91 4.37
N VAL D 403 -52.64 -41.22 5.32
CA VAL D 403 -52.56 -42.60 5.82
C VAL D 403 -53.89 -43.05 6.39
N ASP D 404 -54.55 -42.16 7.11
CA ASP D 404 -55.86 -42.47 7.66
C ASP D 404 -56.85 -42.80 6.57
N LEU D 405 -56.84 -42.03 5.49
CA LEU D 405 -57.66 -42.31 4.33
C LEU D 405 -57.35 -43.69 3.79
N ALA D 406 -56.06 -44.05 3.81
CA ALA D 406 -55.60 -45.31 3.24
C ALA D 406 -56.00 -46.47 4.14
N ILE D 407 -55.78 -46.31 5.43
CA ILE D 407 -56.13 -47.31 6.43
C ILE D 407 -57.63 -47.58 6.47
N ASP D 408 -58.44 -46.55 6.27
CA ASP D 408 -59.89 -46.71 6.19
C ASP D 408 -60.29 -47.53 4.98
N HIS D 409 -59.49 -47.45 3.93
CA HIS D 409 -59.76 -48.18 2.69
C HIS D 409 -59.47 -49.65 2.86
N THR D 410 -58.28 -49.94 3.39
CA THR D 410 -57.81 -51.30 3.52
C THR D 410 -56.89 -51.40 4.75
N PRO D 411 -57.49 -51.76 5.89
CA PRO D 411 -56.86 -51.71 7.23
C PRO D 411 -55.94 -52.89 7.49
N THR D 412 -55.75 -53.75 6.50
CA THR D 412 -54.97 -54.95 6.72
C THR D 412 -53.55 -54.85 6.14
N LEU D 413 -53.25 -53.71 5.51
CA LEU D 413 -52.00 -53.47 4.78
C LEU D 413 -50.88 -52.92 5.67
N VAL D 414 -49.85 -53.73 5.92
CA VAL D 414 -48.74 -53.44 6.83
C VAL D 414 -48.04 -52.09 6.63
N GLU D 415 -47.77 -51.75 5.36
CA GLU D 415 -47.00 -50.56 5.02
C GLU D 415 -47.70 -49.29 5.51
N LEU D 416 -49.02 -49.28 5.43
CA LEU D 416 -49.82 -48.12 5.83
C LEU D 416 -49.56 -47.78 7.27
N PHE D 417 -49.42 -48.83 8.08
CA PHE D 417 -49.19 -48.62 9.51
C PHE D 417 -47.74 -48.26 9.81
N MET D 418 -46.82 -48.83 9.03
CA MET D 418 -45.42 -48.41 9.10
C MET D 418 -45.31 -46.89 8.94
N THR D 419 -45.98 -46.37 7.93
CA THR D 419 -45.92 -44.95 7.63
C THR D 419 -46.56 -44.14 8.76
N LYS D 420 -47.70 -44.60 9.26
CA LYS D 420 -48.38 -43.87 10.31
C LYS D 420 -47.52 -43.78 11.57
N ALA D 421 -46.78 -44.84 11.88
CA ALA D 421 -45.85 -44.81 13.01
C ALA D 421 -44.77 -43.75 12.83
N ARG D 422 -44.21 -43.64 11.62
CA ARG D 422 -43.14 -42.66 11.35
C ARG D 422 -43.66 -41.25 11.52
N ILE D 423 -44.84 -41.01 10.97
CA ILE D 423 -45.48 -39.72 11.10
C ILE D 423 -45.65 -39.37 12.57
N SER D 424 -46.01 -40.38 13.38
CA SER D 424 -46.14 -40.15 14.82
C SER D 424 -44.78 -39.86 15.45
N LYS D 425 -43.76 -40.61 15.04
CA LYS D 425 -42.38 -40.36 15.47
C LYS D 425 -41.98 -38.91 15.18
N HIS D 426 -42.34 -38.43 14.00
CA HIS D 426 -42.00 -37.06 13.60
C HIS D 426 -42.78 -36.02 14.40
N LYS D 427 -43.97 -36.40 14.86
CA LYS D 427 -44.76 -35.52 15.71
C LYS D 427 -44.22 -35.50 17.14
N GLY D 428 -43.26 -36.37 17.43
CA GLY D 428 -42.71 -36.45 18.77
C GLY D 428 -43.48 -37.38 19.71
N GLU D 429 -44.48 -38.07 19.17
CA GLU D 429 -45.27 -39.01 19.94
C GLU D 429 -44.73 -40.43 19.90
N LEU D 430 -43.63 -40.64 20.62
CA LEU D 430 -42.93 -41.92 20.65
C LEU D 430 -43.79 -43.08 21.16
N GLN D 431 -44.57 -42.87 22.21
CA GLN D 431 -45.38 -43.97 22.74
C GLN D 431 -46.35 -44.51 21.69
N THR D 432 -47.02 -43.63 20.94
CA THR D 432 -47.96 -44.16 19.93
C THR D 432 -47.26 -44.61 18.65
N ALA D 433 -46.10 -44.05 18.33
CA ALA D 433 -45.31 -44.60 17.23
C ALA D 433 -45.04 -46.06 17.56
N MET D 434 -44.64 -46.30 18.82
CA MET D 434 -44.31 -47.65 19.24
C MET D 434 -45.54 -48.55 19.19
N GLU D 435 -46.69 -48.03 19.60
CA GLU D 435 -47.90 -48.85 19.57
C GLU D 435 -48.27 -49.15 18.13
N ILE D 436 -48.19 -48.15 17.27
CA ILE D 436 -48.57 -48.33 15.89
C ILE D 436 -47.62 -49.29 15.16
N MET D 437 -46.36 -49.29 15.54
CA MET D 437 -45.46 -50.22 14.88
C MET D 437 -45.70 -51.66 15.34
N ASP D 438 -46.12 -51.79 16.60
CA ASP D 438 -46.45 -53.12 17.12
C ASP D 438 -47.66 -53.66 16.39
N HIS D 439 -48.59 -52.77 16.04
CA HIS D 439 -49.75 -53.17 15.26
C HIS D 439 -49.34 -53.59 13.84
N ALA D 440 -48.36 -52.87 13.29
CA ALA D 440 -47.78 -53.25 11.99
C ALA D 440 -47.19 -54.64 12.08
N ARG D 441 -46.39 -54.87 13.10
CA ARG D 441 -45.80 -56.18 13.29
C ARG D 441 -46.86 -57.27 13.43
N LYS D 442 -47.94 -56.98 14.19
CA LYS D 442 -49.03 -57.94 14.40
C LYS D 442 -49.65 -58.39 13.09
N LEU D 443 -49.63 -57.49 12.09
CA LEU D 443 -50.22 -57.82 10.79
C LEU D 443 -49.35 -58.78 9.99
N ASP D 444 -48.18 -59.14 10.52
CA ASP D 444 -47.28 -60.06 9.81
C ASP D 444 -46.26 -60.74 10.75
N LEU D 445 -46.73 -61.71 11.53
CA LEU D 445 -45.87 -62.31 12.56
C LEU D 445 -44.72 -63.16 12.00
N GLN D 446 -44.73 -63.47 10.72
CA GLN D 446 -43.69 -64.35 10.17
C GLN D 446 -42.49 -63.63 9.58
N ASP D 447 -42.56 -62.29 9.52
CA ASP D 447 -41.57 -61.42 8.88
C ASP D 447 -40.60 -60.75 9.84
N ARG D 448 -39.38 -61.25 9.90
CA ARG D 448 -38.35 -60.70 10.80
C ARG D 448 -38.18 -59.18 10.68
N PHE D 449 -38.40 -58.64 9.48
CA PHE D 449 -38.12 -57.24 9.23
C PHE D 449 -39.01 -56.37 10.11
N ILE D 450 -40.31 -56.55 9.96
CA ILE D 450 -41.26 -55.69 10.64
C ILE D 450 -41.12 -55.86 12.16
N ASN D 451 -40.81 -57.09 12.58
CA ASN D 451 -40.40 -57.36 13.94
C ASN D 451 -39.27 -56.44 14.37
N GLY D 452 -38.26 -56.30 13.53
CA GLY D 452 -37.11 -55.45 13.81
C GLY D 452 -37.47 -54.00 13.90
N LYS D 453 -38.25 -53.52 12.93
CA LYS D 453 -38.71 -52.14 12.98
C LYS D 453 -39.45 -51.86 14.32
N CYS D 454 -40.31 -52.82 14.72
CA CYS D 454 -41.06 -52.67 15.94
C CYS D 454 -40.11 -52.53 17.10
N ALA D 455 -39.11 -53.41 17.16
CA ALA D 455 -38.17 -53.38 18.30
C ALA D 455 -37.41 -52.04 18.32
N LYS D 456 -37.13 -51.50 17.14
CA LYS D 456 -36.39 -50.24 17.07
C LYS D 456 -37.20 -49.13 17.71
N TYR D 457 -38.47 -49.05 17.33
CA TYR D 457 -39.37 -48.04 17.81
C TYR D 457 -39.55 -48.14 19.34
N MET D 458 -39.61 -49.37 19.83
CA MET D 458 -39.58 -49.65 21.24
C MET D 458 -38.32 -49.11 21.90
N LEU D 459 -37.16 -49.40 21.32
CA LEU D 459 -35.89 -48.84 21.80
C LEU D 459 -35.89 -47.31 21.79
N ARG D 460 -36.52 -46.71 20.79
CA ARG D 460 -36.56 -45.26 20.67
C ARG D 460 -37.40 -44.70 21.83
N ASN D 461 -38.31 -45.53 22.32
CA ASN D 461 -39.23 -45.14 23.36
C ASN D 461 -38.72 -45.60 24.72
N ASP D 462 -37.50 -46.13 24.73
CA ASP D 462 -36.80 -46.50 25.98
C ASP D 462 -37.45 -47.67 26.68
N GLU D 463 -38.04 -48.52 25.87
CA GLU D 463 -38.64 -49.76 26.34
C GLU D 463 -37.72 -50.97 26.03
N ASN D 464 -36.54 -50.96 26.65
CA ASN D 464 -35.51 -51.94 26.34
C ASN D 464 -35.93 -53.41 26.45
N GLU D 465 -36.57 -53.77 27.57
CA GLU D 465 -36.91 -55.17 27.85
C GLU D 465 -38.01 -55.64 26.92
N LEU D 466 -38.93 -54.73 26.60
CA LEU D 466 -40.01 -55.03 25.69
C LEU D 466 -39.43 -55.34 24.30
N ALA D 467 -38.51 -54.51 23.84
CA ALA D 467 -37.77 -54.77 22.61
C ALA D 467 -37.05 -56.12 22.60
N ALA D 468 -36.33 -56.42 23.66
CA ALA D 468 -35.65 -57.70 23.74
C ALA D 468 -36.63 -58.87 23.77
N LYS D 469 -37.79 -58.69 24.40
CA LYS D 469 -38.80 -59.75 24.35
C LYS D 469 -39.30 -59.89 22.91
N THR D 470 -39.45 -58.76 22.23
CA THR D 470 -39.96 -58.76 20.87
C THR D 470 -39.02 -59.48 19.89
N VAL D 471 -37.72 -59.13 19.92
CA VAL D 471 -36.78 -59.77 19.00
C VAL D 471 -36.53 -61.24 19.38
N SER D 472 -36.81 -61.58 20.63
CA SER D 472 -36.66 -62.97 21.07
C SER D 472 -37.43 -63.96 20.19
N LEU D 473 -38.46 -63.44 19.51
CA LEU D 473 -39.24 -64.21 18.55
C LEU D 473 -38.44 -64.71 17.34
N PHE D 474 -37.32 -64.05 17.02
CA PHE D 474 -36.56 -64.46 15.83
C PHE D 474 -35.10 -64.90 16.07
N THR D 475 -34.57 -64.74 17.28
CA THR D 475 -33.16 -65.04 17.52
C THR D 475 -32.91 -66.51 17.86
N ARG D 476 -31.64 -66.88 17.99
CA ARG D 476 -31.24 -68.19 18.45
C ARG D 476 -30.90 -68.01 19.92
N ASN D 477 -31.81 -68.44 20.78
CA ASN D 477 -31.73 -68.02 22.16
C ASN D 477 -30.80 -68.86 23.04
N GLU D 478 -30.29 -69.95 22.48
CA GLU D 478 -29.50 -70.93 23.23
C GLU D 478 -28.29 -70.39 23.98
N ALA D 479 -27.80 -69.21 23.60
CA ALA D 479 -26.65 -68.59 24.25
C ALA D 479 -26.36 -67.31 23.49
N VAL D 480 -25.72 -66.33 24.13
CA VAL D 480 -25.40 -66.36 25.55
C VAL D 480 -26.58 -65.78 26.28
N GLY D 481 -26.55 -64.46 26.49
CA GLY D 481 -27.61 -63.73 27.16
C GLY D 481 -28.86 -63.56 26.31
N GLY D 482 -29.48 -64.67 25.94
CA GLY D 482 -30.70 -64.67 25.15
C GLY D 482 -30.63 -63.89 23.85
N ALA D 483 -31.78 -63.41 23.40
CA ALA D 483 -31.92 -62.71 22.14
C ALA D 483 -30.85 -61.63 21.93
N VAL D 484 -30.58 -60.84 22.96
CA VAL D 484 -29.68 -59.69 22.84
C VAL D 484 -28.24 -60.19 22.72
N GLY D 485 -27.96 -61.30 23.39
CA GLY D 485 -26.64 -61.88 23.34
C GLY D 485 -26.33 -62.55 22.00
N ASP D 486 -27.38 -63.06 21.36
CA ASP D 486 -27.26 -63.64 20.04
C ASP D 486 -27.10 -62.52 19.02
N LEU D 487 -27.83 -61.43 19.22
CA LEU D 487 -27.71 -60.30 18.33
C LEU D 487 -26.29 -59.74 18.38
N ALA D 488 -25.62 -59.92 19.51
CA ALA D 488 -24.25 -59.46 19.62
C ALA D 488 -23.32 -60.42 18.88
N ASP D 489 -23.44 -61.71 19.14
CA ASP D 489 -22.72 -62.76 18.44
C ASP D 489 -22.81 -62.63 16.92
N MET D 490 -23.98 -62.26 16.41
CA MET D 490 -24.21 -62.16 14.98
C MET D 490 -23.91 -60.77 14.46
N GLN D 491 -23.31 -59.95 15.32
CA GLN D 491 -22.75 -58.67 14.91
C GLN D 491 -23.81 -57.70 14.41
N CYS D 492 -24.97 -57.74 15.04
CA CYS D 492 -26.03 -56.80 14.70
C CYS D 492 -25.74 -55.41 15.27
N LEU D 493 -25.21 -54.55 14.41
CA LEU D 493 -24.73 -53.25 14.80
C LEU D 493 -25.88 -52.34 15.22
N TRP D 494 -26.94 -52.31 14.41
CA TRP D 494 -27.99 -51.33 14.63
C TRP D 494 -28.69 -51.54 15.98
N TYR D 495 -28.91 -52.80 16.37
CA TYR D 495 -29.57 -53.05 17.63
C TYR D 495 -28.67 -52.64 18.77
N MET D 496 -27.37 -52.93 18.69
CA MET D 496 -26.52 -52.59 19.83
C MET D 496 -26.43 -51.07 19.97
N LEU D 497 -26.53 -50.37 18.85
CA LEU D 497 -26.41 -48.93 18.87
C LEU D 497 -27.66 -48.29 19.45
N GLU D 498 -28.82 -48.80 19.04
CA GLU D 498 -30.07 -48.21 19.46
C GLU D 498 -30.31 -48.50 20.95
N ASP D 499 -29.99 -49.73 21.37
CA ASP D 499 -30.04 -50.13 22.77
C ASP D 499 -29.10 -49.28 23.61
N GLY D 500 -27.87 -49.08 23.13
CA GLY D 500 -26.89 -48.29 23.85
C GLY D 500 -27.36 -46.86 24.01
N LYS D 501 -27.95 -46.33 22.97
CA LYS D 501 -28.35 -44.94 23.01
C LYS D 501 -29.51 -44.75 23.99
N SER D 502 -30.32 -45.79 24.08
CA SER D 502 -31.50 -45.79 24.92
C SER D 502 -31.07 -45.84 26.38
N PHE D 503 -30.15 -46.75 26.69
CA PHE D 503 -29.61 -46.82 28.04
C PHE D 503 -28.91 -45.52 28.41
N ALA D 504 -28.20 -44.92 27.46
CA ALA D 504 -27.50 -43.66 27.72
C ALA D 504 -28.45 -42.56 28.12
N ARG D 505 -29.56 -42.43 27.41
CA ARG D 505 -30.43 -41.31 27.70
C ARG D 505 -31.37 -41.53 28.91
N GLN D 506 -31.38 -42.76 29.44
CA GLN D 506 -31.97 -43.04 30.74
C GLN D 506 -30.90 -43.07 31.82
N LYS D 507 -29.69 -42.64 31.49
CA LYS D 507 -28.57 -42.61 32.44
C LYS D 507 -28.21 -43.99 33.00
N LYS D 508 -28.68 -45.04 32.35
CA LYS D 508 -28.19 -46.38 32.68
C LYS D 508 -26.84 -46.57 31.98
N PHE D 509 -25.81 -45.95 32.55
CA PHE D 509 -24.51 -45.85 31.89
C PHE D 509 -23.78 -47.17 31.68
N ALA D 510 -23.77 -48.03 32.70
CA ALA D 510 -23.07 -49.30 32.61
C ALA D 510 -23.57 -50.13 31.44
N LEU D 511 -24.89 -50.14 31.26
CA LEU D 511 -25.48 -50.83 30.13
C LEU D 511 -25.17 -50.14 28.81
N ALA D 512 -25.16 -48.81 28.81
CA ALA D 512 -24.88 -48.04 27.60
C ALA D 512 -23.45 -48.33 27.15
N LEU D 513 -22.51 -48.19 28.07
CA LEU D 513 -21.12 -48.54 27.82
C LEU D 513 -21.00 -49.98 27.30
N LYS D 514 -21.76 -50.88 27.90
CA LYS D 514 -21.73 -52.29 27.53
C LYS D 514 -22.09 -52.46 26.05
N ARG D 515 -23.23 -51.91 25.66
CA ARG D 515 -23.72 -52.06 24.30
C ARG D 515 -22.74 -51.44 23.30
N PHE D 516 -22.26 -50.24 23.61
CA PHE D 516 -21.30 -49.58 22.75
C PHE D 516 -20.07 -50.44 22.65
N SER D 517 -19.60 -50.99 23.77
CA SER D 517 -18.38 -51.79 23.74
C SER D 517 -18.54 -53.00 22.81
N THR D 518 -19.78 -53.45 22.64
CA THR D 518 -20.06 -54.56 21.76
C THR D 518 -19.86 -54.12 20.30
N VAL D 519 -20.15 -52.85 20.04
CA VAL D 519 -19.90 -52.31 18.71
C VAL D 519 -18.40 -52.28 18.46
N PHE D 520 -17.66 -51.91 19.50
CA PHE D 520 -16.21 -51.91 19.39
C PHE D 520 -15.74 -53.33 19.05
N LYS D 521 -16.31 -54.30 19.75
CA LYS D 521 -15.85 -55.67 19.61
C LYS D 521 -16.14 -56.20 18.22
N ILE D 522 -17.24 -55.76 17.64
CA ILE D 522 -17.68 -56.23 16.35
C ILE D 522 -16.74 -55.70 15.26
N PHE D 523 -16.40 -54.42 15.39
CA PHE D 523 -15.43 -53.80 14.50
C PHE D 523 -14.05 -54.44 14.68
N ASP D 524 -13.61 -54.60 15.92
CA ASP D 524 -12.34 -55.31 16.16
C ASP D 524 -12.33 -56.68 15.50
N THR D 525 -13.48 -57.36 15.54
CA THR D 525 -13.55 -58.69 15.01
C THR D 525 -13.43 -58.62 13.49
N TRP D 526 -14.01 -57.58 12.91
CA TRP D 526 -13.98 -57.41 11.48
C TRP D 526 -12.52 -57.17 11.04
N ALA D 527 -11.83 -56.29 11.74
CA ALA D 527 -10.44 -55.98 11.40
C ALA D 527 -9.60 -57.24 11.48
N ASP D 528 -10.00 -58.12 12.39
CA ASP D 528 -9.22 -59.33 12.65
C ASP D 528 -9.48 -60.46 11.67
N ASP D 529 -10.61 -60.41 10.98
CA ASP D 529 -11.09 -61.55 10.22
C ASP D 529 -10.27 -61.80 8.96
N GLN D 530 -9.61 -60.76 8.47
CA GLN D 530 -8.80 -60.87 7.27
C GLN D 530 -7.63 -61.82 7.52
N PHE D 531 -7.17 -61.88 8.77
CA PHE D 531 -5.95 -62.61 9.15
C PHE D 531 -5.67 -63.93 8.43
N ASP D 532 -6.59 -64.88 8.48
CA ASP D 532 -6.38 -66.17 7.83
C ASP D 532 -6.35 -66.04 6.31
N PHE D 533 -6.83 -64.92 5.80
CA PHE D 533 -6.90 -64.78 4.35
C PHE D 533 -5.57 -64.36 3.72
N HIS D 534 -4.61 -63.93 4.55
CA HIS D 534 -3.26 -63.62 4.07
C HIS D 534 -2.57 -64.92 3.72
N PHE D 535 -3.26 -66.03 3.97
CA PHE D 535 -2.79 -67.32 3.53
C PHE D 535 -3.80 -67.87 2.56
N PHE D 536 -5.05 -67.87 2.97
CA PHE D 536 -6.07 -68.60 2.24
C PHE D 536 -6.33 -68.00 0.87
N ALA D 537 -6.15 -66.69 0.73
CA ALA D 537 -6.41 -66.02 -0.56
C ALA D 537 -5.49 -66.48 -1.68
N PHE D 538 -4.22 -66.70 -1.35
CA PHE D 538 -3.26 -67.15 -2.37
C PHE D 538 -3.43 -68.63 -2.66
N ARG D 539 -4.00 -69.39 -1.74
N ARG D 539 -4.02 -69.37 -1.72
CA ARG D 539 -4.25 -70.79 -2.04
CA ARG D 539 -4.30 -70.78 -1.95
C ARG D 539 -5.43 -70.92 -3.00
C ARG D 539 -5.43 -70.92 -2.96
N LYS D 540 -6.36 -69.97 -2.94
CA LYS D 540 -7.47 -69.97 -3.88
C LYS D 540 -7.05 -69.25 -5.15
N GLY D 541 -6.17 -68.25 -5.00
CA GLY D 541 -5.71 -67.44 -6.11
C GLY D 541 -6.62 -66.27 -6.45
N SER D 542 -7.24 -65.66 -5.45
CA SER D 542 -8.19 -64.57 -5.69
C SER D 542 -7.51 -63.24 -5.41
N LEU D 543 -6.59 -62.90 -6.30
CA LEU D 543 -5.67 -61.81 -6.06
C LEU D 543 -6.33 -60.43 -6.08
N ARG D 544 -7.12 -60.14 -7.11
CA ARG D 544 -7.78 -58.83 -7.14
C ARG D 544 -8.75 -58.70 -5.94
N THR D 545 -9.45 -59.77 -5.61
CA THR D 545 -10.32 -59.74 -4.45
C THR D 545 -9.53 -59.58 -3.15
N TYR D 546 -8.38 -60.23 -3.07
CA TYR D 546 -7.53 -60.05 -1.90
C TYR D 546 -7.14 -58.59 -1.73
N LEU D 547 -6.79 -57.94 -2.85
CA LEU D 547 -6.41 -56.52 -2.81
C LEU D 547 -7.56 -55.69 -2.23
N ASP D 548 -8.80 -55.97 -2.66
CA ASP D 548 -9.96 -55.23 -2.18
C ASP D 548 -10.15 -55.38 -0.66
N LEU D 549 -9.91 -56.58 -0.18
CA LEU D 549 -9.92 -56.89 1.23
C LEU D 549 -8.94 -56.00 1.98
N MET D 550 -7.71 -55.95 1.50
CA MET D 550 -6.68 -55.15 2.17
C MET D 550 -7.03 -53.67 2.28
N SER D 551 -7.68 -53.11 1.26
CA SER D 551 -7.98 -51.67 1.33
C SER D 551 -9.30 -51.37 2.01
N TRP D 552 -10.22 -52.33 2.00
CA TRP D 552 -11.42 -52.22 2.83
C TRP D 552 -11.00 -52.19 4.29
N GLU D 553 -10.21 -53.18 4.69
CA GLU D 553 -9.71 -53.26 6.06
C GLU D 553 -8.98 -52.01 6.55
N ASP D 554 -8.25 -51.37 5.63
CA ASP D 554 -7.43 -50.23 5.97
C ASP D 554 -8.25 -49.07 6.52
N SER D 555 -9.53 -49.08 6.21
CA SER D 555 -10.41 -48.01 6.67
C SER D 555 -11.72 -48.55 7.28
N VAL D 556 -11.68 -49.77 7.81
CA VAL D 556 -12.88 -50.45 8.28
C VAL D 556 -13.56 -49.71 9.45
N TYR D 557 -12.76 -49.02 10.27
CA TYR D 557 -13.23 -48.22 11.38
C TYR D 557 -13.81 -46.87 10.98
N ASP D 558 -13.81 -46.56 9.70
CA ASP D 558 -14.26 -45.27 9.23
C ASP D 558 -15.72 -45.42 8.85
N ASP D 559 -16.55 -45.53 9.87
CA ASP D 559 -17.93 -45.95 9.71
C ASP D 559 -18.86 -45.19 10.69
N PRO D 560 -20.03 -44.78 10.19
CA PRO D 560 -21.10 -44.17 11.00
C PRO D 560 -21.35 -44.91 12.33
N SER D 561 -21.47 -46.23 12.28
CA SER D 561 -21.78 -46.98 13.49
C SER D 561 -20.64 -46.97 14.47
N PHE D 562 -19.41 -47.10 13.98
CA PHE D 562 -18.33 -47.07 14.93
C PHE D 562 -18.22 -45.69 15.56
N ARG D 563 -18.40 -44.66 14.74
CA ARG D 563 -18.38 -43.28 15.20
C ARG D 563 -19.39 -43.07 16.32
N GLU D 564 -20.63 -43.46 16.05
CA GLU D 564 -21.71 -43.25 16.99
C GLU D 564 -21.41 -43.91 18.32
N ALA D 565 -20.84 -45.11 18.29
CA ALA D 565 -20.56 -45.85 19.53
C ALA D 565 -19.40 -45.22 20.28
N ALA D 566 -18.36 -44.81 19.57
CA ALA D 566 -17.22 -44.12 20.19
C ALA D 566 -17.66 -42.80 20.78
N GLN D 567 -18.45 -42.06 20.03
CA GLN D 567 -18.98 -40.78 20.46
C GLN D 567 -19.74 -40.97 21.78
N GLY D 568 -20.73 -41.85 21.74
CA GLY D 568 -21.51 -42.21 22.91
C GLY D 568 -20.66 -42.54 24.13
N SER D 569 -19.66 -43.41 23.95
CA SER D 569 -18.79 -43.77 25.05
C SER D 569 -18.06 -42.58 25.63
N ILE D 570 -17.43 -41.79 24.77
CA ILE D 570 -16.70 -40.61 25.22
C ILE D 570 -17.58 -39.67 26.06
N GLU D 571 -18.80 -39.42 25.60
CA GLU D 571 -19.69 -38.55 26.35
C GLU D 571 -19.99 -39.07 27.76
N ILE D 572 -20.16 -40.39 27.87
CA ILE D 572 -20.39 -41.04 29.16
C ILE D 572 -19.13 -41.01 30.02
N TYR D 573 -17.97 -41.23 29.41
CA TYR D 573 -16.73 -41.11 30.17
C TYR D 573 -16.53 -39.67 30.66
N PHE D 574 -17.03 -38.70 29.90
CA PHE D 574 -16.97 -37.31 30.36
C PHE D 574 -17.83 -37.11 31.61
N ALA D 575 -19.03 -37.68 31.58
CA ALA D 575 -19.94 -37.60 32.69
C ALA D 575 -19.32 -38.32 33.88
N LEU D 576 -18.67 -39.45 33.60
CA LEU D 576 -18.01 -40.19 34.67
C LEU D 576 -16.90 -39.35 35.34
N PHE D 577 -16.22 -38.53 34.55
CA PHE D 577 -15.19 -37.66 35.09
C PHE D 577 -15.81 -36.50 35.85
N ASP D 578 -16.87 -35.93 35.28
CA ASP D 578 -17.49 -34.75 35.86
C ASP D 578 -18.22 -35.07 37.16
N LEU D 579 -19.26 -35.90 37.07
CA LEU D 579 -20.14 -36.17 38.19
C LEU D 579 -19.71 -37.41 38.99
N PRO D 580 -19.50 -37.24 40.31
CA PRO D 580 -19.09 -38.35 41.17
C PRO D 580 -20.21 -39.37 41.42
N PHE D 581 -21.44 -39.07 40.99
CA PHE D 581 -22.56 -40.01 41.15
C PHE D 581 -22.88 -40.75 39.85
N ALA D 582 -22.20 -40.37 38.79
CA ALA D 582 -22.47 -40.95 37.48
C ALA D 582 -22.21 -42.46 37.48
N LYS D 583 -21.21 -42.90 38.22
CA LYS D 583 -20.80 -44.31 38.24
C LYS D 583 -21.83 -45.26 38.86
N TYR D 584 -22.84 -44.70 39.52
CA TYR D 584 -23.86 -45.52 40.13
C TYR D 584 -25.05 -45.70 39.18
N SER D 585 -24.90 -45.19 37.95
CA SER D 585 -25.97 -45.18 36.95
C SER D 585 -27.32 -44.83 37.58
N PRO D 586 -27.41 -43.61 38.14
CA PRO D 586 -28.61 -43.26 38.89
C PRO D 586 -29.81 -43.17 37.96
N LYS D 587 -31.00 -43.44 38.48
CA LYS D 587 -32.19 -43.30 37.67
C LYS D 587 -32.32 -41.83 37.37
N LEU D 588 -32.92 -41.50 36.23
CA LEU D 588 -33.08 -40.12 35.78
C LEU D 588 -33.59 -39.10 36.86
N PRO D 589 -34.61 -39.47 37.65
CA PRO D 589 -35.00 -38.48 38.67
C PRO D 589 -33.95 -38.22 39.76
N ASP D 590 -33.19 -39.24 40.14
CA ASP D 590 -32.11 -39.07 41.12
C ASP D 590 -30.93 -38.34 40.48
N PHE D 591 -30.75 -38.55 39.19
CA PHE D 591 -29.66 -37.93 38.44
C PHE D 591 -29.87 -36.43 38.39
N GLU D 592 -31.12 -36.00 38.32
CA GLU D 592 -31.42 -34.59 38.16
C GLU D 592 -31.38 -33.83 39.48
N LYS D 593 -31.82 -34.47 40.56
CA LYS D 593 -31.72 -33.89 41.89
C LYS D 593 -30.25 -33.64 42.26
N LEU D 594 -29.42 -34.66 42.02
CA LEU D 594 -28.00 -34.57 42.32
C LEU D 594 -27.25 -33.61 41.39
N SER D 595 -27.82 -33.33 40.24
CA SER D 595 -27.16 -32.51 39.24
C SER D 595 -27.50 -31.04 39.43
N SER D 596 -28.60 -30.78 40.11
CA SER D 596 -29.07 -29.43 40.33
C SER D 596 -28.47 -28.82 41.61
N GLY D 597 -27.95 -29.69 42.47
CA GLY D 597 -27.28 -29.28 43.70
C GLY D 597 -28.05 -28.32 44.59
N GLU D 598 -29.37 -28.43 44.60
CA GLU D 598 -30.21 -27.56 45.42
C GLU D 598 -30.69 -28.27 46.68
N ILE D 599 -30.41 -29.56 46.76
CA ILE D 599 -30.82 -30.39 47.89
C ILE D 599 -29.83 -30.29 49.06
N ASN D 600 -30.30 -30.55 50.27
CA ASN D 600 -29.43 -30.52 51.43
C ASN D 600 -28.59 -31.78 51.58
N GLU D 601 -27.68 -31.78 52.54
CA GLU D 601 -26.85 -32.94 52.80
C GLU D 601 -27.68 -34.11 53.33
N GLU D 602 -28.82 -33.81 53.93
CA GLU D 602 -29.71 -34.86 54.45
C GLU D 602 -30.25 -35.72 53.29
N GLU D 603 -30.78 -35.07 52.27
CA GLU D 603 -31.33 -35.79 51.13
C GLU D 603 -30.23 -36.36 50.23
N GLU D 604 -29.17 -35.58 50.03
CA GLU D 604 -28.02 -36.04 49.26
C GLU D 604 -27.40 -37.33 49.82
N LYS D 605 -27.21 -37.39 51.14
CA LYS D 605 -26.63 -38.58 51.76
C LYS D 605 -27.53 -39.79 51.54
N LYS D 606 -28.84 -39.56 51.60
CA LYS D 606 -29.82 -40.62 51.44
C LYS D 606 -29.77 -41.22 50.05
N ILE D 607 -29.74 -40.34 49.05
CA ILE D 607 -29.65 -40.77 47.66
C ILE D 607 -28.42 -41.63 47.39
N TYR D 608 -27.28 -41.25 47.97
CA TYR D 608 -26.07 -42.05 47.78
C TYR D 608 -26.17 -43.45 48.41
N LYS D 609 -26.67 -43.52 49.64
CA LYS D 609 -26.85 -44.81 50.31
C LYS D 609 -27.73 -45.74 49.49
N LYS D 610 -28.76 -45.17 48.89
CA LYS D 610 -29.64 -45.92 48.00
C LYS D 610 -28.90 -46.35 46.74
N LEU D 611 -28.24 -45.40 46.08
CA LEU D 611 -27.47 -45.68 44.87
C LEU D 611 -26.47 -46.79 45.09
N LYS D 612 -25.79 -46.77 46.23
CA LYS D 612 -24.81 -47.80 46.55
C LYS D 612 -25.45 -49.18 46.71
N LYS D 613 -26.54 -49.25 47.48
CA LYS D 613 -27.21 -50.53 47.70
C LYS D 613 -27.70 -51.11 46.38
N ASP D 614 -28.23 -50.25 45.51
CA ASP D 614 -28.70 -50.69 44.20
C ASP D 614 -27.56 -51.21 43.29
N LEU D 615 -26.39 -50.60 43.40
CA LEU D 615 -25.22 -51.09 42.69
C LEU D 615 -24.79 -52.46 43.21
N SER D 616 -24.88 -52.64 44.53
CA SER D 616 -24.56 -53.91 45.15
C SER D 616 -25.40 -55.02 44.55
N LYS D 617 -26.69 -54.75 44.40
CA LYS D 617 -27.59 -55.76 43.84
C LYS D 617 -27.28 -56.03 42.37
N ARG D 618 -26.93 -54.99 41.62
CA ARG D 618 -26.55 -55.18 40.23
C ARG D 618 -25.28 -56.01 40.13
N LEU D 619 -24.31 -55.72 40.98
CA LEU D 619 -23.07 -56.51 41.04
C LEU D 619 -23.38 -57.95 41.39
N GLU D 620 -24.19 -58.14 42.43
CA GLU D 620 -24.63 -59.47 42.88
C GLU D 620 -25.31 -60.18 41.72
N ARG D 621 -26.14 -59.45 40.98
CA ARG D 621 -26.84 -60.01 39.85
C ARG D 621 -25.85 -60.44 38.75
N ALA D 622 -24.81 -59.66 38.53
CA ALA D 622 -23.84 -59.99 37.49
C ALA D 622 -23.06 -61.25 37.83
N GLU D 623 -22.79 -61.47 39.11
CA GLU D 623 -22.13 -62.72 39.50
C GLU D 623 -22.99 -63.92 39.12
N LYS D 624 -24.29 -63.83 39.30
CA LYS D 624 -25.15 -64.98 38.98
C LYS D 624 -25.15 -65.23 37.48
N LEU D 625 -25.13 -64.14 36.71
CA LEU D 625 -25.04 -64.22 35.26
C LEU D 625 -23.77 -64.95 34.82
N LYS D 626 -22.64 -64.61 35.42
CA LYS D 626 -21.37 -65.23 35.06
C LYS D 626 -21.38 -66.72 35.39
N GLU D 627 -21.90 -67.07 36.56
CA GLU D 627 -22.04 -68.47 36.95
C GLU D 627 -22.84 -69.23 35.90
N ALA D 628 -23.89 -68.58 35.39
CA ALA D 628 -24.71 -69.17 34.33
C ALA D 628 -23.96 -69.34 33.00
N ASP D 629 -23.21 -68.33 32.58
CA ASP D 629 -22.38 -68.43 31.38
C ASP D 629 -21.41 -69.59 31.55
N LYS D 630 -20.64 -69.53 32.63
CA LYS D 630 -19.59 -70.49 32.92
C LYS D 630 -20.10 -71.91 32.93
N SER D 631 -21.28 -72.11 33.52
CA SER D 631 -21.90 -73.44 33.57
C SER D 631 -22.73 -73.71 32.32
N ARG D 632 -22.07 -73.74 31.16
CA ARG D 632 -22.75 -73.92 29.88
C ARG D 632 -21.80 -74.44 28.83
N LYS D 642 -12.76 -72.79 27.52
CA LYS D 642 -13.95 -71.98 27.72
C LYS D 642 -13.60 -70.50 27.69
N TYR D 643 -14.59 -69.67 27.36
CA TYR D 643 -14.40 -68.22 27.37
C TYR D 643 -15.69 -67.53 27.79
N ASP D 644 -15.68 -66.94 28.99
CA ASP D 644 -16.85 -66.29 29.54
C ASP D 644 -16.89 -64.84 29.15
N GLU D 645 -17.78 -64.11 29.81
CA GLU D 645 -17.77 -62.66 29.78
C GLU D 645 -17.75 -62.16 31.21
N ASP D 646 -16.83 -61.27 31.51
CA ASP D 646 -16.60 -60.86 32.89
C ASP D 646 -17.37 -59.63 33.37
N PRO D 647 -17.73 -58.72 32.45
CA PRO D 647 -18.77 -57.77 32.87
C PRO D 647 -20.03 -57.97 32.06
N LEU D 648 -20.94 -58.79 32.58
CA LEU D 648 -22.26 -58.84 31.98
C LEU D 648 -22.96 -57.45 31.97
N GLY D 649 -22.55 -56.54 32.87
CA GLY D 649 -22.85 -55.11 32.77
C GLY D 649 -21.76 -54.08 33.11
N GLU D 650 -21.25 -54.15 34.34
CA GLU D 650 -20.81 -52.97 35.12
C GLU D 650 -19.31 -52.62 35.23
N ASN D 651 -18.41 -53.48 34.76
CA ASN D 651 -16.97 -53.22 34.98
C ASN D 651 -16.45 -51.91 34.36
N LEU D 652 -16.98 -51.56 33.20
CA LEU D 652 -16.60 -50.35 32.49
C LEU D 652 -16.91 -49.10 33.28
N VAL D 653 -18.17 -48.95 33.69
CA VAL D 653 -18.61 -47.69 34.27
C VAL D 653 -17.86 -47.34 35.56
N ALA D 654 -17.22 -48.34 36.17
CA ALA D 654 -16.54 -48.12 37.45
C ALA D 654 -15.07 -47.66 37.36
N THR D 655 -14.58 -47.46 36.12
CA THR D 655 -13.17 -47.14 35.88
C THR D 655 -12.58 -46.04 36.77
N SER D 656 -11.32 -46.24 37.14
CA SER D 656 -10.62 -45.32 38.03
C SER D 656 -10.28 -44.04 37.30
N GLU D 657 -10.14 -44.12 35.98
CA GLU D 657 -9.94 -42.90 35.20
C GLU D 657 -10.58 -42.95 33.81
N PRO D 658 -11.76 -42.35 33.70
CA PRO D 658 -12.51 -42.33 32.44
C PRO D 658 -11.81 -41.59 31.30
N LEU D 659 -10.98 -40.59 31.59
CA LEU D 659 -10.30 -39.83 30.53
C LEU D 659 -9.46 -40.72 29.62
N LYS D 660 -8.63 -41.53 30.24
CA LYS D 660 -7.87 -42.56 29.55
C LYS D 660 -8.76 -43.43 28.65
N GLU D 661 -9.91 -43.89 29.17
CA GLU D 661 -10.83 -44.66 28.33
C GLU D 661 -11.36 -43.81 27.17
N ALA D 662 -11.76 -42.58 27.46
CA ALA D 662 -12.20 -41.64 26.42
C ALA D 662 -11.08 -41.41 25.37
N GLN D 663 -9.84 -41.34 25.84
CA GLN D 663 -8.69 -41.28 24.95
C GLN D 663 -8.66 -42.48 24.00
N LYS D 664 -8.83 -43.69 24.54
CA LYS D 664 -8.75 -44.88 23.71
C LYS D 664 -9.86 -44.88 22.67
N CYS D 665 -11.02 -44.38 23.08
CA CYS D 665 -12.20 -44.30 22.21
C CYS D 665 -11.95 -43.31 21.09
N LEU D 666 -11.07 -42.35 21.34
CA LEU D 666 -10.79 -41.29 20.38
C LEU D 666 -9.80 -41.74 19.29
N GLU D 667 -8.90 -42.64 19.65
CA GLU D 667 -7.80 -43.07 18.76
C GLU D 667 -8.19 -43.28 17.31
N LYS D 668 -9.30 -43.98 17.08
CA LYS D 668 -9.68 -44.39 15.72
C LYS D 668 -10.70 -43.44 15.11
N LEU D 669 -10.95 -42.33 15.79
CA LEU D 669 -11.82 -41.32 15.23
C LEU D 669 -10.97 -40.28 14.54
N LEU D 670 -9.79 -40.01 15.12
CA LEU D 670 -8.93 -38.91 14.67
C LEU D 670 -8.40 -38.98 13.22
N PRO D 671 -7.93 -40.16 12.77
CA PRO D 671 -7.53 -40.22 11.36
C PRO D 671 -8.62 -39.73 10.38
N TYR D 672 -9.89 -39.76 10.80
CA TYR D 672 -10.96 -39.36 9.90
C TYR D 672 -11.55 -38.03 10.27
N GLY D 673 -10.77 -37.26 11.03
CA GLY D 673 -11.19 -35.97 11.56
C GLY D 673 -11.63 -34.94 10.56
N ASP D 674 -10.94 -34.86 9.43
CA ASP D 674 -11.26 -33.82 8.46
C ASP D 674 -12.67 -33.94 7.85
N LYS D 675 -13.17 -35.16 7.68
CA LYS D 675 -14.52 -35.32 7.17
C LYS D 675 -15.55 -35.50 8.29
N ASN D 676 -15.05 -35.72 9.50
CA ASN D 676 -15.89 -35.91 10.67
C ASN D 676 -15.36 -35.06 11.83
N PRO D 677 -15.40 -33.71 11.67
CA PRO D 677 -14.75 -32.75 12.55
C PRO D 677 -15.22 -32.87 14.01
N SER D 678 -16.29 -33.65 14.23
CA SER D 678 -16.77 -33.89 15.58
C SER D 678 -15.69 -34.59 16.41
N ALA D 679 -14.85 -35.38 15.73
CA ALA D 679 -13.70 -36.03 16.38
C ALA D 679 -12.81 -34.99 17.06
N TYR D 680 -12.53 -33.91 16.35
CA TYR D 680 -11.64 -32.86 16.81
C TYR D 680 -12.23 -32.13 17.99
N ILE D 681 -13.54 -31.89 17.92
CA ILE D 681 -14.22 -31.22 19.00
C ILE D 681 -14.25 -32.09 20.25
N LEU D 682 -14.51 -33.38 20.09
CA LEU D 682 -14.45 -34.31 21.20
C LEU D 682 -13.06 -34.27 21.81
N ALA D 683 -12.06 -34.31 20.96
CA ALA D 683 -10.67 -34.22 21.40
C ALA D 683 -10.42 -32.96 22.24
N ALA D 684 -10.87 -31.82 21.73
CA ALA D 684 -10.74 -30.56 22.46
C ALA D 684 -11.32 -30.65 23.86
N GLN D 685 -12.55 -31.13 23.93
CA GLN D 685 -13.25 -31.31 25.19
C GLN D 685 -12.48 -32.26 26.11
N LEU D 686 -11.88 -33.30 25.52
CA LEU D 686 -11.07 -34.23 26.31
C LEU D 686 -9.84 -33.56 26.92
N TYR D 687 -9.00 -32.95 26.07
CA TYR D 687 -7.76 -32.37 26.58
C TYR D 687 -8.01 -31.12 27.41
N THR D 688 -9.19 -30.51 27.28
CA THR D 688 -9.55 -29.43 28.19
C THR D 688 -9.62 -29.98 29.60
N ARG D 689 -10.35 -31.08 29.77
CA ARG D 689 -10.49 -31.73 31.08
C ARG D 689 -9.14 -32.23 31.62
N LEU D 690 -8.25 -32.64 30.71
CA LEU D 690 -6.92 -33.10 31.11
C LEU D 690 -5.97 -31.97 31.53
N LYS D 691 -6.45 -30.73 31.54
CA LYS D 691 -5.62 -29.56 31.88
C LYS D 691 -4.42 -29.36 30.93
N ASN D 692 -4.54 -29.90 29.72
CA ASN D 692 -3.49 -29.81 28.70
C ASN D 692 -3.97 -28.90 27.58
N PHE D 693 -3.89 -27.60 27.80
CA PHE D 693 -4.57 -26.61 26.96
C PHE D 693 -3.99 -26.34 25.57
N ASP D 694 -2.70 -26.51 25.38
CA ASP D 694 -2.17 -26.29 24.04
C ASP D 694 -2.61 -27.40 23.07
N THR D 695 -2.64 -28.63 23.56
CA THR D 695 -3.14 -29.73 22.73
C THR D 695 -4.65 -29.59 22.55
N ALA D 696 -5.30 -28.97 23.53
CA ALA D 696 -6.75 -28.73 23.47
C ALA D 696 -7.11 -27.70 22.41
N SER D 697 -6.40 -26.57 22.42
CA SER D 697 -6.69 -25.47 21.52
C SER D 697 -6.40 -25.80 20.05
N LYS D 698 -5.35 -26.56 19.79
CA LYS D 698 -5.05 -26.93 18.41
C LYS D 698 -6.20 -27.77 17.86
N TYR D 699 -6.70 -28.72 18.65
CA TYR D 699 -7.78 -29.57 18.17
C TYR D 699 -9.02 -28.72 17.92
N LEU D 700 -9.30 -27.81 18.85
CA LEU D 700 -10.42 -26.89 18.68
C LEU D 700 -10.26 -25.99 17.42
N GLU D 701 -9.04 -25.52 17.16
CA GLU D 701 -8.78 -24.74 15.94
C GLU D 701 -9.05 -25.54 14.67
N GLN D 702 -8.51 -26.76 14.62
CA GLN D 702 -8.71 -27.65 13.48
C GLN D 702 -10.21 -27.81 13.22
N ALA D 703 -10.97 -27.91 14.30
CA ALA D 703 -12.41 -28.07 14.17
C ALA D 703 -13.04 -26.77 13.73
N LYS D 704 -12.50 -25.65 14.19
CA LYS D 704 -13.00 -24.33 13.81
C LYS D 704 -12.84 -24.07 12.32
N VAL D 705 -11.71 -24.51 11.76
CA VAL D 705 -11.41 -24.33 10.33
C VAL D 705 -12.50 -24.92 9.40
N ILE D 706 -12.86 -26.17 9.64
CA ILE D 706 -13.92 -26.84 8.92
C ILE D 706 -15.23 -26.50 9.60
N LEU D 707 -16.31 -26.28 8.85
CA LEU D 707 -17.64 -26.10 9.47
C LEU D 707 -17.79 -24.90 10.40
N GLY D 708 -16.69 -24.44 11.01
CA GLY D 708 -16.75 -23.63 12.22
C GLY D 708 -17.14 -22.17 12.15
N GLN D 709 -16.51 -21.39 13.03
CA GLN D 709 -16.81 -19.98 13.29
C GLN D 709 -18.15 -19.76 14.00
N ASN D 710 -19.26 -19.92 13.28
CA ASN D 710 -20.58 -19.71 13.85
C ASN D 710 -21.27 -21.03 14.14
N ASP D 711 -20.48 -22.10 14.21
CA ASP D 711 -21.00 -23.42 14.49
C ASP D 711 -21.29 -23.60 15.99
N PRO D 712 -22.49 -24.08 16.31
CA PRO D 712 -22.94 -24.23 17.69
C PRO D 712 -21.99 -25.05 18.56
N THR D 713 -21.65 -26.26 18.12
CA THR D 713 -20.74 -27.12 18.87
C THR D 713 -19.35 -26.51 19.05
N VAL D 714 -18.93 -25.69 18.09
CA VAL D 714 -17.62 -25.05 18.20
C VAL D 714 -17.58 -24.02 19.32
N ILE D 715 -18.55 -23.10 19.33
CA ILE D 715 -18.54 -22.03 20.32
C ILE D 715 -18.76 -22.52 21.75
N SER D 716 -19.61 -23.54 21.90
CA SER D 716 -19.85 -24.09 23.24
C SER D 716 -18.64 -24.87 23.75
N THR D 717 -17.81 -25.36 22.83
CA THR D 717 -16.56 -26.00 23.24
C THR D 717 -15.56 -24.93 23.67
N GLU D 718 -15.53 -23.84 22.93
CA GLU D 718 -14.57 -22.77 23.20
C GLU D 718 -14.93 -22.11 24.51
N LYS D 719 -16.24 -21.98 24.77
CA LYS D 719 -16.71 -21.43 26.03
C LYS D 719 -16.30 -22.33 27.19
N PHE D 720 -16.41 -23.63 26.99
CA PHE D 720 -15.97 -24.61 27.95
C PHE D 720 -14.45 -24.57 28.09
N TYR D 721 -13.77 -24.37 26.96
CA TYR D 721 -12.32 -24.21 26.96
C TYR D 721 -11.91 -23.02 27.82
N ASN D 722 -12.53 -21.87 27.56
CA ASN D 722 -12.25 -20.64 28.30
C ASN D 722 -12.47 -20.78 29.80
N SER D 723 -13.48 -21.55 30.18
CA SER D 723 -13.86 -21.69 31.57
C SER D 723 -12.86 -22.52 32.39
N ILE D 724 -12.21 -23.48 31.75
CA ILE D 724 -11.26 -24.34 32.45
C ILE D 724 -9.84 -23.76 32.45
N LYS D 725 -9.45 -23.13 31.34
CA LYS D 725 -8.12 -22.57 31.24
C LYS D 725 -7.92 -21.39 32.19
N THR D 726 -8.95 -20.56 32.34
CA THR D 726 -8.88 -19.42 33.26
C THR D 726 -9.15 -19.85 34.69
N GLN D 727 -9.39 -21.15 34.88
CA GLN D 727 -9.64 -21.71 36.19
C GLN D 727 -8.38 -22.32 36.79
N SER D 728 -7.40 -22.59 35.94
CA SER D 728 -6.12 -23.15 36.40
C SER D 728 -5.37 -22.16 37.28
N ASN D 729 -5.55 -20.88 36.99
CA ASN D 729 -4.96 -19.82 37.81
C ASN D 729 -5.93 -19.29 38.86
N ALA D 730 -5.61 -18.12 39.42
CA ALA D 730 -6.49 -17.44 40.37
C ALA D 730 -6.01 -16.00 40.54
N ALA D 731 -6.90 -15.13 41.00
CA ALA D 731 -6.58 -13.72 41.12
C ALA D 731 -7.58 -12.96 42.00
N MET E 1 -13.50 -9.36 -25.95
N MET E 1 -16.32 -9.87 -26.32
CA MET E 1 -14.87 -8.92 -25.71
CA MET E 1 -15.09 -9.46 -25.66
C MET E 1 -15.08 -8.66 -24.22
C MET E 1 -15.30 -9.19 -24.17
N ASP E 2 -14.21 -9.25 -23.40
CA ASP E 2 -14.26 -9.10 -21.94
C ASP E 2 -13.47 -7.87 -21.53
N ILE E 3 -14.14 -6.77 -21.18
CA ILE E 3 -13.46 -5.61 -20.64
C ILE E 3 -13.48 -5.56 -19.11
N ARG E 4 -12.33 -5.24 -18.52
CA ARG E 4 -12.16 -5.38 -17.08
C ARG E 4 -10.93 -4.63 -16.63
N PRO E 5 -10.83 -4.32 -15.34
CA PRO E 5 -9.66 -3.59 -14.84
C PRO E 5 -8.35 -4.31 -15.14
N ALA E 6 -7.28 -3.56 -15.38
CA ALA E 6 -5.98 -4.16 -15.65
C ALA E 6 -5.35 -4.67 -14.37
N ARG E 7 -4.72 -5.84 -14.45
CA ARG E 7 -3.95 -6.36 -13.32
C ARG E 7 -2.47 -6.34 -13.69
N ILE E 8 -1.60 -6.39 -12.71
CA ILE E 8 -0.17 -6.55 -12.93
C ILE E 8 0.15 -7.60 -14.01
N SER E 9 -0.55 -8.71 -13.96
CA SER E 9 -0.11 -9.88 -14.68
C SER E 9 -0.53 -9.76 -16.12
N ASP E 10 -1.20 -8.68 -16.47
CA ASP E 10 -1.46 -8.51 -17.87
C ASP E 10 -0.83 -7.24 -18.46
N LEU E 11 0.17 -6.73 -17.76
CA LEU E 11 0.92 -5.55 -18.21
C LEU E 11 1.75 -5.86 -19.43
N THR E 12 2.49 -6.98 -19.41
CA THR E 12 3.26 -7.37 -20.57
C THR E 12 2.41 -7.51 -21.84
N GLY E 13 1.20 -8.03 -21.68
CA GLY E 13 0.25 -8.11 -22.76
C GLY E 13 -0.30 -6.76 -23.17
N MET E 14 -0.22 -5.74 -22.31
CA MET E 14 -0.55 -4.39 -22.73
C MET E 14 0.60 -3.83 -23.58
N GLN E 15 1.81 -4.14 -23.16
CA GLN E 15 2.99 -3.68 -23.81
C GLN E 15 3.00 -4.26 -25.22
N ASN E 16 2.77 -5.58 -25.30
CA ASN E 16 2.75 -6.24 -26.59
C ASN E 16 1.70 -5.65 -27.52
N CYS E 17 0.59 -5.24 -26.93
CA CYS E 17 -0.47 -4.64 -27.74
C CYS E 17 -0.02 -3.27 -28.25
N ASN E 18 0.61 -2.51 -27.36
CA ASN E 18 1.20 -1.22 -27.70
C ASN E 18 2.26 -1.33 -28.85
N LEU E 19 3.13 -2.31 -28.74
CA LEU E 19 4.17 -2.56 -29.69
C LEU E 19 3.60 -2.83 -31.08
N HIS E 20 2.66 -3.76 -31.17
CA HIS E 20 1.99 -4.02 -32.44
C HIS E 20 1.32 -2.77 -33.04
N ASN E 21 0.75 -1.90 -32.22
CA ASN E 21 -0.17 -0.88 -32.77
C ASN E 21 0.27 0.58 -32.79
N LEU E 22 1.36 0.89 -32.12
CA LEU E 22 1.73 2.30 -31.95
C LEU E 22 3.23 2.48 -32.08
N PRO E 23 3.65 3.64 -32.63
CA PRO E 23 5.09 3.89 -32.78
C PRO E 23 5.69 4.32 -31.46
N GLU E 24 4.84 4.80 -30.55
CA GLU E 24 5.33 5.26 -29.26
C GLU E 24 5.25 4.15 -28.20
N ASN E 25 6.40 3.69 -27.74
CA ASN E 25 6.51 2.51 -26.88
C ASN E 25 7.20 2.82 -25.55
N TYR E 26 7.02 1.97 -24.55
CA TYR E 26 7.73 2.15 -23.27
C TYR E 26 8.24 0.84 -22.75
N GLN E 27 9.31 0.88 -21.97
CA GLN E 27 9.70 -0.37 -21.32
C GLN E 27 8.76 -0.77 -20.14
N LEU E 28 8.90 -2.00 -19.67
CA LEU E 28 7.84 -2.55 -18.84
C LEU E 28 7.73 -1.76 -17.56
N LYS E 29 8.89 -1.37 -17.04
CA LYS E 29 8.98 -0.51 -15.89
C LYS E 29 7.97 0.65 -15.89
N TYR E 30 7.68 1.20 -17.05
CA TYR E 30 6.84 2.37 -17.09
C TYR E 30 5.39 1.94 -16.91
N TYR E 31 5.09 0.73 -17.35
CA TYR E 31 3.78 0.14 -17.09
C TYR E 31 3.60 -0.14 -15.59
N LEU E 32 4.63 -0.72 -14.98
CA LEU E 32 4.63 -1.00 -13.57
C LEU E 32 4.38 0.29 -12.80
N TYR E 33 5.10 1.35 -13.19
CA TYR E 33 4.93 2.66 -12.58
C TYR E 33 3.49 3.12 -12.65
N HIS E 34 2.80 2.83 -13.75
CA HIS E 34 1.38 3.15 -13.81
C HIS E 34 0.54 2.29 -12.82
N ALA E 35 0.89 1.02 -12.67
CA ALA E 35 0.08 0.09 -11.90
C ALA E 35 0.17 0.41 -10.40
N ILE E 36 1.38 0.55 -9.90
CA ILE E 36 1.61 0.96 -8.55
C ILE E 36 1.11 2.39 -8.26
N SER E 37 1.24 3.32 -9.20
CA SER E 37 0.87 4.70 -8.89
C SER E 37 -0.62 4.97 -8.98
N TRP E 38 -1.27 4.34 -9.94
CA TRP E 38 -2.71 4.51 -10.09
C TRP E 38 -3.37 3.16 -10.41
N PRO E 39 -3.47 2.27 -9.40
CA PRO E 39 -3.78 0.86 -9.59
C PRO E 39 -5.15 0.51 -10.16
N MET E 40 -6.03 1.47 -10.38
CA MET E 40 -7.36 1.12 -10.88
C MET E 40 -7.76 1.93 -12.10
N LEU E 41 -6.87 2.75 -12.59
CA LEU E 41 -7.21 3.59 -13.74
C LEU E 41 -7.10 2.88 -15.10
N SER E 42 -6.32 1.80 -15.18
CA SER E 42 -6.11 1.20 -16.51
C SER E 42 -7.05 0.04 -16.72
N TYR E 43 -7.55 -0.09 -17.94
CA TYR E 43 -8.43 -1.19 -18.28
C TYR E 43 -7.91 -2.01 -19.48
N VAL E 44 -8.51 -3.16 -19.72
CA VAL E 44 -7.96 -4.11 -20.66
C VAL E 44 -9.08 -4.92 -21.29
N ALA E 45 -8.95 -5.24 -22.58
CA ALA E 45 -9.91 -6.10 -23.26
C ALA E 45 -9.19 -7.38 -23.60
N THR E 46 -9.80 -8.53 -23.28
CA THR E 46 -9.12 -9.80 -23.52
C THR E 46 -9.88 -10.67 -24.49
N ASP E 47 -9.18 -11.59 -25.17
CA ASP E 47 -9.83 -12.49 -26.09
C ASP E 47 -10.26 -13.75 -25.33
N PRO E 48 -11.05 -14.63 -25.96
CA PRO E 48 -11.42 -15.91 -25.36
C PRO E 48 -10.29 -16.70 -24.72
N LYS E 49 -9.04 -16.40 -25.04
CA LYS E 49 -7.93 -17.12 -24.45
C LYS E 49 -7.31 -16.31 -23.34
N GLY E 50 -7.83 -15.12 -23.07
CA GLY E 50 -7.37 -14.31 -21.96
C GLY E 50 -6.24 -13.32 -22.27
N ARG E 51 -5.78 -13.26 -23.52
CA ARG E 51 -4.65 -12.38 -23.83
C ARG E 51 -5.10 -10.97 -24.17
N VAL E 52 -4.26 -9.99 -23.86
CA VAL E 52 -4.67 -8.61 -24.09
C VAL E 52 -4.78 -8.23 -25.56
N VAL E 53 -5.89 -7.58 -25.88
CA VAL E 53 -6.29 -7.31 -27.25
C VAL E 53 -6.61 -5.82 -27.42
N GLY E 54 -6.74 -5.12 -26.30
CA GLY E 54 -6.94 -3.68 -26.26
C GLY E 54 -6.68 -3.21 -24.84
N TYR E 55 -6.42 -1.93 -24.66
CA TYR E 55 -6.11 -1.41 -23.35
C TYR E 55 -6.21 0.10 -23.34
N VAL E 56 -6.35 0.67 -22.16
CA VAL E 56 -6.07 2.08 -21.97
C VAL E 56 -5.16 2.11 -20.76
N LEU E 57 -4.15 2.96 -20.83
CA LEU E 57 -3.10 3.01 -19.85
C LEU E 57 -3.24 4.43 -19.40
N ALA E 58 -3.84 4.60 -18.22
CA ALA E 58 -4.18 5.94 -17.72
C ALA E 58 -3.42 6.29 -16.46
N LYS E 59 -3.43 7.57 -16.11
CA LYS E 59 -2.70 8.08 -14.95
C LYS E 59 -3.30 9.40 -14.53
N MET E 60 -2.81 9.95 -13.44
CA MET E 60 -3.25 11.27 -13.01
C MET E 60 -2.02 12.11 -13.11
N GLU E 61 -2.17 13.39 -13.41
CA GLU E 61 -0.99 14.20 -13.63
C GLU E 61 -0.20 14.29 -12.34
N GLU E 62 1.02 13.75 -12.37
CA GLU E 62 1.93 13.82 -11.23
C GLU E 62 2.08 15.26 -10.76
N GLU E 63 2.55 16.14 -11.65
CA GLU E 63 2.66 17.57 -11.36
C GLU E 63 1.41 18.29 -11.86
N PRO E 64 0.46 18.55 -10.95
CA PRO E 64 -0.87 19.05 -11.35
C PRO E 64 -0.80 20.44 -12.01
N LYS E 65 -1.25 20.52 -13.25
CA LYS E 65 -1.30 21.79 -13.97
C LYS E 65 -2.25 22.78 -13.28
N ASP E 66 -1.66 23.73 -12.56
CA ASP E 66 -2.37 24.77 -11.82
C ASP E 66 -3.06 24.31 -10.53
N GLY E 67 -2.63 23.17 -9.99
CA GLY E 67 -3.14 22.69 -8.71
C GLY E 67 -4.42 21.87 -8.79
N ILE E 68 -5.07 21.90 -9.95
CA ILE E 68 -6.29 21.13 -10.17
C ILE E 68 -5.95 19.75 -10.73
N PRO E 69 -6.43 18.70 -10.05
CA PRO E 69 -6.13 17.30 -10.38
C PRO E 69 -6.78 16.89 -11.70
N HIS E 70 -6.02 16.22 -12.55
CA HIS E 70 -6.59 15.81 -13.83
C HIS E 70 -5.94 14.56 -14.37
N GLY E 71 -6.72 13.83 -15.14
CA GLY E 71 -6.22 12.59 -15.69
C GLY E 71 -5.49 12.78 -17.03
N HIS E 72 -4.72 11.77 -17.41
CA HIS E 72 -4.03 11.75 -18.68
C HIS E 72 -4.09 10.34 -19.20
N ILE E 73 -4.63 10.15 -20.40
CA ILE E 73 -4.45 8.88 -21.11
C ILE E 73 -3.01 8.87 -21.59
N THR E 74 -2.25 7.84 -21.32
CA THR E 74 -0.92 7.85 -21.87
C THR E 74 -0.82 6.94 -23.08
N SER E 75 -1.82 6.06 -23.24
CA SER E 75 -1.85 5.15 -24.36
C SER E 75 -3.17 4.40 -24.49
N VAL E 76 -3.68 4.27 -25.70
CA VAL E 76 -4.82 3.37 -25.94
C VAL E 76 -4.72 2.78 -27.34
N SER E 77 -4.92 1.48 -27.46
CA SER E 77 -4.94 0.83 -28.77
C SER E 77 -5.63 -0.54 -28.73
N VAL E 78 -6.00 -1.03 -29.91
CA VAL E 78 -6.64 -2.32 -30.10
C VAL E 78 -5.97 -3.00 -31.31
N MET E 79 -5.65 -4.30 -31.15
CA MET E 79 -5.21 -5.13 -32.26
C MET E 79 -6.10 -4.88 -33.47
N ARG E 80 -5.54 -4.93 -34.70
CA ARG E 80 -6.34 -4.55 -35.86
C ARG E 80 -7.57 -5.42 -35.99
N SER E 81 -7.46 -6.70 -35.63
CA SER E 81 -8.57 -7.63 -35.79
C SER E 81 -9.83 -7.28 -34.96
N TYR E 82 -9.64 -6.65 -33.79
CA TYR E 82 -10.77 -6.35 -32.91
C TYR E 82 -11.21 -4.90 -32.95
N ARG E 83 -10.88 -4.20 -34.04
CA ARG E 83 -11.24 -2.79 -34.16
C ARG E 83 -12.65 -2.63 -34.73
N HIS E 84 -13.20 -1.42 -34.58
CA HIS E 84 -14.56 -1.08 -35.00
C HIS E 84 -15.65 -1.84 -34.24
N LEU E 85 -15.43 -2.13 -32.96
CA LEU E 85 -16.41 -2.86 -32.17
C LEU E 85 -16.98 -2.03 -31.02
N GLY E 86 -16.17 -1.11 -30.50
CA GLY E 86 -16.59 -0.26 -29.42
C GLY E 86 -15.64 -0.45 -28.26
N LEU E 87 -14.62 -1.27 -28.48
CA LEU E 87 -13.64 -1.61 -27.44
C LEU E 87 -13.01 -0.37 -26.83
N ALA E 88 -12.53 0.53 -27.67
CA ALA E 88 -11.83 1.71 -27.18
C ALA E 88 -12.77 2.67 -26.44
N LYS E 89 -13.93 2.95 -27.02
CA LYS E 89 -14.92 3.78 -26.36
C LYS E 89 -15.22 3.26 -24.93
N ARG E 90 -15.38 1.95 -24.80
CA ARG E 90 -15.75 1.35 -23.53
C ARG E 90 -14.62 1.34 -22.53
N LEU E 91 -13.42 1.11 -23.03
CA LEU E 91 -12.25 1.17 -22.18
C LEU E 91 -12.09 2.59 -21.65
N MET E 92 -12.38 3.58 -22.50
CA MET E 92 -12.27 4.98 -22.12
C MET E 92 -13.28 5.42 -21.06
N VAL E 93 -14.52 4.92 -21.12
CA VAL E 93 -15.52 5.30 -20.12
C VAL E 93 -15.21 4.71 -18.76
N GLN E 94 -14.70 3.48 -18.74
CA GLN E 94 -14.40 2.85 -17.48
C GLN E 94 -13.29 3.62 -16.81
N SER E 95 -12.24 3.91 -17.58
CA SER E 95 -11.09 4.59 -17.02
C SER E 95 -11.41 6.00 -16.50
N GLN E 96 -12.24 6.73 -17.24
CA GLN E 96 -12.66 8.07 -16.86
C GLN E 96 -13.44 8.12 -15.52
N ARG E 97 -14.40 7.21 -15.35
CA ARG E 97 -15.18 7.13 -14.13
C ARG E 97 -14.26 6.97 -12.93
N ALA E 98 -13.24 6.15 -13.07
CA ALA E 98 -12.32 5.94 -11.96
C ALA E 98 -11.49 7.17 -11.62
N MET E 99 -11.08 7.93 -12.63
CA MET E 99 -10.32 9.15 -12.38
C MET E 99 -11.14 10.10 -11.50
N VAL E 100 -12.44 10.15 -11.76
CA VAL E 100 -13.32 11.04 -11.07
C VAL E 100 -13.53 10.57 -9.63
N GLU E 101 -13.91 9.30 -9.48
CA GLU E 101 -14.33 8.76 -8.19
C GLU E 101 -13.20 8.54 -7.20
N VAL E 102 -12.02 8.19 -7.70
CA VAL E 102 -10.94 7.86 -6.81
C VAL E 102 -9.99 9.02 -6.58
N TYR E 103 -9.79 9.85 -7.60
CA TYR E 103 -8.78 10.92 -7.55
C TYR E 103 -9.34 12.34 -7.63
N GLY E 104 -10.64 12.43 -7.89
CA GLY E 104 -11.29 13.72 -8.03
C GLY E 104 -10.83 14.53 -9.22
N ALA E 105 -10.47 13.84 -10.31
CA ALA E 105 -10.05 14.50 -11.53
C ALA E 105 -11.12 15.45 -12.04
N LYS E 106 -10.74 16.67 -12.37
CA LYS E 106 -11.71 17.65 -12.85
C LYS E 106 -11.74 17.68 -14.36
N TYR E 107 -10.77 17.01 -14.97
CA TYR E 107 -10.73 16.83 -16.42
C TYR E 107 -9.69 15.79 -16.83
N MET E 108 -9.73 15.37 -18.08
CA MET E 108 -8.67 14.51 -18.61
C MET E 108 -8.14 15.02 -19.94
N SER E 109 -6.91 14.67 -20.24
CA SER E 109 -6.28 15.12 -21.46
C SER E 109 -5.42 14.02 -22.05
N LEU E 110 -5.12 14.16 -23.34
CA LEU E 110 -4.32 13.20 -24.11
C LEU E 110 -3.70 13.86 -25.36
N HIS E 111 -2.81 13.13 -26.02
CA HIS E 111 -2.18 13.59 -27.26
C HIS E 111 -2.55 12.69 -28.44
N VAL E 112 -2.94 13.28 -29.56
CA VAL E 112 -3.09 12.53 -30.80
C VAL E 112 -2.30 13.21 -31.91
N ARG E 113 -1.59 12.43 -32.71
CA ARG E 113 -0.93 13.02 -33.87
C ARG E 113 -1.99 13.55 -34.84
N LYS E 114 -1.67 14.69 -35.48
CA LYS E 114 -2.60 15.41 -36.35
C LYS E 114 -3.23 14.59 -37.47
N SER E 115 -2.55 13.55 -37.93
CA SER E 115 -3.05 12.74 -39.04
C SER E 115 -3.83 11.50 -38.63
N ASN E 116 -3.83 11.17 -37.34
CA ASN E 116 -4.58 10.02 -36.83
C ASN E 116 -6.07 10.30 -36.88
N ARG E 117 -6.66 10.11 -38.06
CA ARG E 117 -8.07 10.39 -38.28
C ARG E 117 -8.91 9.58 -37.33
N ALA E 118 -8.55 8.30 -37.20
CA ALA E 118 -9.26 7.38 -36.32
C ALA E 118 -9.39 7.88 -34.88
N ALA E 119 -8.26 8.17 -34.25
CA ALA E 119 -8.24 8.59 -32.86
C ALA E 119 -9.00 9.90 -32.69
N ILE E 120 -8.90 10.79 -33.64
CA ILE E 120 -9.59 12.07 -33.50
C ILE E 120 -11.09 11.85 -33.52
N HIS E 121 -11.56 11.01 -34.44
CA HIS E 121 -12.99 10.79 -34.61
C HIS E 121 -13.56 10.08 -33.40
N LEU E 122 -12.67 9.53 -32.59
CA LEU E 122 -13.02 8.81 -31.39
C LEU E 122 -13.15 9.75 -30.18
N TYR E 123 -12.18 10.64 -30.00
CA TYR E 123 -12.21 11.55 -28.88
C TYR E 123 -13.09 12.78 -29.14
N ARG E 124 -12.91 13.39 -30.30
CA ARG E 124 -13.57 14.65 -30.60
C ARG E 124 -15.06 14.45 -30.71
N ASP E 125 -15.47 13.41 -31.43
CA ASP E 125 -16.85 13.30 -31.84
C ASP E 125 -17.69 12.34 -31.01
N THR E 126 -17.07 11.28 -30.50
CA THR E 126 -17.82 10.23 -29.82
C THR E 126 -17.45 10.06 -28.35
N LEU E 127 -16.53 10.88 -27.87
CA LEU E 127 -16.23 10.94 -26.44
C LEU E 127 -16.23 12.39 -25.97
N GLN E 128 -16.54 13.30 -26.89
CA GLN E 128 -16.77 14.71 -26.58
C GLN E 128 -15.59 15.44 -25.96
N PHE E 129 -14.38 15.16 -26.46
CA PHE E 129 -13.18 15.90 -26.10
C PHE E 129 -13.11 17.21 -26.88
N ASP E 130 -12.40 18.20 -26.33
CA ASP E 130 -12.16 19.44 -27.05
C ASP E 130 -10.71 19.46 -27.49
N VAL E 131 -10.44 20.10 -28.62
CA VAL E 131 -9.07 20.34 -29.07
C VAL E 131 -8.52 21.53 -28.31
N GLN E 132 -7.56 21.30 -27.41
CA GLN E 132 -7.06 22.35 -26.54
C GLN E 132 -6.12 23.26 -27.30
N GLY E 133 -5.42 22.68 -28.25
CA GLY E 133 -4.43 23.38 -29.03
C GLY E 133 -3.53 22.39 -29.74
N ILE E 134 -2.44 22.90 -30.31
CA ILE E 134 -1.55 22.08 -31.12
C ILE E 134 -0.12 22.15 -30.58
N GLU E 135 0.52 20.99 -30.42
CA GLU E 135 1.88 20.96 -29.91
C GLU E 135 2.85 20.60 -31.02
N SER E 136 3.59 21.58 -31.49
CA SER E 136 4.51 21.40 -32.62
C SER E 136 5.57 20.34 -32.35
N LYS E 137 5.80 19.49 -33.35
CA LYS E 137 6.83 18.45 -33.32
C LYS E 137 6.88 17.61 -32.04
N TYR E 138 5.71 17.10 -31.62
CA TYR E 138 5.58 16.38 -30.37
C TYR E 138 6.09 14.94 -30.49
N TYR E 139 5.75 14.28 -31.59
CA TYR E 139 6.21 12.91 -31.82
C TYR E 139 7.61 12.89 -32.39
N ALA E 140 8.31 11.78 -32.18
CA ALA E 140 9.75 11.70 -32.49
C ALA E 140 10.05 11.97 -33.97
N ASP E 141 9.09 11.64 -34.83
CA ASP E 141 9.32 11.81 -36.25
C ASP E 141 8.95 13.22 -36.69
N GLY E 142 8.54 14.03 -35.72
CA GLY E 142 8.31 15.44 -35.96
C GLY E 142 6.87 15.84 -36.16
N GLU E 143 5.98 14.87 -36.27
CA GLU E 143 4.57 15.18 -36.48
C GLU E 143 3.97 15.95 -35.28
N ASP E 144 3.04 16.85 -35.57
CA ASP E 144 2.37 17.65 -34.54
C ASP E 144 1.32 16.83 -33.81
N ALA E 145 1.14 17.13 -32.54
CA ALA E 145 0.08 16.54 -31.75
C ALA E 145 -1.06 17.52 -31.54
N TYR E 146 -2.29 17.01 -31.52
CA TYR E 146 -3.38 17.77 -30.96
C TYR E 146 -3.41 17.44 -29.47
N ALA E 147 -3.38 18.47 -28.63
CA ALA E 147 -3.71 18.28 -27.22
C ALA E 147 -5.22 18.27 -27.14
N MET E 148 -5.77 17.17 -26.62
CA MET E 148 -7.21 17.05 -26.42
C MET E 148 -7.48 17.04 -24.93
N HIS E 149 -8.63 17.56 -24.54
CA HIS E 149 -8.89 17.89 -23.16
C HIS E 149 -10.41 17.82 -22.96
N LYS E 150 -10.85 16.94 -22.08
CA LYS E 150 -12.29 16.82 -21.78
C LYS E 150 -12.56 17.29 -20.37
N ASP E 151 -13.40 18.30 -20.22
CA ASP E 151 -13.75 18.83 -18.91
C ASP E 151 -14.95 18.09 -18.31
N PHE E 152 -14.83 17.66 -17.04
CA PHE E 152 -15.92 17.00 -16.33
C PHE E 152 -16.85 18.01 -15.66
N SER E 153 -17.96 18.33 -16.33
CA SER E 153 -18.94 19.27 -15.78
C SER E 153 -20.21 19.28 -16.63
N MET F 1 18.56 3.78 46.47
CA MET F 1 19.49 4.09 47.56
C MET F 1 19.04 3.59 48.93
N ASP F 2 17.73 3.34 49.06
CA ASP F 2 17.12 2.79 50.26
C ASP F 2 16.30 1.56 49.88
N ILE F 3 16.81 0.35 50.17
CA ILE F 3 16.02 -0.85 49.90
C ILE F 3 15.32 -1.35 51.18
N ARG F 4 14.05 -1.74 51.05
CA ARG F 4 13.23 -2.03 52.21
C ARG F 4 12.00 -2.78 51.77
N PRO F 5 11.33 -3.46 52.70
CA PRO F 5 10.11 -4.19 52.34
C PRO F 5 9.07 -3.29 51.68
N ALA F 6 8.29 -3.84 50.75
CA ALA F 6 7.18 -3.11 50.15
C ALA F 6 5.99 -2.96 51.10
N ARG F 7 5.42 -1.76 51.15
CA ARG F 7 4.18 -1.50 51.88
C ARG F 7 3.05 -1.27 50.90
N ILE F 8 1.82 -1.40 51.38
CA ILE F 8 0.65 -1.11 50.55
C ILE F 8 0.80 0.21 49.81
N SER F 9 1.27 1.23 50.53
CA SER F 9 1.18 2.60 50.09
C SER F 9 2.24 2.90 49.02
N ASP F 10 3.05 1.92 48.69
CA ASP F 10 3.96 2.16 47.60
C ASP F 10 3.75 1.17 46.45
N LEU F 11 2.59 0.52 46.45
CA LEU F 11 2.21 -0.35 45.35
C LEU F 11 2.02 0.41 44.03
N THR F 12 1.33 1.55 44.05
CA THR F 12 1.11 2.31 42.83
C THR F 12 2.43 2.73 42.22
N GLY F 13 3.38 3.07 43.07
CA GLY F 13 4.72 3.39 42.63
C GLY F 13 5.48 2.19 42.10
N MET F 14 5.09 0.99 42.50
CA MET F 14 5.66 -0.22 41.89
C MET F 14 5.09 -0.38 40.50
N GLN F 15 3.80 -0.10 40.39
CA GLN F 15 3.07 -0.21 39.13
C GLN F 15 3.68 0.75 38.12
N ASN F 16 3.86 2.00 38.55
CA ASN F 16 4.42 3.03 37.71
C ASN F 16 5.81 2.67 37.22
N CYS F 17 6.58 2.04 38.08
CA CYS F 17 7.93 1.60 37.73
C CYS F 17 7.83 0.48 36.68
N ASN F 18 6.92 -0.46 36.89
CA ASN F 18 6.65 -1.52 35.93
C ASN F 18 6.24 -0.98 34.57
N LEU F 19 5.37 0.03 34.58
CA LEU F 19 4.83 0.60 33.36
C LEU F 19 5.95 1.22 32.54
N HIS F 20 6.81 2.00 33.18
CA HIS F 20 7.95 2.63 32.52
C HIS F 20 8.91 1.61 31.92
N ASN F 21 9.13 0.49 32.59
CA ASN F 21 10.22 -0.41 32.22
C ASN F 21 9.90 -1.75 31.58
N LEU F 22 8.64 -2.16 31.51
CA LEU F 22 8.35 -3.52 31.07
C LEU F 22 7.11 -3.52 30.20
N PRO F 23 7.10 -4.41 29.20
CA PRO F 23 5.89 -4.44 28.36
C PRO F 23 4.77 -5.22 29.03
N GLU F 24 5.11 -6.05 30.00
CA GLU F 24 4.10 -6.84 30.73
C GLU F 24 3.62 -6.10 32.00
N ASN F 25 2.35 -5.70 31.97
CA ASN F 25 1.79 -4.83 33.00
C ASN F 25 0.59 -5.48 33.69
N TYR F 26 0.21 -4.98 34.86
CA TYR F 26 -0.99 -5.51 35.58
C TYR F 26 -1.78 -4.35 36.18
N GLN F 27 -3.09 -4.51 36.29
CA GLN F 27 -3.81 -3.51 37.08
C GLN F 27 -3.53 -3.59 38.59
N LEU F 28 -3.88 -2.54 39.32
CA LEU F 28 -3.42 -2.38 40.70
C LEU F 28 -3.90 -3.51 41.59
N LYS F 29 -5.12 -3.96 41.33
CA LYS F 29 -5.67 -5.11 41.99
C LYS F 29 -4.72 -6.30 42.10
N TYR F 30 -3.91 -6.52 41.06
CA TYR F 30 -3.06 -7.68 41.05
C TYR F 30 -1.92 -7.47 42.01
N TYR F 31 -1.49 -6.22 42.14
CA TYR F 31 -0.50 -5.86 43.15
C TYR F 31 -1.06 -6.03 44.55
N LEU F 32 -2.30 -5.62 44.74
CA LEU F 32 -2.98 -5.76 46.01
C LEU F 32 -3.00 -7.22 46.38
N TYR F 33 -3.40 -8.06 45.43
CA TYR F 33 -3.44 -9.50 45.64
C TYR F 33 -2.10 -10.06 46.08
N HIS F 34 -1.01 -9.49 45.58
CA HIS F 34 0.31 -9.89 46.06
C HIS F 34 0.55 -9.46 47.51
N ALA F 35 0.13 -8.24 47.84
CA ALA F 35 0.39 -7.71 49.18
C ALA F 35 -0.36 -8.48 50.28
N ILE F 36 -1.66 -8.67 50.08
CA ILE F 36 -2.47 -9.42 51.00
C ILE F 36 -2.09 -10.91 51.04
N SER F 37 -1.75 -11.52 49.91
CA SER F 37 -1.44 -12.96 49.92
C SER F 37 -0.07 -13.30 50.46
N TRP F 38 0.92 -12.46 50.17
CA TRP F 38 2.28 -12.69 50.63
C TRP F 38 2.91 -11.36 51.06
N PRO F 39 2.48 -10.85 52.20
CA PRO F 39 2.75 -9.46 52.63
C PRO F 39 4.20 -9.09 52.87
N MET F 40 5.14 -10.03 52.89
CA MET F 40 6.51 -9.66 53.17
C MET F 40 7.51 -10.08 52.09
N LEU F 41 7.00 -10.61 50.98
CA LEU F 41 7.89 -11.11 49.94
C LEU F 41 8.39 -10.05 48.96
N SER F 42 7.67 -8.94 48.83
CA SER F 42 8.03 -7.91 47.86
C SER F 42 8.89 -6.81 48.49
N TYR F 43 9.89 -6.37 47.73
CA TYR F 43 10.76 -5.30 48.19
C TYR F 43 10.81 -4.13 47.20
N VAL F 44 11.40 -3.03 47.64
CA VAL F 44 11.29 -1.78 46.90
C VAL F 44 12.52 -0.91 47.14
N ALA F 45 12.98 -0.21 46.12
CA ALA F 45 14.07 0.74 46.28
C ALA F 45 13.53 2.13 46.01
N THR F 46 13.81 3.07 46.92
CA THR F 46 13.25 4.40 46.80
C THR F 46 14.32 5.44 46.59
N ASP F 47 13.94 6.57 46.00
CA ASP F 47 14.90 7.67 45.83
C ASP F 47 14.84 8.59 47.04
N PRO F 48 15.78 9.55 47.13
CA PRO F 48 15.75 10.52 48.23
C PRO F 48 14.41 11.21 48.49
N LYS F 49 13.47 11.13 47.56
CA LYS F 49 12.16 11.72 47.77
C LYS F 49 11.14 10.67 48.14
N GLY F 50 11.58 9.42 48.26
CA GLY F 50 10.72 8.34 48.70
C GLY F 50 9.90 7.64 47.63
N ARG F 51 10.08 7.99 46.35
CA ARG F 51 9.30 7.35 45.30
C ARG F 51 9.96 6.09 44.74
N VAL F 52 9.13 5.13 44.32
CA VAL F 52 9.66 3.83 43.92
C VAL F 52 10.48 3.89 42.63
N VAL F 53 11.67 3.30 42.71
CA VAL F 53 12.65 3.41 41.64
C VAL F 53 13.10 2.03 41.18
N GLY F 54 12.71 1.02 41.93
CA GLY F 54 12.98 -0.37 41.62
C GLY F 54 12.12 -1.23 42.55
N TYR F 55 11.87 -2.48 42.18
CA TYR F 55 11.03 -3.34 43.01
C TYR F 55 11.23 -4.77 42.59
N VAL F 56 10.84 -5.68 43.46
CA VAL F 56 10.60 -7.04 43.04
C VAL F 56 9.22 -7.41 43.60
N LEU F 57 8.42 -8.03 42.77
CA LEU F 57 7.06 -8.33 43.09
C LEU F 57 7.09 -9.84 43.12
N ALA F 58 7.08 -10.41 44.32
CA ALA F 58 7.22 -11.85 44.51
C ALA F 58 5.98 -12.51 45.11
N LYS F 59 5.92 -13.83 45.01
CA LYS F 59 4.77 -14.59 45.48
C LYS F 59 5.20 -16.03 45.70
N MET F 60 4.30 -16.83 46.24
CA MET F 60 4.55 -18.26 46.34
C MET F 60 3.55 -18.90 45.39
N GLU F 61 3.93 -20.03 44.80
CA GLU F 61 3.04 -20.65 43.83
C GLU F 61 1.73 -21.07 44.51
N GLU F 62 0.63 -20.46 44.07
CA GLU F 62 -0.68 -20.79 44.62
C GLU F 62 -0.95 -22.27 44.50
N GLU F 63 -0.90 -22.79 43.27
CA GLU F 63 -1.04 -24.22 43.01
C GLU F 63 0.35 -24.84 42.95
N PRO F 64 0.80 -25.46 44.06
CA PRO F 64 2.18 -25.96 44.19
C PRO F 64 2.51 -27.05 43.18
N LYS F 65 3.50 -26.79 42.31
CA LYS F 65 3.94 -27.78 41.34
C LYS F 65 4.53 -29.01 42.04
N ASP F 66 3.74 -30.08 42.08
CA ASP F 66 4.10 -31.35 42.70
C ASP F 66 4.09 -31.37 44.24
N GLY F 67 3.38 -30.42 44.84
CA GLY F 67 3.21 -30.40 46.29
C GLY F 67 4.33 -29.72 47.06
N ILE F 68 5.44 -29.45 46.38
CA ILE F 68 6.57 -28.76 46.99
C ILE F 68 6.44 -27.25 46.82
N PRO F 69 6.49 -26.51 47.94
CA PRO F 69 6.29 -25.05 47.97
C PRO F 69 7.42 -24.32 47.31
N HIS F 70 7.12 -23.38 46.41
CA HIS F 70 8.17 -22.64 45.75
C HIS F 70 7.76 -21.22 45.40
N GLY F 71 8.76 -20.35 45.35
CA GLY F 71 8.52 -18.95 45.04
C GLY F 71 8.51 -18.68 43.54
N HIS F 72 7.94 -17.54 43.18
CA HIS F 72 7.91 -17.06 41.81
C HIS F 72 8.12 -15.55 41.85
N ILE F 73 9.11 -15.07 41.11
CA ILE F 73 9.20 -13.65 40.85
C ILE F 73 8.15 -13.40 39.80
N THR F 74 7.32 -12.39 39.96
CA THR F 74 6.38 -12.11 38.88
C THR F 74 6.80 -10.85 38.13
N SER F 75 7.73 -10.10 38.72
CA SER F 75 8.22 -8.87 38.12
C SER F 75 9.38 -8.24 38.87
N VAL F 76 10.36 -7.73 38.14
CA VAL F 76 11.44 -6.94 38.74
C VAL F 76 11.98 -5.97 37.72
N SER F 77 12.15 -4.72 38.13
CA SER F 77 12.72 -3.70 37.26
C SER F 77 13.19 -2.47 38.01
N VAL F 78 14.04 -1.68 37.33
CA VAL F 78 14.61 -0.46 37.87
C VAL F 78 14.50 0.61 36.79
N MET F 79 14.12 1.83 37.19
CA MET F 79 14.17 2.99 36.30
C MET F 79 15.54 3.04 35.62
N ARG F 80 15.60 3.52 34.38
CA ARG F 80 16.86 3.44 33.66
C ARG F 80 17.97 4.17 34.40
N SER F 81 17.62 5.28 35.03
CA SER F 81 18.61 6.13 35.69
C SER F 81 19.38 5.44 36.83
N TYR F 82 18.72 4.51 37.54
CA TYR F 82 19.33 3.84 38.70
C TYR F 82 19.84 2.43 38.41
N ARG F 83 20.05 2.13 37.14
CA ARG F 83 20.52 0.80 36.75
C ARG F 83 22.02 0.67 36.91
N HIS F 84 22.51 -0.57 36.94
CA HIS F 84 23.93 -0.90 37.07
C HIS F 84 24.50 -0.50 38.43
N LEU F 85 23.69 -0.59 39.47
CA LEU F 85 24.14 -0.21 40.80
C LEU F 85 24.18 -1.41 41.74
N GLY F 86 23.29 -2.36 41.51
CA GLY F 86 23.21 -3.54 42.35
C GLY F 86 21.83 -3.62 42.97
N LEU F 87 20.97 -2.69 42.57
CA LEU F 87 19.62 -2.60 43.10
C LEU F 87 18.85 -3.91 42.91
N ALA F 88 18.89 -4.45 41.69
CA ALA F 88 18.12 -5.67 41.41
C ALA F 88 18.65 -6.86 42.19
N LYS F 89 19.97 -7.04 42.17
CA LYS F 89 20.58 -8.15 42.91
C LYS F 89 20.16 -8.12 44.39
N ARG F 90 20.14 -6.94 44.98
CA ARG F 90 19.86 -6.82 46.40
C ARG F 90 18.37 -7.00 46.71
N LEU F 91 17.53 -6.51 45.82
CA LEU F 91 16.12 -6.74 45.96
C LEU F 91 15.83 -8.22 45.88
N MET F 92 16.56 -8.93 45.02
CA MET F 92 16.34 -10.35 44.84
C MET F 92 16.77 -11.17 46.05
N VAL F 93 17.84 -10.78 46.74
CA VAL F 93 18.28 -11.57 47.89
C VAL F 93 17.33 -11.40 49.07
N GLN F 94 16.81 -10.18 49.25
CA GLN F 94 15.93 -9.93 50.35
C GLN F 94 14.68 -10.77 50.17
N SER F 95 14.12 -10.71 48.97
CA SER F 95 12.89 -11.43 48.69
C SER F 95 13.04 -12.95 48.84
N GLN F 96 14.18 -13.47 48.38
CA GLN F 96 14.44 -14.91 48.46
C GLN F 96 14.52 -15.42 49.90
N ARG F 97 15.21 -14.68 50.76
CA ARG F 97 15.34 -15.07 52.16
C ARG F 97 13.96 -15.21 52.82
N ALA F 98 13.07 -14.30 52.46
CA ALA F 98 11.72 -14.33 53.03
C ALA F 98 10.92 -15.53 52.55
N MET F 99 11.08 -15.91 51.29
CA MET F 99 10.39 -17.08 50.75
C MET F 99 10.75 -18.31 51.56
N VAL F 100 12.02 -18.39 51.93
CA VAL F 100 12.51 -19.56 52.64
C VAL F 100 12.02 -19.57 54.08
N GLU F 101 12.20 -18.43 54.77
CA GLU F 101 11.95 -18.35 56.21
C GLU F 101 10.46 -18.35 56.58
N VAL F 102 9.64 -17.77 55.74
CA VAL F 102 8.25 -17.61 56.08
C VAL F 102 7.38 -18.71 55.48
N TYR F 103 7.72 -19.16 54.28
CA TYR F 103 6.86 -20.10 53.56
C TYR F 103 7.49 -21.47 53.31
N GLY F 104 8.77 -21.61 53.66
CA GLY F 104 9.50 -22.84 53.43
C GLY F 104 9.72 -23.20 51.96
N ALA F 105 9.85 -22.18 51.10
CA ALA F 105 10.08 -22.40 49.67
C ALA F 105 11.34 -23.21 49.45
N LYS F 106 11.24 -24.24 48.62
CA LYS F 106 12.37 -25.12 48.37
C LYS F 106 13.11 -24.69 47.10
N TYR F 107 12.49 -23.79 46.35
CA TYR F 107 13.13 -23.18 45.18
C TYR F 107 12.32 -21.98 44.70
N MET F 108 12.90 -21.20 43.79
CA MET F 108 12.14 -20.12 43.15
C MET F 108 12.33 -20.14 41.65
N SER F 109 11.35 -19.61 40.93
CA SER F 109 11.37 -19.62 39.49
C SER F 109 10.83 -18.33 38.91
N LEU F 110 11.22 -18.04 37.65
CA LEU F 110 10.80 -16.83 36.96
C LEU F 110 10.86 -17.00 35.43
N HIS F 111 10.34 -16.01 34.71
CA HIS F 111 10.38 -16.01 33.25
C HIS F 111 11.19 -14.83 32.72
N VAL F 112 12.07 -15.11 31.76
CA VAL F 112 12.74 -14.03 31.04
C VAL F 112 12.60 -14.27 29.55
N ARG F 113 12.30 -13.22 28.80
CA ARG F 113 12.29 -13.36 27.36
C ARG F 113 13.71 -13.65 26.84
N LYS F 114 13.80 -14.52 25.83
CA LYS F 114 15.07 -15.02 25.31
C LYS F 114 16.10 -13.95 24.95
N SER F 115 15.64 -12.76 24.56
CA SER F 115 16.54 -11.70 24.11
C SER F 115 16.96 -10.72 25.21
N ASN F 116 16.32 -10.81 26.37
CA ASN F 116 16.67 -9.94 27.49
C ASN F 116 18.03 -10.31 28.05
N ARG F 117 19.09 -9.86 27.36
CA ARG F 117 20.46 -10.16 27.76
C ARG F 117 20.71 -9.75 29.21
N ALA F 118 20.26 -8.55 29.56
CA ALA F 118 20.43 -7.99 30.90
C ALA F 118 19.90 -8.92 31.98
N ALA F 119 18.63 -9.29 31.87
CA ALA F 119 17.99 -10.12 32.88
C ALA F 119 18.68 -11.48 33.01
N ILE F 120 19.04 -12.08 31.89
CA ILE F 120 19.69 -13.37 31.92
C ILE F 120 21.03 -13.28 32.65
N HIS F 121 21.82 -12.26 32.35
CA HIS F 121 23.14 -12.11 32.95
C HIS F 121 23.03 -11.85 34.45
N LEU F 122 21.82 -11.50 34.87
CA LEU F 122 21.54 -11.22 36.28
C LEU F 122 21.17 -12.49 37.03
N TYR F 123 20.31 -13.31 36.44
CA TYR F 123 19.86 -14.52 37.13
C TYR F 123 20.81 -15.68 36.93
N ARG F 124 21.20 -15.91 35.69
CA ARG F 124 22.03 -17.06 35.34
C ARG F 124 23.41 -16.98 36.00
N ASP F 125 24.03 -15.80 35.90
CA ASP F 125 25.44 -15.69 36.25
C ASP F 125 25.73 -15.09 37.62
N THR F 126 24.88 -14.19 38.09
CA THR F 126 25.17 -13.47 39.33
C THR F 126 24.15 -13.72 40.44
N LEU F 127 23.16 -14.56 40.17
CA LEU F 127 22.24 -15.03 41.19
C LEU F 127 22.13 -16.55 41.14
N GLN F 128 22.88 -17.15 40.22
CA GLN F 128 23.03 -18.61 40.14
C GLN F 128 21.74 -19.38 39.89
N PHE F 129 20.89 -18.85 39.01
CA PHE F 129 19.72 -19.56 38.54
C PHE F 129 20.08 -20.56 37.43
N ASP F 130 19.26 -21.60 37.29
CA ASP F 130 19.43 -22.54 36.20
C ASP F 130 18.37 -22.31 35.15
N VAL F 131 18.72 -22.54 33.88
CA VAL F 131 17.74 -22.52 32.81
C VAL F 131 16.99 -23.84 32.82
N GLN F 132 15.72 -23.80 33.24
CA GLN F 132 14.92 -25.01 33.39
C GLN F 132 14.49 -25.54 32.03
N GLY F 133 14.26 -24.62 31.10
CA GLY F 133 13.80 -24.98 29.77
C GLY F 133 13.27 -23.74 29.08
N ILE F 134 12.61 -23.96 27.94
CA ILE F 134 12.14 -22.85 27.13
C ILE F 134 10.63 -22.94 26.89
N GLU F 135 9.93 -21.83 27.07
CA GLU F 135 8.48 -21.82 26.89
C GLU F 135 8.13 -21.04 25.63
N SER F 136 7.72 -21.77 24.60
CA SER F 136 7.45 -21.18 23.30
C SER F 136 6.31 -20.14 23.38
N LYS F 137 6.52 -19.01 22.71
CA LYS F 137 5.51 -17.96 22.57
C LYS F 137 4.85 -17.55 23.89
N TYR F 138 5.65 -17.32 24.91
CA TYR F 138 5.13 -17.02 26.23
C TYR F 138 4.64 -15.58 26.35
N TYR F 139 5.39 -14.64 25.79
CA TYR F 139 4.99 -13.24 25.81
C TYR F 139 4.02 -12.92 24.69
N ALA F 140 3.25 -11.84 24.88
CA ALA F 140 2.13 -11.54 24.01
C ALA F 140 2.53 -11.32 22.57
N ASP F 141 3.75 -10.83 22.38
CA ASP F 141 4.24 -10.54 21.03
C ASP F 141 4.86 -11.79 20.39
N GLY F 142 4.80 -12.89 21.13
CA GLY F 142 5.22 -14.19 20.61
C GLY F 142 6.60 -14.63 21.01
N GLU F 143 7.39 -13.76 21.64
CA GLU F 143 8.76 -14.11 21.99
C GLU F 143 8.80 -15.25 23.02
N ASP F 144 9.80 -16.11 22.90
CA ASP F 144 9.98 -17.25 23.80
C ASP F 144 10.52 -16.78 25.15
N ALA F 145 10.13 -17.49 26.21
CA ALA F 145 10.66 -17.23 27.54
C ALA F 145 11.61 -18.34 27.94
N TYR F 146 12.66 -17.97 28.67
CA TYR F 146 13.42 -18.96 29.43
C TYR F 146 12.74 -19.12 30.78
N ALA F 147 12.42 -20.35 31.14
CA ALA F 147 12.01 -20.66 32.51
C ALA F 147 13.28 -20.79 33.31
N MET F 148 13.45 -19.94 34.30
CA MET F 148 14.61 -20.03 35.17
C MET F 148 14.16 -20.46 36.57
N HIS F 149 15.03 -21.17 37.26
CA HIS F 149 14.64 -21.94 38.43
C HIS F 149 15.89 -22.10 39.28
N LYS F 150 15.85 -21.56 40.50
CA LYS F 150 16.97 -21.68 41.44
C LYS F 150 16.59 -22.57 42.60
N ASP F 151 17.34 -23.64 42.80
CA ASP F 151 17.06 -24.58 43.89
C ASP F 151 17.79 -24.18 45.16
N PHE F 152 17.06 -24.14 46.29
CA PHE F 152 17.65 -23.82 47.59
C PHE F 152 18.24 -25.06 48.26
N SER F 153 19.54 -25.28 48.10
CA SER F 153 20.22 -26.41 48.73
C SER F 153 21.73 -26.27 48.61
N MET G 1 27.03 56.11 -13.64
CA MET G 1 28.41 55.96 -13.17
C MET G 1 29.44 56.55 -14.12
N ASP G 2 29.16 56.49 -15.41
CA ASP G 2 30.08 56.99 -16.45
C ASP G 2 29.65 58.38 -16.93
N ILE G 3 30.33 59.43 -16.46
CA ILE G 3 30.00 60.77 -16.93
C ILE G 3 30.99 61.23 -18.02
N ARG G 4 30.46 61.82 -19.08
CA ARG G 4 31.27 62.09 -20.25
C ARG G 4 30.55 63.08 -21.14
N PRO G 5 31.28 63.74 -22.04
CA PRO G 5 30.63 64.69 -22.96
C PRO G 5 29.48 64.06 -23.75
N ALA G 6 28.45 64.85 -24.02
CA ALA G 6 27.34 64.42 -24.86
C ALA G 6 27.72 64.32 -26.33
N ARG G 7 27.30 63.24 -26.98
CA ARG G 7 27.46 63.11 -28.42
C ARG G 7 26.12 63.21 -29.10
N ILE G 8 26.13 63.49 -30.40
CA ILE G 8 24.89 63.49 -31.18
C ILE G 8 24.04 62.27 -30.87
N SER G 9 24.68 61.11 -30.80
CA SER G 9 23.97 59.84 -30.87
C SER G 9 23.31 59.49 -29.53
N ASP G 10 23.50 60.35 -28.55
CA ASP G 10 22.82 60.13 -27.32
C ASP G 10 21.86 61.28 -26.95
N LEU G 11 21.54 62.09 -27.96
CA LEU G 11 20.59 63.16 -27.78
C LEU G 11 19.18 62.65 -27.48
N THR G 12 18.73 61.63 -28.22
CA THR G 12 17.40 61.09 -28.03
C THR G 12 17.24 60.53 -26.60
N GLY G 13 18.32 59.93 -26.10
CA GLY G 13 18.39 59.46 -24.74
C GLY G 13 18.41 60.58 -23.73
N MET G 14 18.85 61.77 -24.13
CA MET G 14 18.72 62.92 -23.24
C MET G 14 17.26 63.37 -23.20
N GLN G 15 16.64 63.35 -24.38
CA GLN G 15 15.25 63.73 -24.52
C GLN G 15 14.37 62.80 -23.68
N ASN G 16 14.61 61.50 -23.80
CA ASN G 16 13.85 60.50 -23.05
C ASN G 16 14.00 60.71 -21.55
N CYS G 17 15.22 61.08 -21.15
CA CYS G 17 15.48 61.33 -19.74
C CYS G 17 14.68 62.57 -19.30
N ASN G 18 14.74 63.62 -20.12
CA ASN G 18 13.93 64.82 -19.89
C ASN G 18 12.44 64.53 -19.77
N LEU G 19 11.95 63.68 -20.67
CA LEU G 19 10.52 63.36 -20.72
C LEU G 19 10.06 62.69 -19.43
N HIS G 20 10.81 61.68 -18.98
CA HIS G 20 10.52 60.99 -17.74
C HIS G 20 10.53 61.93 -16.53
N ASN G 21 11.42 62.90 -16.49
CA ASN G 21 11.68 63.64 -15.26
C ASN G 21 11.19 65.07 -15.15
N LEU G 22 10.79 65.69 -16.25
CA LEU G 22 10.53 67.12 -16.21
C LEU G 22 9.26 67.45 -16.99
N PRO G 23 8.49 68.43 -16.51
CA PRO G 23 7.29 68.79 -17.27
C PRO G 23 7.64 69.66 -18.48
N GLU G 24 8.80 70.29 -18.47
CA GLU G 24 9.21 71.13 -19.58
C GLU G 24 10.05 70.32 -20.60
N ASN G 25 9.47 70.14 -21.80
CA ASN G 25 10.08 69.28 -22.81
C ASN G 25 10.35 70.00 -24.13
N TYR G 26 11.19 69.42 -24.98
CA TYR G 26 11.48 70.03 -26.29
C TYR G 26 11.52 68.94 -27.36
N GLN G 27 11.17 69.29 -28.58
CA GLN G 27 11.42 68.32 -29.64
C GLN G 27 12.91 68.20 -30.00
N LEU G 28 13.25 67.15 -30.75
CA LEU G 28 14.64 66.71 -30.86
C LEU G 28 15.47 67.77 -31.54
N LYS G 29 14.86 68.45 -32.49
CA LYS G 29 15.46 69.59 -33.14
C LYS G 29 16.15 70.56 -32.19
N TYR G 30 15.55 70.78 -31.03
CA TYR G 30 16.07 71.79 -30.12
C TYR G 30 17.34 71.26 -29.46
N TYR G 31 17.39 69.95 -29.27
CA TYR G 31 18.62 69.30 -28.79
C TYR G 31 19.72 69.37 -29.86
N LEU G 32 19.35 69.12 -31.12
CA LEU G 32 20.28 69.21 -32.22
C LEU G 32 20.87 70.61 -32.23
N TYR G 33 20.00 71.62 -32.14
CA TYR G 33 20.44 73.02 -32.10
C TYR G 33 21.45 73.29 -31.00
N HIS G 34 21.30 72.61 -29.86
CA HIS G 34 22.32 72.71 -28.83
C HIS G 34 23.63 72.06 -29.26
N ALA G 35 23.56 70.92 -29.92
CA ALA G 35 24.79 70.15 -30.22
C ALA G 35 25.63 70.87 -31.26
N ILE G 36 25.00 71.28 -32.35
CA ILE G 36 25.66 72.06 -33.36
C ILE G 36 26.11 73.46 -32.86
N SER G 37 25.31 74.14 -32.06
CA SER G 37 25.71 75.49 -31.64
C SER G 37 26.79 75.51 -30.58
N TRP G 38 26.71 74.58 -29.63
CA TRP G 38 27.70 74.52 -28.54
C TRP G 38 28.08 73.07 -28.28
N PRO G 39 28.87 72.47 -29.20
CA PRO G 39 29.11 71.03 -29.25
C PRO G 39 29.83 70.39 -28.07
N MET G 40 30.35 71.13 -27.11
CA MET G 40 31.05 70.51 -25.99
C MET G 40 30.52 70.93 -24.61
N LEU G 41 29.42 71.68 -24.58
CA LEU G 41 28.91 72.14 -23.30
C LEU G 41 27.99 71.15 -22.59
N SER G 42 27.41 70.20 -23.32
CA SER G 42 26.47 69.25 -22.72
C SER G 42 27.15 67.96 -22.27
N TYR G 43 26.74 67.46 -21.11
CA TYR G 43 27.30 66.21 -20.59
C TYR G 43 26.19 65.20 -20.27
N VAL G 44 26.60 63.96 -19.98
CA VAL G 44 25.67 62.86 -19.95
C VAL G 44 26.20 61.78 -19.01
N ALA G 45 25.30 61.14 -18.27
CA ALA G 45 25.67 60.03 -17.42
C ALA G 45 24.97 58.79 -17.95
N THR G 46 25.73 57.71 -18.15
CA THR G 46 25.16 56.51 -18.75
C THR G 46 25.20 55.34 -17.78
N ASP G 47 24.31 54.38 -18.01
CA ASP G 47 24.29 53.17 -17.18
C ASP G 47 25.21 52.12 -17.81
N PRO G 48 25.46 51.02 -17.10
CA PRO G 48 26.27 49.93 -17.65
C PRO G 48 25.87 49.46 -19.06
N LYS G 49 24.67 49.78 -19.51
CA LYS G 49 24.26 49.41 -20.86
C LYS G 49 24.44 50.55 -21.83
N GLY G 50 24.94 51.69 -21.35
CA GLY G 50 25.21 52.83 -22.21
C GLY G 50 24.06 53.80 -22.45
N ARG G 51 22.91 53.57 -21.83
CA ARG G 51 21.78 54.47 -22.05
C ARG G 51 21.74 55.67 -21.09
N VAL G 52 21.25 56.80 -21.58
CA VAL G 52 21.34 58.04 -20.81
C VAL G 52 20.46 58.01 -19.57
N VAL G 53 21.06 58.37 -18.46
CA VAL G 53 20.43 58.24 -17.15
C VAL G 53 20.43 59.59 -16.40
N GLY G 54 21.19 60.54 -16.94
CA GLY G 54 21.26 61.91 -16.45
C GLY G 54 21.93 62.76 -17.54
N TYR G 55 21.74 64.06 -17.49
CA TYR G 55 22.34 64.93 -18.50
C TYR G 55 22.30 66.36 -18.01
N VAL G 56 23.13 67.19 -18.60
CA VAL G 56 22.91 68.62 -18.53
C VAL G 56 22.96 69.13 -19.94
N LEU G 57 22.01 69.98 -20.28
CA LEU G 57 21.84 70.47 -21.62
C LEU G 57 22.17 71.94 -21.47
N ALA G 58 23.36 72.33 -21.91
CA ALA G 58 23.85 73.70 -21.69
C ALA G 58 24.05 74.46 -23.00
N LYS G 59 24.18 75.78 -22.88
CA LYS G 59 24.32 76.64 -24.03
C LYS G 59 24.94 77.93 -23.59
N MET G 60 25.25 78.82 -24.54
CA MET G 60 25.71 80.16 -24.22
C MET G 60 24.60 81.08 -24.69
N GLU G 61 24.41 82.20 -24.00
CA GLU G 61 23.31 83.07 -24.36
C GLU G 61 23.52 83.61 -25.78
N GLU G 62 22.60 83.26 -26.68
CA GLU G 62 22.65 83.72 -28.06
C GLU G 62 22.72 85.24 -28.09
N GLU G 63 21.72 85.88 -27.51
CA GLU G 63 21.70 87.34 -27.39
C GLU G 63 22.28 87.74 -26.03
N PRO G 64 23.57 88.11 -26.02
CA PRO G 64 24.28 88.35 -24.76
C PRO G 64 23.70 89.49 -23.93
N LYS G 65 23.24 89.19 -22.72
CA LYS G 65 22.72 90.21 -21.82
C LYS G 65 23.80 91.22 -21.44
N ASP G 66 23.73 92.39 -22.05
CA ASP G 66 24.67 93.50 -21.85
C ASP G 66 26.07 93.32 -22.48
N GLY G 67 26.17 92.44 -23.47
CA GLY G 67 27.42 92.25 -24.20
C GLY G 67 28.40 91.29 -23.55
N ILE G 68 28.16 90.94 -22.29
CA ILE G 68 29.01 90.00 -21.57
C ILE G 68 28.53 88.56 -21.77
N PRO G 69 29.42 87.69 -22.25
CA PRO G 69 29.10 86.30 -22.60
C PRO G 69 28.79 85.47 -21.36
N HIS G 70 27.69 84.72 -21.40
CA HIS G 70 27.35 83.91 -20.23
C HIS G 70 26.62 82.64 -20.62
N GLY G 71 26.79 81.62 -19.78
CA GLY G 71 26.13 80.34 -20.02
C GLY G 71 24.72 80.26 -19.47
N HIS G 72 23.97 79.29 -19.96
CA HIS G 72 22.62 79.02 -19.49
C HIS G 72 22.46 77.51 -19.45
N ILE G 73 22.07 76.97 -18.30
CA ILE G 73 21.61 75.60 -18.25
C ILE G 73 20.21 75.65 -18.81
N THR G 74 19.87 74.80 -19.76
CA THR G 74 18.50 74.83 -20.22
C THR G 74 17.74 73.63 -19.68
N SER G 75 18.48 72.64 -19.16
CA SER G 75 17.88 71.46 -18.56
C SER G 75 18.88 70.55 -17.86
N VAL G 76 18.48 69.99 -16.72
CA VAL G 76 19.29 68.97 -16.06
C VAL G 76 18.38 68.06 -15.29
N SER G 77 18.59 66.75 -15.41
CA SER G 77 17.81 65.78 -14.64
C SER G 77 18.43 64.39 -14.62
N VAL G 78 17.99 63.58 -13.68
CA VAL G 78 18.47 62.22 -13.51
C VAL G 78 17.25 61.34 -13.27
N MET G 79 17.23 60.16 -13.90
CA MET G 79 16.24 59.13 -13.61
C MET G 79 16.12 58.94 -12.10
N ARG G 80 14.92 58.62 -11.60
CA ARG G 80 14.76 58.57 -10.14
C ARG G 80 15.72 57.58 -9.50
N SER G 81 15.91 56.46 -10.15
CA SER G 81 16.76 55.39 -9.60
C SER G 81 18.21 55.80 -9.30
N TYR G 82 18.79 56.71 -10.08
CA TYR G 82 20.20 57.10 -9.92
C TYR G 82 20.39 58.43 -9.19
N ARG G 83 19.36 58.86 -8.47
CA ARG G 83 19.43 60.13 -7.77
C ARG G 83 20.17 60.00 -6.45
N HIS G 84 20.60 61.14 -5.89
CA HIS G 84 21.31 61.20 -4.61
C HIS G 84 22.69 60.54 -4.66
N LEU G 85 23.36 60.64 -5.80
CA LEU G 85 24.66 60.00 -5.95
C LEU G 85 25.76 61.05 -6.16
N GLY G 86 25.38 62.16 -6.78
CA GLY G 86 26.33 63.21 -7.10
C GLY G 86 26.41 63.43 -8.60
N LEU G 87 25.54 62.72 -9.32
CA LEU G 87 25.48 62.78 -10.76
C LEU G 87 25.26 64.20 -11.26
N ALA G 88 24.29 64.90 -10.67
CA ALA G 88 23.97 66.23 -11.15
C ALA G 88 25.09 67.23 -10.86
N LYS G 89 25.61 67.20 -9.63
CA LYS G 89 26.70 68.08 -9.26
C LYS G 89 27.89 67.92 -10.21
N ARG G 90 28.21 66.68 -10.58
CA ARG G 90 29.35 66.42 -11.42
C ARG G 90 29.13 66.82 -12.88
N LEU G 91 27.90 66.59 -13.35
CA LEU G 91 27.54 67.02 -14.68
C LEU G 91 27.66 68.54 -14.75
N MET G 92 27.27 69.20 -13.67
CA MET G 92 27.30 70.66 -13.65
C MET G 92 28.70 71.25 -13.64
N VAL G 93 29.66 70.60 -12.97
CA VAL G 93 31.02 71.14 -12.96
C VAL G 93 31.71 70.97 -14.31
N GLN G 94 31.44 69.85 -14.98
CA GLN G 94 32.07 69.61 -16.25
C GLN G 94 31.58 70.66 -17.23
N SER G 95 30.28 70.86 -17.28
CA SER G 95 29.70 71.80 -18.23
C SER G 95 30.18 73.23 -18.00
N GLN G 96 30.29 73.61 -16.73
CA GLN G 96 30.71 74.96 -16.36
C GLN G 96 32.14 75.28 -16.79
N ARG G 97 33.05 74.32 -16.59
CA ARG G 97 34.44 74.49 -17.00
C ARG G 97 34.55 74.76 -18.50
N ALA G 98 33.74 74.05 -19.28
CA ALA G 98 33.74 74.23 -20.72
C ALA G 98 33.23 75.62 -21.15
N MET G 99 32.20 76.12 -20.47
CA MET G 99 31.69 77.46 -20.77
C MET G 99 32.80 78.50 -20.63
N VAL G 100 33.62 78.33 -19.60
CA VAL G 100 34.66 79.30 -19.32
C VAL G 100 35.78 79.18 -20.33
N GLU G 101 36.25 77.96 -20.55
CA GLU G 101 37.45 77.73 -21.36
C GLU G 101 37.25 77.94 -22.86
N VAL G 102 36.05 77.62 -23.35
CA VAL G 102 35.81 77.65 -24.77
C VAL G 102 35.14 78.94 -25.22
N TYR G 103 34.26 79.48 -24.38
CA TYR G 103 33.46 80.62 -24.78
C TYR G 103 33.68 81.87 -23.95
N GLY G 104 34.50 81.75 -22.91
CA GLY G 104 34.83 82.88 -22.05
C GLY G 104 33.66 83.39 -21.22
N ALA G 105 32.74 82.49 -20.86
CA ALA G 105 31.57 82.84 -20.07
C ALA G 105 32.01 83.47 -18.76
N LYS G 106 31.42 84.61 -18.42
CA LYS G 106 31.75 85.30 -17.19
C LYS G 106 30.80 84.92 -16.06
N TYR G 107 29.71 84.25 -16.41
CA TYR G 107 28.79 83.70 -15.44
C TYR G 107 27.82 82.72 -16.11
N MET G 108 27.06 81.99 -15.30
CA MET G 108 26.01 81.14 -15.84
C MET G 108 24.70 81.33 -15.07
N SER G 109 23.59 81.05 -15.74
CA SER G 109 22.30 81.26 -15.15
C SER G 109 21.32 80.16 -15.55
N LEU G 110 20.26 79.99 -14.74
CA LEU G 110 19.25 78.96 -14.95
C LEU G 110 17.91 79.32 -14.27
N HIS G 111 16.87 78.54 -14.57
CA HIS G 111 15.58 78.72 -13.93
C HIS G 111 15.20 77.50 -13.09
N VAL G 112 14.70 77.74 -11.89
CA VAL G 112 14.09 76.68 -11.09
C VAL G 112 12.73 77.12 -10.59
N ARG G 113 11.74 76.25 -10.70
CA ARG G 113 10.46 76.59 -10.11
C ARG G 113 10.56 76.70 -8.59
N LYS G 114 9.84 77.67 -8.03
CA LYS G 114 9.92 78.02 -6.60
C LYS G 114 9.79 76.86 -5.61
N SER G 115 9.04 75.83 -5.99
CA SER G 115 8.78 74.69 -5.11
C SER G 115 9.75 73.52 -5.26
N ASN G 116 10.58 73.56 -6.30
CA ASN G 116 11.54 72.49 -6.51
C ASN G 116 12.64 72.55 -5.45
N ARG G 117 12.33 72.05 -4.26
CA ARG G 117 13.27 72.04 -3.15
C ARG G 117 14.61 71.42 -3.54
N ALA G 118 14.54 70.27 -4.19
CA ALA G 118 15.71 69.52 -4.62
C ALA G 118 16.68 70.39 -5.44
N ALA G 119 16.18 70.96 -6.53
CA ALA G 119 17.01 71.75 -7.43
C ALA G 119 17.63 72.95 -6.72
N ILE G 120 16.86 73.61 -5.88
CA ILE G 120 17.36 74.76 -5.17
C ILE G 120 18.50 74.37 -4.23
N HIS G 121 18.34 73.26 -3.53
CA HIS G 121 19.35 72.82 -2.57
C HIS G 121 20.63 72.38 -3.28
N LEU G 122 20.51 72.19 -4.59
CA LEU G 122 21.62 71.78 -5.42
C LEU G 122 22.40 72.99 -5.94
N TYR G 123 21.70 74.01 -6.40
CA TYR G 123 22.38 75.19 -6.97
C TYR G 123 22.77 76.19 -5.90
N ARG G 124 21.83 76.50 -5.02
CA ARG G 124 22.04 77.53 -4.02
C ARG G 124 23.14 77.14 -3.03
N ASP G 125 23.07 75.91 -2.54
CA ASP G 125 23.89 75.52 -1.41
C ASP G 125 25.13 74.71 -1.76
N THR G 126 25.07 73.91 -2.82
CA THR G 126 26.16 73.00 -3.11
C THR G 126 26.84 73.26 -4.46
N LEU G 127 26.37 74.27 -5.17
CA LEU G 127 27.05 74.74 -6.37
C LEU G 127 27.24 76.26 -6.30
N GLN G 128 26.81 76.84 -5.17
CA GLN G 128 27.06 78.25 -4.86
C GLN G 128 26.49 79.26 -5.85
N PHE G 129 25.28 79.00 -6.32
CA PHE G 129 24.54 79.95 -7.15
C PHE G 129 23.87 81.01 -6.28
N ASP G 130 23.62 82.18 -6.85
CA ASP G 130 22.86 83.22 -6.17
C ASP G 130 21.46 83.30 -6.77
N VAL G 131 20.49 83.63 -5.93
CA VAL G 131 19.13 83.91 -6.39
C VAL G 131 19.10 85.33 -6.96
N GLN G 132 18.99 85.44 -8.28
CA GLN G 132 19.06 86.74 -8.95
C GLN G 132 17.78 87.51 -8.77
N GLY G 133 16.68 86.77 -8.70
CA GLY G 133 15.36 87.36 -8.55
C GLY G 133 14.30 86.34 -8.86
N ILE G 134 13.07 86.81 -9.00
CA ILE G 134 11.95 85.91 -9.21
C ILE G 134 11.19 86.29 -10.48
N GLU G 135 10.89 85.31 -11.31
CA GLU G 135 10.17 85.56 -12.56
C GLU G 135 8.75 85.02 -12.46
N SER G 136 7.80 85.94 -12.35
CA SER G 136 6.41 85.58 -12.14
C SER G 136 5.86 84.74 -13.31
N LYS G 137 5.10 83.71 -12.96
CA LYS G 137 4.41 82.84 -13.93
C LYS G 137 5.28 82.39 -15.11
N TYR G 138 6.47 81.90 -14.81
CA TYR G 138 7.43 81.52 -15.84
C TYR G 138 7.10 80.17 -16.47
N TYR G 139 6.68 79.21 -15.66
CA TYR G 139 6.28 77.90 -16.17
C TYR G 139 4.84 77.87 -16.65
N ALA G 140 4.54 76.94 -17.55
CA ALA G 140 3.27 76.94 -18.25
C ALA G 140 2.07 76.83 -17.32
N ASP G 141 2.28 76.19 -16.17
CA ASP G 141 1.18 76.01 -15.23
C ASP G 141 1.05 77.20 -14.29
N GLY G 142 1.91 78.20 -14.51
CA GLY G 142 1.83 79.46 -13.81
C GLY G 142 2.81 79.63 -12.66
N GLU G 143 3.49 78.56 -12.28
CA GLU G 143 4.40 78.61 -11.14
C GLU G 143 5.56 79.58 -11.39
N ASP G 144 5.98 80.28 -10.33
CA ASP G 144 7.08 81.24 -10.42
C ASP G 144 8.42 80.53 -10.50
N ALA G 145 9.36 81.14 -11.21
CA ALA G 145 10.72 80.62 -11.28
C ALA G 145 11.65 81.49 -10.45
N TYR G 146 12.65 80.86 -9.84
CA TYR G 146 13.78 81.61 -9.33
C TYR G 146 14.79 81.69 -10.47
N ALA G 147 15.23 82.91 -10.79
CA ALA G 147 16.37 83.08 -11.67
C ALA G 147 17.60 82.90 -10.80
N MET G 148 18.42 81.91 -11.13
CA MET G 148 19.67 81.70 -10.41
C MET G 148 20.84 82.01 -11.34
N HIS G 149 21.93 82.48 -10.75
CA HIS G 149 22.99 83.13 -11.49
C HIS G 149 24.25 82.96 -10.69
N LYS G 150 25.24 82.27 -11.25
CA LYS G 150 26.53 82.08 -10.59
C LYS G 150 27.62 82.87 -11.31
N ASP G 151 28.28 83.77 -10.59
CA ASP G 151 29.33 84.58 -11.19
C ASP G 151 30.69 83.90 -11.07
N PHE G 152 31.44 83.85 -12.17
CA PHE G 152 32.78 83.24 -12.18
C PHE G 152 33.83 84.28 -11.80
N SER G 153 34.22 84.30 -10.52
CA SER G 153 35.26 85.21 -10.04
C SER G 153 35.70 84.85 -8.62
N MET H 1 -32.46 -51.17 -7.24
CA MET H 1 -32.58 -50.73 -8.64
C MET H 1 -31.25 -50.84 -9.43
N ASP H 2 -30.13 -50.75 -8.72
CA ASP H 2 -28.82 -51.00 -9.32
C ASP H 2 -28.34 -52.39 -8.93
N ILE H 3 -28.46 -53.38 -9.82
CA ILE H 3 -27.93 -54.71 -9.50
C ILE H 3 -26.56 -54.93 -10.14
N ARG H 4 -25.65 -55.51 -9.36
CA ARG H 4 -24.25 -55.55 -9.76
C ARG H 4 -23.50 -56.56 -8.91
N PRO H 5 -22.32 -56.99 -9.38
CA PRO H 5 -21.54 -57.97 -8.61
C PRO H 5 -21.20 -57.47 -7.21
N ALA H 6 -21.19 -58.36 -6.24
CA ALA H 6 -20.80 -57.98 -4.88
C ALA H 6 -19.30 -57.73 -4.78
N ARG H 7 -18.93 -56.66 -4.08
CA ARG H 7 -17.53 -56.45 -3.74
C ARG H 7 -17.30 -56.71 -2.27
N ILE H 8 -16.05 -56.93 -1.88
CA ILE H 8 -15.68 -56.95 -0.46
C ILE H 8 -16.35 -55.84 0.36
N SER H 9 -16.34 -54.63 -0.15
CA SER H 9 -16.69 -53.48 0.66
C SER H 9 -18.17 -53.35 0.84
N ASP H 10 -18.92 -54.28 0.29
CA ASP H 10 -20.33 -54.25 0.59
C ASP H 10 -20.85 -55.55 1.24
N LEU H 11 -19.92 -56.30 1.82
CA LEU H 11 -20.24 -57.50 2.56
C LEU H 11 -21.01 -57.21 3.85
N THR H 12 -20.53 -56.25 4.64
CA THR H 12 -21.20 -55.87 5.88
C THR H 12 -22.65 -55.46 5.63
N GLY H 13 -22.88 -54.77 4.51
CA GLY H 13 -24.22 -54.39 4.09
C GLY H 13 -25.03 -55.58 3.62
N MET H 14 -24.38 -56.66 3.21
CA MET H 14 -25.12 -57.89 2.90
C MET H 14 -25.55 -58.54 4.22
N GLN H 15 -24.64 -58.52 5.18
CA GLN H 15 -24.86 -59.07 6.49
C GLN H 15 -26.04 -58.34 7.14
N ASN H 16 -26.00 -57.02 7.09
CA ASN H 16 -27.05 -56.22 7.67
C ASN H 16 -28.38 -56.50 7.01
N CYS H 17 -28.35 -56.76 5.72
CA CYS H 17 -29.58 -57.08 5.02
C CYS H 17 -30.12 -58.46 5.50
N ASN H 18 -29.22 -59.43 5.61
CA ASN H 18 -29.52 -60.74 6.12
C ASN H 18 -30.10 -60.68 7.54
N LEU H 19 -29.49 -59.85 8.39
CA LEU H 19 -29.92 -59.72 9.77
C LEU H 19 -31.36 -59.21 9.84
N HIS H 20 -31.65 -58.10 9.16
CA HIS H 20 -33.02 -57.59 9.07
C HIS H 20 -34.07 -58.62 8.60
N ASN H 21 -33.71 -59.47 7.64
CA ASN H 21 -34.72 -60.24 6.92
C ASN H 21 -34.79 -61.75 7.17
N LEU H 22 -33.82 -62.32 7.84
CA LEU H 22 -33.75 -63.77 7.93
C LEU H 22 -33.35 -64.22 9.33
N PRO H 23 -33.90 -65.34 9.79
CA PRO H 23 -33.51 -65.81 11.13
C PRO H 23 -32.17 -66.49 11.09
N GLU H 24 -31.75 -66.95 9.91
CA GLU H 24 -30.45 -67.60 9.78
C GLU H 24 -29.32 -66.62 9.41
N ASN H 25 -28.39 -66.44 10.32
CA ASN H 25 -27.38 -65.41 10.21
C ASN H 25 -25.98 -65.99 10.29
N TYR H 26 -24.97 -65.22 9.84
CA TYR H 26 -23.58 -65.67 9.92
C TYR H 26 -22.67 -64.53 10.31
N GLN H 27 -21.55 -64.82 10.94
CA GLN H 27 -20.63 -63.73 11.19
C GLN H 27 -19.83 -63.34 9.91
N LEU H 28 -19.13 -62.21 9.96
CA LEU H 28 -18.69 -61.58 8.73
C LEU H 28 -17.70 -62.48 8.01
N LYS H 29 -16.90 -63.17 8.83
CA LYS H 29 -15.92 -64.13 8.37
C LYS H 29 -16.51 -65.09 7.34
N TYR H 30 -17.78 -65.39 7.47
CA TYR H 30 -18.33 -66.41 6.59
C TYR H 30 -18.62 -65.77 5.24
N TYR H 31 -18.93 -64.48 5.27
CA TYR H 31 -19.12 -63.72 4.05
C TYR H 31 -17.75 -63.57 3.31
N LEU H 32 -16.72 -63.28 4.08
CA LEU H 32 -15.39 -63.14 3.55
C LEU H 32 -15.03 -64.44 2.86
N TYR H 33 -15.27 -65.55 3.53
CA TYR H 33 -14.99 -66.87 2.98
C TYR H 33 -15.70 -67.07 1.67
N HIS H 34 -16.91 -66.53 1.54
CA HIS H 34 -17.58 -66.58 0.23
C HIS H 34 -16.87 -65.74 -0.83
N ALA H 35 -16.38 -64.56 -0.44
CA ALA H 35 -15.81 -63.61 -1.38
C ALA H 35 -14.46 -64.06 -1.95
N ILE H 36 -13.54 -64.45 -1.07
CA ILE H 36 -12.28 -65.05 -1.48
C ILE H 36 -12.46 -66.41 -2.19
N SER H 37 -13.42 -67.24 -1.78
CA SER H 37 -13.54 -68.58 -2.40
C SER H 37 -14.21 -68.55 -3.76
N TRP H 38 -15.25 -67.75 -3.90
CA TRP H 38 -15.97 -67.64 -5.16
C TRP H 38 -16.28 -66.16 -5.45
N PRO H 39 -15.25 -65.40 -5.85
CA PRO H 39 -15.29 -63.94 -5.89
C PRO H 39 -16.28 -63.31 -6.85
N MET H 40 -16.90 -64.06 -7.75
CA MET H 40 -17.85 -63.44 -8.69
C MET H 40 -19.27 -64.00 -8.65
N LEU H 41 -19.54 -64.91 -7.73
CA LEU H 41 -20.86 -65.56 -7.68
C LEU H 41 -21.95 -64.76 -6.93
N SER H 42 -21.55 -63.86 -6.06
CA SER H 42 -22.53 -63.12 -5.26
C SER H 42 -22.88 -61.77 -5.90
N TYR H 43 -24.17 -61.44 -5.88
CA TYR H 43 -24.64 -60.17 -6.40
C TYR H 43 -25.37 -59.32 -5.35
N VAL H 44 -25.62 -58.06 -5.68
CA VAL H 44 -26.10 -57.11 -4.69
C VAL H 44 -26.97 -56.05 -5.35
N ALA H 45 -28.03 -55.63 -4.66
CA ALA H 45 -28.87 -54.56 -5.16
C ALA H 45 -28.67 -53.38 -4.24
N THR H 46 -28.41 -52.21 -4.78
CA THR H 46 -28.17 -51.04 -3.94
C THR H 46 -29.22 -49.95 -4.13
N ASP H 47 -29.39 -49.11 -3.11
CA ASP H 47 -30.33 -47.99 -3.22
C ASP H 47 -29.58 -46.78 -3.78
N PRO H 48 -30.31 -45.71 -4.12
CA PRO H 48 -29.68 -44.47 -4.58
C PRO H 48 -28.54 -43.94 -3.72
N LYS H 49 -28.40 -44.40 -2.49
CA LYS H 49 -27.30 -43.97 -1.64
C LYS H 49 -26.19 -45.00 -1.62
N GLY H 50 -26.34 -46.07 -2.40
CA GLY H 50 -25.31 -47.09 -2.46
C GLY H 50 -25.34 -48.21 -1.41
N ARG H 51 -26.34 -48.22 -0.52
CA ARG H 51 -26.32 -49.23 0.53
C ARG H 51 -27.06 -50.49 0.11
N VAL H 52 -26.65 -51.64 0.66
CA VAL H 52 -27.22 -52.90 0.24
C VAL H 52 -28.67 -53.08 0.65
N VAL H 53 -29.48 -53.48 -0.31
CA VAL H 53 -30.92 -53.52 -0.14
C VAL H 53 -31.45 -54.92 -0.52
N GLY H 54 -30.58 -55.71 -1.15
CA GLY H 54 -30.87 -57.07 -1.55
C GLY H 54 -29.57 -57.75 -1.93
N TYR H 55 -29.53 -59.08 -1.92
CA TYR H 55 -28.30 -59.77 -2.21
C TYR H 55 -28.59 -61.24 -2.48
N VAL H 56 -27.67 -61.89 -3.17
CA VAL H 56 -27.64 -63.35 -3.15
C VAL H 56 -26.21 -63.70 -2.79
N LEU H 57 -26.05 -64.69 -1.93
CA LEU H 57 -24.78 -65.04 -1.38
C LEU H 57 -24.62 -66.45 -1.89
N ALA H 58 -23.79 -66.63 -2.91
CA ALA H 58 -23.70 -67.91 -3.59
C ALA H 58 -22.33 -68.55 -3.43
N LYS H 59 -22.26 -69.84 -3.71
CA LYS H 59 -21.00 -70.57 -3.60
C LYS H 59 -21.05 -71.78 -4.50
N MET H 60 -19.96 -72.54 -4.56
CA MET H 60 -19.97 -73.84 -5.24
C MET H 60 -19.75 -74.86 -4.15
N GLU H 61 -20.33 -76.05 -4.30
CA GLU H 61 -20.21 -77.03 -3.24
C GLU H 61 -18.74 -77.40 -3.04
N GLU H 62 -18.23 -77.12 -1.85
CA GLU H 62 -16.85 -77.45 -1.51
C GLU H 62 -16.59 -78.93 -1.73
N GLU H 63 -17.38 -79.76 -1.06
CA GLU H 63 -17.33 -81.21 -1.24
C GLU H 63 -18.39 -81.64 -2.25
N PRO H 64 -17.97 -81.84 -3.52
CA PRO H 64 -18.91 -82.06 -4.62
C PRO H 64 -19.72 -83.35 -4.45
N LYS H 65 -21.04 -83.21 -4.38
CA LYS H 65 -21.92 -84.37 -4.26
C LYS H 65 -21.82 -85.24 -5.52
N ASP H 66 -21.10 -86.36 -5.38
CA ASP H 66 -20.89 -87.34 -6.44
C ASP H 66 -19.89 -86.91 -7.54
N GLY H 67 -19.04 -85.93 -7.23
CA GLY H 67 -18.00 -85.52 -8.16
C GLY H 67 -18.43 -84.47 -9.18
N ILE H 68 -19.73 -84.27 -9.31
CA ILE H 68 -20.26 -83.29 -10.24
C ILE H 68 -20.41 -81.92 -9.56
N PRO H 69 -19.79 -80.89 -10.16
CA PRO H 69 -19.74 -79.54 -9.60
C PRO H 69 -21.11 -78.86 -9.59
N HIS H 70 -21.49 -78.28 -8.48
CA HIS H 70 -22.78 -77.63 -8.42
C HIS H 70 -22.81 -76.46 -7.47
N GLY H 71 -23.69 -75.52 -7.78
CA GLY H 71 -23.80 -74.31 -6.98
C GLY H 71 -24.77 -74.47 -5.81
N HIS H 72 -24.64 -73.59 -4.83
CA HIS H 72 -25.52 -73.53 -3.70
C HIS H 72 -25.77 -72.07 -3.39
N ILE H 73 -27.05 -71.69 -3.34
CA ILE H 73 -27.40 -70.39 -2.78
C ILE H 73 -27.29 -70.59 -1.29
N THR H 74 -26.57 -69.73 -0.59
CA THR H 74 -26.57 -69.88 0.84
C THR H 74 -27.49 -68.86 1.52
N SER H 75 -27.87 -67.84 0.76
CA SER H 75 -28.73 -66.80 1.27
C SER H 75 -29.21 -65.83 0.21
N VAL H 76 -30.48 -65.45 0.26
CA VAL H 76 -30.99 -64.37 -0.59
C VAL H 76 -32.13 -63.65 0.14
N SER H 77 -32.10 -62.33 0.17
CA SER H 77 -33.18 -61.55 0.75
C SER H 77 -33.17 -60.10 0.28
N VAL H 78 -34.29 -59.42 0.51
CA VAL H 78 -34.50 -58.04 0.14
C VAL H 78 -35.21 -57.34 1.28
N MET H 79 -34.75 -56.14 1.64
CA MET H 79 -35.44 -55.29 2.59
C MET H 79 -36.93 -55.24 2.25
N ARG H 80 -37.81 -55.12 3.26
CA ARG H 80 -39.25 -55.24 2.99
C ARG H 80 -39.71 -54.17 2.01
N SER H 81 -39.13 -52.98 2.13
CA SER H 81 -39.51 -51.86 1.26
C SER H 81 -39.30 -52.10 -0.26
N TYR H 82 -38.27 -52.86 -0.64
CA TYR H 82 -37.95 -53.04 -2.06
C TYR H 82 -38.38 -54.39 -2.61
N ARG H 83 -39.36 -55.01 -1.96
CA ARG H 83 -39.84 -56.32 -2.39
C ARG H 83 -40.91 -56.19 -3.47
N HIS H 84 -41.20 -57.29 -4.15
CA HIS H 84 -42.17 -57.34 -5.25
C HIS H 84 -41.77 -56.50 -6.45
N LEU H 85 -40.48 -56.41 -6.74
CA LEU H 85 -40.02 -55.61 -7.86
C LEU H 85 -39.36 -56.47 -8.93
N GLY H 86 -38.74 -57.55 -8.50
CA GLY H 86 -38.04 -58.44 -9.40
C GLY H 86 -36.56 -58.52 -9.02
N LEU H 87 -36.25 -57.90 -7.87
CA LEU H 87 -34.87 -57.83 -7.39
C LEU H 87 -34.28 -59.23 -7.19
N ALA H 88 -35.03 -60.08 -6.52
CA ALA H 88 -34.53 -61.41 -6.22
C ALA H 88 -34.35 -62.25 -7.49
N LYS H 89 -35.35 -62.24 -8.37
CA LYS H 89 -35.27 -63.00 -9.60
C LYS H 89 -34.02 -62.62 -10.40
N ARG H 90 -33.73 -61.31 -10.46
CA ARG H 90 -32.62 -60.81 -11.25
C ARG H 90 -31.29 -61.11 -10.61
N LEU H 91 -31.24 -61.03 -9.30
CA LEU H 91 -30.03 -61.39 -8.58
C LEU H 91 -29.74 -62.88 -8.80
N MET H 92 -30.79 -63.69 -8.82
CA MET H 92 -30.64 -65.12 -9.02
C MET H 92 -30.13 -65.48 -10.43
N VAL H 93 -30.54 -64.74 -11.46
CA VAL H 93 -30.10 -65.08 -12.81
C VAL H 93 -28.65 -64.72 -13.02
N GLN H 94 -28.23 -63.60 -12.45
CA GLN H 94 -26.86 -63.18 -12.60
C GLN H 94 -25.97 -64.21 -11.94
N SER H 95 -26.30 -64.58 -10.72
CA SER H 95 -25.46 -65.50 -9.98
C SER H 95 -25.36 -66.86 -10.69
N GLN H 96 -26.47 -67.32 -11.24
CA GLN H 96 -26.53 -68.63 -11.87
C GLN H 96 -25.63 -68.71 -13.12
N ARG H 97 -25.68 -67.68 -13.95
CA ARG H 97 -24.86 -67.62 -15.15
C ARG H 97 -23.39 -67.76 -14.77
N ALA H 98 -23.00 -67.13 -13.67
CA ALA H 98 -21.59 -67.17 -13.26
C ALA H 98 -21.17 -68.54 -12.79
N MET H 99 -22.06 -69.25 -12.12
CA MET H 99 -21.76 -70.61 -11.66
C MET H 99 -21.41 -71.47 -12.86
N VAL H 100 -22.16 -71.27 -13.95
CA VAL H 100 -22.02 -72.10 -15.12
C VAL H 100 -20.73 -71.77 -15.85
N GLU H 101 -20.52 -70.48 -16.12
CA GLU H 101 -19.42 -70.01 -16.95
C GLU H 101 -18.04 -70.11 -16.30
N VAL H 102 -17.99 -69.92 -14.99
CA VAL H 102 -16.71 -69.89 -14.32
C VAL H 102 -16.33 -71.23 -13.69
N TYR H 103 -17.33 -71.94 -13.17
CA TYR H 103 -17.06 -73.16 -12.39
C TYR H 103 -17.62 -74.43 -13.02
N GLY H 104 -18.43 -74.26 -14.07
CA GLY H 104 -18.97 -75.39 -14.79
C GLY H 104 -20.00 -76.14 -14.01
N ALA H 105 -20.72 -75.42 -13.15
CA ALA H 105 -21.80 -76.00 -12.37
C ALA H 105 -22.81 -76.67 -13.26
N LYS H 106 -23.19 -77.90 -12.91
CA LYS H 106 -24.16 -78.64 -13.70
C LYS H 106 -25.55 -78.49 -13.11
N TYR H 107 -25.63 -77.96 -11.90
CA TYR H 107 -26.91 -77.63 -11.30
C TYR H 107 -26.70 -76.75 -10.08
N MET H 108 -27.78 -76.18 -9.55
CA MET H 108 -27.69 -75.45 -8.30
C MET H 108 -28.80 -75.88 -7.32
N SER H 109 -28.53 -75.73 -6.03
CA SER H 109 -29.47 -76.16 -5.02
C SER H 109 -29.50 -75.16 -3.86
N LEU H 110 -30.58 -75.20 -3.10
CA LEU H 110 -30.81 -74.31 -1.96
C LEU H 110 -31.84 -74.90 -0.98
N HIS H 111 -31.97 -74.28 0.19
CA HIS H 111 -32.94 -74.69 1.21
C HIS H 111 -34.00 -73.62 1.43
N VAL H 112 -35.27 -74.02 1.47
CA VAL H 112 -36.32 -73.13 1.92
C VAL H 112 -37.15 -73.81 3.01
N ARG H 113 -37.48 -73.07 4.06
CA ARG H 113 -38.36 -73.62 5.07
C ARG H 113 -39.75 -73.86 4.46
N LYS H 114 -40.39 -74.97 4.86
CA LYS H 114 -41.68 -75.40 4.31
C LYS H 114 -42.80 -74.36 4.28
N SER H 115 -42.75 -73.39 5.19
CA SER H 115 -43.82 -72.39 5.28
C SER H 115 -43.54 -71.07 4.53
N ASN H 116 -42.31 -70.91 4.05
CA ASN H 116 -41.93 -69.71 3.30
C ASN H 116 -42.59 -69.72 1.94
N ARG H 117 -43.86 -69.32 1.89
CA ARG H 117 -44.65 -69.32 0.67
C ARG H 117 -43.96 -68.47 -0.40
N ALA H 118 -43.50 -67.29 0.01
CA ALA H 118 -42.80 -66.35 -0.87
C ALA H 118 -41.63 -67.00 -1.60
N ALA H 119 -40.69 -67.56 -0.86
CA ALA H 119 -39.49 -68.14 -1.45
C ALA H 119 -39.82 -69.30 -2.38
N ILE H 120 -40.79 -70.12 -2.00
CA ILE H 120 -41.16 -71.25 -2.83
C ILE H 120 -41.74 -70.78 -4.15
N HIS H 121 -42.61 -69.77 -4.10
CA HIS H 121 -43.25 -69.28 -5.32
C HIS H 121 -42.24 -68.61 -6.24
N LEU H 122 -41.07 -68.32 -5.68
CA LEU H 122 -40.00 -67.69 -6.43
C LEU H 122 -39.12 -68.73 -7.13
N TYR H 123 -38.75 -69.79 -6.43
CA TYR H 123 -37.88 -70.81 -7.02
C TYR H 123 -38.64 -71.82 -7.85
N ARG H 124 -39.72 -72.35 -7.28
CA ARG H 124 -40.48 -73.42 -7.92
C ARG H 124 -41.12 -72.95 -9.21
N ASP H 125 -41.75 -71.78 -9.16
CA ASP H 125 -42.64 -71.39 -10.25
C ASP H 125 -42.03 -70.38 -11.22
N THR H 126 -41.15 -69.51 -10.74
CA THR H 126 -40.65 -68.43 -11.59
C THR H 126 -39.15 -68.48 -11.82
N LEU H 127 -38.50 -69.49 -11.26
CA LEU H 127 -37.10 -69.76 -11.56
C LEU H 127 -36.92 -71.23 -11.94
N GLN H 128 -38.03 -71.98 -11.92
CA GLN H 128 -38.09 -73.36 -12.43
C GLN H 128 -37.19 -74.37 -11.69
N PHE H 129 -37.13 -74.23 -10.37
CA PHE H 129 -36.46 -75.20 -9.53
C PHE H 129 -37.37 -76.42 -9.26
N ASP H 130 -36.77 -77.56 -8.97
CA ASP H 130 -37.54 -78.74 -8.60
C ASP H 130 -37.37 -78.96 -7.10
N VAL H 131 -38.43 -79.49 -6.47
CA VAL H 131 -38.35 -79.91 -5.08
C VAL H 131 -37.66 -81.27 -5.03
N GLN H 132 -36.44 -81.31 -4.52
CA GLN H 132 -35.63 -82.53 -4.53
C GLN H 132 -36.12 -83.49 -3.46
N GLY H 133 -36.62 -82.92 -2.38
CA GLY H 133 -37.06 -83.69 -1.24
C GLY H 133 -37.21 -82.80 -0.01
N ILE H 134 -37.40 -83.44 1.14
CA ILE H 134 -37.64 -82.70 2.36
C ILE H 134 -36.62 -83.07 3.45
N GLU H 135 -36.04 -82.07 4.10
CA GLU H 135 -35.05 -82.31 5.13
C GLU H 135 -35.63 -81.98 6.50
N SER H 136 -35.92 -83.03 7.26
CA SER H 136 -36.58 -82.88 8.55
C SER H 136 -35.75 -82.02 9.50
N LYS H 137 -36.43 -81.14 10.23
CA LYS H 137 -35.83 -80.31 11.29
C LYS H 137 -34.51 -79.64 10.90
N TYR H 138 -34.50 -79.03 9.71
CA TYR H 138 -33.28 -78.42 9.17
C TYR H 138 -32.94 -77.08 9.85
N TYR H 139 -33.96 -76.27 10.08
CA TYR H 139 -33.75 -74.99 10.75
C TYR H 139 -33.74 -75.14 12.27
N ALA H 140 -33.12 -74.18 12.95
CA ALA H 140 -32.83 -74.30 14.37
C ALA H 140 -34.07 -74.45 15.21
N ASP H 141 -35.19 -73.91 14.73
CA ASP H 141 -36.41 -73.93 15.50
C ASP H 141 -37.21 -75.20 15.20
N GLY H 142 -36.62 -76.04 14.36
CA GLY H 142 -37.15 -77.36 14.06
C GLY H 142 -37.92 -77.47 12.76
N GLU H 143 -38.19 -76.34 12.11
CA GLU H 143 -38.98 -76.39 10.88
C GLU H 143 -38.27 -77.17 9.76
N ASP H 144 -39.05 -77.88 8.95
CA ASP H 144 -38.50 -78.64 7.83
C ASP H 144 -38.11 -77.74 6.68
N ALA H 145 -37.05 -78.14 5.97
CA ALA H 145 -36.66 -77.46 4.74
C ALA H 145 -37.09 -78.25 3.52
N TYR H 146 -37.43 -77.53 2.45
CA TYR H 146 -37.47 -78.15 1.13
C TYR H 146 -36.08 -78.01 0.53
N ALA H 147 -35.49 -79.12 0.11
CA ALA H 147 -34.29 -79.05 -0.71
C ALA H 147 -34.77 -78.76 -2.12
N MET H 148 -34.33 -77.64 -2.70
CA MET H 148 -34.67 -77.31 -4.08
C MET H 148 -33.41 -77.40 -4.94
N HIS H 149 -33.60 -77.75 -6.20
CA HIS H 149 -32.48 -78.18 -7.03
C HIS H 149 -32.87 -77.91 -8.47
N LYS H 150 -32.10 -77.05 -9.14
CA LYS H 150 -32.35 -76.73 -10.53
C LYS H 150 -31.25 -77.29 -11.42
N ASP H 151 -31.62 -78.17 -12.34
CA ASP H 151 -30.63 -78.77 -13.25
C ASP H 151 -30.42 -77.90 -14.50
N PHE H 152 -29.16 -77.65 -14.83
CA PHE H 152 -28.83 -76.88 -16.05
C PHE H 152 -28.75 -77.79 -17.26
N SER H 153 -29.83 -77.86 -18.04
CA SER H 153 -29.87 -78.65 -19.25
C SER H 153 -31.13 -78.34 -20.07
N SER I 1 -1.60 8.85 -27.65
CA SER I 1 -0.52 8.23 -26.89
C SER I 1 0.57 9.22 -26.66
N ALA I 2 1.27 9.07 -25.54
CA ALA I 2 2.21 10.10 -25.16
C ALA I 2 3.55 9.63 -25.59
N SER I 3 4.44 10.58 -25.78
CA SER I 3 5.76 10.30 -26.27
C SER I 3 6.85 10.56 -25.26
N GLU I 4 7.29 9.47 -24.63
CA GLU I 4 8.51 9.49 -23.85
C GLU I 4 9.63 8.82 -24.66
N SER J 1 9.41 -11.59 34.66
CA SER J 1 8.15 -10.88 34.62
C SER J 1 7.13 -11.71 33.87
N ALA J 2 6.22 -12.30 34.62
CA ALA J 2 5.22 -13.18 34.06
C ALA J 2 4.26 -12.37 33.19
N SER J 3 3.49 -13.08 32.39
CA SER J 3 2.53 -12.46 31.49
C SER J 3 1.15 -12.82 31.96
N GLU J 4 0.36 -11.81 32.33
CA GLU J 4 -0.96 -12.06 32.89
C GLU J 4 -2.03 -11.24 32.18
N SER K 1 15.68 74.43 -15.67
CA SER K 1 14.97 74.01 -16.88
C SER K 1 14.30 75.21 -17.55
N ALA K 2 14.51 75.38 -18.85
CA ALA K 2 13.94 76.51 -19.56
C ALA K 2 12.58 76.14 -20.10
N SER K 3 11.83 77.15 -20.54
CA SER K 3 10.43 76.97 -20.95
C SER K 3 10.18 77.29 -22.42
N GLU K 4 10.36 76.29 -23.28
CA GLU K 4 10.07 76.45 -24.70
C GLU K 4 8.97 75.47 -25.12
N SER L 1 -32.25 -70.16 2.51
CA SER L 1 -31.07 -69.91 3.31
C SER L 1 -30.59 -71.14 4.04
N ALA L 2 -29.27 -71.21 4.21
CA ALA L 2 -28.62 -72.32 4.87
C ALA L 2 -28.39 -72.00 6.34
N SER L 3 -28.33 -73.03 7.17
CA SER L 3 -28.09 -72.81 8.58
C SER L 3 -26.77 -73.43 9.01
N GLU L 4 -25.89 -72.59 9.58
CA GLU L 4 -24.60 -73.03 10.13
C GLU L 4 -24.47 -72.83 11.64
#